data_5CHC
#
_entry.id   5CHC
#
_cell.length_a   133.926
_cell.length_b   176.022
_cell.length_c   193.691
_cell.angle_alpha   90.00
_cell.angle_beta   90.00
_cell.angle_gamma   90.00
#
_symmetry.space_group_name_H-M   'P 21 21 21'
#
loop_
_entity.id
_entity.type
_entity.pdbx_description
1 polymer 'DMSO reductase family type II enzyme, molybdopterin subunit'
2 polymer 'DMSO reductase family type II enzyme, iron-sulfur subunit'
3 non-polymer 'IRON/SULFUR CLUSTER'
4 non-polymer 'MOLYBDENUM ATOM'
5 non-polymer '2-AMINO-5,6-DIMERCAPTO-7-METHYL-3,7,8A,9-TETRAHYDRO-8-OXA-1,3,9,10-TETRAAZA-ANTHRACEN-4-ONE GUANOSINE DINUCLEOTIDE'
6 non-polymer 'PHOSPHORIC ACID 4-(2-AMINO-4-OXO-3,4,5,6,-TETRAHYDRO-PTERIDIN-6-YL)-2-HYDROXY-3,4-DIMERCAPTO-BUT-3-EN-YL ESTER GUANYLATE ESTER'
7 non-polymer 1,2-ETHANEDIOL
8 non-polymer 'BISELENITE ION'
9 non-polymer 'SULFITE ION'
10 non-polymer 'SODIUM ION'
11 non-polymer 'ZINC ION'
12 non-polymer 'FE3-S4 CLUSTER'
13 non-polymer GLYCEROL
14 water water
#
loop_
_entity_poly.entity_id
_entity_poly.type
_entity_poly.pdbx_seq_one_letter_code
_entity_poly.pdbx_strand_id
1 'polypeptide(L)'
;AATDISGAFEYSGWENFHRTQWSWDKKTRGAHLVNCTGACPHFVYSKDGVVMREEQSKDIAPMPNIPEYNPRGCNKGECG
HDYMYGPHRIKYPLIRVGERGEGKWRRATWEEALDMIADKCVDTIKNHAPDCISVYSPVPAVSPVSFSAGHRFAHYIGAH
AHTFYDWYGDHPTGQTQTCGVQGDTCETADWFNSKYIILWGSNPTQTRIPDAHFLSEAQLNGAKIVSISPDYNSSTIKVD
KWIHPQPGTDGALAMAMAHVIIKEKLYDAHSLKEQTDLSYLVRSDTKRFLREADVVAGGSKDKFYFWNAKTGKPVIPKGS
WGDQPEKKGSPVGFLGRNTFAFPKGYIDLGDLDPALEGKFNMQLLDGKTVEVRPVFEILKSRLMADNTPEKAAKITGVTA
KAITELAREFATAKPSMIICGGGTQHWYYSDVLLRAMHLLTALTGTEGTNGGGMNHYIGQWKPAFVAGLVALAFPEGVNK
QRFCQTTIWTYIHAEVNDEIISSDIDTEKYLRDSITTGQMPNMPEQGRDPKVFFVYRGNWLNQAKGQKYVLENLWPKLEL
IVDINIRMDSTALYSDVVLPSAHWYEKLDLNVTSEHSYINMTEPAIKPMWESKTDWQIFLALAKRVEMAAKRKKYEKFND
EKFKWVRDLSNLWNQMTMDGKLAEDEAAAQYILDNAPQSKGITIQMLREKPQRFKSNWTSPLKEGVPYTPFQYFVVDKKP
WPTLTGRQQFYLDHDTFFDMGVELPTYKAPIDADKYPFRFNSPHSRHSVHSTFKDNVLMLRLQRGGPSIEMSPLDAKPLG
IKDNDWVEAWNNHGKVICRVKIRNGEQRGRVSMWHCPELYMDLLTGGSQSVCPVRINPTNLVGNYGHLFFRPNYYGPAGS
QRDVRVNVKRYIGATPISF
;
A,C,E
2 'polypeptide(L)'
;MANVMKAPRRQLTYVTDLNKCIGCQTCTVACKKLWTTGPGQDFMYWRNVETAPGLGYPRNWQTKGGGYKNGELQKGKIPP
MIDYGIPFEFDYAGRLFEGKPGRVRPSPTPRSAPNWDEDQGAGEYPNNSFFYLPRMCNHCTKPACLEACPNEAIYKREQD
GIVVIHQDKCKGAQACVQSCPYAKPYFNPLTNKANKCIGCFPRIEQGVAPACVAQCVGRAMHVGFVDDVNSSVYKLIKQY
KVALPLHPEFGTEPNVFYVPPVLGPRIEMANGEPSTDPKIPLAQLEGLFGKQVRDVLAILQSEREKKMKGLASDLMDVLI
GRRSTDMMISPLT
;
B,D,F
#
# COMPACT_ATOMS: atom_id res chain seq x y z
N ILE A 5 56.12 21.64 -53.25
CA ILE A 5 55.68 20.93 -52.05
C ILE A 5 54.90 21.85 -51.10
N SER A 6 53.78 21.31 -50.62
CA SER A 6 52.98 21.86 -49.53
C SER A 6 53.77 22.47 -48.36
N GLY A 7 54.87 21.82 -47.97
CA GLY A 7 55.54 22.14 -46.72
C GLY A 7 54.77 21.54 -45.54
N ALA A 8 54.22 20.34 -45.78
CA ALA A 8 53.45 19.63 -44.77
C ALA A 8 54.14 18.32 -44.37
N PHE A 9 53.92 17.89 -43.12
CA PHE A 9 54.61 16.74 -42.55
C PHE A 9 54.00 15.41 -42.96
N GLU A 10 54.76 14.34 -42.73
CA GLU A 10 54.42 13.02 -43.24
C GLU A 10 52.96 12.60 -43.03
N TYR A 11 52.44 12.81 -41.82
CA TYR A 11 51.10 12.30 -41.51
C TYR A 11 50.02 13.38 -41.48
N SER A 12 50.30 14.52 -42.10
CA SER A 12 49.40 15.67 -42.10
C SER A 12 48.03 15.42 -42.70
N GLY A 13 48.01 14.70 -43.82
CA GLY A 13 46.76 14.45 -44.50
C GLY A 13 45.80 13.63 -43.67
N TRP A 14 46.33 12.58 -43.02
CA TRP A 14 45.47 11.75 -42.20
C TRP A 14 44.95 12.56 -41.00
N GLU A 15 45.79 13.45 -40.48
CA GLU A 15 45.42 14.25 -39.31
C GLU A 15 44.23 15.13 -39.61
N ASN A 16 43.82 15.19 -40.87
CA ASN A 16 42.65 15.99 -41.23
C ASN A 16 41.40 15.40 -40.60
N PHE A 17 41.48 14.14 -40.23
CA PHE A 17 40.38 13.50 -39.51
C PHE A 17 40.05 14.29 -38.23
N HIS A 18 41.07 14.60 -37.44
CA HIS A 18 40.83 15.30 -36.19
C HIS A 18 40.51 16.78 -36.39
N ARG A 19 41.09 17.44 -37.40
CA ARG A 19 40.81 18.88 -37.57
C ARG A 19 39.35 19.06 -37.95
N THR A 20 38.83 18.11 -38.73
CA THR A 20 37.41 18.12 -39.07
C THR A 20 36.53 18.04 -37.82
N GLN A 21 37.00 17.34 -36.78
CA GLN A 21 36.22 17.23 -35.53
C GLN A 21 36.09 18.57 -34.82
N TRP A 22 37.09 19.43 -34.97
CA TRP A 22 36.96 20.78 -34.43
C TRP A 22 36.69 21.76 -35.57
N SER A 23 35.43 21.82 -36.01
CA SER A 23 35.02 22.75 -37.07
C SER A 23 33.55 23.11 -36.95
N TRP A 24 33.16 24.22 -37.57
CA TRP A 24 31.80 24.70 -37.52
C TRP A 24 31.56 25.63 -38.70
N ASP A 25 30.31 25.92 -39.02
CA ASP A 25 30.06 26.93 -40.03
C ASP A 25 29.33 28.16 -39.45
N LYS A 26 28.78 28.01 -38.25
CA LYS A 26 28.12 29.13 -37.58
C LYS A 26 28.52 29.22 -36.10
N LYS A 27 28.69 30.44 -35.62
CA LYS A 27 29.00 30.66 -34.22
C LYS A 27 28.09 31.76 -33.71
N THR A 28 27.38 31.48 -32.63
CA THR A 28 26.37 32.39 -32.07
C THR A 28 26.62 32.54 -30.58
N ARG A 29 26.04 33.56 -29.96
CA ARG A 29 26.25 33.76 -28.53
C ARG A 29 25.19 32.97 -27.75
N GLY A 30 25.62 32.29 -26.69
CA GLY A 30 24.69 31.52 -25.88
C GLY A 30 24.79 31.83 -24.40
N ALA A 31 23.76 31.42 -23.67
CA ALA A 31 23.79 31.46 -22.21
C ALA A 31 22.97 30.31 -21.63
N HIS A 32 23.23 29.98 -20.38
CA HIS A 32 22.50 28.94 -19.68
C HIS A 32 21.55 29.61 -18.69
N LEU A 33 20.26 29.61 -19.04
CA LEU A 33 19.26 30.31 -18.26
C LEU A 33 18.77 29.49 -17.04
N VAL A 34 19.68 29.24 -16.09
CA VAL A 34 19.36 28.50 -14.86
C VAL A 34 19.85 29.25 -13.62
N ASN A 35 19.35 28.86 -12.46
CA ASN A 35 19.62 29.61 -11.24
C ASN A 35 20.95 29.21 -10.60
N CYS A 36 22.05 29.57 -11.25
CA CYS A 36 23.37 29.13 -10.82
C CYS A 36 24.28 30.27 -10.35
N THR A 37 23.90 31.51 -10.70
CA THR A 37 24.72 32.74 -10.48
C THR A 37 25.98 32.85 -11.35
N GLY A 38 26.14 31.98 -12.35
CA GLY A 38 27.24 32.09 -13.29
C GLY A 38 27.10 33.21 -14.30
N ALA A 39 25.95 33.26 -14.99
CA ALA A 39 25.71 34.18 -16.09
C ALA A 39 26.96 34.29 -16.95
N CYS A 40 27.47 33.13 -17.30
CA CYS A 40 28.74 32.98 -18.00
C CYS A 40 28.68 33.16 -19.51
N PRO A 41 29.43 34.15 -20.04
CA PRO A 41 29.41 34.32 -21.50
C PRO A 41 29.92 33.07 -22.26
N HIS A 42 29.20 32.70 -23.30
CA HIS A 42 29.49 31.49 -24.05
C HIS A 42 29.31 31.71 -25.53
N PHE A 43 30.08 30.95 -26.31
CA PHE A 43 29.85 30.82 -27.74
C PHE A 43 29.20 29.48 -28.02
N VAL A 44 28.30 29.43 -29.00
CA VAL A 44 27.67 28.17 -29.43
C VAL A 44 28.07 27.83 -30.84
N TYR A 45 28.55 26.61 -31.04
CA TYR A 45 29.11 26.18 -32.32
C TYR A 45 28.18 25.22 -33.01
N SER A 46 27.69 25.61 -34.18
CA SER A 46 26.82 24.73 -34.96
C SER A 46 27.41 24.35 -36.34
N LYS A 47 27.14 23.12 -36.77
CA LYS A 47 27.51 22.69 -38.11
C LYS A 47 26.31 22.01 -38.78
N ASP A 48 26.05 22.40 -40.02
CA ASP A 48 24.90 21.90 -40.77
C ASP A 48 23.62 21.92 -39.95
N GLY A 49 23.35 23.01 -39.24
CA GLY A 49 22.11 23.14 -38.49
C GLY A 49 22.04 22.34 -37.20
N VAL A 50 23.14 21.71 -36.83
CA VAL A 50 23.17 20.99 -35.57
C VAL A 50 24.16 21.66 -34.61
N VAL A 51 23.74 21.90 -33.35
CA VAL A 51 24.68 22.46 -32.37
C VAL A 51 25.66 21.37 -31.99
N MET A 52 26.94 21.69 -32.17
CA MET A 52 28.01 20.73 -32.00
C MET A 52 28.58 20.75 -30.58
N ARG A 53 28.71 21.95 -30.01
CA ARG A 53 29.26 22.16 -28.66
C ARG A 53 29.18 23.64 -28.32
N GLU A 54 29.44 23.94 -27.05
CA GLU A 54 29.59 25.33 -26.59
C GLU A 54 30.96 25.50 -25.96
N GLU A 55 31.38 26.73 -25.76
CA GLU A 55 32.63 27.02 -25.08
C GLU A 55 32.58 28.46 -24.56
N GLN A 56 33.09 28.67 -23.34
CA GLN A 56 33.24 30.00 -22.77
C GLN A 56 33.80 30.98 -23.81
N SER A 57 33.19 32.16 -23.93
CA SER A 57 33.64 33.14 -24.90
C SER A 57 34.77 33.98 -24.28
N LYS A 58 34.86 33.99 -22.96
CA LYS A 58 36.03 34.51 -22.23
C LYS A 58 36.32 35.99 -22.52
N ASP A 59 35.28 36.79 -22.66
CA ASP A 59 35.43 38.12 -23.23
C ASP A 59 34.80 39.20 -22.35
N ILE A 60 34.84 38.96 -21.05
CA ILE A 60 34.56 40.03 -20.12
C ILE A 60 35.81 40.90 -20.01
N ALA A 61 35.61 42.21 -20.04
CA ALA A 61 36.70 43.19 -19.99
C ALA A 61 37.43 43.17 -18.63
N PRO A 62 38.76 43.11 -18.65
CA PRO A 62 39.39 43.04 -17.35
C PRO A 62 39.47 44.39 -16.61
N MET A 63 39.71 44.31 -15.31
CA MET A 63 40.05 45.47 -14.46
C MET A 63 41.54 45.44 -14.12
N PRO A 64 42.13 46.63 -13.94
CA PRO A 64 43.58 46.67 -13.67
C PRO A 64 43.97 46.09 -12.30
N ASN A 65 45.08 45.35 -12.29
CA ASN A 65 45.75 44.85 -11.09
C ASN A 65 45.10 43.60 -10.47
N ILE A 66 43.96 43.19 -10.98
CA ILE A 66 43.30 42.02 -10.42
C ILE A 66 42.96 41.01 -11.51
N PRO A 67 42.87 39.73 -11.15
CA PRO A 67 42.53 38.68 -12.13
C PRO A 67 41.26 38.99 -12.92
N GLU A 68 41.25 38.65 -14.19
CA GLU A 68 40.06 38.79 -15.00
C GLU A 68 39.01 37.74 -14.61
N TYR A 69 37.76 37.98 -14.99
CA TYR A 69 36.65 37.06 -14.68
C TYR A 69 36.75 35.80 -15.49
N ASN A 70 37.41 35.91 -16.64
CA ASN A 70 37.52 34.86 -17.64
C ASN A 70 38.35 33.65 -17.21
N PRO A 71 37.92 32.43 -17.62
CA PRO A 71 36.87 32.14 -18.60
C PRO A 71 35.45 31.91 -18.03
N ARG A 72 35.33 31.76 -16.72
CA ARG A 72 34.08 31.31 -16.12
C ARG A 72 33.68 29.96 -16.73
N GLY A 73 32.40 29.62 -16.69
CA GLY A 73 31.96 28.33 -17.17
C GLY A 73 31.91 27.33 -16.05
N CYS A 74 31.50 26.11 -16.37
CA CYS A 74 31.49 25.01 -15.42
C CYS A 74 31.13 23.72 -16.13
N ASN A 75 31.08 22.63 -15.39
CA ASN A 75 30.87 21.30 -15.94
C ASN A 75 29.47 21.09 -16.53
N LYS A 76 28.44 21.71 -15.93
CA LYS A 76 27.12 21.62 -16.54
C LYS A 76 27.11 22.40 -17.84
N GLY A 77 27.71 23.57 -17.81
CA GLY A 77 27.61 24.52 -18.91
C GLY A 77 28.20 24.00 -20.20
N GLU A 78 29.37 23.35 -20.10
CA GLU A 78 30.02 22.80 -21.28
C GLU A 78 29.32 21.54 -21.82
N CYS A 79 28.19 21.16 -21.23
CA CYS A 79 27.39 20.11 -21.85
C CYS A 79 25.94 20.55 -21.89
N GLY A 80 25.73 21.87 -21.92
CA GLY A 80 24.39 22.40 -21.88
C GLY A 80 23.52 22.01 -23.08
N HIS A 81 24.15 21.69 -24.20
CA HIS A 81 23.40 21.40 -25.42
C HIS A 81 22.82 20.00 -25.35
N ASP A 82 23.28 19.20 -24.38
CA ASP A 82 22.65 17.90 -24.13
C ASP A 82 21.15 18.00 -23.95
N TYR A 83 20.67 19.12 -23.43
CA TYR A 83 19.23 19.25 -23.24
C TYR A 83 18.54 19.71 -24.52
N MET A 84 19.29 19.85 -25.61
CA MET A 84 18.65 20.10 -26.90
C MET A 84 18.25 18.77 -27.53
N TYR A 85 19.08 17.75 -27.31
CA TYR A 85 19.01 16.55 -28.10
C TYR A 85 18.74 15.33 -27.23
N GLY A 86 18.73 15.55 -25.91
CA GLY A 86 18.65 14.44 -24.98
C GLY A 86 17.27 13.83 -24.83
N PRO A 87 17.20 12.75 -24.05
CA PRO A 87 16.02 11.91 -23.87
C PRO A 87 14.95 12.58 -22.98
N HIS A 88 15.30 13.74 -22.45
CA HIS A 88 14.42 14.51 -21.62
C HIS A 88 13.52 15.55 -22.35
N ARG A 89 13.84 15.88 -23.61
CA ARG A 89 13.17 16.99 -24.31
C ARG A 89 11.66 16.91 -24.48
N ILE A 90 10.96 18.00 -24.17
CA ILE A 90 9.56 18.13 -24.53
C ILE A 90 9.54 18.60 -25.98
N LYS A 91 8.90 17.83 -26.86
CA LYS A 91 8.84 18.19 -28.28
C LYS A 91 7.51 18.80 -28.68
N TYR A 92 6.44 18.26 -28.10
CA TYR A 92 5.06 18.61 -28.45
C TYR A 92 4.27 18.88 -27.18
N PRO A 93 3.19 19.68 -27.29
CA PRO A 93 2.29 19.84 -26.14
C PRO A 93 1.72 18.50 -25.70
N LEU A 94 1.68 18.29 -24.38
CA LEU A 94 1.18 17.05 -23.81
C LEU A 94 0.03 17.30 -22.84
N ILE A 95 -1.01 16.49 -22.98
CA ILE A 95 -2.09 16.53 -22.03
C ILE A 95 -2.09 15.20 -21.34
N ARG A 96 -2.26 15.25 -20.03
CA ARG A 96 -2.25 14.07 -19.19
C ARG A 96 -3.48 13.18 -19.49
N VAL A 97 -3.32 11.86 -19.43
CA VAL A 97 -4.44 10.93 -19.58
C VAL A 97 -4.55 9.93 -18.41
N GLY A 98 -3.46 9.70 -17.70
CA GLY A 98 -3.52 8.89 -16.49
C GLY A 98 -3.58 9.78 -15.26
N GLU A 99 -3.14 9.25 -14.12
CA GLU A 99 -3.15 10.04 -12.90
C GLU A 99 -1.94 10.98 -12.88
N ARG A 100 -2.03 12.07 -12.13
CA ARG A 100 -0.92 13.00 -12.02
C ARG A 100 0.35 12.26 -11.61
N GLY A 101 1.42 12.47 -12.35
CA GLY A 101 2.67 11.80 -12.06
C GLY A 101 2.96 10.50 -12.79
N GLU A 102 1.96 9.91 -13.46
CA GLU A 102 2.21 8.64 -14.13
C GLU A 102 3.09 8.68 -15.35
N GLY A 103 3.19 9.83 -16.01
CA GLY A 103 3.88 9.86 -17.29
C GLY A 103 3.06 9.23 -18.43
N LYS A 104 1.74 9.21 -18.27
CA LYS A 104 0.83 8.76 -19.33
C LYS A 104 0.23 9.95 -20.04
N TRP A 105 0.60 10.13 -21.31
CA TRP A 105 0.24 11.37 -22.01
C TRP A 105 -0.45 11.13 -23.36
N ARG A 106 -1.10 12.17 -23.87
CA ARG A 106 -1.40 12.22 -25.28
C ARG A 106 -0.89 13.54 -25.82
N ARG A 107 -0.36 13.48 -27.04
CA ARG A 107 0.06 14.63 -27.79
C ARG A 107 -1.16 15.42 -28.22
N ALA A 108 -1.09 16.74 -28.08
CA ALA A 108 -2.15 17.65 -28.50
C ALA A 108 -1.52 18.68 -29.39
N THR A 109 -2.34 19.36 -30.19
CA THR A 109 -1.87 20.55 -30.89
C THR A 109 -1.74 21.69 -29.90
N TRP A 110 -1.07 22.74 -30.33
CA TRP A 110 -1.05 23.94 -29.54
C TRP A 110 -2.48 24.46 -29.33
N GLU A 111 -3.31 24.40 -30.36
CA GLU A 111 -4.69 24.90 -30.27
C GLU A 111 -5.42 24.21 -29.13
N GLU A 112 -5.46 22.89 -29.20
CA GLU A 112 -6.21 22.19 -28.19
C GLU A 112 -5.64 22.46 -26.80
N ALA A 113 -4.32 22.44 -26.68
CA ALA A 113 -3.67 22.67 -25.40
C ALA A 113 -3.99 24.05 -24.85
N LEU A 114 -3.76 25.09 -25.66
CA LEU A 114 -3.97 26.44 -25.20
C LEU A 114 -5.45 26.75 -24.98
N ASP A 115 -6.33 26.08 -25.73
CA ASP A 115 -7.76 26.32 -25.55
C ASP A 115 -8.27 25.73 -24.24
N MET A 116 -7.71 24.57 -23.89
CA MET A 116 -8.03 23.96 -22.61
C MET A 116 -7.67 24.90 -21.48
N ILE A 117 -6.47 25.49 -21.57
CA ILE A 117 -6.00 26.40 -20.53
C ILE A 117 -6.83 27.70 -20.50
N ALA A 118 -7.12 28.21 -21.69
CA ALA A 118 -7.93 29.42 -21.80
C ALA A 118 -9.35 29.21 -21.22
N ASP A 119 -9.99 28.09 -21.56
CA ASP A 119 -11.32 27.76 -21.06
C ASP A 119 -11.31 27.76 -19.53
N LYS A 120 -10.31 27.10 -18.96
CA LYS A 120 -10.23 26.98 -17.52
C LYS A 120 -9.94 28.34 -16.84
N CYS A 121 -9.09 29.15 -17.46
CA CYS A 121 -8.77 30.46 -16.88
C CYS A 121 -9.98 31.41 -16.80
N VAL A 122 -10.79 31.41 -17.86
CA VAL A 122 -11.97 32.26 -17.91
C VAL A 122 -13.03 31.82 -16.92
N ASP A 123 -13.36 30.52 -16.94
CA ASP A 123 -14.24 29.88 -15.97
C ASP A 123 -13.85 30.21 -14.54
N THR A 124 -12.57 30.06 -14.23
CA THR A 124 -12.08 30.30 -12.87
C THR A 124 -12.28 31.74 -12.45
N ILE A 125 -12.10 32.65 -13.39
CA ILE A 125 -12.30 34.05 -13.07
C ILE A 125 -13.78 34.30 -12.91
N LYS A 126 -14.55 33.72 -13.83
CA LYS A 126 -16.00 33.92 -13.86
C LYS A 126 -16.63 33.31 -12.63
N ASN A 127 -16.25 32.08 -12.30
CA ASN A 127 -16.95 31.36 -11.25
C ASN A 127 -16.42 31.62 -9.86
N HIS A 128 -15.18 32.06 -9.74
CA HIS A 128 -14.60 32.18 -8.42
C HIS A 128 -13.99 33.53 -8.14
N ALA A 129 -12.76 33.73 -8.58
CA ALA A 129 -12.04 34.98 -8.35
C ALA A 129 -10.80 34.93 -9.21
N PRO A 130 -10.34 36.09 -9.67
CA PRO A 130 -9.11 36.08 -10.50
C PRO A 130 -7.91 35.60 -9.70
N ASP A 131 -7.93 35.82 -8.39
CA ASP A 131 -6.78 35.46 -7.56
C ASP A 131 -6.70 33.95 -7.25
N CYS A 132 -7.60 33.15 -7.83
CA CYS A 132 -7.48 31.70 -7.71
C CYS A 132 -6.59 31.18 -8.84
N ILE A 133 -6.05 32.09 -9.63
CA ILE A 133 -5.06 31.74 -10.64
C ILE A 133 -3.70 32.27 -10.19
N SER A 134 -2.64 31.50 -10.34
CA SER A 134 -1.34 32.03 -10.00
C SER A 134 -0.25 31.56 -10.97
N VAL A 135 0.80 32.38 -11.07
CA VAL A 135 1.95 32.03 -11.87
C VAL A 135 3.21 32.02 -11.01
N TYR A 136 3.90 30.88 -10.99
CA TYR A 136 5.18 30.79 -10.33
C TYR A 136 6.32 30.78 -11.36
N SER A 137 7.18 31.79 -11.29
CA SER A 137 8.34 31.84 -12.18
C SER A 137 9.39 32.68 -11.49
N PRO A 138 10.44 32.03 -10.97
CA PRO A 138 11.37 32.70 -10.05
C PRO A 138 12.49 33.48 -10.76
N VAL A 139 13.38 34.06 -9.96
CA VAL A 139 14.66 34.64 -10.39
C VAL A 139 14.66 35.31 -11.75
N PRO A 140 14.07 36.51 -11.84
CA PRO A 140 13.99 37.23 -13.11
C PRO A 140 15.37 37.53 -13.70
N ALA A 141 16.39 37.74 -12.87
CA ALA A 141 17.74 38.01 -13.37
C ALA A 141 18.27 36.92 -14.32
N VAL A 142 17.85 35.67 -14.11
CA VAL A 142 18.24 34.54 -14.96
C VAL A 142 17.80 34.69 -16.43
N SER A 143 16.60 35.22 -16.65
CA SER A 143 16.03 35.36 -17.99
C SER A 143 14.84 36.30 -17.95
N PRO A 144 15.11 37.62 -17.90
CA PRO A 144 14.09 38.63 -17.64
C PRO A 144 12.93 38.61 -18.64
N VAL A 145 13.18 38.37 -19.92
CA VAL A 145 12.07 38.32 -20.87
C VAL A 145 11.15 37.14 -20.61
N SER A 146 11.73 35.94 -20.52
CA SER A 146 10.94 34.76 -20.20
C SER A 146 10.17 34.93 -18.88
N PHE A 147 10.78 35.56 -17.89
CA PHE A 147 10.10 35.79 -16.60
C PHE A 147 8.93 36.73 -16.78
N SER A 148 9.13 37.75 -17.60
CA SER A 148 8.14 38.79 -17.81
C SER A 148 6.90 38.32 -18.54
N ALA A 149 7.02 37.27 -19.36
CA ALA A 149 5.89 36.81 -20.16
C ALA A 149 4.72 36.37 -19.25
N GLY A 150 4.97 35.43 -18.35
CA GLY A 150 3.89 34.93 -17.51
C GLY A 150 3.42 35.98 -16.55
N HIS A 151 4.36 36.79 -16.09
CA HIS A 151 4.04 37.84 -15.15
C HIS A 151 3.18 38.94 -15.79
N ARG A 152 3.48 39.29 -17.04
CA ARG A 152 2.66 40.29 -17.71
C ARG A 152 1.26 39.71 -17.95
N PHE A 153 1.22 38.46 -18.39
CA PHE A 153 -0.04 37.74 -18.54
C PHE A 153 -0.89 37.86 -17.27
N ALA A 154 -0.38 37.37 -16.15
CA ALA A 154 -1.08 37.44 -14.88
C ALA A 154 -1.47 38.88 -14.53
N HIS A 155 -0.55 39.79 -14.81
CA HIS A 155 -0.73 41.20 -14.49
C HIS A 155 -2.01 41.79 -15.10
N TYR A 156 -2.33 41.41 -16.32
CA TYR A 156 -3.51 41.94 -17.01
C TYR A 156 -4.79 41.20 -16.68
N ILE A 157 -4.70 39.88 -16.43
CA ILE A 157 -5.90 39.11 -16.11
C ILE A 157 -6.21 39.06 -14.62
N GLY A 158 -5.29 39.49 -13.78
CA GLY A 158 -5.58 39.55 -12.35
C GLY A 158 -5.08 38.38 -11.51
N ALA A 159 -4.34 37.46 -12.13
CA ALA A 159 -3.71 36.37 -11.39
C ALA A 159 -2.69 36.90 -10.38
N HIS A 160 -2.35 36.13 -9.36
CA HIS A 160 -1.32 36.62 -8.48
C HIS A 160 0.05 35.99 -8.78
N ALA A 161 1.10 36.70 -8.40
CA ALA A 161 2.47 36.25 -8.51
C ALA A 161 2.93 35.66 -7.20
N HIS A 162 4.16 35.12 -7.22
CA HIS A 162 4.73 34.45 -6.06
C HIS A 162 5.98 35.17 -5.62
N THR A 163 6.57 34.74 -4.51
CA THR A 163 7.90 35.22 -4.19
C THR A 163 8.86 34.06 -4.29
N PHE A 164 10.14 34.36 -4.38
CA PHE A 164 11.11 33.30 -4.56
C PHE A 164 12.32 33.48 -3.66
N TYR A 165 12.74 34.73 -3.47
CA TYR A 165 13.97 35.10 -2.75
C TYR A 165 13.92 34.54 -1.33
N ASP A 166 12.79 34.74 -0.66
CA ASP A 166 12.61 34.28 0.71
C ASP A 166 12.10 32.85 0.77
N TRP A 167 11.21 32.48 -0.13
CA TRP A 167 10.78 31.08 -0.25
C TRP A 167 11.96 30.08 -0.30
N TYR A 168 13.02 30.44 -1.05
CA TYR A 168 14.18 29.57 -1.20
C TYR A 168 15.09 29.60 0.02
N GLY A 169 14.88 30.56 0.93
CA GLY A 169 15.72 30.70 2.11
C GLY A 169 16.94 31.55 1.84
N ASP A 170 16.94 32.20 0.69
CA ASP A 170 18.14 32.95 0.31
C ASP A 170 18.11 34.44 0.58
N HIS A 171 16.91 35.00 0.71
CA HIS A 171 16.78 36.39 1.07
C HIS A 171 17.52 36.60 2.40
N PRO A 172 18.51 37.51 2.42
CA PRO A 172 19.26 37.66 3.66
C PRO A 172 18.42 38.37 4.73
N THR A 173 17.56 37.65 5.42
CA THR A 173 16.54 38.28 6.28
C THR A 173 17.17 39.27 7.30
N GLY A 174 18.21 38.84 8.01
CA GLY A 174 18.97 39.67 8.93
C GLY A 174 19.54 40.96 8.35
N GLN A 175 19.91 40.94 7.07
CA GLN A 175 20.50 42.12 6.47
C GLN A 175 19.39 43.12 6.19
N THR A 176 18.24 42.62 5.77
CA THR A 176 17.10 43.52 5.63
C THR A 176 16.69 44.08 7.00
N GLN A 177 16.77 43.25 8.03
CA GLN A 177 16.46 43.74 9.36
C GLN A 177 17.43 44.83 9.79
N THR A 178 18.70 44.65 9.43
CA THR A 178 19.77 45.52 9.87
C THR A 178 19.95 46.79 9.06
N CYS A 179 19.75 46.68 7.74
CA CYS A 179 20.18 47.70 6.80
C CYS A 179 19.05 48.29 5.99
N GLY A 180 17.88 47.68 6.06
CA GLY A 180 16.70 48.22 5.39
C GLY A 180 16.72 48.09 3.88
N VAL A 181 17.48 47.12 3.37
CA VAL A 181 17.47 46.84 1.94
C VAL A 181 17.04 45.42 1.66
N GLN A 182 16.55 45.16 0.44
CA GLN A 182 16.26 43.81 -0.01
C GLN A 182 17.52 42.94 0.13
N GLY A 183 18.65 43.50 -0.32
CA GLY A 183 19.94 42.87 -0.17
C GLY A 183 20.89 43.50 -1.17
N ASP A 184 22.19 43.34 -0.95
CA ASP A 184 23.21 43.72 -1.93
C ASP A 184 24.49 43.03 -1.53
N THR A 185 25.47 43.03 -2.42
CA THR A 185 26.68 42.26 -2.17
C THR A 185 27.75 42.75 -3.14
N CYS A 186 29.02 42.52 -2.82
CA CYS A 186 30.07 42.99 -3.73
C CYS A 186 30.14 42.05 -4.91
N GLU A 187 30.63 42.47 -6.07
CA GLU A 187 30.88 41.49 -7.12
C GLU A 187 32.14 40.72 -6.73
N THR A 188 32.24 39.47 -7.16
CA THR A 188 33.27 38.56 -6.66
C THR A 188 34.70 39.03 -6.94
N ALA A 189 34.89 39.83 -7.98
CA ALA A 189 36.20 40.40 -8.25
C ALA A 189 36.76 41.14 -7.01
N ASP A 190 35.87 41.69 -6.19
CA ASP A 190 36.30 42.42 -5.01
C ASP A 190 36.90 41.53 -3.95
N TRP A 191 36.70 40.22 -4.06
CA TRP A 191 37.29 39.32 -3.08
C TRP A 191 38.81 39.47 -3.11
N PHE A 192 39.34 39.79 -4.29
CA PHE A 192 40.77 39.91 -4.50
C PHE A 192 41.36 41.08 -3.70
N ASN A 193 40.54 42.04 -3.32
CA ASN A 193 40.98 43.19 -2.52
C ASN A 193 41.06 42.95 -1.01
N SER A 194 40.57 41.81 -0.54
CA SER A 194 40.48 41.58 0.90
C SER A 194 41.76 40.97 1.41
N LYS A 195 42.07 41.18 2.69
CA LYS A 195 43.27 40.55 3.28
C LYS A 195 42.86 39.37 4.12
N TYR A 196 41.56 39.27 4.40
CA TYR A 196 41.09 38.31 5.37
C TYR A 196 39.64 37.96 5.09
N ILE A 197 39.41 36.75 4.62
CA ILE A 197 38.08 36.34 4.23
C ILE A 197 37.60 35.19 5.11
N ILE A 198 36.39 35.34 5.65
CA ILE A 198 35.78 34.21 6.33
C ILE A 198 34.71 33.62 5.42
N LEU A 199 34.90 32.37 5.02
CA LEU A 199 33.87 31.61 4.31
C LEU A 199 32.95 31.01 5.35
N TRP A 200 31.78 31.61 5.53
CA TRP A 200 30.91 31.25 6.64
C TRP A 200 29.62 30.54 6.15
N GLY A 201 29.65 29.21 6.12
CA GLY A 201 28.52 28.44 5.62
C GLY A 201 28.43 28.55 4.11
N SER A 202 29.59 28.56 3.45
CA SER A 202 29.67 28.76 2.00
C SER A 202 30.73 27.85 1.39
N ASN A 203 30.37 27.16 0.31
CA ASN A 203 31.23 26.14 -0.28
C ASN A 203 31.61 26.43 -1.76
N PRO A 204 32.25 27.58 -2.01
CA PRO A 204 32.35 28.09 -3.39
C PRO A 204 33.18 27.20 -4.34
N THR A 205 33.99 26.29 -3.81
CA THR A 205 34.61 25.31 -4.70
C THR A 205 33.57 24.48 -5.47
N GLN A 206 32.41 24.20 -4.85
CA GLN A 206 31.32 23.50 -5.52
C GLN A 206 30.16 24.41 -5.90
N THR A 207 29.97 25.53 -5.19
CA THR A 207 28.78 26.35 -5.40
C THR A 207 29.04 27.77 -5.94
N ARG A 208 30.30 28.12 -6.18
CA ARG A 208 30.60 29.33 -6.95
C ARG A 208 31.74 29.01 -7.93
N ILE A 209 31.59 27.88 -8.64
CA ILE A 209 32.64 27.38 -9.51
C ILE A 209 33.29 28.44 -10.45
N PRO A 210 32.50 29.27 -11.16
CA PRO A 210 33.21 30.18 -12.07
C PRO A 210 33.99 31.30 -11.36
N ASP A 211 33.60 31.63 -10.12
CA ASP A 211 34.26 32.69 -9.36
C ASP A 211 35.33 32.24 -8.37
N ALA A 212 35.40 30.96 -8.08
CA ALA A 212 36.25 30.49 -6.98
C ALA A 212 37.74 30.85 -7.12
N HIS A 213 38.21 31.05 -8.36
CA HIS A 213 39.62 31.31 -8.63
C HIS A 213 40.07 32.56 -7.85
N PHE A 214 39.18 33.55 -7.73
CA PHE A 214 39.51 34.78 -6.99
C PHE A 214 39.98 34.46 -5.58
N LEU A 215 39.40 33.44 -4.97
CA LEU A 215 39.76 33.13 -3.60
C LEU A 215 41.19 32.59 -3.50
N SER A 216 41.52 31.58 -4.28
CA SER A 216 42.86 31.00 -4.21
C SER A 216 43.90 32.01 -4.73
N GLU A 217 43.51 32.84 -5.68
CA GLU A 217 44.35 33.90 -6.16
C GLU A 217 44.58 34.96 -5.08
N ALA A 218 43.55 35.31 -4.32
CA ALA A 218 43.73 36.22 -3.18
C ALA A 218 44.77 35.65 -2.22
N GLN A 219 44.70 34.35 -2.00
CA GLN A 219 45.59 33.72 -1.05
C GLN A 219 47.04 33.75 -1.52
N LEU A 220 47.22 33.54 -2.82
CA LEU A 220 48.55 33.54 -3.42
C LEU A 220 49.08 34.98 -3.45
N ASN A 221 48.18 35.94 -3.54
CA ASN A 221 48.59 37.31 -3.42
C ASN A 221 48.73 37.76 -1.96
N GLY A 222 48.64 36.85 -1.01
CA GLY A 222 48.90 37.18 0.40
C GLY A 222 47.74 37.23 1.38
N ALA A 223 46.50 37.16 0.89
CA ALA A 223 45.32 37.08 1.76
C ALA A 223 45.28 35.81 2.61
N LYS A 224 44.65 35.88 3.78
CA LYS A 224 44.39 34.66 4.55
C LYS A 224 42.91 34.33 4.44
N ILE A 225 42.58 33.03 4.45
CA ILE A 225 41.17 32.65 4.36
C ILE A 225 40.78 31.62 5.41
N VAL A 226 39.61 31.83 5.99
CA VAL A 226 39.08 30.93 6.99
C VAL A 226 37.78 30.29 6.52
N SER A 227 37.70 28.98 6.68
CA SER A 227 36.49 28.25 6.40
C SER A 227 35.78 27.87 7.71
N ILE A 228 34.52 28.24 7.82
CA ILE A 228 33.73 27.83 8.99
C ILE A 228 32.61 26.93 8.53
N SER A 229 32.71 25.65 8.87
CA SER A 229 31.83 24.62 8.34
C SER A 229 31.96 23.34 9.15
N PRO A 230 30.82 22.75 9.54
CA PRO A 230 30.79 21.52 10.33
C PRO A 230 31.55 20.37 9.67
N ASP A 231 31.30 20.15 8.38
CA ASP A 231 32.07 19.13 7.67
C ASP A 231 33.27 19.77 6.98
N TYR A 232 34.29 18.96 6.78
CA TYR A 232 35.45 19.31 5.97
C TYR A 232 35.03 19.35 4.49
N ASN A 233 34.56 20.51 4.02
CA ASN A 233 34.02 20.56 2.68
C ASN A 233 35.12 20.81 1.63
N SER A 234 34.73 20.75 0.36
CA SER A 234 35.67 20.80 -0.73
C SER A 234 36.49 22.10 -0.72
N SER A 235 35.83 23.22 -0.40
CA SER A 235 36.48 24.52 -0.31
C SER A 235 37.59 24.50 0.72
N THR A 236 37.37 23.75 1.79
CA THR A 236 38.15 23.86 3.00
C THR A 236 39.58 23.35 2.80
N ILE A 237 39.85 22.56 1.75
CA ILE A 237 41.20 22.01 1.54
C ILE A 237 42.25 23.06 1.20
N LYS A 238 41.81 24.24 0.77
CA LYS A 238 42.69 25.33 0.35
C LYS A 238 42.82 26.47 1.38
N VAL A 239 41.94 26.54 2.39
CA VAL A 239 41.99 27.65 3.34
C VAL A 239 43.09 27.47 4.35
N ASP A 240 43.36 28.56 5.07
CA ASP A 240 44.45 28.55 6.03
C ASP A 240 44.01 28.02 7.36
N LYS A 241 42.74 28.25 7.70
CA LYS A 241 42.24 27.74 8.96
C LYS A 241 40.83 27.22 8.78
N TRP A 242 40.55 26.13 9.46
CA TRP A 242 39.24 25.49 9.39
C TRP A 242 38.66 25.45 10.79
N ILE A 243 37.47 26.03 10.92
CA ILE A 243 36.67 26.00 12.14
C ILE A 243 35.40 25.14 11.93
N HIS A 244 35.19 24.15 12.79
CA HIS A 244 34.05 23.25 12.60
C HIS A 244 33.17 23.13 13.85
N PRO A 245 32.16 24.00 13.92
CA PRO A 245 31.11 24.05 14.95
C PRO A 245 29.98 23.04 14.75
N GLN A 246 29.18 22.85 15.79
CA GLN A 246 27.95 22.11 15.69
C GLN A 246 27.01 22.88 14.77
N PRO A 247 26.21 22.15 13.99
CA PRO A 247 25.28 22.77 13.05
C PRO A 247 24.36 23.78 13.73
N GLY A 248 24.19 24.93 13.11
CA GLY A 248 23.26 25.93 13.60
C GLY A 248 23.68 26.60 14.89
N THR A 249 24.94 26.46 15.28
CA THR A 249 25.45 27.13 16.48
C THR A 249 26.37 28.32 16.17
N ASP A 250 26.39 28.73 14.90
CA ASP A 250 27.29 29.77 14.47
C ASP A 250 27.03 31.09 15.21
N GLY A 251 25.78 31.32 15.57
CA GLY A 251 25.40 32.47 16.38
C GLY A 251 26.25 32.62 17.64
N ALA A 252 26.55 31.52 18.32
CA ALA A 252 27.35 31.58 19.54
C ALA A 252 28.80 31.97 19.23
N LEU A 253 29.31 31.43 18.15
CA LEU A 253 30.63 31.73 17.65
C LEU A 253 30.75 33.23 17.37
N ALA A 254 29.79 33.77 16.64
CA ALA A 254 29.87 35.15 16.25
C ALA A 254 29.72 36.10 17.46
N MET A 255 28.77 35.83 18.37
CA MET A 255 28.62 36.69 19.55
C MET A 255 29.87 36.65 20.43
N ALA A 256 30.59 35.51 20.45
CA ALA A 256 31.79 35.44 21.29
C ALA A 256 32.93 36.22 20.70
N MET A 257 32.97 36.28 19.38
CA MET A 257 33.90 37.11 18.65
C MET A 257 33.59 38.59 18.93
N ALA A 258 32.31 38.95 18.87
CA ALA A 258 31.89 40.30 19.22
C ALA A 258 32.37 40.70 20.63
N HIS A 259 32.17 39.81 21.59
CA HIS A 259 32.59 40.01 22.96
C HIS A 259 34.07 40.33 23.08
N VAL A 260 34.92 39.43 22.58
CA VAL A 260 36.39 39.63 22.53
C VAL A 260 36.75 40.97 21.87
N ILE A 261 36.22 41.20 20.68
CA ILE A 261 36.43 42.46 19.97
C ILE A 261 36.03 43.66 20.83
N ILE A 262 34.87 43.62 21.49
CA ILE A 262 34.47 44.76 22.34
C ILE A 262 35.31 44.87 23.62
N LYS A 263 35.44 43.78 24.36
CA LYS A 263 36.20 43.79 25.61
C LYS A 263 37.66 44.23 25.43
N GLU A 264 38.26 43.86 24.30
CA GLU A 264 39.66 44.19 24.03
C GLU A 264 39.78 45.48 23.22
N LYS A 265 38.65 46.09 22.91
CA LYS A 265 38.61 47.38 22.20
C LYS A 265 39.37 47.32 20.88
N LEU A 266 38.91 46.45 19.98
CA LEU A 266 39.54 46.27 18.68
C LEU A 266 38.67 46.86 17.58
N TYR A 267 37.69 47.67 17.97
CA TYR A 267 36.65 48.12 17.04
C TYR A 267 36.80 49.58 16.62
N ASP A 268 36.06 49.95 15.59
CA ASP A 268 36.13 51.29 15.03
C ASP A 268 35.04 52.17 15.67
N ALA A 269 35.38 52.82 16.76
CA ALA A 269 34.42 53.65 17.49
C ALA A 269 33.81 54.74 16.61
N HIS A 270 34.63 55.40 15.80
CA HIS A 270 34.14 56.51 14.98
C HIS A 270 33.04 55.99 14.06
N SER A 271 33.27 54.81 13.50
CA SER A 271 32.31 54.20 12.58
C SER A 271 31.03 53.81 13.30
N LEU A 272 31.17 53.15 14.45
CA LEU A 272 30.01 52.73 15.24
C LEU A 272 29.12 53.94 15.50
N LYS A 273 29.76 55.01 15.95
CA LYS A 273 29.07 56.25 16.29
C LYS A 273 28.34 56.83 15.10
N GLU A 274 28.97 56.78 13.92
CA GLU A 274 28.34 57.46 12.79
C GLU A 274 27.31 56.64 12.05
N GLN A 275 27.58 55.34 11.89
CA GLN A 275 26.84 54.51 10.93
C GLN A 275 25.83 53.53 11.56
N THR A 276 25.93 53.28 12.86
CA THR A 276 25.03 52.33 13.48
C THR A 276 24.10 53.01 14.47
N ASP A 277 23.30 52.22 15.16
CA ASP A 277 22.34 52.75 16.13
C ASP A 277 22.85 52.46 17.53
N LEU A 278 24.13 52.11 17.64
CA LEU A 278 24.65 51.63 18.91
C LEU A 278 24.76 52.75 19.95
N SER A 279 24.67 54.00 19.50
CA SER A 279 24.70 55.15 20.39
C SER A 279 23.28 55.56 20.78
N TYR A 280 22.29 55.16 19.98
CA TYR A 280 20.88 55.50 20.24
C TYR A 280 20.45 55.09 21.66
N LEU A 281 19.54 55.85 22.24
CA LEU A 281 19.27 55.70 23.68
C LEU A 281 18.05 54.84 24.02
N VAL A 282 18.26 53.90 24.93
CA VAL A 282 17.20 52.96 25.35
C VAL A 282 16.73 53.22 26.80
N ARG A 283 15.43 53.36 26.96
CA ARG A 283 14.78 53.55 28.28
C ARG A 283 14.90 52.35 29.22
N SER A 284 15.46 52.52 30.41
CA SER A 284 15.60 51.38 31.31
C SER A 284 14.25 50.77 31.77
N ASP A 285 13.16 51.52 31.62
CA ASP A 285 11.88 51.11 32.17
C ASP A 285 11.06 50.26 31.20
N THR A 286 10.91 50.74 29.96
CA THR A 286 10.15 50.01 28.96
C THR A 286 11.05 49.21 27.99
N LYS A 287 12.36 49.42 28.10
CA LYS A 287 13.36 48.78 27.25
C LYS A 287 13.16 49.09 25.75
N ARG A 288 12.39 50.13 25.47
CA ARG A 288 12.24 50.68 24.12
C ARG A 288 13.20 51.85 23.87
N PHE A 289 13.37 52.21 22.60
CA PHE A 289 14.02 53.46 22.23
C PHE A 289 13.29 54.66 22.86
N LEU A 290 14.04 55.52 23.54
CA LEU A 290 13.53 56.84 23.85
C LEU A 290 13.22 57.57 22.56
N ARG A 291 11.99 58.07 22.44
CA ARG A 291 11.51 58.72 21.22
C ARG A 291 11.13 60.18 21.48
N GLU A 292 10.99 60.94 20.41
CA GLU A 292 10.70 62.36 20.55
C GLU A 292 9.30 62.55 21.12
N ALA A 293 8.42 61.61 20.83
CA ALA A 293 7.06 61.64 21.33
C ALA A 293 7.04 61.56 22.85
N ASP A 294 7.99 60.83 23.42
CA ASP A 294 8.06 60.67 24.88
C ASP A 294 8.40 61.97 25.63
N VAL A 295 8.96 62.96 24.92
CA VAL A 295 9.63 64.08 25.58
C VAL A 295 9.01 65.43 25.22
N VAL A 296 8.36 65.48 24.07
CA VAL A 296 7.94 66.73 23.48
C VAL A 296 6.51 66.55 22.99
N ALA A 297 5.64 67.51 23.30
CA ALA A 297 4.26 67.47 22.83
C ALA A 297 4.24 67.42 21.30
N GLY A 298 3.47 66.48 20.75
CA GLY A 298 3.42 66.30 19.31
C GLY A 298 4.75 65.86 18.70
N GLY A 299 5.64 65.30 19.52
CA GLY A 299 6.94 64.78 19.08
C GLY A 299 6.83 63.47 18.29
N SER A 300 7.71 63.27 17.32
CA SER A 300 7.66 62.07 16.47
C SER A 300 7.98 60.79 17.24
N LYS A 301 7.23 59.73 16.93
CA LYS A 301 7.52 58.41 17.45
C LYS A 301 8.58 57.71 16.63
N ASP A 302 9.08 58.41 15.60
CA ASP A 302 10.12 57.88 14.72
C ASP A 302 11.37 58.79 14.70
N LYS A 303 11.62 59.53 15.79
CA LYS A 303 12.87 60.28 15.96
C LYS A 303 13.46 59.87 17.31
N PHE A 304 14.76 60.01 17.48
CA PHE A 304 15.40 59.35 18.64
C PHE A 304 16.41 60.23 19.33
N TYR A 305 17.22 59.64 20.22
CA TYR A 305 18.23 60.41 20.91
C TYR A 305 19.52 59.63 21.01
N PHE A 306 20.62 60.35 20.93
CA PHE A 306 21.88 59.87 21.47
C PHE A 306 22.38 60.94 22.44
N TRP A 307 23.30 60.52 23.31
CA TRP A 307 23.96 61.42 24.25
C TRP A 307 25.28 61.97 23.68
N ASN A 308 25.28 63.23 23.28
CA ASN A 308 26.49 63.89 22.77
C ASN A 308 27.51 64.17 23.89
N ALA A 309 28.61 63.41 23.90
CA ALA A 309 29.53 63.44 25.02
C ALA A 309 30.45 64.67 25.01
N LYS A 310 30.40 65.46 23.94
CA LYS A 310 31.21 66.67 23.97
C LYS A 310 30.41 67.91 24.39
N THR A 311 29.10 67.77 24.54
CA THR A 311 28.32 68.89 25.07
C THR A 311 27.54 68.50 26.34
N GLY A 312 27.63 67.24 26.75
CA GLY A 312 26.91 66.75 27.91
C GLY A 312 25.41 66.86 27.82
N LYS A 313 24.86 66.90 26.59
CA LYS A 313 23.41 66.94 26.37
C LYS A 313 22.85 65.95 25.30
N PRO A 314 21.59 65.55 25.46
CA PRO A 314 20.99 64.65 24.46
C PRO A 314 20.86 65.35 23.13
N VAL A 315 20.89 64.61 22.03
CA VAL A 315 20.70 65.16 20.68
C VAL A 315 19.94 64.20 19.75
N ILE A 316 18.94 64.74 19.06
CA ILE A 316 18.20 64.01 18.03
C ILE A 316 19.07 63.74 16.79
N PRO A 317 19.41 62.45 16.56
CA PRO A 317 20.20 62.09 15.36
C PRO A 317 19.41 62.32 14.08
N LYS A 318 20.08 62.77 13.02
CA LYS A 318 19.40 63.06 11.76
C LYS A 318 19.22 61.80 10.90
N GLY A 319 18.16 61.75 10.13
CA GLY A 319 17.98 60.71 9.12
C GLY A 319 17.06 59.53 9.43
N SER A 320 16.47 59.48 10.63
CA SER A 320 15.57 58.38 10.97
C SER A 320 14.25 58.51 10.23
N TRP A 321 13.34 57.56 10.45
CA TRP A 321 12.10 57.43 9.70
C TRP A 321 11.24 58.69 9.73
N GLY A 322 11.31 59.40 10.85
CA GLY A 322 10.51 60.60 11.08
C GLY A 322 11.09 61.84 10.43
N ASP A 323 12.37 61.79 10.14
CA ASP A 323 13.02 62.89 9.41
C ASP A 323 12.71 62.71 7.92
N GLN A 324 12.03 63.69 7.33
CA GLN A 324 11.70 63.64 5.90
C GLN A 324 12.66 64.51 5.08
N PRO A 325 12.92 64.10 3.84
CA PRO A 325 13.81 64.91 3.03
C PRO A 325 13.13 66.06 2.32
N GLU A 326 13.88 67.15 2.20
CA GLU A 326 14.04 67.91 0.96
C GLU A 326 12.88 67.84 -0.03
N LYS A 327 13.22 67.32 -1.19
CA LYS A 327 12.33 66.80 -2.20
C LYS A 327 12.26 65.30 -1.92
N LYS A 328 11.10 64.69 -2.08
CA LYS A 328 10.96 63.26 -1.83
C LYS A 328 11.07 62.55 -3.17
N GLY A 329 11.88 61.50 -3.21
CA GLY A 329 12.03 60.72 -4.42
C GLY A 329 10.96 59.64 -4.52
N SER A 330 10.92 58.94 -5.65
CA SER A 330 10.02 57.79 -5.84
C SER A 330 10.49 56.60 -5.02
N PRO A 331 9.57 55.70 -4.64
CA PRO A 331 10.02 54.50 -3.96
C PRO A 331 11.00 53.69 -4.82
N VAL A 332 12.00 53.10 -4.17
CA VAL A 332 12.98 52.28 -4.84
C VAL A 332 12.88 50.87 -4.27
N GLY A 333 12.49 49.93 -5.12
CA GLY A 333 12.08 48.60 -4.70
C GLY A 333 12.98 47.91 -3.69
N PHE A 334 14.28 48.13 -3.79
CA PHE A 334 15.21 47.42 -2.93
C PHE A 334 15.57 48.24 -1.69
N LEU A 335 14.80 49.30 -1.44
CA LEU A 335 15.04 50.11 -0.23
C LEU A 335 13.79 50.20 0.63
N GLY A 336 13.97 50.20 1.95
CA GLY A 336 12.91 50.55 2.89
C GLY A 336 12.18 51.84 2.50
N ARG A 337 12.96 52.88 2.21
CA ARG A 337 12.44 54.14 1.68
C ARG A 337 13.57 54.82 0.90
N ASN A 338 13.22 55.71 -0.01
CA ASN A 338 14.23 56.34 -0.83
C ASN A 338 15.08 57.34 -0.06
N THR A 339 16.09 56.88 0.67
CA THR A 339 16.93 57.80 1.43
C THR A 339 17.97 58.46 0.55
N PHE A 340 17.97 58.12 -0.74
CA PHE A 340 18.85 58.78 -1.72
C PHE A 340 18.44 60.25 -1.89
N ALA A 341 17.17 60.54 -1.57
CA ALA A 341 16.63 61.88 -1.75
C ALA A 341 17.32 62.89 -0.83
N PHE A 342 17.91 62.42 0.26
CA PHE A 342 18.59 63.28 1.20
C PHE A 342 19.90 63.80 0.59
N PRO A 343 20.44 64.90 1.14
CA PRO A 343 21.67 65.43 0.56
C PRO A 343 22.93 64.66 1.01
N LYS A 344 23.96 64.68 0.16
CA LYS A 344 25.26 64.14 0.56
C LYS A 344 25.75 64.86 1.82
N GLY A 345 26.34 64.12 2.74
CA GLY A 345 26.87 64.65 3.97
C GLY A 345 25.87 64.58 5.11
N TYR A 346 24.64 64.19 4.81
CA TYR A 346 23.53 64.34 5.75
C TYR A 346 23.75 63.73 7.12
N ILE A 347 24.41 62.57 7.19
CA ILE A 347 24.53 61.91 8.50
C ILE A 347 25.98 61.82 8.93
N ASP A 348 26.80 62.63 8.27
CA ASP A 348 28.19 62.82 8.68
C ASP A 348 28.26 63.21 10.14
N LEU A 349 29.16 62.57 10.88
CA LEU A 349 29.24 62.78 12.31
C LEU A 349 29.55 64.24 12.66
N GLY A 350 30.14 64.98 11.72
CA GLY A 350 30.58 66.33 11.99
C GLY A 350 31.48 66.32 13.21
N ASP A 351 31.24 67.21 14.15
CA ASP A 351 31.99 67.19 15.42
C ASP A 351 31.18 66.64 16.60
N LEU A 352 30.01 66.05 16.32
CA LEU A 352 29.26 65.27 17.31
C LEU A 352 30.12 64.17 17.89
N ASP A 353 29.86 63.80 19.15
CA ASP A 353 30.59 62.68 19.75
C ASP A 353 29.66 61.76 20.53
N PRO A 354 28.80 60.99 19.81
CA PRO A 354 27.76 60.18 20.46
C PRO A 354 28.38 59.22 21.46
N ALA A 355 27.80 59.14 22.64
CA ALA A 355 28.33 58.24 23.66
C ALA A 355 27.97 56.80 23.34
N LEU A 356 28.88 55.87 23.64
CA LEU A 356 28.62 54.45 23.49
C LEU A 356 28.49 53.78 24.85
N GLU A 357 29.20 54.29 25.86
CA GLU A 357 29.04 53.78 27.23
C GLU A 357 28.32 54.78 28.17
N GLY A 358 27.83 54.26 29.30
CA GLY A 358 27.21 55.05 30.37
C GLY A 358 25.70 54.93 30.57
N LYS A 359 25.22 55.45 31.70
CA LYS A 359 23.79 55.63 31.94
C LYS A 359 23.50 57.13 32.04
N PHE A 360 22.32 57.55 31.61
CA PHE A 360 21.97 58.97 31.68
C PHE A 360 20.53 59.11 32.11
N ASN A 361 20.18 60.25 32.68
CA ASN A 361 18.77 60.47 33.04
C ASN A 361 18.18 61.53 32.15
N MET A 362 16.91 61.35 31.81
CA MET A 362 16.20 62.30 30.97
C MET A 362 14.78 62.45 31.48
N GLN A 363 14.17 63.58 31.16
CA GLN A 363 12.86 63.89 31.68
C GLN A 363 11.76 63.75 30.66
N LEU A 364 10.80 62.89 30.98
CA LEU A 364 9.69 62.63 30.08
C LEU A 364 8.76 63.84 29.95
N LEU A 365 7.90 63.78 28.94
CA LEU A 365 6.83 64.76 28.70
C LEU A 365 5.94 64.95 29.94
N ASP A 366 5.65 63.82 30.60
CA ASP A 366 4.82 63.79 31.81
C ASP A 366 5.60 64.15 33.07
N GLY A 367 6.81 64.66 32.91
CA GLY A 367 7.57 65.15 34.04
C GLY A 367 8.45 64.19 34.81
N LYS A 368 8.09 62.91 34.83
CA LYS A 368 8.91 61.97 35.60
C LYS A 368 10.21 61.70 34.82
N THR A 369 11.18 61.15 35.52
CA THR A 369 12.53 60.96 34.98
C THR A 369 12.86 59.48 34.73
N VAL A 370 13.49 59.19 33.59
CA VAL A 370 13.90 57.82 33.23
C VAL A 370 15.40 57.71 33.03
N GLU A 371 15.99 56.64 33.56
CA GLU A 371 17.34 56.25 33.21
C GLU A 371 17.32 55.76 31.76
N VAL A 372 18.34 56.14 30.99
CA VAL A 372 18.51 55.62 29.64
C VAL A 372 19.96 55.16 29.45
N ARG A 373 20.11 54.13 28.60
CA ARG A 373 21.41 53.61 28.24
C ARG A 373 21.45 53.56 26.73
N PRO A 374 22.64 53.77 26.14
CA PRO A 374 22.83 53.50 24.71
C PRO A 374 22.81 51.99 24.44
N VAL A 375 22.23 51.59 23.30
CA VAL A 375 22.27 50.21 22.85
C VAL A 375 23.61 49.51 23.11
N PHE A 376 24.72 50.18 22.78
CA PHE A 376 26.04 49.56 22.90
C PHE A 376 26.30 49.13 24.34
N GLU A 377 25.79 49.91 25.27
CA GLU A 377 25.99 49.67 26.69
C GLU A 377 25.26 48.38 27.07
N ILE A 378 24.00 48.29 26.67
CA ILE A 378 23.20 47.08 26.94
C ILE A 378 23.88 45.88 26.29
N LEU A 379 24.22 46.01 25.01
CA LEU A 379 24.89 44.94 24.26
C LEU A 379 26.16 44.48 24.94
N LYS A 380 26.97 45.44 25.36
CA LYS A 380 28.24 45.15 25.99
C LYS A 380 28.06 44.34 27.28
N SER A 381 27.11 44.78 28.13
CA SER A 381 26.82 44.08 29.40
C SER A 381 26.42 42.64 29.19
N ARG A 382 25.41 42.46 28.35
CA ARG A 382 24.96 41.12 27.98
C ARG A 382 26.08 40.21 27.40
N LEU A 383 26.94 40.76 26.54
CA LEU A 383 28.07 39.98 25.99
C LEU A 383 29.08 39.57 27.04
N MET A 384 29.39 40.45 27.99
CA MET A 384 30.38 40.14 29.03
C MET A 384 29.87 38.99 29.89
N ALA A 385 28.56 38.90 30.05
CA ALA A 385 27.94 37.86 30.87
C ALA A 385 27.74 36.52 30.14
N ASP A 386 27.23 36.59 28.92
CA ASP A 386 26.63 35.42 28.28
C ASP A 386 27.44 34.84 27.12
N ASN A 387 28.35 35.63 26.55
CA ASN A 387 29.00 35.25 25.29
C ASN A 387 30.52 35.28 25.38
N THR A 388 31.05 34.75 26.48
CA THR A 388 32.47 34.56 26.64
C THR A 388 32.89 33.45 25.69
N PRO A 389 34.17 33.45 25.30
CA PRO A 389 34.70 32.33 24.52
C PRO A 389 34.49 30.99 25.23
N GLU A 390 34.53 31.00 26.55
CA GLU A 390 34.48 29.75 27.29
C GLU A 390 33.08 29.14 27.20
N LYS A 391 32.06 29.98 27.29
CA LYS A 391 30.70 29.50 27.19
C LYS A 391 30.38 29.07 25.75
N ALA A 392 30.74 29.92 24.79
CA ALA A 392 30.54 29.61 23.40
C ALA A 392 31.30 28.33 23.00
N ALA A 393 32.49 28.12 23.57
CA ALA A 393 33.20 26.86 23.36
C ALA A 393 32.36 25.62 23.73
N LYS A 394 31.60 25.71 24.82
CA LYS A 394 30.86 24.55 25.29
C LYS A 394 29.73 24.25 24.31
N ILE A 395 29.12 25.31 23.78
CA ILE A 395 28.01 25.21 22.83
C ILE A 395 28.42 24.71 21.43
N THR A 396 29.41 25.38 20.85
CA THR A 396 29.83 25.12 19.48
C THR A 396 30.82 23.97 19.35
N GLY A 397 31.56 23.68 20.41
CA GLY A 397 32.60 22.69 20.32
C GLY A 397 33.88 23.23 19.68
N VAL A 398 33.89 24.53 19.41
CA VAL A 398 35.12 25.21 18.99
C VAL A 398 35.89 25.64 20.25
N THR A 399 37.22 25.46 20.30
CA THR A 399 37.99 25.86 21.50
C THR A 399 37.92 27.37 21.74
N ALA A 400 37.96 27.74 23.01
CA ALA A 400 37.98 29.14 23.41
C ALA A 400 39.18 29.90 22.85
N LYS A 401 40.30 29.23 22.72
CA LYS A 401 41.49 29.86 22.15
C LYS A 401 41.27 30.20 20.67
N ALA A 402 40.84 29.21 19.88
CA ALA A 402 40.48 29.41 18.47
C ALA A 402 39.52 30.58 18.27
N ILE A 403 38.47 30.63 19.07
CA ILE A 403 37.49 31.71 18.96
C ILE A 403 38.12 33.09 19.19
N THR A 404 38.98 33.16 20.20
CA THR A 404 39.68 34.41 20.50
C THR A 404 40.62 34.79 19.38
N GLU A 405 41.40 33.83 18.88
CA GLU A 405 42.34 34.13 17.80
C GLU A 405 41.65 34.57 16.52
N LEU A 406 40.55 33.92 16.19
CA LEU A 406 39.75 34.29 15.03
C LEU A 406 39.25 35.73 15.16
N ALA A 407 38.82 36.04 16.37
CA ALA A 407 38.27 37.35 16.66
C ALA A 407 39.31 38.46 16.43
N ARG A 408 40.51 38.23 16.96
CA ARG A 408 41.55 39.25 16.91
C ARG A 408 42.00 39.42 15.47
N GLU A 409 42.21 38.31 14.78
CA GLU A 409 42.64 38.37 13.39
C GLU A 409 41.60 39.07 12.51
N PHE A 410 40.33 38.76 12.72
CA PHE A 410 39.30 39.35 11.89
C PHE A 410 39.31 40.86 12.07
N ALA A 411 39.56 41.31 13.28
CA ALA A 411 39.44 42.74 13.59
C ALA A 411 40.71 43.53 13.28
N THR A 412 41.86 42.84 13.21
CA THR A 412 43.17 43.44 12.89
C THR A 412 43.51 43.53 11.40
N ALA A 413 43.20 42.48 10.63
CA ALA A 413 43.51 42.52 9.19
C ALA A 413 42.56 43.49 8.56
N LYS A 414 43.07 44.27 7.61
CA LYS A 414 42.26 45.29 6.97
C LYS A 414 42.65 45.40 5.51
N PRO A 415 41.66 45.27 4.59
CA PRO A 415 40.23 44.95 4.84
C PRO A 415 40.00 43.49 5.21
N SER A 416 38.96 43.21 5.99
CA SER A 416 38.50 41.84 6.19
C SER A 416 37.08 41.78 5.67
N MET A 417 36.61 40.59 5.31
CA MET A 417 35.22 40.47 4.87
C MET A 417 34.64 39.12 5.27
N ILE A 418 33.31 39.08 5.41
CA ILE A 418 32.63 37.81 5.61
C ILE A 418 31.89 37.45 4.33
N ILE A 419 32.06 36.20 3.91
CA ILE A 419 31.27 35.63 2.82
C ILE A 419 30.35 34.53 3.37
N CYS A 420 29.06 34.79 3.38
CA CYS A 420 28.12 33.83 3.92
C CYS A 420 27.24 33.22 2.83
N GLY A 421 26.69 32.05 3.12
CA GLY A 421 25.83 31.35 2.18
C GLY A 421 24.78 30.46 2.82
N GLY A 422 24.32 29.46 2.05
CA GLY A 422 23.26 28.55 2.41
C GLY A 422 23.43 27.90 3.77
N GLY A 423 24.67 27.51 4.06
CA GLY A 423 24.99 26.90 5.33
C GLY A 423 24.60 27.77 6.53
N THR A 424 24.59 29.08 6.37
CA THR A 424 24.26 29.96 7.49
C THR A 424 22.95 30.69 7.25
N GLN A 425 22.44 30.59 6.03
CA GLN A 425 21.26 31.37 5.69
C GLN A 425 19.95 30.57 5.69
N HIS A 426 20.07 29.24 5.69
CA HIS A 426 18.91 28.38 5.49
C HIS A 426 18.41 27.83 6.84
N TRP A 427 18.70 28.55 7.94
CA TRP A 427 18.26 28.11 9.26
C TRP A 427 17.08 28.98 9.76
N TYR A 428 16.32 28.39 10.67
CA TYR A 428 15.17 29.06 11.29
C TYR A 428 15.56 30.44 11.83
N TYR A 429 16.68 30.50 12.53
CA TYR A 429 17.19 31.73 13.13
C TYR A 429 18.34 32.39 12.33
N SER A 430 18.34 32.22 11.00
CA SER A 430 19.39 32.83 10.18
C SER A 430 19.30 34.36 10.20
N ASP A 431 18.09 34.90 10.39
CA ASP A 431 17.93 36.34 10.52
C ASP A 431 18.81 36.86 11.68
N VAL A 432 18.71 36.26 12.86
CA VAL A 432 19.52 36.78 13.96
C VAL A 432 21.00 36.50 13.70
N LEU A 433 21.32 35.40 13.04
CA LEU A 433 22.73 35.09 12.79
C LEU A 433 23.41 36.10 11.82
N LEU A 434 22.69 36.51 10.77
CA LEU A 434 23.21 37.53 9.86
C LEU A 434 23.32 38.92 10.52
N ARG A 435 22.38 39.26 11.40
CA ARG A 435 22.49 40.45 12.23
C ARG A 435 23.77 40.37 13.00
N ALA A 436 24.09 39.19 13.52
CA ALA A 436 25.35 39.05 14.24
C ALA A 436 26.55 39.20 13.32
N MET A 437 26.42 38.77 12.07
CA MET A 437 27.61 38.86 11.21
C MET A 437 27.77 40.33 10.85
N HIS A 438 26.65 41.01 10.64
CA HIS A 438 26.66 42.44 10.35
C HIS A 438 27.16 43.23 11.58
N LEU A 439 27.02 42.66 12.76
CA LEU A 439 27.53 43.36 13.93
C LEU A 439 29.03 43.26 13.88
N LEU A 440 29.53 42.12 13.46
CA LEU A 440 31.00 41.94 13.38
C LEU A 440 31.63 42.93 12.34
N THR A 441 30.98 43.06 11.19
CA THR A 441 31.46 43.98 10.17
C THR A 441 31.42 45.43 10.62
N ALA A 442 30.29 45.82 11.24
CA ALA A 442 30.11 47.16 11.76
C ALA A 442 31.19 47.49 12.80
N LEU A 443 31.45 46.56 13.72
CA LEU A 443 32.48 46.76 14.72
C LEU A 443 33.86 47.01 14.10
N THR A 444 34.16 46.35 12.99
CA THR A 444 35.48 46.50 12.37
C THR A 444 35.51 47.61 11.33
N GLY A 445 34.39 48.29 11.14
CA GLY A 445 34.30 49.37 10.17
C GLY A 445 34.57 49.06 8.70
N THR A 446 34.44 47.81 8.26
CA THR A 446 34.78 47.55 6.86
C THR A 446 33.65 47.62 5.86
N GLU A 447 32.42 47.95 6.29
CA GLU A 447 31.31 48.04 5.30
C GLU A 447 31.55 49.20 4.34
N GLY A 448 31.30 48.96 3.06
CA GLY A 448 31.52 49.96 2.03
C GLY A 448 32.97 50.15 1.60
N THR A 449 33.88 49.27 2.00
CA THR A 449 35.26 49.36 1.53
C THR A 449 35.63 48.13 0.67
N ASN A 450 36.42 48.35 -0.38
CA ASN A 450 36.86 47.26 -1.23
C ASN A 450 37.64 46.19 -0.46
N GLY A 451 37.16 44.94 -0.58
CA GLY A 451 37.74 43.85 0.18
C GLY A 451 37.14 43.71 1.57
N GLY A 452 36.15 44.55 1.91
CA GLY A 452 35.52 44.48 3.22
C GLY A 452 34.04 44.12 3.16
N GLY A 453 33.35 44.25 4.30
CA GLY A 453 31.91 44.06 4.33
C GLY A 453 31.40 42.64 4.58
N MET A 454 30.08 42.54 4.71
CA MET A 454 29.35 41.29 4.95
C MET A 454 28.69 40.85 3.63
N ASN A 455 29.27 39.86 2.97
CA ASN A 455 28.85 39.60 1.59
C ASN A 455 28.18 38.26 1.38
N HIS A 456 26.88 38.31 1.07
CA HIS A 456 26.09 37.10 0.97
C HIS A 456 26.03 36.62 -0.49
N TYR A 457 26.14 35.30 -0.67
CA TYR A 457 25.98 34.70 -2.01
C TYR A 457 25.15 33.43 -1.91
N ILE A 458 24.24 33.30 -2.87
CA ILE A 458 23.18 32.31 -2.84
C ILE A 458 22.76 32.00 -4.27
N GLY A 459 21.57 32.45 -4.65
CA GLY A 459 21.14 32.36 -6.03
C GLY A 459 21.14 33.64 -6.86
N GLN A 460 20.56 33.53 -8.04
CA GLN A 460 20.58 34.59 -9.04
C GLN A 460 19.44 35.56 -8.84
N TRP A 461 19.44 36.20 -7.67
CA TRP A 461 18.34 37.06 -7.23
C TRP A 461 18.39 38.49 -7.74
N LYS A 462 19.57 38.99 -8.07
CA LYS A 462 19.73 40.42 -8.34
C LYS A 462 19.77 40.80 -9.83
N PRO A 463 18.75 41.54 -10.29
CA PRO A 463 18.85 42.09 -11.64
C PRO A 463 19.05 43.61 -11.55
N ALA A 464 20.25 44.10 -11.86
CA ALA A 464 20.59 45.50 -11.63
C ALA A 464 19.64 46.42 -12.39
N PHE A 465 19.26 46.05 -13.59
CA PHE A 465 18.27 46.82 -14.34
C PHE A 465 16.82 46.59 -13.88
N VAL A 466 16.57 46.61 -12.58
CA VAL A 466 15.32 46.07 -12.08
C VAL A 466 14.11 46.90 -12.53
N ALA A 467 14.27 48.22 -12.66
CA ALA A 467 13.19 49.04 -13.18
C ALA A 467 12.80 48.73 -14.64
N GLY A 468 13.73 48.22 -15.45
CA GLY A 468 13.43 47.89 -16.84
C GLY A 468 12.63 46.61 -16.92
N LEU A 469 12.84 45.80 -15.91
CA LEU A 469 12.15 44.55 -15.79
C LEU A 469 10.73 44.79 -15.30
N VAL A 470 10.60 45.58 -14.24
CA VAL A 470 9.29 45.97 -13.71
C VAL A 470 8.43 46.65 -14.78
N ALA A 471 9.07 47.35 -15.71
CA ALA A 471 8.40 47.98 -16.83
C ALA A 471 7.75 46.98 -17.77
N LEU A 472 8.42 45.86 -18.02
CA LEU A 472 7.96 44.86 -19.01
C LEU A 472 7.01 43.84 -18.39
N ALA A 473 7.21 43.56 -17.12
CA ALA A 473 6.43 42.55 -16.41
C ALA A 473 5.20 43.16 -15.74
N PHE A 474 5.33 44.36 -15.18
CA PHE A 474 4.24 44.99 -14.44
C PHE A 474 3.92 46.43 -14.87
N PRO A 475 3.59 46.63 -16.16
CA PRO A 475 3.53 47.95 -16.79
C PRO A 475 2.49 48.93 -16.20
N GLU A 476 1.52 48.46 -15.43
CA GLU A 476 0.56 49.38 -14.81
C GLU A 476 0.97 49.65 -13.39
N GLY A 477 2.11 49.09 -13.00
CA GLY A 477 2.62 49.30 -11.67
C GLY A 477 2.61 48.05 -10.82
N VAL A 478 3.57 47.97 -9.91
CA VAL A 478 3.64 46.88 -8.96
C VAL A 478 2.47 46.99 -7.97
N ASN A 479 2.04 48.21 -7.70
CA ASN A 479 0.94 48.44 -6.77
C ASN A 479 -0.42 48.07 -7.37
N LYS A 480 -0.43 47.73 -8.65
CA LYS A 480 -1.65 47.21 -9.26
C LYS A 480 -1.45 45.73 -9.66
N GLN A 481 -0.70 45.01 -8.83
CA GLN A 481 -0.42 43.59 -9.06
C GLN A 481 -0.61 42.78 -7.78
N ARG A 482 -1.26 41.63 -7.90
CA ARG A 482 -1.38 40.70 -6.77
C ARG A 482 -0.10 39.87 -6.55
N PHE A 483 0.39 39.85 -5.31
CA PHE A 483 1.47 38.96 -4.91
C PHE A 483 1.00 38.18 -3.68
N CYS A 484 1.24 36.88 -3.66
CA CYS A 484 1.26 36.16 -2.40
C CYS A 484 2.70 36.16 -1.89
N GLN A 485 2.90 35.74 -0.65
CA GLN A 485 4.23 35.39 -0.16
C GLN A 485 4.27 33.84 -0.16
N THR A 486 5.08 33.28 -1.03
CA THR A 486 5.02 31.85 -1.30
C THR A 486 5.24 30.95 -0.08
N THR A 487 6.04 31.35 0.89
CA THR A 487 6.26 30.48 2.05
C THR A 487 4.96 30.31 2.83
N ILE A 488 4.22 31.40 2.96
CA ILE A 488 2.92 31.41 3.63
C ILE A 488 1.87 30.63 2.84
N TRP A 489 1.88 30.84 1.53
CA TRP A 489 0.96 30.22 0.60
C TRP A 489 1.06 28.69 0.67
N THR A 490 2.30 28.19 0.74
CA THR A 490 2.57 26.76 0.81
C THR A 490 2.18 26.22 2.18
N TYR A 491 2.67 26.85 3.24
CA TYR A 491 2.31 26.50 4.61
C TYR A 491 0.80 26.31 4.80
N ILE A 492 0.03 27.27 4.29
CA ILE A 492 -1.39 27.31 4.58
C ILE A 492 -2.15 26.34 3.67
N HIS A 493 -1.88 26.43 2.38
CA HIS A 493 -2.64 25.64 1.42
C HIS A 493 -2.24 24.17 1.38
N ALA A 494 -0.98 23.84 1.69
CA ALA A 494 -0.58 22.42 1.80
C ALA A 494 -0.83 21.89 3.21
N GLU A 495 -1.42 22.74 4.07
CA GLU A 495 -1.93 22.35 5.40
C GLU A 495 -0.84 21.67 6.21
N VAL A 496 0.32 22.31 6.21
CA VAL A 496 1.54 21.78 6.79
C VAL A 496 1.47 21.58 8.28
N ASN A 497 2.07 20.48 8.73
CA ASN A 497 2.36 20.25 10.14
C ASN A 497 3.84 20.53 10.49
N ASP A 498 4.12 21.68 11.12
CA ASP A 498 5.51 22.11 11.37
C ASP A 498 6.15 21.46 12.61
N GLU A 499 5.35 20.74 13.38
CA GLU A 499 5.76 20.01 14.60
C GLU A 499 6.20 20.93 15.71
N ILE A 500 5.95 22.23 15.58
CA ILE A 500 6.27 23.14 16.69
C ILE A 500 5.00 23.41 17.49
N ILE A 501 4.99 22.90 18.72
CA ILE A 501 3.82 23.01 19.58
C ILE A 501 3.61 24.47 19.95
N SER A 502 2.35 24.89 19.92
CA SER A 502 1.95 26.26 20.17
C SER A 502 2.47 26.89 21.46
N SER A 503 2.59 26.09 22.52
CA SER A 503 3.01 26.65 23.80
C SER A 503 4.48 27.02 23.80
N ASP A 504 5.24 26.51 22.83
CA ASP A 504 6.64 26.93 22.62
C ASP A 504 6.74 28.17 21.73
N ILE A 505 6.14 28.08 20.54
CA ILE A 505 6.08 29.20 19.62
C ILE A 505 4.73 29.14 18.93
N ASP A 506 3.89 30.12 19.19
CA ASP A 506 2.53 30.09 18.67
C ASP A 506 2.49 30.55 17.22
N THR A 507 2.99 29.68 16.33
CA THR A 507 3.13 30.03 14.92
C THR A 507 1.80 30.42 14.36
N GLU A 508 0.80 29.67 14.77
CA GLU A 508 -0.53 29.87 14.24
C GLU A 508 -1.05 31.27 14.52
N LYS A 509 -0.89 31.71 15.78
CA LYS A 509 -1.42 33.01 16.19
C LYS A 509 -0.72 34.16 15.45
N TYR A 510 0.61 34.10 15.42
CA TYR A 510 1.42 35.10 14.73
C TYR A 510 1.02 35.16 13.26
N LEU A 511 0.86 33.99 12.66
CA LEU A 511 0.59 33.95 11.25
C LEU A 511 -0.78 34.55 10.97
N ARG A 512 -1.77 34.08 11.71
CA ARG A 512 -3.14 34.58 11.56
C ARG A 512 -3.19 36.09 11.83
N ASP A 513 -2.57 36.53 12.92
CA ASP A 513 -2.63 37.96 13.29
C ASP A 513 -1.88 38.81 12.28
N SER A 514 -0.82 38.27 11.69
CA SER A 514 -0.08 39.02 10.70
C SER A 514 -0.92 39.25 9.46
N ILE A 515 -1.81 38.31 9.18
CA ILE A 515 -2.61 38.39 7.97
C ILE A 515 -3.84 39.26 8.17
N THR A 516 -4.52 39.10 9.31
CA THR A 516 -5.74 39.87 9.49
C THR A 516 -5.43 41.33 9.80
N THR A 517 -4.19 41.65 10.15
CA THR A 517 -3.81 43.05 10.32
C THR A 517 -3.21 43.61 9.03
N GLY A 518 -3.18 42.82 7.97
CA GLY A 518 -2.60 43.26 6.71
C GLY A 518 -1.09 43.46 6.64
N GLN A 519 -0.36 42.96 7.62
CA GLN A 519 1.10 42.97 7.55
C GLN A 519 1.65 42.02 6.48
N MET A 520 0.99 40.87 6.30
CA MET A 520 1.35 39.88 5.29
C MET A 520 0.14 39.51 4.43
N PRO A 521 0.35 39.20 3.15
CA PRO A 521 -0.80 38.90 2.28
C PRO A 521 -1.36 37.50 2.51
N ASN A 522 -2.59 37.25 2.06
CA ASN A 522 -3.06 35.87 1.97
C ASN A 522 -3.89 35.68 0.71
N MET A 523 -3.38 34.85 -0.19
CA MET A 523 -4.06 34.54 -1.44
C MET A 523 -4.44 33.07 -1.49
N PRO A 524 -5.59 32.76 -2.11
CA PRO A 524 -6.63 33.69 -2.55
C PRO A 524 -7.29 34.41 -1.36
N GLU A 525 -8.06 35.46 -1.62
CA GLU A 525 -8.81 36.06 -0.52
C GLU A 525 -10.13 35.33 -0.26
N GLN A 526 -10.70 35.59 0.90
CA GLN A 526 -11.99 35.05 1.31
C GLN A 526 -11.94 33.55 1.52
N GLY A 527 -10.74 33.03 1.72
CA GLY A 527 -10.55 31.61 1.95
C GLY A 527 -10.80 30.70 0.74
N ARG A 528 -10.89 31.25 -0.46
CA ARG A 528 -11.01 30.37 -1.61
C ARG A 528 -9.72 29.57 -1.83
N ASP A 529 -9.86 28.40 -2.43
CA ASP A 529 -8.74 27.56 -2.83
C ASP A 529 -8.02 28.10 -4.04
N PRO A 530 -6.71 27.90 -4.08
CA PRO A 530 -6.06 28.06 -5.38
C PRO A 530 -6.62 27.03 -6.37
N LYS A 531 -6.92 27.46 -7.60
CA LYS A 531 -7.50 26.56 -8.62
C LYS A 531 -6.60 26.33 -9.84
N VAL A 532 -5.81 27.34 -10.21
CA VAL A 532 -5.00 27.21 -11.41
C VAL A 532 -3.59 27.65 -11.11
N PHE A 533 -2.64 26.81 -11.51
CA PHE A 533 -1.23 27.00 -11.21
C PHE A 533 -0.38 26.91 -12.48
N PHE A 534 0.21 28.04 -12.88
CA PHE A 534 1.24 28.04 -13.93
C PHE A 534 2.61 27.95 -13.27
N VAL A 535 3.40 26.95 -13.68
CA VAL A 535 4.78 26.80 -13.23
C VAL A 535 5.75 26.75 -14.41
N TYR A 536 6.71 27.69 -14.46
CA TYR A 536 7.77 27.57 -15.47
C TYR A 536 9.05 28.31 -15.04
N ARG A 537 10.21 27.85 -15.50
CA ARG A 537 11.54 28.38 -15.09
C ARG A 537 11.90 28.09 -13.61
N GLY A 538 11.14 27.21 -12.97
CA GLY A 538 11.43 26.75 -11.61
C GLY A 538 10.75 25.39 -11.45
N ASN A 539 11.42 24.44 -10.80
CA ASN A 539 10.86 23.09 -10.63
C ASN A 539 10.17 23.05 -9.26
N TRP A 540 9.01 23.70 -9.19
CA TRP A 540 8.47 24.17 -7.91
C TRP A 540 8.06 23.00 -7.03
N LEU A 541 7.46 21.96 -7.61
CA LEU A 541 7.08 20.80 -6.81
C LEU A 541 8.32 20.04 -6.36
N ASN A 542 9.33 19.95 -7.22
CA ASN A 542 10.46 19.15 -6.84
C ASN A 542 11.23 19.80 -5.73
N GLN A 543 11.30 21.14 -5.76
CA GLN A 543 12.12 21.88 -4.81
C GLN A 543 11.33 22.32 -3.60
N ALA A 544 10.02 22.12 -3.60
CA ALA A 544 9.19 22.65 -2.51
C ALA A 544 9.42 21.95 -1.17
N LYS A 545 9.75 22.73 -0.15
CA LYS A 545 9.63 22.28 1.23
C LYS A 545 8.19 21.88 1.57
N GLY A 546 8.03 21.00 2.56
CA GLY A 546 6.75 20.38 2.89
C GLY A 546 6.15 19.55 1.75
N GLN A 547 7.00 19.03 0.87
CA GLN A 547 6.55 18.35 -0.35
C GLN A 547 5.45 17.28 -0.15
N LYS A 548 5.52 16.51 0.92
CA LYS A 548 4.52 15.47 1.11
C LYS A 548 3.17 16.12 1.42
N TYR A 549 3.19 17.21 2.20
CA TYR A 549 1.97 18.00 2.44
C TYR A 549 1.46 18.56 1.14
N VAL A 550 2.35 19.05 0.29
CA VAL A 550 1.93 19.59 -1.00
C VAL A 550 1.26 18.53 -1.89
N LEU A 551 1.86 17.36 -2.01
CA LEU A 551 1.30 16.33 -2.88
C LEU A 551 -0.05 15.81 -2.37
N GLU A 552 -0.19 15.76 -1.05
CA GLU A 552 -1.38 15.17 -0.46
C GLU A 552 -2.54 16.14 -0.24
N ASN A 553 -2.21 17.42 -0.04
CA ASN A 553 -3.19 18.42 0.37
C ASN A 553 -3.37 19.57 -0.62
N LEU A 554 -2.25 20.13 -1.10
CA LEU A 554 -2.33 21.30 -1.99
C LEU A 554 -2.60 20.91 -3.44
N TRP A 555 -1.88 19.92 -3.95
CA TRP A 555 -2.00 19.50 -5.36
C TRP A 555 -3.44 19.18 -5.75
N PRO A 556 -4.19 18.42 -4.92
CA PRO A 556 -5.53 18.08 -5.40
C PRO A 556 -6.55 19.24 -5.38
N LYS A 557 -6.26 20.36 -4.70
CA LYS A 557 -7.10 21.55 -4.83
C LYS A 557 -7.02 22.15 -6.23
N LEU A 558 -5.87 22.00 -6.89
CA LEU A 558 -5.65 22.59 -8.20
C LEU A 558 -6.40 21.85 -9.30
N GLU A 559 -7.23 22.58 -10.04
CA GLU A 559 -8.02 21.98 -11.10
C GLU A 559 -7.17 21.83 -12.34
N LEU A 560 -6.28 22.79 -12.56
CA LEU A 560 -5.39 22.75 -13.72
C LEU A 560 -3.99 23.21 -13.34
N ILE A 561 -3.00 22.38 -13.68
CA ILE A 561 -1.61 22.69 -13.42
C ILE A 561 -0.89 22.67 -14.76
N VAL A 562 -0.25 23.77 -15.10
CA VAL A 562 0.42 23.93 -16.39
C VAL A 562 1.92 24.09 -16.21
N ASP A 563 2.69 23.18 -16.78
CA ASP A 563 4.13 23.35 -16.74
C ASP A 563 4.68 23.62 -18.14
N ILE A 564 5.45 24.70 -18.25
CA ILE A 564 6.10 25.07 -19.49
C ILE A 564 7.61 24.82 -19.34
N ASN A 565 8.21 24.03 -20.21
CA ASN A 565 9.53 23.53 -19.89
C ASN A 565 10.27 23.01 -21.12
N ILE A 566 11.59 23.05 -21.04
CA ILE A 566 12.43 22.47 -22.07
CA ILE A 566 12.48 22.48 -22.03
C ILE A 566 12.53 20.96 -21.91
N ARG A 567 12.22 20.47 -20.71
CA ARG A 567 12.45 19.07 -20.38
C ARG A 567 11.37 18.57 -19.44
N MET A 568 11.18 17.25 -19.33
CA MET A 568 10.22 16.72 -18.38
C MET A 568 10.85 16.65 -17.00
N ASP A 569 10.63 17.69 -16.19
CA ASP A 569 11.08 17.64 -14.80
C ASP A 569 9.95 17.05 -13.94
N SER A 570 10.16 17.00 -12.63
CA SER A 570 9.19 16.35 -11.75
C SER A 570 7.89 17.10 -11.66
N THR A 571 7.97 18.43 -11.62
CA THR A 571 6.76 19.22 -11.64
C THR A 571 5.97 18.89 -12.90
N ALA A 572 6.63 18.88 -14.05
CA ALA A 572 5.92 18.69 -15.30
C ALA A 572 5.31 17.30 -15.29
N LEU A 573 6.08 16.35 -14.81
CA LEU A 573 5.66 14.96 -14.74
C LEU A 573 4.37 14.82 -13.93
N TYR A 574 4.13 15.76 -13.02
CA TYR A 574 2.96 15.73 -12.15
C TYR A 574 1.93 16.79 -12.56
N SER A 575 2.03 17.30 -13.79
CA SER A 575 1.12 18.34 -14.22
C SER A 575 0.00 17.82 -15.12
N ASP A 576 -0.92 18.73 -15.47
CA ASP A 576 -2.06 18.39 -16.33
C ASP A 576 -1.74 18.68 -17.77
N VAL A 577 -1.12 19.83 -18.01
CA VAL A 577 -0.67 20.17 -19.36
C VAL A 577 0.81 20.57 -19.35
N VAL A 578 1.58 19.98 -20.26
CA VAL A 578 2.99 20.31 -20.39
C VAL A 578 3.26 20.88 -21.80
N LEU A 579 3.79 22.11 -21.85
CA LEU A 579 4.07 22.81 -23.12
C LEU A 579 5.57 22.87 -23.44
N PRO A 580 5.94 22.64 -24.71
CA PRO A 580 7.38 22.61 -25.09
C PRO A 580 8.03 23.98 -25.30
N SER A 581 8.95 24.32 -24.40
CA SER A 581 9.67 25.58 -24.45
C SER A 581 11.01 25.44 -25.20
N ALA A 582 11.35 26.43 -26.04
CA ALA A 582 12.61 26.41 -26.77
C ALA A 582 13.84 26.43 -25.85
N HIS A 583 14.84 25.64 -26.19
CA HIS A 583 16.12 25.62 -25.47
C HIS A 583 16.78 27.00 -25.36
N TRP A 584 17.73 27.16 -24.44
CA TRP A 584 18.49 28.41 -24.30
C TRP A 584 19.15 28.86 -25.62
N TYR A 585 19.56 27.89 -26.44
CA TYR A 585 20.26 28.20 -27.69
C TYR A 585 19.31 28.31 -28.88
N GLU A 586 18.02 28.43 -28.59
CA GLU A 586 17.02 28.59 -29.62
C GLU A 586 16.15 29.78 -29.25
N LYS A 587 16.69 30.65 -28.41
CA LYS A 587 15.87 31.75 -27.95
C LYS A 587 16.74 32.97 -27.71
N LEU A 588 16.08 34.11 -27.57
CA LEU A 588 16.70 35.36 -27.24
C LEU A 588 16.35 35.75 -25.80
N ASP A 589 17.34 36.01 -24.95
CA ASP A 589 17.06 36.57 -23.61
C ASP A 589 18.29 37.18 -22.96
N LEU A 590 18.07 38.15 -22.06
CA LEU A 590 19.15 38.64 -21.22
C LEU A 590 19.45 37.66 -20.07
N ASN A 591 20.61 37.83 -19.44
CA ASN A 591 21.07 36.90 -18.41
C ASN A 591 22.02 37.63 -17.47
N VAL A 592 21.61 37.89 -16.23
CA VAL A 592 22.52 38.62 -15.34
C VAL A 592 22.53 38.10 -13.91
N THR A 593 23.49 38.59 -13.14
CA THR A 593 23.72 38.09 -11.80
C THR A 593 24.38 39.12 -10.88
N SER A 594 24.49 38.81 -9.59
CA SER A 594 25.10 39.76 -8.65
C SER A 594 26.61 39.52 -8.48
N GLU A 595 27.08 38.34 -8.89
CA GLU A 595 28.48 37.94 -8.81
C GLU A 595 29.43 38.74 -9.70
N HIS A 596 28.91 39.25 -10.81
CA HIS A 596 29.72 40.08 -11.69
C HIS A 596 28.82 41.12 -12.32
N SER A 597 29.44 42.18 -12.84
CA SER A 597 28.72 43.40 -13.17
C SER A 597 28.42 43.55 -14.64
N TYR A 598 28.29 42.42 -15.34
CA TYR A 598 28.20 42.48 -16.80
C TYR A 598 26.91 41.86 -17.27
N ILE A 599 26.45 42.30 -18.42
CA ILE A 599 25.19 41.82 -18.98
C ILE A 599 25.45 40.73 -20.03
N ASN A 600 24.98 39.53 -19.71
CA ASN A 600 25.09 38.37 -20.58
C ASN A 600 23.78 38.18 -21.32
N MET A 601 23.78 37.32 -22.33
CA MET A 601 22.56 37.10 -23.10
C MET A 601 22.70 35.81 -23.88
N THR A 602 21.59 35.33 -24.41
CA THR A 602 21.62 34.20 -25.33
C THR A 602 20.85 34.62 -26.57
N GLU A 603 21.16 33.98 -27.70
CA GLU A 603 20.49 34.25 -28.97
C GLU A 603 20.24 32.94 -29.68
N PRO A 604 19.29 32.94 -30.62
CA PRO A 604 19.03 31.67 -31.30
C PRO A 604 20.22 31.29 -32.17
N ALA A 605 20.66 30.04 -32.04
CA ALA A 605 21.67 29.44 -32.90
C ALA A 605 20.96 28.70 -34.04
N ILE A 606 19.79 28.16 -33.71
CA ILE A 606 18.89 27.55 -34.68
C ILE A 606 17.47 27.87 -34.27
N LYS A 607 16.51 27.61 -35.15
CA LYS A 607 15.11 27.84 -34.85
C LYS A 607 14.67 26.91 -33.74
N PRO A 608 13.77 27.38 -32.86
CA PRO A 608 13.20 26.50 -31.84
C PRO A 608 12.85 25.15 -32.44
N MET A 609 13.25 24.09 -31.75
CA MET A 609 13.13 22.74 -32.25
C MET A 609 11.73 22.12 -32.01
N TRP A 610 11.45 21.06 -32.77
CA TRP A 610 10.16 20.36 -32.75
C TRP A 610 9.01 21.33 -32.84
N GLU A 611 8.05 21.27 -31.92
CA GLU A 611 7.00 22.28 -31.93
C GLU A 611 7.17 23.25 -30.77
N SER A 612 8.40 23.37 -30.26
CA SER A 612 8.67 24.19 -29.08
C SER A 612 8.55 25.68 -29.42
N LYS A 613 8.19 26.50 -28.43
CA LYS A 613 8.16 27.96 -28.59
C LYS A 613 8.88 28.66 -27.44
N THR A 614 9.36 29.88 -27.67
CA THR A 614 9.97 30.66 -26.58
C THR A 614 8.88 31.07 -25.61
N ASP A 615 9.24 31.21 -24.34
CA ASP A 615 8.30 31.60 -23.30
C ASP A 615 7.52 32.88 -23.61
N TRP A 616 8.21 33.87 -24.18
CA TRP A 616 7.54 35.08 -24.59
C TRP A 616 6.42 34.73 -25.58
N GLN A 617 6.76 33.95 -26.62
CA GLN A 617 5.80 33.56 -27.65
C GLN A 617 4.63 32.71 -27.12
N ILE A 618 4.90 31.87 -26.14
CA ILE A 618 3.84 31.03 -25.58
C ILE A 618 2.74 31.85 -24.92
N PHE A 619 3.09 32.71 -23.98
CA PHE A 619 2.08 33.53 -23.33
C PHE A 619 1.40 34.55 -24.28
N LEU A 620 2.07 34.93 -25.35
CA LEU A 620 1.46 35.71 -26.42
C LEU A 620 0.38 34.89 -27.14
N ALA A 621 0.71 33.65 -27.49
CA ALA A 621 -0.25 32.74 -28.14
C ALA A 621 -1.42 32.41 -27.23
N LEU A 622 -1.15 32.29 -25.94
CA LEU A 622 -2.17 32.02 -24.96
C LEU A 622 -3.12 33.18 -24.88
N ALA A 623 -2.56 34.39 -24.97
CA ALA A 623 -3.35 35.60 -24.84
C ALA A 623 -4.45 35.61 -25.90
N LYS A 624 -4.12 35.25 -27.14
CA LYS A 624 -5.16 35.18 -28.18
C LYS A 624 -6.24 34.15 -27.86
N ARG A 625 -5.85 32.94 -27.48
CA ARG A 625 -6.85 31.91 -27.22
C ARG A 625 -7.76 32.27 -26.03
N VAL A 626 -7.25 33.14 -25.15
CA VAL A 626 -8.00 33.63 -23.99
C VAL A 626 -9.00 34.70 -24.41
N GLU A 627 -8.59 35.53 -25.36
CA GLU A 627 -9.52 36.45 -26.02
C GLU A 627 -10.70 35.67 -26.59
N MET A 628 -10.38 34.68 -27.42
CA MET A 628 -11.38 33.79 -28.01
C MET A 628 -12.27 33.13 -26.96
N ALA A 629 -11.63 32.51 -25.97
CA ALA A 629 -12.38 31.86 -24.89
C ALA A 629 -13.33 32.84 -24.22
N ALA A 630 -12.83 34.04 -23.91
CA ALA A 630 -13.62 35.06 -23.25
C ALA A 630 -14.85 35.47 -24.06
N LYS A 631 -14.72 35.45 -25.39
CA LYS A 631 -15.84 35.75 -26.27
C LYS A 631 -16.87 34.61 -26.28
N ARG A 632 -16.43 33.38 -26.49
CA ARG A 632 -17.28 32.21 -26.36
C ARG A 632 -18.08 32.27 -25.06
N LYS A 633 -17.39 32.50 -23.96
CA LYS A 633 -18.02 32.36 -22.66
C LYS A 633 -18.72 33.65 -22.24
N LYS A 634 -18.74 34.62 -23.15
CA LYS A 634 -19.41 35.89 -22.95
C LYS A 634 -18.92 36.56 -21.67
N TYR A 635 -17.62 36.51 -21.46
CA TYR A 635 -17.03 37.11 -20.28
C TYR A 635 -15.73 37.79 -20.72
N GLU A 636 -15.87 38.91 -21.43
CA GLU A 636 -14.74 39.58 -22.06
C GLU A 636 -14.19 40.68 -21.18
N LYS A 637 -15.08 41.38 -20.49
CA LYS A 637 -14.67 42.46 -19.61
C LYS A 637 -15.26 42.20 -18.22
N PHE A 638 -14.51 42.51 -17.16
CA PHE A 638 -15.00 42.35 -15.78
C PHE A 638 -14.33 43.33 -14.81
N ASN A 639 -15.03 43.60 -13.73
CA ASN A 639 -14.52 44.53 -12.74
C ASN A 639 -13.57 43.82 -11.77
N ASP A 640 -12.64 44.56 -11.22
CA ASP A 640 -11.66 44.02 -10.30
C ASP A 640 -11.50 45.07 -9.22
N GLU A 641 -12.35 45.00 -8.22
CA GLU A 641 -12.52 46.10 -7.26
C GLU A 641 -11.29 46.39 -6.44
N LYS A 642 -10.40 45.41 -6.32
CA LYS A 642 -9.19 45.61 -5.51
C LYS A 642 -8.35 46.76 -6.07
N PHE A 643 -8.29 46.86 -7.39
CA PHE A 643 -7.45 47.88 -8.01
C PHE A 643 -8.29 48.93 -8.73
N LYS A 644 -9.62 48.83 -8.58
CA LYS A 644 -10.57 49.69 -9.29
C LYS A 644 -10.25 49.63 -10.78
N TRP A 645 -10.14 48.41 -11.27
CA TRP A 645 -9.63 48.18 -12.59
C TRP A 645 -10.65 47.34 -13.35
N VAL A 646 -11.17 47.89 -14.44
CA VAL A 646 -12.05 47.16 -15.33
C VAL A 646 -11.15 46.50 -16.37
N ARG A 647 -11.11 45.17 -16.36
CA ARG A 647 -10.16 44.48 -17.23
C ARG A 647 -10.85 44.05 -18.51
N ASP A 648 -10.14 44.12 -19.62
CA ASP A 648 -10.72 43.71 -20.88
C ASP A 648 -9.93 42.54 -21.42
N LEU A 649 -10.50 41.35 -21.29
CA LEU A 649 -9.85 40.14 -21.79
C LEU A 649 -9.81 40.09 -23.31
N SER A 650 -10.75 40.76 -23.97
CA SER A 650 -10.80 40.73 -25.43
C SER A 650 -9.67 41.57 -26.04
N ASN A 651 -8.92 42.29 -25.22
CA ASN A 651 -7.75 43.00 -25.72
C ASN A 651 -6.45 42.58 -25.00
N LEU A 652 -6.31 41.28 -24.73
CA LEU A 652 -5.22 40.77 -23.92
C LEU A 652 -3.91 40.78 -24.68
N TRP A 653 -3.96 40.32 -25.92
CA TRP A 653 -2.77 40.32 -26.77
C TRP A 653 -2.15 41.72 -26.91
N ASN A 654 -2.94 42.71 -27.34
CA ASN A 654 -2.43 44.06 -27.42
C ASN A 654 -1.90 44.54 -26.06
N GLN A 655 -2.53 44.09 -24.97
CA GLN A 655 -2.03 44.43 -23.65
C GLN A 655 -0.67 43.81 -23.43
N MET A 656 -0.54 42.56 -23.85
CA MET A 656 0.71 41.82 -23.70
C MET A 656 1.84 42.50 -24.45
N THR A 657 1.53 43.02 -25.62
CA THR A 657 2.59 43.43 -26.53
C THR A 657 2.64 44.93 -26.76
N MET A 658 1.92 45.70 -25.93
CA MET A 658 1.90 47.17 -26.06
C MET A 658 1.46 47.58 -27.48
N ASP A 659 0.28 47.13 -27.90
CA ASP A 659 -0.18 47.25 -29.30
C ASP A 659 0.87 46.86 -30.35
N GLY A 660 1.47 45.69 -30.17
CA GLY A 660 2.24 45.04 -31.22
C GLY A 660 3.69 45.45 -31.24
N LYS A 661 4.01 46.50 -30.51
CA LYS A 661 5.40 46.95 -30.40
C LYS A 661 6.32 45.86 -29.87
N LEU A 662 5.92 45.21 -28.78
CA LEU A 662 6.75 44.18 -28.17
C LEU A 662 6.33 42.75 -28.55
N ALA A 663 5.96 42.49 -29.79
CA ALA A 663 5.56 41.14 -30.15
C ALA A 663 6.74 40.25 -30.55
N GLU A 664 7.91 40.83 -30.74
CA GLU A 664 9.10 40.02 -30.99
C GLU A 664 9.92 39.95 -29.71
N ASP A 665 10.61 38.84 -29.50
CA ASP A 665 11.36 38.64 -28.26
C ASP A 665 12.41 39.74 -28.07
N GLU A 666 13.01 40.17 -29.17
CA GLU A 666 14.13 41.08 -29.10
C GLU A 666 13.67 42.49 -28.70
N ALA A 667 12.50 42.89 -29.17
CA ALA A 667 11.92 44.16 -28.73
C ALA A 667 11.66 44.14 -27.23
N ALA A 668 11.21 42.99 -26.72
CA ALA A 668 10.95 42.89 -25.29
C ALA A 668 12.26 43.02 -24.50
N ALA A 669 13.32 42.37 -24.99
CA ALA A 669 14.66 42.46 -24.39
C ALA A 669 15.20 43.89 -24.42
N GLN A 670 15.10 44.53 -25.58
CA GLN A 670 15.50 45.94 -25.67
C GLN A 670 14.63 46.86 -24.80
N TYR A 671 13.37 46.50 -24.60
CA TYR A 671 12.47 47.35 -23.82
C TYR A 671 13.02 47.39 -22.40
N ILE A 672 13.56 46.26 -21.96
CA ILE A 672 14.13 46.20 -20.62
C ILE A 672 15.36 47.09 -20.49
N LEU A 673 16.26 46.99 -21.45
CA LEU A 673 17.50 47.76 -21.42
C LEU A 673 17.20 49.26 -21.42
N ASP A 674 16.20 49.66 -22.20
CA ASP A 674 15.84 51.07 -22.35
C ASP A 674 15.22 51.69 -21.10
N ASN A 675 14.75 50.88 -20.17
CA ASN A 675 13.95 51.42 -19.09
C ASN A 675 14.57 51.29 -17.72
N ALA A 676 15.88 51.12 -17.68
CA ALA A 676 16.60 51.19 -16.41
C ALA A 676 17.85 52.08 -16.53
N PRO A 677 18.16 52.82 -15.46
CA PRO A 677 19.37 53.67 -15.50
C PRO A 677 20.64 52.84 -15.61
N GLN A 678 20.63 51.61 -15.08
CA GLN A 678 21.80 50.74 -15.12
C GLN A 678 22.12 50.24 -16.53
N SER A 679 21.16 50.35 -17.44
CA SER A 679 21.36 49.72 -18.75
C SER A 679 21.05 50.59 -19.98
N LYS A 680 20.31 51.68 -19.77
CA LYS A 680 19.88 52.54 -20.88
C LYS A 680 21.09 53.07 -21.66
N GLY A 681 21.08 52.79 -22.97
CA GLY A 681 22.21 53.04 -23.85
C GLY A 681 22.67 51.77 -24.55
N ILE A 682 22.49 50.64 -23.88
CA ILE A 682 22.96 49.35 -24.40
C ILE A 682 21.95 48.75 -25.36
N THR A 683 22.45 48.17 -26.46
CA THR A 683 21.59 47.53 -27.44
C THR A 683 21.80 46.04 -27.44
N ILE A 684 20.83 45.32 -27.99
CA ILE A 684 20.93 43.88 -28.14
C ILE A 684 22.11 43.55 -29.03
N GLN A 685 22.31 44.34 -30.07
CA GLN A 685 23.45 44.13 -30.97
C GLN A 685 24.80 44.19 -30.21
N MET A 686 24.99 45.21 -29.39
CA MET A 686 26.20 45.33 -28.57
C MET A 686 26.43 44.09 -27.73
N LEU A 687 25.36 43.64 -27.06
CA LEU A 687 25.42 42.50 -26.17
C LEU A 687 25.67 41.22 -26.93
N ARG A 688 25.10 41.16 -28.12
CA ARG A 688 25.28 40.02 -29.00
C ARG A 688 26.78 39.87 -29.32
N GLU A 689 27.45 40.99 -29.56
CA GLU A 689 28.89 40.98 -29.83
C GLU A 689 29.73 40.73 -28.58
N LYS A 690 29.43 41.41 -27.49
CA LYS A 690 30.29 41.30 -26.31
C LYS A 690 29.53 41.70 -25.04
N PRO A 691 29.81 41.02 -23.92
CA PRO A 691 29.21 41.46 -22.66
C PRO A 691 29.56 42.92 -22.35
N GLN A 692 28.55 43.68 -21.95
CA GLN A 692 28.71 45.07 -21.57
C GLN A 692 28.58 45.19 -20.07
N ARG A 693 29.36 46.06 -19.47
CA ARG A 693 29.22 46.31 -18.05
C ARG A 693 28.04 47.24 -17.83
N PHE A 694 27.32 47.01 -16.73
CA PHE A 694 26.24 47.92 -16.30
C PHE A 694 26.73 49.37 -16.21
N LYS A 695 25.87 50.32 -16.59
CA LYS A 695 26.20 51.76 -16.53
C LYS A 695 26.25 52.23 -15.09
N SER A 696 25.44 51.65 -14.23
CA SER A 696 25.50 52.00 -12.81
C SER A 696 25.02 50.80 -12.03
N ASN A 697 24.82 50.95 -10.73
CA ASN A 697 24.41 49.85 -9.86
C ASN A 697 23.40 50.30 -8.78
N TRP A 698 23.47 49.79 -7.54
CA TRP A 698 22.36 50.01 -6.59
C TRP A 698 22.69 50.94 -5.41
N THR A 699 23.61 50.57 -4.54
CA THR A 699 23.83 51.34 -3.33
C THR A 699 25.24 51.93 -3.26
N SER A 700 25.95 51.85 -4.39
CA SER A 700 27.25 52.47 -4.54
C SER A 700 27.38 53.04 -5.94
N PRO A 701 28.36 53.95 -6.13
CA PRO A 701 28.77 54.30 -7.50
C PRO A 701 29.31 53.06 -8.22
N LEU A 702 29.10 52.95 -9.54
CA LEU A 702 29.80 51.89 -10.27
C LEU A 702 30.95 52.56 -11.00
N LYS A 703 32.19 52.32 -10.57
CA LYS A 703 33.36 53.08 -11.05
C LYS A 703 34.24 52.30 -12.03
N GLU A 704 34.79 53.02 -13.00
CA GLU A 704 35.63 52.41 -14.03
C GLU A 704 36.83 51.66 -13.45
N GLY A 705 36.99 50.41 -13.85
CA GLY A 705 38.13 49.61 -13.42
C GLY A 705 38.12 49.15 -11.98
N VAL A 706 37.03 49.41 -11.28
CA VAL A 706 36.94 49.05 -9.86
C VAL A 706 35.72 48.14 -9.55
N PRO A 707 35.96 47.03 -8.83
CA PRO A 707 34.90 46.11 -8.43
C PRO A 707 33.85 46.81 -7.58
N TYR A 708 32.57 46.62 -7.90
CA TYR A 708 31.48 47.08 -7.07
C TYR A 708 31.54 46.49 -5.66
N THR A 709 31.27 47.35 -4.67
CA THR A 709 31.12 46.96 -3.25
C THR A 709 29.95 47.81 -2.72
N PRO A 710 29.00 47.18 -2.01
CA PRO A 710 27.71 47.87 -1.78
C PRO A 710 27.71 48.92 -0.66
N PHE A 711 26.58 49.63 -0.52
CA PHE A 711 26.33 50.50 0.63
C PHE A 711 27.19 51.78 0.77
N GLN A 712 27.81 52.23 -0.33
CA GLN A 712 28.76 53.33 -0.24
C GLN A 712 28.04 54.66 -0.21
N TYR A 713 26.85 54.66 -0.79
CA TYR A 713 26.02 55.83 -0.71
C TYR A 713 25.71 56.22 0.75
N PHE A 714 25.85 55.27 1.69
CA PHE A 714 25.58 55.54 3.11
C PHE A 714 26.85 55.70 3.90
N VAL A 715 27.78 54.81 3.62
CA VAL A 715 29.06 54.82 4.30
C VAL A 715 29.94 55.98 3.85
N VAL A 716 29.83 56.38 2.59
CA VAL A 716 30.74 57.37 2.03
C VAL A 716 30.01 58.69 1.83
N ASP A 717 28.91 58.66 1.09
CA ASP A 717 28.10 59.85 0.87
C ASP A 717 27.21 60.27 2.06
N LYS A 718 27.32 59.55 3.17
CA LYS A 718 26.54 59.86 4.37
C LYS A 718 25.03 60.10 4.11
N LYS A 719 24.44 59.51 3.07
CA LYS A 719 22.98 59.41 3.07
C LYS A 719 22.49 58.41 4.16
N PRO A 720 21.32 58.66 4.75
CA PRO A 720 20.82 57.75 5.79
C PRO A 720 20.59 56.32 5.29
N TRP A 721 20.87 55.35 6.15
CA TRP A 721 20.42 53.99 5.89
C TRP A 721 18.88 54.00 5.88
N PRO A 722 18.27 53.30 4.91
CA PRO A 722 16.81 53.19 4.80
C PRO A 722 16.15 52.40 5.93
N THR A 723 16.59 52.57 7.17
CA THR A 723 15.95 51.90 8.29
C THR A 723 15.13 52.84 9.18
N LEU A 724 14.41 52.26 10.13
CA LEU A 724 13.65 53.05 11.10
C LEU A 724 14.56 54.11 11.74
N THR A 725 15.75 53.73 12.18
CA THR A 725 16.66 54.63 12.86
C THR A 725 17.49 55.51 11.92
N GLY A 726 17.54 55.14 10.63
CA GLY A 726 18.41 55.79 9.66
C GLY A 726 19.86 55.32 9.72
N ARG A 727 20.13 54.33 10.58
CA ARG A 727 21.46 53.71 10.70
C ARG A 727 21.41 52.21 10.38
N GLN A 728 22.57 51.56 10.41
CA GLN A 728 22.62 50.11 10.57
C GLN A 728 22.10 49.79 11.97
N GLN A 729 20.90 49.23 12.01
CA GLN A 729 20.12 49.07 13.24
C GLN A 729 20.22 47.68 13.83
N PHE A 730 20.90 47.58 14.96
CA PHE A 730 21.06 46.31 15.70
C PHE A 730 20.05 46.15 16.85
N TYR A 731 19.35 47.22 17.19
CA TYR A 731 18.28 47.13 18.18
C TYR A 731 16.94 47.23 17.48
N LEU A 732 16.14 46.17 17.59
CA LEU A 732 14.81 46.14 16.97
C LEU A 732 13.75 46.01 18.05
N ASP A 733 13.26 47.15 18.55
CA ASP A 733 12.46 47.12 19.80
C ASP A 733 10.97 46.89 19.54
N HIS A 734 10.68 46.03 18.56
CA HIS A 734 9.32 45.58 18.23
C HIS A 734 8.92 44.40 19.12
N ASP A 735 7.62 44.29 19.41
CA ASP A 735 7.13 43.25 20.34
C ASP A 735 7.53 41.82 19.96
N THR A 736 7.39 41.47 18.68
CA THR A 736 7.65 40.10 18.25
C THR A 736 9.13 39.75 18.45
N PHE A 737 10.00 40.74 18.32
CA PHE A 737 11.44 40.51 18.56
C PHE A 737 11.76 40.30 20.03
N PHE A 738 11.09 41.02 20.93
CA PHE A 738 11.29 40.75 22.36
C PHE A 738 10.80 39.35 22.67
N ASP A 739 9.63 39.03 22.09
CA ASP A 739 8.99 37.73 22.26
C ASP A 739 9.95 36.58 21.96
N MET A 740 10.73 36.74 20.89
CA MET A 740 11.67 35.69 20.50
C MET A 740 13.02 35.84 21.20
N GLY A 741 13.21 36.95 21.92
CA GLY A 741 14.45 37.16 22.66
C GLY A 741 15.51 37.70 21.75
N VAL A 742 15.09 38.36 20.66
CA VAL A 742 16.02 38.83 19.64
C VAL A 742 15.96 40.33 19.36
N GLU A 743 15.58 41.14 20.37
CA GLU A 743 15.69 42.59 20.24
C GLU A 743 17.17 42.98 19.94
N LEU A 744 18.13 42.26 20.53
CA LEU A 744 19.53 42.40 20.17
C LEU A 744 20.06 41.14 19.46
N PRO A 745 21.15 41.29 18.69
CA PRO A 745 21.79 40.07 18.21
C PRO A 745 22.23 39.22 19.39
N THR A 746 22.02 37.93 19.29
CA THR A 746 22.33 36.99 20.36
C THR A 746 22.20 35.57 19.81
N TYR A 747 22.63 34.58 20.57
CA TYR A 747 22.58 33.20 20.08
C TYR A 747 21.19 32.56 20.25
N LYS A 748 20.62 32.09 19.14
CA LYS A 748 19.41 31.30 19.19
C LYS A 748 19.68 29.91 18.67
N ALA A 749 19.61 28.95 19.59
CA ALA A 749 19.78 27.54 19.28
C ALA A 749 18.76 27.03 18.27
N PRO A 750 19.17 26.03 17.48
CA PRO A 750 18.30 25.56 16.39
C PRO A 750 17.01 24.86 16.87
N ILE A 751 16.00 24.85 16.00
CA ILE A 751 14.77 24.13 16.28
C ILE A 751 15.03 22.63 16.36
N ASP A 752 14.70 22.04 17.50
CA ASP A 752 14.76 20.59 17.66
C ASP A 752 13.36 19.95 17.71
N ALA A 753 12.38 20.51 17.00
CA ALA A 753 11.03 19.96 17.07
C ALA A 753 10.94 18.60 16.38
N ASP A 754 11.86 18.31 15.47
CA ASP A 754 11.97 16.95 14.94
C ASP A 754 12.71 16.07 15.96
N LYS A 755 11.98 15.14 16.57
CA LYS A 755 12.52 14.35 17.67
C LYS A 755 13.15 13.10 17.10
N TYR A 756 14.29 13.32 16.45
CA TYR A 756 15.10 12.31 15.78
C TYR A 756 16.53 12.74 15.95
N PRO A 757 17.49 11.79 15.83
CA PRO A 757 18.84 12.07 16.32
C PRO A 757 19.88 12.61 15.31
N PHE A 758 19.64 12.60 14.01
CA PHE A 758 20.61 13.23 13.07
C PHE A 758 20.11 14.56 12.52
N ARG A 759 20.97 15.58 12.54
CA ARG A 759 20.66 16.83 11.85
C ARG A 759 20.71 16.55 10.34
N PHE A 760 19.78 17.12 9.60
CA PHE A 760 19.67 16.86 8.15
C PHE A 760 20.17 18.08 7.39
N ASN A 761 21.27 17.90 6.70
CA ASN A 761 21.90 18.96 5.91
C ASN A 761 21.63 18.69 4.44
N SER A 762 21.34 19.72 3.67
CA SER A 762 21.09 19.49 2.23
C SER A 762 21.74 20.56 1.35
N PRO A 763 23.05 20.44 1.18
CA PRO A 763 23.82 21.47 0.47
C PRO A 763 23.76 21.28 -1.04
N HIS A 764 24.29 22.23 -1.79
CA HIS A 764 24.23 22.19 -3.25
C HIS A 764 25.47 21.56 -3.85
N SER A 765 25.30 20.79 -4.92
CA SER A 765 26.37 19.97 -5.50
C SER A 765 27.04 20.60 -6.72
N ARG A 766 28.33 20.34 -6.89
CA ARG A 766 29.00 20.70 -8.15
C ARG A 766 28.39 20.00 -9.40
N HIS A 767 27.63 18.92 -9.20
CA HIS A 767 27.18 18.09 -10.32
C HIS A 767 25.82 18.43 -10.92
N SER A 768 25.21 19.51 -10.45
CA SER A 768 23.96 19.96 -11.02
C SER A 768 23.73 21.43 -10.73
N VAL A 769 22.76 22.02 -11.42
CA VAL A 769 22.22 23.30 -11.00
C VAL A 769 20.80 23.03 -10.52
N HIS A 770 20.61 23.01 -9.20
CA HIS A 770 19.35 22.55 -8.65
C HIS A 770 18.90 21.24 -9.33
N SER A 771 17.65 21.14 -9.75
CA SER A 771 17.23 19.86 -10.33
C SER A 771 17.78 19.72 -11.74
N THR A 772 18.02 20.84 -12.39
CA THR A 772 18.50 20.79 -13.78
C THR A 772 19.92 20.20 -13.81
N PHE A 773 20.16 19.31 -14.78
CA PHE A 773 21.40 18.52 -14.90
C PHE A 773 21.50 17.39 -13.89
N LYS A 774 20.55 17.26 -12.95
CA LYS A 774 20.55 16.08 -12.06
C LYS A 774 20.48 14.82 -12.92
N ASP A 775 19.64 14.85 -13.95
CA ASP A 775 19.35 13.65 -14.70
C ASP A 775 20.25 13.55 -15.95
N ASN A 776 21.23 14.44 -16.06
CA ASN A 776 22.15 14.41 -17.21
C ASN A 776 23.06 13.19 -17.18
N VAL A 777 23.10 12.45 -18.29
CA VAL A 777 23.75 11.15 -18.25
C VAL A 777 25.23 11.29 -17.95
N LEU A 778 25.88 12.26 -18.61
CA LEU A 778 27.29 12.49 -18.36
C LEU A 778 27.56 12.93 -16.91
N MET A 779 26.79 13.87 -16.37
CA MET A 779 26.94 14.25 -14.96
C MET A 779 26.82 13.03 -14.05
N LEU A 780 25.88 12.14 -14.37
CA LEU A 780 25.66 10.98 -13.51
C LEU A 780 26.85 10.03 -13.64
N ARG A 781 27.46 9.96 -14.81
CA ARG A 781 28.61 9.07 -14.97
C ARG A 781 29.86 9.55 -14.21
N LEU A 782 29.92 10.84 -13.86
CA LEU A 782 31.01 11.40 -13.07
C LEU A 782 30.71 11.40 -11.56
N GLN A 783 29.64 10.71 -11.19
CA GLN A 783 29.29 10.40 -9.81
C GLN A 783 29.19 8.88 -9.61
N ARG A 784 28.09 8.41 -9.03
CA ARG A 784 27.83 6.99 -8.90
C ARG A 784 26.47 6.58 -9.49
N GLY A 785 26.02 7.34 -10.50
CA GLY A 785 24.84 7.02 -11.27
C GLY A 785 23.50 7.43 -10.65
N GLY A 786 23.53 8.18 -9.55
CA GLY A 786 22.28 8.58 -8.91
C GLY A 786 22.44 9.48 -7.70
N PRO A 787 21.32 9.84 -7.06
CA PRO A 787 21.41 10.75 -5.91
C PRO A 787 22.21 10.14 -4.75
N SER A 788 22.67 10.99 -3.84
CA SER A 788 23.55 10.52 -2.78
C SER A 788 23.24 11.16 -1.44
N ILE A 789 23.45 10.40 -0.37
CA ILE A 789 23.39 10.96 0.98
C ILE A 789 24.64 10.54 1.74
N GLU A 790 25.22 11.50 2.43
CA GLU A 790 26.51 11.31 3.08
C GLU A 790 26.41 11.17 4.59
N MET A 791 27.20 10.24 5.11
CA MET A 791 27.28 9.90 6.53
C MET A 791 28.72 9.77 6.98
N SER A 792 29.02 10.20 8.21
CA SER A 792 30.27 9.85 8.85
C SER A 792 30.39 8.35 9.09
N PRO A 793 31.61 7.81 8.97
CA PRO A 793 31.85 6.40 9.31
C PRO A 793 31.51 6.06 10.77
N LEU A 794 31.64 7.06 11.63
CA LEU A 794 31.35 6.88 13.06
C LEU A 794 29.87 6.66 13.36
N ASP A 795 29.01 7.01 12.42
CA ASP A 795 27.58 6.79 12.56
C ASP A 795 27.13 5.59 11.73
N ALA A 796 27.85 5.34 10.64
CA ALA A 796 27.46 4.29 9.71
C ALA A 796 27.84 2.90 10.25
N LYS A 797 29.03 2.77 10.84
CA LYS A 797 29.48 1.48 11.32
C LYS A 797 28.54 0.86 12.36
N PRO A 798 28.19 1.58 13.43
CA PRO A 798 27.27 0.94 14.37
C PRO A 798 25.93 0.57 13.75
N LEU A 799 25.53 1.29 12.69
CA LEU A 799 24.24 1.03 12.05
C LEU A 799 24.34 -0.10 11.01
N GLY A 800 25.53 -0.67 10.85
CA GLY A 800 25.74 -1.75 9.89
C GLY A 800 25.73 -1.27 8.44
N ILE A 801 25.95 0.03 8.24
CA ILE A 801 25.88 0.63 6.90
C ILE A 801 27.25 0.66 6.20
N LYS A 802 27.29 0.16 4.98
CA LYS A 802 28.50 0.19 4.14
C LYS A 802 28.41 1.26 3.04
N ASP A 803 29.57 1.76 2.57
CA ASP A 803 29.60 2.70 1.45
C ASP A 803 28.78 2.14 0.27
N ASN A 804 27.83 2.95 -0.17
CA ASN A 804 26.94 2.71 -1.31
C ASN A 804 25.78 1.78 -0.99
N ASP A 805 25.62 1.40 0.27
CA ASP A 805 24.36 0.75 0.69
C ASP A 805 23.16 1.69 0.50
N TRP A 806 21.98 1.11 0.33
CA TRP A 806 20.75 1.90 0.39
C TRP A 806 20.51 2.29 1.85
N VAL A 807 20.05 3.52 2.09
CA VAL A 807 19.69 3.86 3.47
C VAL A 807 18.39 4.61 3.49
N GLU A 808 17.75 4.55 4.65
CA GLU A 808 16.41 5.08 4.84
C GLU A 808 16.47 6.20 5.88
N ALA A 809 15.97 7.37 5.50
CA ALA A 809 15.97 8.52 6.38
C ALA A 809 14.53 9.03 6.53
N TRP A 810 14.11 9.26 7.76
CA TRP A 810 12.72 9.61 7.98
C TRP A 810 12.53 10.45 9.22
N ASN A 811 11.35 11.11 9.26
CA ASN A 811 10.86 11.79 10.45
C ASN A 811 9.31 11.81 10.35
N ASN A 812 8.61 12.62 11.15
CA ASN A 812 7.14 12.65 11.07
C ASN A 812 6.61 13.18 9.75
N HIS A 813 7.48 13.80 8.95
CA HIS A 813 7.02 14.44 7.71
C HIS A 813 7.08 13.54 6.50
N GLY A 814 7.94 12.53 6.56
CA GLY A 814 8.21 11.76 5.37
C GLY A 814 9.43 10.87 5.52
N LYS A 815 9.83 10.27 4.41
CA LYS A 815 10.81 9.20 4.36
C LYS A 815 11.49 9.23 3.00
N VAL A 816 12.80 8.97 2.96
CA VAL A 816 13.52 8.88 1.70
C VAL A 816 14.52 7.72 1.73
N ILE A 817 14.64 7.02 0.61
CA ILE A 817 15.55 5.91 0.53
C ILE A 817 16.54 6.18 -0.61
N CYS A 818 17.80 6.23 -0.26
CA CYS A 818 18.86 6.75 -1.14
C CYS A 818 20.15 6.03 -0.87
N ARG A 819 20.96 5.80 -1.89
CA ARG A 819 22.23 5.15 -1.65
C ARG A 819 23.19 6.09 -0.86
N VAL A 820 23.93 5.50 0.07
CA VAL A 820 24.80 6.29 0.96
C VAL A 820 26.24 6.44 0.44
N LYS A 821 26.88 7.54 0.81
CA LYS A 821 28.31 7.70 0.62
C LYS A 821 28.94 7.99 1.97
N ILE A 822 29.84 7.12 2.39
CA ILE A 822 30.49 7.29 3.65
C ILE A 822 31.68 8.19 3.42
N ARG A 823 31.73 9.29 4.15
CA ARG A 823 32.80 10.23 3.94
C ARG A 823 33.36 10.68 5.30
N ASN A 824 34.67 10.48 5.49
CA ASN A 824 35.33 10.80 6.75
C ASN A 824 35.19 12.27 7.10
N GLY A 825 35.13 13.14 6.10
CA GLY A 825 35.09 14.57 6.35
C GLY A 825 33.75 15.09 6.84
N GLU A 826 32.73 14.24 6.78
CA GLU A 826 31.41 14.56 7.32
C GLU A 826 31.45 14.53 8.86
N GLN A 827 30.76 15.46 9.53
CA GLN A 827 30.74 15.51 11.01
C GLN A 827 29.75 14.50 11.61
N ARG A 828 30.14 13.74 12.62
CA ARG A 828 29.19 12.79 13.21
C ARG A 828 28.00 13.49 13.86
N GLY A 829 26.85 12.85 13.78
CA GLY A 829 25.64 13.46 14.27
C GLY A 829 24.83 14.09 13.16
N ARG A 830 25.39 14.17 11.96
CA ARG A 830 24.57 14.64 10.86
C ARG A 830 24.75 13.88 9.55
N VAL A 831 23.76 14.02 8.69
CA VAL A 831 23.81 13.44 7.37
C VAL A 831 23.61 14.56 6.35
N SER A 832 24.26 14.44 5.20
CA SER A 832 24.12 15.44 4.15
C SER A 832 23.57 14.81 2.89
N MET A 833 22.46 15.32 2.40
CA MET A 833 21.92 14.86 1.14
C MET A 833 21.90 16.02 0.15
N TRP A 834 22.71 15.92 -0.91
CA TRP A 834 22.73 16.93 -1.98
C TRP A 834 21.30 17.26 -2.41
N HIS A 835 20.95 18.54 -2.38
CA HIS A 835 19.52 18.89 -2.36
C HIS A 835 18.75 18.48 -3.62
N CYS A 836 17.49 18.11 -3.41
CA CYS A 836 16.47 17.94 -4.45
C CYS A 836 16.93 17.24 -5.74
N PRO A 837 17.41 15.99 -5.60
CA PRO A 837 17.43 15.21 -6.84
C PRO A 837 15.98 15.07 -7.34
N GLU A 838 15.78 14.83 -8.64
CA GLU A 838 14.42 14.64 -9.19
C GLU A 838 13.77 13.38 -8.62
N LEU A 839 12.47 13.43 -8.43
CA LEU A 839 11.74 12.30 -7.85
C LEU A 839 11.90 11.02 -8.65
N TYR A 840 12.07 11.14 -9.96
CA TYR A 840 12.09 9.97 -10.84
C TYR A 840 13.47 9.32 -10.98
N MET A 841 14.46 9.82 -10.24
CA MET A 841 15.81 9.33 -10.37
C MET A 841 16.04 8.09 -9.49
N ASP A 842 17.30 7.77 -9.18
CA ASP A 842 17.60 6.54 -8.45
C ASP A 842 17.32 6.61 -6.95
N LEU A 843 16.03 6.67 -6.61
CA LEU A 843 15.56 6.71 -5.23
C LEU A 843 14.50 5.62 -5.07
N LEU A 844 14.50 4.89 -3.96
CA LEU A 844 13.52 3.81 -3.82
C LEU A 844 12.18 4.39 -3.31
N THR A 845 12.21 5.58 -2.72
CA THR A 845 11.01 6.33 -2.34
C THR A 845 11.38 7.74 -1.88
N GLY A 846 10.46 8.68 -2.07
CA GLY A 846 10.61 10.04 -1.57
C GLY A 846 11.79 10.79 -2.19
N GLY A 847 12.16 11.90 -1.57
CA GLY A 847 13.24 12.74 -2.07
C GLY A 847 13.72 13.57 -0.89
N SER A 848 14.63 14.52 -1.11
CA SER A 848 15.15 15.28 0.03
C SER A 848 14.06 16.14 0.70
N GLN A 849 13.03 16.54 -0.04
CA GLN A 849 12.03 17.42 0.53
C GLN A 849 10.96 16.65 1.31
N SER A 850 10.96 15.32 1.17
CA SER A 850 9.99 14.50 1.89
C SER A 850 10.14 14.66 3.41
N VAL A 851 11.37 14.88 3.88
CA VAL A 851 11.62 14.94 5.32
C VAL A 851 11.65 16.38 5.86
N CYS A 852 11.34 17.35 4.99
CA CYS A 852 11.32 18.76 5.39
C CYS A 852 9.91 19.27 5.46
N PRO A 853 9.54 19.88 6.59
CA PRO A 853 8.29 20.63 6.63
C PRO A 853 8.48 22.02 6.02
N VAL A 854 7.46 22.86 6.16
CA VAL A 854 7.67 24.29 5.97
C VAL A 854 7.55 24.91 7.36
N ARG A 855 8.55 25.71 7.74
CA ARG A 855 8.49 26.39 9.03
C ARG A 855 8.58 27.93 8.87
N ILE A 856 7.83 28.67 9.68
CA ILE A 856 7.81 30.12 9.59
C ILE A 856 8.22 30.76 10.93
N ASN A 857 9.37 31.44 10.94
CA ASN A 857 9.86 32.24 12.08
C ASN A 857 9.05 33.54 12.20
N PRO A 858 8.39 33.75 13.37
CA PRO A 858 7.53 34.92 13.62
C PRO A 858 8.17 36.29 13.29
N THR A 859 9.46 36.46 13.58
CA THR A 859 10.15 37.70 13.28
C THR A 859 10.05 38.03 11.79
N ASN A 860 9.99 37.00 10.94
CA ASN A 860 9.83 37.23 9.49
C ASN A 860 8.41 37.64 9.08
N LEU A 861 7.47 37.71 10.03
CA LEU A 861 6.09 38.10 9.70
C LEU A 861 5.75 39.54 10.11
N VAL A 862 6.70 40.19 10.77
CA VAL A 862 6.55 41.58 11.17
C VAL A 862 6.51 42.50 9.97
N GLY A 863 5.46 43.30 9.89
CA GLY A 863 5.22 44.09 8.70
C GLY A 863 4.75 45.49 9.02
N ASN A 864 5.03 45.95 10.24
CA ASN A 864 4.55 47.26 10.68
C ASN A 864 5.58 48.02 11.51
N TYR A 865 6.85 47.86 11.18
CA TYR A 865 7.93 48.43 11.98
C TYR A 865 9.00 49.04 11.08
N GLY A 866 8.76 50.28 10.67
CA GLY A 866 9.67 51.02 9.81
C GLY A 866 9.91 50.34 8.48
N HIS A 867 11.17 49.98 8.26
CA HIS A 867 11.62 49.28 7.06
C HIS A 867 11.15 47.82 6.96
N LEU A 868 10.55 47.30 8.03
CA LEU A 868 9.98 45.94 8.01
C LEU A 868 8.52 46.01 7.66
N PHE A 869 8.25 45.78 6.38
CA PHE A 869 6.91 45.73 5.83
C PHE A 869 6.95 44.68 4.70
N PHE A 870 5.80 44.22 4.23
CA PHE A 870 5.81 43.29 3.09
C PHE A 870 5.97 44.00 1.75
N ARG A 871 6.91 43.50 0.96
CA ARG A 871 7.06 43.81 -0.45
C ARG A 871 7.63 42.52 -1.02
N PRO A 872 7.14 42.08 -2.17
CA PRO A 872 7.57 40.77 -2.65
C PRO A 872 9.09 40.72 -2.84
N ASN A 873 9.71 39.71 -2.23
CA ASN A 873 11.13 39.48 -2.30
C ASN A 873 11.92 40.55 -1.55
N TYR A 874 11.23 41.44 -0.85
CA TYR A 874 11.93 42.42 -0.01
C TYR A 874 11.95 41.93 1.44
N TYR A 875 10.78 41.49 1.92
CA TYR A 875 10.68 40.95 3.27
C TYR A 875 9.53 39.93 3.29
N GLY A 876 9.68 38.91 4.13
CA GLY A 876 8.74 37.80 4.18
C GLY A 876 9.37 36.59 4.83
N PRO A 877 8.54 35.60 5.19
CA PRO A 877 9.03 34.39 5.84
C PRO A 877 9.96 33.57 4.94
N ALA A 878 11.15 33.26 5.47
CA ALA A 878 12.12 32.41 4.77
C ALA A 878 11.70 30.95 4.85
N GLY A 879 11.85 30.22 3.75
CA GLY A 879 11.64 28.78 3.80
C GLY A 879 12.89 28.07 4.26
N SER A 880 13.21 28.16 5.55
CA SER A 880 14.34 27.42 6.12
C SER A 880 14.14 25.90 6.13
N GLN A 881 15.21 25.13 6.05
CA GLN A 881 15.16 23.69 6.13
C GLN A 881 16.31 23.04 6.84
N ARG A 882 17.22 23.79 7.41
CA ARG A 882 18.41 23.18 8.01
C ARG A 882 18.23 22.71 9.45
N ASP A 883 17.17 23.16 10.11
CA ASP A 883 16.89 22.72 11.47
C ASP A 883 16.38 21.27 11.51
N VAL A 884 15.88 20.79 10.36
CA VAL A 884 15.36 19.44 10.21
C VAL A 884 16.25 18.36 10.80
N ARG A 885 15.64 17.45 11.55
CA ARG A 885 16.33 16.25 11.99
C ARG A 885 15.61 14.98 11.48
N VAL A 886 16.36 13.88 11.38
CA VAL A 886 15.84 12.62 10.83
C VAL A 886 16.50 11.43 11.54
N ASN A 887 15.92 10.25 11.38
CA ASN A 887 16.63 9.05 11.78
C ASN A 887 17.13 8.39 10.52
N VAL A 888 18.14 7.55 10.67
CA VAL A 888 18.69 6.81 9.55
C VAL A 888 18.84 5.31 9.88
N LYS A 889 18.59 4.45 8.91
CA LYS A 889 18.91 3.02 9.09
C LYS A 889 19.27 2.41 7.74
N ARG A 890 19.92 1.26 7.79
CA ARG A 890 20.19 0.48 6.58
C ARG A 890 18.89 -0.05 5.96
N TYR A 891 18.69 0.20 4.67
CA TYR A 891 17.62 -0.45 3.92
C TYR A 891 18.04 -1.89 3.58
N ILE A 892 17.19 -2.86 3.94
CA ILE A 892 17.56 -4.28 3.80
C ILE A 892 16.80 -5.03 2.71
N GLY A 893 15.96 -4.33 1.94
CA GLY A 893 15.33 -4.97 0.79
C GLY A 893 16.28 -5.25 -0.36
N ALA A 894 17.47 -4.67 -0.31
CA ALA A 894 18.48 -4.82 -1.37
C ALA A 894 19.87 -4.45 -0.84
N THR A 895 20.70 -5.47 -0.65
CA THR A 895 22.06 -5.30 -0.15
C THR A 895 23.06 -5.91 -1.16
N PRO A 896 23.34 -5.21 -2.26
CA PRO A 896 24.22 -5.80 -3.26
C PRO A 896 25.67 -5.85 -2.80
N ILE A 897 26.42 -6.85 -3.24
CA ILE A 897 27.83 -6.96 -2.88
C ILE A 897 28.64 -6.06 -3.81
N SER A 898 29.84 -5.73 -3.36
CA SER A 898 30.70 -4.83 -4.12
C SER A 898 31.86 -5.59 -4.75
N PHE A 899 32.35 -5.09 -5.87
CA PHE A 899 33.61 -5.56 -6.46
C PHE A 899 34.07 -4.61 -7.58
N MET B 5 62.14 7.80 -33.18
CA MET B 5 62.41 8.95 -32.33
C MET B 5 62.46 10.28 -33.14
N LYS B 6 63.65 10.77 -33.49
CA LYS B 6 63.92 12.17 -33.80
C LYS B 6 63.23 13.10 -32.77
N ALA B 7 64.04 13.66 -31.87
CA ALA B 7 63.57 14.67 -30.92
C ALA B 7 62.79 15.78 -31.62
N PRO B 8 61.75 16.31 -30.97
CA PRO B 8 60.93 17.33 -31.64
C PRO B 8 61.62 18.69 -31.67
N ARG B 9 61.32 19.51 -32.67
CA ARG B 9 61.83 20.89 -32.70
C ARG B 9 61.36 21.76 -31.51
N ARG B 10 60.08 21.72 -31.18
CA ARG B 10 59.56 22.33 -29.94
C ARG B 10 58.74 21.28 -29.16
N GLN B 11 58.51 21.54 -27.87
CA GLN B 11 57.75 20.60 -27.03
C GLN B 11 56.65 21.28 -26.28
N LEU B 12 55.42 20.98 -26.69
CA LEU B 12 54.26 21.51 -25.98
C LEU B 12 54.32 21.03 -24.54
N THR B 13 54.11 21.95 -23.60
CA THR B 13 54.33 21.68 -22.20
C THR B 13 53.17 22.26 -21.38
N TYR B 14 52.72 21.48 -20.40
CA TYR B 14 51.59 21.88 -19.53
C TYR B 14 52.06 22.00 -18.10
N VAL B 15 51.49 22.95 -17.36
CA VAL B 15 51.69 23.01 -15.92
C VAL B 15 50.33 23.13 -15.26
N THR B 16 50.10 22.23 -14.31
CA THR B 16 48.87 22.14 -13.56
C THR B 16 49.14 22.62 -12.14
N ASP B 17 48.47 23.69 -11.74
CA ASP B 17 48.59 24.24 -10.38
C ASP B 17 47.60 23.58 -9.37
N LEU B 18 48.11 22.62 -8.61
CA LEU B 18 47.28 21.92 -7.65
C LEU B 18 46.81 22.85 -6.50
N ASN B 19 47.29 24.09 -6.47
CA ASN B 19 46.79 25.07 -5.50
C ASN B 19 45.48 25.66 -5.96
N LYS B 20 45.20 25.51 -7.24
CA LYS B 20 44.07 26.21 -7.82
C LYS B 20 42.94 25.28 -8.36
N CYS B 21 43.28 24.04 -8.67
CA CYS B 21 42.27 23.11 -9.17
C CYS B 21 41.17 22.91 -8.14
N ILE B 22 39.93 23.19 -8.54
CA ILE B 22 38.77 22.98 -7.67
C ILE B 22 37.99 21.70 -7.99
N GLY B 23 38.54 20.88 -8.87
CA GLY B 23 37.93 19.58 -9.14
C GLY B 23 36.50 19.65 -9.70
N CYS B 24 36.28 20.65 -10.55
CA CYS B 24 34.96 20.90 -11.09
C CYS B 24 34.67 20.04 -12.34
N GLN B 25 35.68 19.34 -12.85
CA GLN B 25 35.53 18.44 -14.00
C GLN B 25 35.11 19.16 -15.28
N THR B 26 35.26 20.48 -15.32
CA THR B 26 34.86 21.19 -16.51
C THR B 26 35.73 20.72 -17.66
N CYS B 27 37.02 20.54 -17.37
CA CYS B 27 37.99 20.16 -18.39
C CYS B 27 37.69 18.73 -18.90
N THR B 28 37.25 17.86 -17.99
CA THR B 28 36.85 16.51 -18.34
C THR B 28 35.67 16.54 -19.31
N VAL B 29 34.69 17.38 -19.03
CA VAL B 29 33.52 17.48 -19.89
C VAL B 29 33.90 18.08 -21.25
N ALA B 30 34.70 19.15 -21.27
CA ALA B 30 35.02 19.84 -22.52
C ALA B 30 35.75 18.95 -23.52
N CYS B 31 36.66 18.15 -23.01
CA CYS B 31 37.43 17.24 -23.86
C CYS B 31 36.53 16.15 -24.44
N LYS B 32 35.61 15.66 -23.62
CA LYS B 32 34.71 14.57 -24.04
C LYS B 32 33.79 15.04 -25.15
N LYS B 33 33.19 16.21 -24.96
CA LYS B 33 32.25 16.75 -25.92
C LYS B 33 32.94 17.27 -27.18
N LEU B 34 34.27 17.34 -27.15
CA LEU B 34 35.02 17.74 -28.34
C LEU B 34 35.57 16.53 -29.11
N TRP B 35 36.17 15.55 -28.42
CA TRP B 35 36.86 14.49 -29.11
C TRP B 35 36.38 13.06 -28.87
N THR B 36 35.63 12.81 -27.80
CA THR B 36 35.32 11.41 -27.53
C THR B 36 33.82 11.13 -27.49
N THR B 37 33.05 11.78 -28.37
CA THR B 37 31.62 11.49 -28.43
C THR B 37 31.33 10.40 -29.48
N GLY B 38 32.38 9.84 -30.06
CA GLY B 38 32.27 8.80 -31.07
C GLY B 38 31.90 7.38 -30.63
N PRO B 39 31.77 6.46 -31.60
CA PRO B 39 31.41 5.07 -31.30
C PRO B 39 32.51 4.36 -30.52
N GLY B 40 32.09 3.63 -29.50
CA GLY B 40 33.02 2.94 -28.62
C GLY B 40 33.72 3.81 -27.58
N GLN B 41 33.59 5.12 -27.64
CA GLN B 41 34.33 6.01 -26.73
C GLN B 41 33.59 6.45 -25.41
N ASP B 42 32.42 5.88 -25.11
CA ASP B 42 31.67 6.37 -23.96
C ASP B 42 32.41 6.22 -22.60
N PHE B 43 33.24 5.18 -22.47
CA PHE B 43 33.97 4.91 -21.24
C PHE B 43 35.32 5.65 -21.16
N MET B 44 35.67 6.38 -22.21
CA MET B 44 36.99 7.02 -22.34
C MET B 44 37.02 8.47 -21.88
N TYR B 45 37.94 8.77 -20.96
CA TYR B 45 38.09 10.15 -20.53
C TYR B 45 39.53 10.56 -20.72
N TRP B 46 39.86 11.04 -21.92
CA TRP B 46 41.25 11.38 -22.28
C TRP B 46 41.80 12.31 -21.24
N ARG B 47 40.95 13.26 -20.87
CA ARG B 47 41.18 14.11 -19.72
C ARG B 47 40.33 13.60 -18.56
N ASN B 48 40.94 13.28 -17.44
CA ASN B 48 40.12 13.08 -16.22
C ASN B 48 40.72 13.75 -14.97
N VAL B 49 39.90 13.84 -13.93
CA VAL B 49 40.28 14.44 -12.67
C VAL B 49 39.91 13.50 -11.52
N GLU B 50 40.89 13.15 -10.71
CA GLU B 50 40.69 12.19 -9.65
C GLU B 50 40.97 12.84 -8.33
N THR B 51 40.33 12.32 -7.29
CA THR B 51 40.62 12.71 -5.94
C THR B 51 41.87 11.96 -5.47
N ALA B 52 42.78 12.68 -4.86
CA ALA B 52 43.95 12.04 -4.27
C ALA B 52 43.96 12.32 -2.76
N PRO B 53 44.10 11.27 -1.94
CA PRO B 53 44.30 9.90 -2.42
C PRO B 53 43.01 9.23 -2.88
N GLY B 54 43.12 8.17 -3.67
CA GLY B 54 41.96 7.44 -4.15
C GLY B 54 42.37 6.37 -5.14
N LEU B 55 41.37 5.75 -5.77
CA LEU B 55 41.61 4.65 -6.70
C LEU B 55 42.10 5.17 -8.07
N GLY B 56 41.64 6.36 -8.43
CA GLY B 56 41.92 6.93 -9.73
C GLY B 56 41.09 6.28 -10.84
N TYR B 57 41.40 6.68 -12.06
CA TYR B 57 40.74 6.14 -13.24
C TYR B 57 41.76 5.71 -14.27
N PRO B 58 41.79 4.43 -14.65
CA PRO B 58 40.99 3.33 -14.09
C PRO B 58 41.47 2.95 -12.68
N ARG B 59 40.62 2.28 -11.91
CA ARG B 59 40.94 1.89 -10.54
C ARG B 59 42.34 1.28 -10.45
N ASN B 60 43.13 1.74 -9.47
CA ASN B 60 44.49 1.23 -9.23
C ASN B 60 45.42 1.32 -10.44
N TRP B 61 45.24 2.35 -11.25
CA TRP B 61 46.10 2.52 -12.39
C TRP B 61 47.57 2.71 -12.00
N GLN B 62 47.84 3.21 -10.79
CA GLN B 62 49.23 3.50 -10.42
C GLN B 62 50.05 2.24 -10.20
N THR B 63 49.40 1.07 -10.13
CA THR B 63 50.13 -0.21 -10.07
C THR B 63 49.86 -1.13 -11.28
N LYS B 64 49.48 -0.56 -12.41
CA LYS B 64 49.20 -1.36 -13.59
C LYS B 64 50.50 -1.78 -14.29
N GLY B 65 51.58 -1.04 -14.07
CA GLY B 65 52.86 -1.36 -14.67
C GLY B 65 52.99 -0.70 -16.04
N GLY B 66 54.20 -0.75 -16.60
CA GLY B 66 54.48 -0.03 -17.83
C GLY B 66 55.65 0.90 -17.63
N GLY B 67 55.91 1.74 -18.64
CA GLY B 67 57.05 2.63 -18.57
C GLY B 67 58.38 1.87 -18.65
N TYR B 68 59.40 2.44 -18.02
CA TYR B 68 60.77 1.95 -18.14
C TYR B 68 61.42 1.61 -16.80
N LYS B 69 62.26 0.60 -16.81
CA LYS B 69 63.02 0.23 -15.65
C LYS B 69 64.45 0.00 -16.12
N ASN B 70 65.35 0.90 -15.68
CA ASN B 70 66.75 0.92 -16.13
C ASN B 70 66.85 0.93 -17.65
N GLY B 71 66.05 1.75 -18.31
CA GLY B 71 66.02 1.78 -19.76
C GLY B 71 65.27 0.64 -20.45
N GLU B 72 64.91 -0.40 -19.71
CA GLU B 72 64.19 -1.53 -20.31
C GLU B 72 62.66 -1.27 -20.37
N LEU B 73 62.10 -1.26 -21.57
CA LEU B 73 60.64 -1.14 -21.74
C LEU B 73 59.88 -2.17 -20.90
N GLN B 74 58.88 -1.71 -20.15
CA GLN B 74 58.08 -2.62 -19.33
C GLN B 74 56.73 -2.92 -19.99
N LYS B 75 56.25 -4.14 -19.77
CA LYS B 75 54.94 -4.54 -20.25
C LYS B 75 54.05 -4.69 -19.03
N GLY B 76 53.04 -3.83 -18.90
CA GLY B 76 52.14 -3.86 -17.77
C GLY B 76 50.84 -4.56 -18.08
N LYS B 77 49.83 -4.38 -17.23
CA LYS B 77 48.55 -5.04 -17.41
C LYS B 77 47.65 -4.27 -18.38
N ILE B 78 46.62 -4.94 -18.86
CA ILE B 78 45.55 -4.28 -19.59
C ILE B 78 44.37 -4.22 -18.64
N PRO B 79 43.95 -3.03 -18.26
CA PRO B 79 42.88 -2.90 -17.27
C PRO B 79 41.59 -3.50 -17.81
N PRO B 80 40.86 -4.29 -17.02
CA PRO B 80 39.52 -4.75 -17.44
C PRO B 80 38.49 -3.60 -17.41
N MET B 81 37.44 -3.73 -18.21
CA MET B 81 36.46 -2.65 -18.41
C MET B 81 35.85 -2.13 -17.11
N ILE B 82 35.66 -3.03 -16.16
CA ILE B 82 35.09 -2.64 -14.88
C ILE B 82 36.01 -1.72 -14.09
N ASP B 83 37.31 -1.72 -14.39
CA ASP B 83 38.19 -0.79 -13.69
C ASP B 83 38.06 0.63 -14.26
N TYR B 84 37.56 0.73 -15.49
CA TYR B 84 37.26 2.02 -16.09
C TYR B 84 35.88 2.52 -15.67
N GLY B 85 34.97 1.56 -15.45
CA GLY B 85 33.57 1.84 -15.22
C GLY B 85 32.74 1.63 -16.46
N ILE B 86 31.81 0.68 -16.41
CA ILE B 86 30.79 0.58 -17.43
C ILE B 86 29.94 1.85 -17.38
N PRO B 87 29.95 2.65 -18.45
CA PRO B 87 29.18 3.90 -18.42
C PRO B 87 27.67 3.67 -18.15
N PHE B 88 27.17 4.24 -17.07
CA PHE B 88 25.78 4.07 -16.70
C PHE B 88 24.84 4.52 -17.81
N GLU B 89 23.79 3.74 -18.00
CA GLU B 89 22.75 4.04 -18.96
C GLU B 89 21.38 4.01 -18.29
N PHE B 90 20.44 4.73 -18.89
CA PHE B 90 19.14 5.05 -18.26
C PHE B 90 17.97 5.02 -19.28
N ASP B 91 16.78 4.61 -18.83
CA ASP B 91 15.58 4.65 -19.69
C ASP B 91 14.62 5.73 -19.18
N TYR B 92 14.92 6.97 -19.55
CA TYR B 92 14.11 8.13 -19.19
C TYR B 92 12.80 8.12 -19.95
N ALA B 93 12.85 7.68 -21.21
CA ALA B 93 11.67 7.72 -22.06
C ALA B 93 10.51 6.98 -21.43
N GLY B 94 10.80 5.80 -20.90
CA GLY B 94 9.76 4.93 -20.36
C GLY B 94 9.01 5.53 -19.22
N ARG B 95 9.73 6.20 -18.32
CA ARG B 95 9.14 6.77 -17.11
C ARG B 95 8.51 8.15 -17.34
N LEU B 96 9.14 8.97 -18.18
CA LEU B 96 8.71 10.36 -18.35
C LEU B 96 7.62 10.49 -19.39
N PHE B 97 7.70 9.65 -20.42
CA PHE B 97 6.82 9.79 -21.56
C PHE B 97 5.91 8.58 -21.87
N GLU B 98 6.28 7.39 -21.40
CA GLU B 98 5.60 6.17 -21.80
C GLU B 98 4.82 5.49 -20.69
N GLY B 99 4.70 6.13 -19.55
CA GLY B 99 3.93 5.59 -18.45
C GLY B 99 4.45 4.33 -17.80
N LYS B 100 5.68 3.94 -18.11
CA LYS B 100 6.30 2.80 -17.43
C LYS B 100 6.52 3.13 -15.94
N PRO B 101 6.18 2.23 -15.04
CA PRO B 101 6.48 2.61 -13.65
C PRO B 101 7.92 2.25 -13.26
N GLY B 102 8.34 2.69 -12.09
CA GLY B 102 9.69 2.36 -11.67
C GLY B 102 10.70 3.46 -11.91
N ARG B 103 11.63 3.59 -10.98
CA ARG B 103 12.59 4.67 -11.02
C ARG B 103 13.49 4.49 -12.24
N VAL B 104 14.03 5.61 -12.75
CA VAL B 104 15.01 5.54 -13.83
C VAL B 104 16.38 5.19 -13.23
N ARG B 105 16.54 3.91 -12.91
CA ARG B 105 17.77 3.41 -12.32
C ARG B 105 18.93 3.41 -13.32
N PRO B 106 20.16 3.49 -12.81
CA PRO B 106 21.35 3.23 -13.64
C PRO B 106 21.56 1.74 -13.86
N SER B 107 21.93 1.39 -15.09
CA SER B 107 22.42 0.05 -15.42
C SER B 107 23.83 0.20 -15.94
N PRO B 108 24.76 -0.61 -15.44
CA PRO B 108 24.56 -1.68 -14.45
C PRO B 108 24.44 -1.15 -13.02
N THR B 109 24.15 -2.06 -12.09
CA THR B 109 24.25 -1.76 -10.67
C THR B 109 25.57 -1.04 -10.40
N PRO B 110 25.50 0.19 -9.87
CA PRO B 110 26.77 0.92 -9.70
C PRO B 110 27.72 0.21 -8.76
N ARG B 111 28.92 -0.09 -9.26
CA ARG B 111 29.99 -0.68 -8.44
C ARG B 111 31.33 0.03 -8.65
N SER B 112 31.49 0.69 -9.80
CA SER B 112 32.70 1.41 -10.12
C SER B 112 32.39 2.48 -11.13
N ALA B 113 33.28 3.47 -11.22
CA ALA B 113 33.09 4.65 -12.07
C ALA B 113 34.34 5.52 -11.98
N PRO B 114 34.59 6.33 -13.03
CA PRO B 114 35.83 7.12 -13.09
C PRO B 114 36.05 8.08 -11.90
N ASN B 115 34.98 8.60 -11.28
CA ASN B 115 35.11 9.56 -10.18
C ASN B 115 34.41 9.03 -8.93
N TRP B 116 34.35 7.71 -8.83
CA TRP B 116 33.60 7.01 -7.78
C TRP B 116 33.96 7.46 -6.38
N ASP B 117 35.22 7.76 -6.12
CA ASP B 117 35.58 8.04 -4.74
C ASP B 117 35.92 9.54 -4.52
N GLU B 118 35.25 10.38 -5.29
CA GLU B 118 35.33 11.83 -5.14
C GLU B 118 35.21 12.30 -3.70
N ASP B 119 36.19 13.11 -3.29
CA ASP B 119 36.21 13.79 -2.01
C ASP B 119 36.24 12.86 -0.78
N GLN B 120 36.69 11.63 -0.95
CA GLN B 120 36.79 10.71 0.17
C GLN B 120 38.20 10.71 0.75
N GLY B 121 39.21 10.62 -0.12
CA GLY B 121 40.59 10.74 0.32
C GLY B 121 40.94 9.91 1.53
N ALA B 122 41.72 10.46 2.46
CA ALA B 122 42.24 9.65 3.57
C ALA B 122 42.36 10.42 4.91
N GLY B 123 42.32 9.69 6.01
CA GLY B 123 42.43 10.29 7.33
C GLY B 123 41.09 10.42 8.04
N GLU B 124 41.10 10.34 9.37
CA GLU B 124 39.89 10.46 10.16
C GLU B 124 39.71 11.90 10.61
N TYR B 125 38.46 12.37 10.62
CA TYR B 125 38.05 13.65 11.18
C TYR B 125 38.77 13.85 12.52
N PRO B 126 39.35 15.04 12.75
CA PRO B 126 39.31 16.21 11.86
C PRO B 126 40.55 16.37 11.01
N ASN B 127 41.15 15.25 10.66
CA ASN B 127 42.33 15.30 9.80
C ASN B 127 42.16 14.47 8.53
N ASN B 128 40.94 14.56 7.97
CA ASN B 128 40.68 14.01 6.65
C ASN B 128 41.38 14.90 5.63
N SER B 129 41.96 14.28 4.60
CA SER B 129 42.59 15.09 3.57
C SER B 129 42.45 14.50 2.17
N PHE B 130 42.32 15.42 1.20
CA PHE B 130 42.31 15.10 -0.24
C PHE B 130 42.57 16.36 -1.05
N PHE B 131 43.07 16.21 -2.29
CA PHE B 131 43.09 17.31 -3.24
C PHE B 131 42.80 16.71 -4.63
N TYR B 132 42.78 17.55 -5.67
CA TYR B 132 42.41 17.08 -6.99
C TYR B 132 43.62 16.89 -7.92
N LEU B 133 43.60 15.80 -8.65
CA LEU B 133 44.67 15.48 -9.58
C LEU B 133 44.14 15.34 -11.01
N PRO B 134 44.18 16.42 -11.80
CA PRO B 134 43.82 16.30 -13.23
C PRO B 134 44.90 15.51 -13.97
N ARG B 135 44.49 14.68 -14.93
CA ARG B 135 45.45 13.89 -15.70
C ARG B 135 45.07 13.84 -17.17
N MET B 136 46.06 13.55 -17.99
CA MET B 136 45.90 13.52 -19.44
C MET B 136 47.04 12.67 -19.95
N CYS B 137 47.19 12.59 -21.27
CA CYS B 137 48.40 11.99 -21.82
C CYS B 137 49.56 12.97 -21.54
N ASN B 138 50.73 12.44 -21.25
CA ASN B 138 51.83 13.32 -20.83
C ASN B 138 52.78 13.74 -21.96
N HIS B 139 52.44 13.31 -23.17
CA HIS B 139 53.21 13.56 -24.38
C HIS B 139 54.67 13.51 -24.08
N CYS B 140 55.01 12.39 -23.44
CA CYS B 140 56.32 12.06 -22.94
C CYS B 140 57.44 12.28 -23.93
N THR B 141 58.57 12.69 -23.40
CA THR B 141 59.80 12.79 -24.20
C THR B 141 60.33 11.38 -24.51
N LYS B 142 60.00 10.42 -23.64
CA LYS B 142 60.31 9.01 -23.84
C LYS B 142 59.03 8.16 -23.84
N PRO B 143 58.18 8.33 -24.86
CA PRO B 143 56.87 7.68 -24.83
C PRO B 143 56.94 6.13 -24.88
N ALA B 144 56.59 5.50 -23.77
CA ALA B 144 56.56 4.03 -23.70
C ALA B 144 55.60 3.46 -24.74
N CYS B 145 54.44 4.08 -24.88
CA CYS B 145 53.42 3.59 -25.78
C CYS B 145 53.98 3.43 -27.19
N LEU B 146 54.77 4.43 -27.57
CA LEU B 146 55.22 4.57 -28.94
C LEU B 146 56.23 3.49 -29.27
N GLU B 147 57.17 3.23 -28.34
CA GLU B 147 58.15 2.16 -28.53
C GLU B 147 57.49 0.79 -28.56
N ALA B 148 56.40 0.63 -27.82
CA ALA B 148 55.79 -0.68 -27.66
C ALA B 148 54.99 -1.12 -28.90
N CYS B 149 54.48 -0.16 -29.67
CA CYS B 149 53.60 -0.50 -30.77
C CYS B 149 54.34 -1.27 -31.86
N PRO B 150 53.99 -2.55 -32.06
CA PRO B 150 54.62 -3.37 -33.10
C PRO B 150 54.27 -2.91 -34.50
N ASN B 151 53.34 -1.98 -34.64
CA ASN B 151 52.90 -1.51 -35.95
C ASN B 151 53.33 -0.10 -36.28
N GLU B 152 54.11 0.52 -35.40
CA GLU B 152 54.53 1.92 -35.53
C GLU B 152 53.37 2.82 -35.87
N ALA B 153 52.25 2.63 -35.18
CA ALA B 153 51.06 3.45 -35.43
C ALA B 153 51.14 4.76 -34.63
N ILE B 154 51.97 4.76 -33.60
CA ILE B 154 52.10 5.92 -32.73
C ILE B 154 53.34 6.74 -33.08
N TYR B 155 53.14 8.02 -33.33
CA TYR B 155 54.23 8.91 -33.70
C TYR B 155 54.25 10.18 -32.86
N LYS B 156 55.43 10.80 -32.78
CA LYS B 156 55.60 12.03 -32.05
C LYS B 156 55.80 13.17 -33.02
N ARG B 157 54.92 14.17 -33.01
CA ARG B 157 54.99 15.26 -33.98
C ARG B 157 56.22 16.11 -33.84
N GLU B 158 56.92 16.27 -34.94
CA GLU B 158 58.14 17.04 -34.98
C GLU B 158 57.94 18.49 -34.60
N GLN B 159 56.80 19.07 -35.01
CA GLN B 159 56.64 20.51 -34.81
C GLN B 159 56.33 20.89 -33.34
N ASP B 160 55.56 20.08 -32.61
CA ASP B 160 55.19 20.49 -31.24
C ASP B 160 55.34 19.39 -30.18
N GLY B 161 55.95 18.27 -30.54
CA GLY B 161 56.16 17.22 -29.56
C GLY B 161 54.91 16.44 -29.15
N ILE B 162 53.77 16.76 -29.73
CA ILE B 162 52.55 16.02 -29.43
C ILE B 162 52.58 14.58 -29.98
N VAL B 163 52.27 13.63 -29.10
CA VAL B 163 52.18 12.22 -29.45
C VAL B 163 50.77 11.81 -29.90
N VAL B 164 50.69 11.10 -31.03
CA VAL B 164 49.42 10.76 -31.67
C VAL B 164 49.38 9.29 -32.14
N ILE B 165 48.25 8.61 -31.88
CA ILE B 165 47.99 7.28 -32.44
C ILE B 165 47.35 7.46 -33.80
N HIS B 166 48.08 7.06 -34.83
CA HIS B 166 47.61 7.09 -36.21
C HIS B 166 46.52 6.04 -36.37
N GLN B 167 45.28 6.48 -36.60
CA GLN B 167 44.14 5.55 -36.62
C GLN B 167 44.16 4.59 -37.82
N ASP B 168 44.77 4.97 -38.95
CA ASP B 168 44.81 4.02 -40.07
C ASP B 168 45.90 2.98 -39.91
N LYS B 169 47.02 3.37 -39.29
CA LYS B 169 48.13 2.44 -39.03
C LYS B 169 47.84 1.48 -37.89
N CYS B 170 46.87 1.81 -37.06
CA CYS B 170 46.61 1.05 -35.86
C CYS B 170 45.80 -0.23 -36.16
N LYS B 171 46.31 -1.38 -35.72
CA LYS B 171 45.63 -2.66 -35.90
C LYS B 171 45.19 -3.31 -34.58
N GLY B 172 45.18 -2.54 -33.49
CA GLY B 172 44.64 -3.02 -32.23
C GLY B 172 45.50 -4.02 -31.49
N ALA B 173 46.81 -3.82 -31.51
CA ALA B 173 47.71 -4.75 -30.83
C ALA B 173 47.67 -4.58 -29.30
N GLN B 174 47.36 -3.37 -28.85
CA GLN B 174 47.21 -3.04 -27.42
C GLN B 174 48.50 -3.09 -26.60
N ALA B 175 49.64 -3.32 -27.25
CA ALA B 175 50.94 -3.14 -26.58
C ALA B 175 51.06 -1.78 -25.89
N CYS B 176 50.47 -0.76 -26.49
CA CYS B 176 50.56 0.58 -25.93
C CYS B 176 49.82 0.66 -24.58
N VAL B 177 48.64 0.05 -24.50
CA VAL B 177 47.86 0.01 -23.27
C VAL B 177 48.67 -0.75 -22.19
N GLN B 178 49.39 -1.81 -22.56
CA GLN B 178 50.21 -2.51 -21.57
C GLN B 178 51.33 -1.63 -21.05
N SER B 179 51.90 -0.84 -21.94
CA SER B 179 53.16 -0.14 -21.68
C SER B 179 53.07 1.29 -21.13
N CYS B 180 51.96 1.98 -21.40
CA CYS B 180 51.76 3.27 -20.74
C CYS B 180 51.45 3.08 -19.27
N PRO B 181 52.35 3.57 -18.40
CA PRO B 181 52.15 3.39 -16.96
C PRO B 181 51.10 4.37 -16.42
N TYR B 182 50.63 5.30 -17.25
CA TYR B 182 49.60 6.27 -16.84
C TYR B 182 48.20 5.81 -17.25
N ALA B 183 48.14 4.65 -17.92
CA ALA B 183 46.90 4.12 -18.48
C ALA B 183 46.12 5.14 -19.30
N LYS B 184 46.80 5.85 -20.18
CA LYS B 184 46.15 6.89 -20.98
C LYS B 184 45.80 6.54 -22.44
N PRO B 185 46.35 5.43 -23.02
CA PRO B 185 45.70 4.95 -24.26
C PRO B 185 44.49 4.02 -23.97
N TYR B 186 43.36 4.19 -24.66
CA TYR B 186 42.16 3.39 -24.37
C TYR B 186 41.78 2.53 -25.56
N PHE B 187 41.64 1.23 -25.35
CA PHE B 187 41.29 0.35 -26.46
C PHE B 187 39.80 0.46 -26.82
N ASN B 188 39.50 0.82 -28.06
CA ASN B 188 38.12 0.97 -28.53
C ASN B 188 37.56 -0.35 -29.07
N PRO B 189 36.74 -1.05 -28.28
CA PRO B 189 36.30 -2.41 -28.61
C PRO B 189 35.39 -2.46 -29.83
N LEU B 190 34.84 -1.31 -30.24
CA LEU B 190 34.03 -1.26 -31.45
C LEU B 190 34.84 -1.17 -32.74
N THR B 191 35.87 -0.33 -32.75
CA THR B 191 36.68 -0.08 -33.94
C THR B 191 37.96 -0.91 -33.90
N ASN B 192 38.29 -1.45 -32.74
CA ASN B 192 39.52 -2.21 -32.53
C ASN B 192 40.73 -1.30 -32.71
N LYS B 193 40.61 -0.06 -32.26
CA LYS B 193 41.73 0.89 -32.28
C LYS B 193 41.97 1.45 -30.90
N ALA B 194 43.23 1.76 -30.61
CA ALA B 194 43.54 2.55 -29.43
C ALA B 194 43.16 4.00 -29.70
N ASN B 195 42.56 4.66 -28.70
CA ASN B 195 42.30 6.10 -28.75
C ASN B 195 42.94 6.79 -27.54
N LYS B 196 43.48 7.99 -27.75
CA LYS B 196 44.00 8.81 -26.66
C LYS B 196 44.09 10.28 -27.02
N CYS B 197 44.28 11.07 -25.96
CA CYS B 197 44.51 12.51 -26.03
C CYS B 197 45.37 12.93 -27.22
N ILE B 198 44.90 13.90 -28.00
CA ILE B 198 45.65 14.33 -29.18
C ILE B 198 46.31 15.67 -28.93
N GLY B 199 46.44 15.99 -27.64
CA GLY B 199 46.96 17.26 -27.21
C GLY B 199 46.26 18.43 -27.86
N CYS B 200 45.03 18.21 -28.33
CA CYS B 200 44.32 19.25 -29.06
C CYS B 200 45.14 19.88 -30.20
N PHE B 201 45.90 19.10 -30.97
CA PHE B 201 46.76 19.71 -31.99
C PHE B 201 46.02 20.57 -33.01
N PRO B 202 44.76 20.23 -33.37
CA PRO B 202 44.10 21.23 -34.25
C PRO B 202 43.96 22.62 -33.65
N ARG B 203 43.75 22.73 -32.34
CA ARG B 203 43.66 24.06 -31.70
C ARG B 203 45.03 24.71 -31.63
N ILE B 204 46.03 23.91 -31.25
CA ILE B 204 47.43 24.37 -31.15
C ILE B 204 47.93 24.91 -32.49
N GLU B 205 47.67 24.16 -33.56
CA GLU B 205 48.00 24.60 -34.91
C GLU B 205 47.37 25.93 -35.26
N GLN B 206 46.26 26.29 -34.64
CA GLN B 206 45.61 27.56 -34.96
C GLN B 206 45.92 28.61 -33.90
N GLY B 207 46.87 28.30 -33.03
CA GLY B 207 47.21 29.20 -31.96
C GLY B 207 46.10 29.33 -30.93
N VAL B 208 45.32 28.26 -30.74
CA VAL B 208 44.32 28.21 -29.69
C VAL B 208 44.76 27.20 -28.62
N ALA B 209 44.66 27.57 -27.34
CA ALA B 209 45.05 26.65 -26.26
C ALA B 209 44.19 25.39 -26.26
N PRO B 210 44.77 24.24 -25.85
CA PRO B 210 43.96 23.02 -25.75
C PRO B 210 42.70 23.27 -24.90
N ALA B 211 41.64 22.50 -25.11
CA ALA B 211 40.37 22.81 -24.43
C ALA B 211 40.45 22.69 -22.90
N CYS B 212 41.16 21.70 -22.42
CA CYS B 212 41.32 21.50 -20.99
C CYS B 212 42.16 22.60 -20.32
N VAL B 213 42.78 23.43 -21.13
CA VAL B 213 43.53 24.57 -20.63
C VAL B 213 42.67 25.81 -20.84
N ALA B 214 42.14 26.00 -22.04
CA ALA B 214 41.42 27.25 -22.32
C ALA B 214 40.13 27.37 -21.52
N GLN B 215 39.51 26.22 -21.26
CA GLN B 215 38.24 26.19 -20.58
C GLN B 215 38.39 25.86 -19.09
N CYS B 216 39.62 25.81 -18.58
CA CYS B 216 39.82 25.53 -17.16
C CYS B 216 39.27 26.65 -16.26
N VAL B 217 38.28 26.31 -15.46
CA VAL B 217 37.52 27.34 -14.74
C VAL B 217 38.23 27.83 -13.46
N GLY B 218 38.91 26.91 -12.80
CA GLY B 218 39.70 27.22 -11.63
C GLY B 218 40.94 28.05 -11.94
N ARG B 219 41.32 28.10 -13.22
CA ARG B 219 42.45 28.90 -13.70
C ARG B 219 43.73 28.35 -13.12
N ALA B 220 43.87 27.05 -13.33
CA ALA B 220 44.93 26.24 -12.78
C ALA B 220 45.86 25.64 -13.85
N MET B 221 45.54 25.85 -15.11
CA MET B 221 46.27 25.24 -16.21
C MET B 221 47.12 26.29 -16.94
N HIS B 222 48.37 25.92 -17.23
CA HIS B 222 49.30 26.72 -18.02
C HIS B 222 49.73 25.86 -19.22
N VAL B 223 49.80 26.45 -20.41
CA VAL B 223 50.40 25.72 -21.55
C VAL B 223 51.29 26.65 -22.38
N GLY B 224 52.34 26.08 -22.98
CA GLY B 224 53.21 26.83 -23.86
C GLY B 224 54.36 25.95 -24.32
N PHE B 225 55.26 26.50 -25.11
CA PHE B 225 56.45 25.77 -25.51
C PHE B 225 57.57 26.08 -24.55
N VAL B 226 58.17 25.04 -23.99
CA VAL B 226 59.12 25.22 -22.92
C VAL B 226 60.38 26.00 -23.38
N ASP B 227 60.61 26.11 -24.69
CA ASP B 227 61.77 26.89 -25.19
C ASP B 227 61.54 28.41 -25.10
N ASP B 228 60.30 28.84 -24.97
CA ASP B 228 59.95 30.27 -24.83
C ASP B 228 60.22 30.77 -23.41
N VAL B 229 61.30 31.54 -23.24
CA VAL B 229 61.75 31.92 -21.91
C VAL B 229 60.81 32.91 -21.23
N ASN B 230 59.85 33.46 -21.97
CA ASN B 230 58.88 34.34 -21.33
C ASN B 230 57.52 33.68 -21.03
N SER B 231 57.43 32.38 -21.30
CA SER B 231 56.22 31.64 -20.98
C SER B 231 56.15 31.29 -19.47
N SER B 232 54.93 31.30 -18.93
CA SER B 232 54.71 30.83 -17.57
C SER B 232 55.18 29.37 -17.37
N VAL B 233 55.11 28.53 -18.40
CA VAL B 233 55.62 27.15 -18.22
C VAL B 233 57.16 27.09 -18.08
N TYR B 234 57.89 27.90 -18.86
CA TYR B 234 59.33 27.98 -18.67
C TYR B 234 59.63 28.52 -17.25
N LYS B 235 58.95 29.59 -16.87
CA LYS B 235 59.14 30.19 -15.55
C LYS B 235 58.91 29.20 -14.40
N LEU B 236 57.82 28.44 -14.43
CA LEU B 236 57.53 27.49 -13.37
C LEU B 236 58.42 26.27 -13.36
N ILE B 237 58.86 25.83 -14.55
CA ILE B 237 59.64 24.59 -14.64
C ILE B 237 61.15 24.80 -14.56
N LYS B 238 61.66 25.76 -15.32
CA LYS B 238 63.09 25.89 -15.46
C LYS B 238 63.64 26.94 -14.50
N GLN B 239 62.99 28.10 -14.45
CA GLN B 239 63.44 29.21 -13.62
C GLN B 239 63.24 28.97 -12.12
N TYR B 240 62.01 29.12 -11.64
CA TYR B 240 61.69 28.91 -10.23
C TYR B 240 61.66 27.45 -9.81
N LYS B 241 61.59 26.54 -10.78
CA LYS B 241 61.64 25.10 -10.50
C LYS B 241 60.65 24.68 -9.41
N VAL B 242 59.37 24.97 -9.62
CA VAL B 242 58.32 24.58 -8.69
C VAL B 242 57.26 23.65 -9.32
N ALA B 243 57.53 23.15 -10.52
CA ALA B 243 56.59 22.26 -11.19
C ALA B 243 57.29 20.92 -11.53
N LEU B 244 56.64 19.81 -11.17
CA LEU B 244 57.28 18.51 -11.21
C LEU B 244 56.46 17.56 -12.07
N PRO B 245 57.13 16.61 -12.73
CA PRO B 245 56.32 15.63 -13.45
C PRO B 245 55.72 14.61 -12.49
N LEU B 246 54.52 14.15 -12.80
CA LEU B 246 53.91 13.06 -12.07
C LEU B 246 54.58 11.69 -12.29
N HIS B 247 54.86 10.96 -11.21
CA HIS B 247 55.58 9.66 -11.25
C HIS B 247 56.83 9.60 -12.17
N PRO B 248 57.89 10.35 -11.83
CA PRO B 248 59.11 10.37 -12.66
C PRO B 248 59.77 8.99 -12.77
N GLU B 249 59.68 8.18 -11.72
CA GLU B 249 60.25 6.84 -11.70
C GLU B 249 59.70 5.90 -12.79
N PHE B 250 58.62 6.32 -13.45
CA PHE B 250 58.10 5.54 -14.59
C PHE B 250 59.03 5.66 -15.78
N GLY B 251 59.89 6.68 -15.77
CA GLY B 251 60.94 6.82 -16.75
C GLY B 251 60.49 7.23 -18.15
N THR B 252 59.35 7.90 -18.25
CA THR B 252 58.88 8.30 -19.56
C THR B 252 59.19 9.77 -19.82
N GLU B 253 59.66 10.47 -18.79
CA GLU B 253 59.90 11.92 -18.82
C GLU B 253 58.72 12.71 -19.35
N PRO B 254 57.62 12.79 -18.57
CA PRO B 254 56.42 13.53 -18.95
C PRO B 254 56.71 14.97 -19.34
N ASN B 255 55.80 15.56 -20.09
CA ASN B 255 55.91 16.97 -20.39
C ASN B 255 54.66 17.70 -19.87
N VAL B 256 54.02 17.08 -18.88
CA VAL B 256 52.96 17.71 -18.09
C VAL B 256 53.49 17.81 -16.67
N PHE B 257 53.47 19.00 -16.09
CA PHE B 257 54.09 19.18 -14.77
C PHE B 257 53.09 19.70 -13.76
N TYR B 258 53.37 19.44 -12.47
CA TYR B 258 52.46 19.86 -11.39
C TYR B 258 53.16 20.75 -10.35
N VAL B 259 52.50 21.88 -10.05
CA VAL B 259 52.82 22.67 -8.88
C VAL B 259 52.07 22.08 -7.67
N PRO B 260 52.81 21.55 -6.68
CA PRO B 260 52.17 20.82 -5.56
C PRO B 260 51.42 21.75 -4.62
N PRO B 261 50.45 21.22 -3.85
CA PRO B 261 49.63 22.17 -3.07
C PRO B 261 50.32 22.68 -1.81
N VAL B 262 50.35 23.99 -1.64
CA VAL B 262 50.96 24.53 -0.45
C VAL B 262 49.88 25.23 0.37
N LEU B 263 48.82 25.66 -0.32
CA LEU B 263 47.61 26.08 0.33
C LEU B 263 47.04 24.92 1.14
N GLY B 264 46.28 25.22 2.21
CA GLY B 264 45.68 24.17 3.03
C GLY B 264 45.82 24.30 4.54
N PRO B 265 44.85 23.80 5.30
CA PRO B 265 44.94 24.05 6.73
C PRO B 265 45.85 23.06 7.42
N ARG B 266 46.04 23.27 8.72
CA ARG B 266 47.03 22.50 9.46
C ARG B 266 46.43 21.21 10.08
N ILE B 267 47.27 20.24 10.42
CA ILE B 267 46.82 19.08 11.19
C ILE B 267 46.25 19.52 12.54
N GLU B 268 45.05 19.06 12.92
CA GLU B 268 44.45 19.45 14.20
C GLU B 268 44.82 18.47 15.31
N MET B 269 45.38 18.97 16.42
CA MET B 269 45.82 18.08 17.50
C MET B 269 44.66 17.70 18.42
N ALA B 270 44.89 16.75 19.30
CA ALA B 270 43.83 16.20 20.14
C ALA B 270 43.17 17.27 21.03
N ASN B 271 43.92 18.32 21.39
CA ASN B 271 43.29 19.38 22.19
C ASN B 271 42.59 20.43 21.34
N GLY B 272 42.49 20.17 20.04
CA GLY B 272 41.85 21.08 19.11
C GLY B 272 42.74 22.15 18.48
N GLU B 273 44.01 22.17 18.86
CA GLU B 273 44.93 23.21 18.41
C GLU B 273 45.76 22.82 17.21
N PRO B 274 46.09 23.81 16.37
CA PRO B 274 46.89 23.55 15.18
C PRO B 274 48.29 23.06 15.49
N SER B 275 48.70 22.06 14.73
CA SER B 275 50.06 21.62 14.54
C SER B 275 50.73 22.58 13.51
N THR B 276 51.97 22.27 13.10
CA THR B 276 52.63 23.01 12.01
C THR B 276 52.57 22.20 10.71
N ASP B 277 52.31 20.91 10.84
CA ASP B 277 52.14 20.04 9.68
C ASP B 277 50.83 20.33 8.94
N PRO B 278 50.85 20.24 7.60
CA PRO B 278 49.67 20.38 6.74
C PRO B 278 48.77 19.12 6.80
N LYS B 279 47.48 19.28 6.59
CA LYS B 279 46.60 18.11 6.51
C LYS B 279 46.98 17.15 5.35
N ILE B 280 47.38 17.72 4.21
CA ILE B 280 48.04 16.93 3.14
C ILE B 280 49.41 16.37 3.51
N PRO B 281 49.52 15.06 3.65
CA PRO B 281 50.83 14.53 4.04
C PRO B 281 51.90 14.76 2.97
N LEU B 282 53.07 15.25 3.40
CA LEU B 282 54.22 15.31 2.50
C LEU B 282 54.48 13.95 1.85
N ALA B 283 54.27 12.89 2.60
CA ALA B 283 54.55 11.55 2.12
C ALA B 283 53.66 11.20 0.92
N GLN B 284 52.47 11.77 0.90
CA GLN B 284 51.55 11.51 -0.21
C GLN B 284 52.04 12.18 -1.49
N LEU B 285 52.51 13.42 -1.36
CA LEU B 285 53.05 14.18 -2.47
C LEU B 285 54.35 13.60 -2.99
N GLU B 286 55.23 13.16 -2.10
CA GLU B 286 56.45 12.50 -2.52
C GLU B 286 56.14 11.23 -3.30
N GLY B 287 55.12 10.50 -2.87
CA GLY B 287 54.63 9.36 -3.61
C GLY B 287 54.29 9.73 -5.05
N LEU B 288 53.60 10.85 -5.24
CA LEU B 288 53.20 11.29 -6.57
C LEU B 288 54.37 11.89 -7.38
N PHE B 289 55.21 12.70 -6.73
CA PHE B 289 56.18 13.52 -7.45
C PHE B 289 57.64 13.39 -7.02
N GLY B 290 57.95 12.48 -6.09
CA GLY B 290 59.32 12.22 -5.71
C GLY B 290 59.88 13.18 -4.69
N LYS B 291 61.18 13.04 -4.43
CA LYS B 291 61.84 13.67 -3.28
C LYS B 291 62.11 15.18 -3.40
N GLN B 292 61.83 15.79 -4.55
CA GLN B 292 61.98 17.25 -4.68
C GLN B 292 60.84 18.05 -4.04
N VAL B 293 59.77 17.35 -3.68
CA VAL B 293 58.55 18.04 -3.29
C VAL B 293 58.80 18.95 -2.09
N ARG B 294 59.63 18.52 -1.14
CA ARG B 294 59.90 19.34 0.06
C ARG B 294 60.43 20.73 -0.29
N ASP B 295 61.41 20.77 -1.19
CA ASP B 295 62.09 22.01 -1.52
C ASP B 295 61.20 22.94 -2.33
N VAL B 296 60.37 22.35 -3.18
CA VAL B 296 59.42 23.13 -3.94
C VAL B 296 58.43 23.80 -3.00
N LEU B 297 57.94 23.04 -2.02
CA LEU B 297 56.99 23.60 -1.04
C LEU B 297 57.59 24.75 -0.23
N ALA B 298 58.83 24.57 0.23
CA ALA B 298 59.55 25.63 0.95
C ALA B 298 59.66 26.89 0.12
N ILE B 299 59.96 26.75 -1.17
CA ILE B 299 59.98 27.90 -2.07
C ILE B 299 58.60 28.57 -2.14
N LEU B 300 57.55 27.76 -2.37
CA LEU B 300 56.19 28.29 -2.48
C LEU B 300 55.75 28.98 -1.19
N GLN B 301 55.98 28.33 -0.05
CA GLN B 301 55.59 28.94 1.23
C GLN B 301 56.40 30.25 1.48
N SER B 302 57.69 30.20 1.18
CA SER B 302 58.52 31.39 1.35
C SER B 302 58.05 32.56 0.50
N GLU B 303 57.73 32.28 -0.76
CA GLU B 303 57.25 33.36 -1.62
C GLU B 303 55.85 33.87 -1.22
N ARG B 304 54.95 32.97 -0.83
CA ARG B 304 53.62 33.42 -0.39
C ARG B 304 53.76 34.36 0.83
N GLU B 305 54.65 34.00 1.74
CA GLU B 305 54.88 34.82 2.95
C GLU B 305 55.36 36.25 2.64
N LYS B 306 56.13 36.42 1.58
CA LYS B 306 56.46 37.78 1.16
C LYS B 306 55.22 38.57 0.76
N LYS B 307 54.31 37.92 0.04
CA LYS B 307 53.08 38.60 -0.34
C LYS B 307 52.27 38.96 0.90
N MET B 308 52.36 38.10 1.91
CA MET B 308 51.61 38.35 3.15
C MET B 308 52.17 39.55 3.90
N LYS B 309 53.50 39.76 3.81
CA LYS B 309 54.12 40.94 4.39
C LYS B 309 54.07 42.14 3.45
N GLY B 310 53.20 42.09 2.44
CA GLY B 310 53.09 43.18 1.48
C GLY B 310 54.31 43.39 0.58
N LEU B 311 55.18 42.38 0.53
CA LEU B 311 56.35 42.41 -0.36
C LEU B 311 56.01 41.84 -1.75
N ALA B 312 56.99 41.87 -2.65
CA ALA B 312 56.75 41.47 -4.03
C ALA B 312 57.22 40.02 -4.22
N SER B 313 56.40 39.25 -4.93
CA SER B 313 56.81 37.90 -5.34
C SER B 313 56.37 37.61 -6.75
N ASP B 314 57.33 37.54 -7.65
CA ASP B 314 57.00 37.34 -9.04
C ASP B 314 56.50 35.90 -9.29
N LEU B 315 57.05 34.93 -8.57
CA LEU B 315 56.56 33.54 -8.63
C LEU B 315 55.08 33.48 -8.30
N MET B 316 54.66 34.21 -7.26
CA MET B 316 53.25 34.21 -6.87
C MET B 316 52.42 34.85 -7.98
N ASP B 317 52.97 35.89 -8.62
CA ASP B 317 52.24 36.58 -9.68
C ASP B 317 51.99 35.66 -10.84
N VAL B 318 52.94 34.76 -11.09
CA VAL B 318 52.80 33.79 -12.16
C VAL B 318 51.64 32.83 -11.87
N LEU B 319 51.57 32.34 -10.64
CA LEU B 319 50.53 31.39 -10.24
C LEU B 319 49.17 32.07 -10.20
N ILE B 320 49.18 33.32 -9.79
CA ILE B 320 47.95 34.09 -9.77
C ILE B 320 47.38 34.19 -11.17
N GLY B 321 48.24 34.51 -12.14
CA GLY B 321 47.85 34.60 -13.54
C GLY B 321 46.75 35.62 -13.77
N ARG B 322 46.99 36.87 -13.39
CA ARG B 322 45.97 37.91 -13.49
C ARG B 322 45.39 38.04 -14.91
N ARG B 323 46.21 37.73 -15.92
CA ARG B 323 45.70 37.67 -17.29
C ARG B 323 45.91 36.24 -17.76
N SER B 324 44.88 35.67 -18.38
CA SER B 324 44.97 34.31 -18.91
C SER B 324 46.12 34.15 -19.91
N THR B 325 46.31 35.15 -20.78
CA THR B 325 47.35 35.03 -21.82
C THR B 325 48.76 35.04 -21.22
N ASP B 326 48.89 35.35 -19.92
CA ASP B 326 50.18 35.18 -19.26
C ASP B 326 50.39 33.73 -18.88
N MET B 327 49.33 32.94 -18.92
CA MET B 327 49.40 31.53 -18.52
C MET B 327 49.44 30.57 -19.69
N MET B 328 49.00 31.04 -20.85
CA MET B 328 48.66 30.11 -21.90
C MET B 328 48.64 30.76 -23.28
N ILE B 329 48.90 29.93 -24.29
CA ILE B 329 48.53 30.20 -25.68
C ILE B 329 47.10 30.69 -25.69
N SER B 330 46.80 31.66 -26.54
CA SER B 330 45.51 32.35 -26.47
C SER B 330 44.34 31.34 -26.45
N PRO B 331 43.42 31.50 -25.50
CA PRO B 331 42.23 30.68 -25.25
C PRO B 331 41.04 31.12 -26.09
N LEU B 332 41.17 32.24 -26.78
CA LEU B 332 40.08 32.78 -27.58
C LEU B 332 39.82 31.98 -28.86
N THR B 333 38.55 31.63 -29.06
CA THR B 333 38.12 30.94 -30.26
C THR B 333 36.64 31.27 -30.48
N ALA C 8 -54.24 48.96 -7.85
CA ALA C 8 -52.82 48.95 -8.20
C ALA C 8 -52.09 50.18 -7.64
N PHE C 9 -51.22 49.97 -6.65
CA PHE C 9 -50.41 51.05 -6.07
C PHE C 9 -49.14 51.29 -6.91
N GLU C 10 -48.26 52.18 -6.43
CA GLU C 10 -47.12 52.66 -7.22
C GLU C 10 -46.16 51.56 -7.67
N TYR C 11 -45.89 50.60 -6.77
CA TYR C 11 -44.83 49.64 -7.00
C TYR C 11 -45.34 48.24 -7.35
N SER C 12 -46.66 48.08 -7.43
CA SER C 12 -47.23 46.95 -8.14
C SER C 12 -46.71 46.98 -9.56
N GLY C 13 -46.74 45.84 -10.24
CA GLY C 13 -46.19 45.81 -11.57
C GLY C 13 -44.73 45.43 -11.53
N TRP C 14 -43.99 46.00 -10.59
CA TRP C 14 -42.63 45.53 -10.39
C TRP C 14 -42.64 44.31 -9.49
N GLU C 15 -43.46 44.38 -8.45
CA GLU C 15 -43.62 43.27 -7.52
C GLU C 15 -44.15 42.04 -8.25
N ASN C 16 -44.60 42.22 -9.48
CA ASN C 16 -44.88 41.10 -10.39
C ASN C 16 -43.70 40.12 -10.47
N PHE C 17 -42.49 40.64 -10.27
CA PHE C 17 -41.26 39.84 -10.35
C PHE C 17 -41.30 38.70 -9.33
N HIS C 18 -41.59 39.04 -8.09
CA HIS C 18 -41.69 38.06 -7.05
C HIS C 18 -42.94 37.18 -7.17
N ARG C 19 -44.01 37.72 -7.73
CA ARG C 19 -45.24 36.93 -7.83
C ARG C 19 -45.06 35.79 -8.84
N THR C 20 -44.37 36.06 -9.93
CA THR C 20 -44.17 35.03 -10.94
C THR C 20 -43.31 33.89 -10.39
N GLN C 21 -42.42 34.21 -9.46
CA GLN C 21 -41.60 33.20 -8.81
C GLN C 21 -42.46 32.13 -8.16
N TRP C 22 -43.56 32.56 -7.53
CA TRP C 22 -44.48 31.66 -6.87
C TRP C 22 -45.72 31.41 -7.73
N SER C 23 -45.55 30.57 -8.75
CA SER C 23 -46.61 30.28 -9.72
C SER C 23 -46.36 28.91 -10.32
N TRP C 24 -47.37 28.32 -10.97
CA TRP C 24 -47.22 26.97 -11.52
C TRP C 24 -48.33 26.55 -12.51
N ASP C 25 -48.03 25.55 -13.36
CA ASP C 25 -48.95 24.98 -14.33
C ASP C 25 -49.73 23.83 -13.75
N LYS C 26 -49.11 23.18 -12.76
CA LYS C 26 -49.53 21.87 -12.36
C LYS C 26 -49.20 21.65 -10.89
N LYS C 27 -50.06 20.92 -10.20
CA LYS C 27 -49.82 20.61 -8.80
C LYS C 27 -50.17 19.15 -8.58
N THR C 28 -49.15 18.31 -8.48
CA THR C 28 -49.40 16.87 -8.32
C THR C 28 -49.17 16.46 -6.85
N ARG C 29 -49.63 15.27 -6.50
CA ARG C 29 -49.30 14.74 -5.18
C ARG C 29 -47.93 14.07 -5.23
N GLY C 30 -47.04 14.47 -4.32
CA GLY C 30 -45.73 13.83 -4.23
C GLY C 30 -45.39 13.19 -2.89
N ALA C 31 -44.47 12.24 -2.91
CA ALA C 31 -43.97 11.67 -1.66
C ALA C 31 -42.46 11.45 -1.74
N HIS C 32 -41.86 11.28 -0.58
CA HIS C 32 -40.45 10.98 -0.48
C HIS C 32 -40.25 9.50 -0.14
N LEU C 33 -39.86 8.71 -1.13
CA LEU C 33 -39.74 7.26 -0.95
C LEU C 33 -38.38 6.85 -0.36
N VAL C 34 -38.13 7.32 0.86
CA VAL C 34 -36.95 6.98 1.63
C VAL C 34 -37.37 6.53 3.04
N ASN C 35 -36.43 5.91 3.76
CA ASN C 35 -36.69 5.30 5.07
C ASN C 35 -36.54 6.28 6.24
N CYS C 36 -37.48 7.22 6.34
CA CYS C 36 -37.43 8.28 7.34
C CYS C 36 -38.48 8.14 8.42
N THR C 37 -39.49 7.30 8.15
CA THR C 37 -40.73 7.18 8.94
C THR C 37 -41.58 8.43 8.85
N GLY C 38 -41.30 9.31 7.89
CA GLY C 38 -42.11 10.50 7.71
C GLY C 38 -43.48 10.23 7.07
N ALA C 39 -43.43 9.60 5.90
CA ALA C 39 -44.60 9.39 5.03
C ALA C 39 -45.41 10.66 4.90
N CYS C 40 -44.74 11.78 4.69
CA CYS C 40 -45.35 13.10 4.72
C CYS C 40 -46.06 13.50 3.44
N PRO C 41 -47.35 13.87 3.54
CA PRO C 41 -48.14 14.33 2.40
C PRO C 41 -47.60 15.63 1.77
N HIS C 42 -47.40 15.65 0.46
CA HIS C 42 -46.80 16.79 -0.19
C HIS C 42 -47.52 17.12 -1.48
N PHE C 43 -47.48 18.39 -1.88
CA PHE C 43 -47.78 18.80 -3.25
C PHE C 43 -46.51 19.16 -4.04
N VAL C 44 -46.42 18.66 -5.26
CA VAL C 44 -45.36 19.04 -6.17
C VAL C 44 -45.84 20.10 -7.17
N TYR C 45 -45.04 21.16 -7.31
CA TYR C 45 -45.37 22.30 -8.15
C TYR C 45 -44.53 22.40 -9.43
N SER C 46 -45.12 22.01 -10.55
CA SER C 46 -44.45 22.02 -11.85
C SER C 46 -44.65 23.34 -12.62
N LYS C 47 -44.27 23.32 -13.89
CA LYS C 47 -44.25 24.51 -14.76
C LYS C 47 -43.44 24.19 -16.01
N ASP C 48 -44.10 24.18 -17.17
CA ASP C 48 -43.41 24.00 -18.44
C ASP C 48 -42.57 22.73 -18.47
N GLY C 49 -43.12 21.63 -17.95
CA GLY C 49 -42.38 20.38 -17.85
C GLY C 49 -41.26 20.35 -16.81
N VAL C 50 -41.16 21.38 -15.98
CA VAL C 50 -40.09 21.50 -14.99
C VAL C 50 -40.61 21.70 -13.57
N VAL C 51 -40.24 20.80 -12.67
CA VAL C 51 -40.64 20.90 -11.26
C VAL C 51 -39.92 22.00 -10.51
N MET C 52 -40.69 22.84 -9.83
CA MET C 52 -40.17 24.04 -9.21
C MET C 52 -39.91 23.87 -7.71
N ARG C 53 -40.83 23.22 -7.02
CA ARG C 53 -40.68 23.00 -5.59
C ARG C 53 -41.78 22.11 -5.00
N GLU C 54 -41.64 21.81 -3.71
CA GLU C 54 -42.59 20.98 -3.01
C GLU C 54 -42.98 21.70 -1.77
N GLU C 55 -44.15 21.33 -1.25
CA GLU C 55 -44.60 21.85 0.04
C GLU C 55 -45.57 20.86 0.65
N GLN C 56 -45.45 20.68 1.97
CA GLN C 56 -46.42 19.88 2.72
C GLN C 56 -47.84 20.23 2.26
N SER C 57 -48.62 19.20 1.88
CA SER C 57 -50.02 19.45 1.58
C SER C 57 -50.83 19.72 2.87
N LYS C 58 -50.28 19.32 4.02
CA LYS C 58 -50.85 19.63 5.34
C LYS C 58 -52.33 19.23 5.44
N ASP C 59 -52.71 18.15 4.77
CA ASP C 59 -54.12 17.79 4.66
C ASP C 59 -54.50 16.44 5.31
N ILE C 60 -53.96 16.17 6.50
CA ILE C 60 -54.36 14.99 7.25
C ILE C 60 -55.47 15.37 8.23
N ALA C 61 -56.61 14.69 8.10
CA ALA C 61 -57.77 14.91 8.98
C ALA C 61 -57.38 14.92 10.45
N PRO C 62 -57.55 16.07 11.12
CA PRO C 62 -57.31 16.26 12.55
C PRO C 62 -58.06 15.28 13.44
N MET C 63 -57.56 15.11 14.67
CA MET C 63 -58.32 14.37 15.69
C MET C 63 -58.80 15.29 16.81
N PRO C 64 -60.02 15.04 17.31
CA PRO C 64 -60.59 15.85 18.39
C PRO C 64 -59.67 16.00 19.61
N ASN C 65 -59.52 17.23 20.11
CA ASN C 65 -58.81 17.55 21.36
C ASN C 65 -57.28 17.51 21.30
N ILE C 66 -56.77 17.02 20.19
CA ILE C 66 -55.36 16.66 20.02
C ILE C 66 -54.75 17.52 18.91
N PRO C 67 -53.49 17.94 19.06
CA PRO C 67 -52.88 18.67 17.93
C PRO C 67 -52.93 17.85 16.62
N GLU C 68 -53.06 18.52 15.49
CA GLU C 68 -53.09 17.78 14.22
C GLU C 68 -51.67 17.32 13.78
N TYR C 69 -51.63 16.43 12.80
CA TYR C 69 -50.37 15.91 12.29
C TYR C 69 -49.68 16.99 11.46
N ASN C 70 -50.49 17.75 10.73
CA ASN C 70 -50.01 18.80 9.84
C ASN C 70 -49.15 19.84 10.54
N PRO C 71 -48.11 20.35 9.84
CA PRO C 71 -47.82 20.10 8.42
C PRO C 71 -46.94 18.89 8.13
N ARG C 72 -46.26 18.39 9.16
CA ARG C 72 -45.17 17.45 8.97
C ARG C 72 -44.10 18.02 7.99
N GLY C 73 -43.41 17.14 7.28
CA GLY C 73 -42.33 17.55 6.40
C GLY C 73 -41.01 17.70 7.14
N CYS C 74 -39.93 17.98 6.39
CA CYS C 74 -38.62 18.25 7.01
C CYS C 74 -37.64 18.91 6.03
N ASN C 75 -36.41 19.13 6.51
CA ASN C 75 -35.35 19.82 5.76
C ASN C 75 -34.92 19.12 4.46
N LYS C 76 -34.88 17.78 4.46
CA LYS C 76 -34.57 17.02 3.26
C LYS C 76 -35.76 17.01 2.30
N GLY C 77 -36.95 16.95 2.89
CA GLY C 77 -38.17 16.82 2.11
C GLY C 77 -38.37 18.03 1.23
N GLU C 78 -38.13 19.21 1.79
CA GLU C 78 -38.34 20.46 1.06
C GLU C 78 -37.24 20.82 0.08
N CYS C 79 -36.31 19.91 -0.18
CA CYS C 79 -35.49 20.01 -1.37
C CYS C 79 -35.38 18.67 -2.12
N GLY C 80 -36.45 17.87 -2.08
CA GLY C 80 -36.44 16.54 -2.69
C GLY C 80 -36.25 16.50 -4.20
N HIS C 81 -36.69 17.57 -4.86
CA HIS C 81 -36.59 17.65 -6.30
C HIS C 81 -35.11 17.78 -6.73
N ASP C 82 -34.25 18.17 -5.79
CA ASP C 82 -32.83 18.27 -6.04
C ASP C 82 -32.28 17.01 -6.70
N TYR C 83 -32.86 15.86 -6.34
CA TYR C 83 -32.45 14.60 -6.96
C TYR C 83 -33.13 14.28 -8.29
N MET C 84 -33.98 15.17 -8.80
CA MET C 84 -34.41 15.03 -10.20
C MET C 84 -33.37 15.66 -11.12
N TYR C 85 -32.74 16.73 -10.62
CA TYR C 85 -31.97 17.65 -11.43
C TYR C 85 -30.47 17.70 -11.05
N GLY C 86 -30.08 16.89 -10.06
CA GLY C 86 -28.77 17.02 -9.44
C GLY C 86 -27.59 16.42 -10.17
N PRO C 87 -26.39 16.62 -9.61
CA PRO C 87 -25.15 16.09 -10.20
C PRO C 87 -25.04 14.57 -10.04
N HIS C 88 -25.94 13.98 -9.26
CA HIS C 88 -25.83 12.56 -8.92
C HIS C 88 -26.70 11.66 -9.79
N ARG C 89 -27.59 12.25 -10.58
CA ARG C 89 -28.64 11.47 -11.23
C ARG C 89 -28.09 10.45 -12.23
N ILE C 90 -28.64 9.24 -12.23
CA ILE C 90 -28.35 8.26 -13.28
C ILE C 90 -29.26 8.56 -14.50
N LYS C 91 -28.67 8.79 -15.66
CA LYS C 91 -29.46 9.17 -16.81
C LYS C 91 -29.74 8.00 -17.73
N TYR C 92 -28.76 7.10 -17.82
CA TYR C 92 -28.79 6.00 -18.77
C TYR C 92 -28.27 4.76 -18.12
N PRO C 93 -28.59 3.59 -18.69
CA PRO C 93 -27.90 2.40 -18.20
C PRO C 93 -26.39 2.57 -18.30
N LEU C 94 -25.69 2.19 -17.23
CA LEU C 94 -24.25 2.18 -17.17
C LEU C 94 -23.73 0.77 -16.95
N ILE C 95 -22.65 0.45 -17.67
CA ILE C 95 -21.98 -0.84 -17.48
C ILE C 95 -20.52 -0.62 -17.16
N ARG C 96 -20.05 -1.28 -16.10
CA ARG C 96 -18.70 -1.09 -15.58
C ARG C 96 -17.61 -1.38 -16.60
N VAL C 97 -16.67 -0.46 -16.80
CA VAL C 97 -15.50 -0.76 -17.64
C VAL C 97 -14.14 -0.83 -16.89
N GLY C 98 -14.02 -0.18 -15.73
CA GLY C 98 -12.85 -0.38 -14.87
C GLY C 98 -13.07 -1.40 -13.75
N GLU C 99 -12.33 -1.28 -12.65
CA GLU C 99 -12.56 -2.14 -11.48
C GLU C 99 -13.75 -1.63 -10.69
N ARG C 100 -14.38 -2.47 -9.88
CA ARG C 100 -15.52 -2.02 -9.07
C ARG C 100 -15.15 -0.87 -8.16
N GLY C 101 -15.97 0.16 -8.16
CA GLY C 101 -15.70 1.33 -7.36
C GLY C 101 -14.99 2.47 -8.06
N GLU C 102 -14.48 2.29 -9.27
CA GLU C 102 -13.69 3.38 -9.89
C GLU C 102 -14.58 4.45 -10.49
N GLY C 103 -15.81 4.10 -10.83
CA GLY C 103 -16.69 5.04 -11.47
C GLY C 103 -16.36 5.24 -12.94
N LYS C 104 -15.82 4.19 -13.57
CA LYS C 104 -15.52 4.23 -14.99
C LYS C 104 -16.56 3.39 -15.72
N TRP C 105 -17.31 4.03 -16.61
CA TRP C 105 -18.49 3.40 -17.20
C TRP C 105 -18.54 3.51 -18.73
N ARG C 106 -19.43 2.72 -19.32
CA ARG C 106 -19.85 2.94 -20.69
C ARG C 106 -21.37 2.96 -20.70
N ARG C 107 -21.93 3.88 -21.46
CA ARG C 107 -23.35 3.94 -21.66
C ARG C 107 -23.80 2.70 -22.39
N ALA C 108 -24.91 2.12 -21.97
CA ALA C 108 -25.49 1.02 -22.74
C ALA C 108 -26.93 1.31 -23.09
N THR C 109 -27.45 0.60 -24.08
CA THR C 109 -28.88 0.62 -24.32
C THR C 109 -29.54 -0.18 -23.20
N TRP C 110 -30.83 0.07 -22.95
CA TRP C 110 -31.59 -0.81 -22.07
C TRP C 110 -31.51 -2.27 -22.54
N GLU C 111 -31.61 -2.49 -23.85
CA GLU C 111 -31.61 -3.86 -24.36
C GLU C 111 -30.32 -4.55 -23.97
N GLU C 112 -29.21 -3.84 -24.12
CA GLU C 112 -27.91 -4.43 -23.84
C GLU C 112 -27.69 -4.72 -22.36
N ALA C 113 -28.15 -3.81 -21.51
CA ALA C 113 -28.00 -3.97 -20.07
C ALA C 113 -28.92 -5.09 -19.56
N LEU C 114 -30.17 -5.12 -20.01
CA LEU C 114 -31.06 -6.19 -19.64
C LEU C 114 -30.59 -7.55 -20.18
N ASP C 115 -30.09 -7.57 -21.41
CA ASP C 115 -29.61 -8.84 -21.99
C ASP C 115 -28.41 -9.43 -21.22
N MET C 116 -27.50 -8.57 -20.75
CA MET C 116 -26.38 -9.06 -19.97
C MET C 116 -26.89 -9.68 -18.67
N ILE C 117 -27.82 -8.97 -18.00
CA ILE C 117 -28.39 -9.41 -16.73
C ILE C 117 -29.14 -10.74 -16.92
N ALA C 118 -29.97 -10.80 -17.96
CA ALA C 118 -30.76 -12.00 -18.26
C ALA C 118 -29.93 -13.24 -18.56
N ASP C 119 -28.89 -13.11 -19.39
CA ASP C 119 -28.04 -14.27 -19.72
C ASP C 119 -27.41 -14.83 -18.45
N LYS C 120 -26.90 -13.94 -17.61
CA LYS C 120 -26.26 -14.31 -16.37
C LYS C 120 -27.25 -15.01 -15.43
N CYS C 121 -28.47 -14.50 -15.37
CA CYS C 121 -29.49 -15.12 -14.54
C CYS C 121 -29.82 -16.54 -14.95
N VAL C 122 -30.14 -16.72 -16.23
CA VAL C 122 -30.34 -18.06 -16.77
C VAL C 122 -29.07 -18.91 -16.61
N ASP C 123 -27.90 -18.35 -16.87
CA ASP C 123 -26.66 -19.12 -16.70
C ASP C 123 -26.47 -19.64 -15.26
N THR C 124 -26.79 -18.79 -14.28
CA THR C 124 -26.56 -19.15 -12.88
C THR C 124 -27.56 -20.20 -12.39
N ILE C 125 -28.82 -20.07 -12.79
CA ILE C 125 -29.81 -21.14 -12.52
C ILE C 125 -29.37 -22.49 -13.12
N LYS C 126 -28.92 -22.45 -14.37
CA LYS C 126 -28.53 -23.66 -15.08
C LYS C 126 -27.23 -24.28 -14.54
N ASN C 127 -26.20 -23.45 -14.33
CA ASN C 127 -24.90 -23.96 -13.91
C ASN C 127 -24.73 -24.14 -12.41
N HIS C 128 -25.61 -23.51 -11.62
CA HIS C 128 -25.47 -23.59 -10.17
C HIS C 128 -26.79 -23.87 -9.46
N ALA C 129 -27.54 -22.83 -9.13
CA ALA C 129 -28.79 -23.02 -8.44
C ALA C 129 -29.50 -21.70 -8.45
N PRO C 130 -30.84 -21.72 -8.42
CA PRO C 130 -31.64 -20.49 -8.37
C PRO C 130 -31.34 -19.67 -7.14
N ASP C 131 -31.04 -20.33 -6.02
CA ASP C 131 -30.80 -19.55 -4.80
C ASP C 131 -29.42 -18.89 -4.77
N CYS C 132 -28.62 -19.04 -5.84
CA CYS C 132 -27.38 -18.29 -6.00
C CYS C 132 -27.63 -16.90 -6.53
N ILE C 133 -28.90 -16.58 -6.72
CA ILE C 133 -29.37 -15.23 -7.08
C ILE C 133 -30.21 -14.68 -5.92
N SER C 134 -30.11 -13.38 -5.64
CA SER C 134 -30.93 -12.84 -4.58
C SER C 134 -31.28 -11.41 -4.90
N VAL C 135 -32.33 -10.90 -4.28
CA VAL C 135 -32.71 -9.51 -4.44
C VAL C 135 -32.73 -8.86 -3.06
N TYR C 136 -32.07 -7.72 -2.92
CA TYR C 136 -32.14 -6.98 -1.67
C TYR C 136 -32.89 -5.72 -1.96
N SER C 137 -34.02 -5.55 -1.28
CA SER C 137 -34.81 -4.33 -1.42
C SER C 137 -35.62 -4.19 -0.15
N PRO C 138 -35.31 -3.20 0.69
CA PRO C 138 -35.86 -3.12 2.05
C PRO C 138 -37.14 -2.33 2.17
N VAL C 139 -37.60 -2.23 3.42
CA VAL C 139 -38.73 -1.41 3.87
C VAL C 139 -39.85 -1.22 2.85
N PRO C 140 -40.63 -2.27 2.63
CA PRO C 140 -41.79 -2.29 1.72
C PRO C 140 -42.77 -1.14 1.95
N ALA C 141 -42.99 -0.76 3.20
CA ALA C 141 -43.96 0.26 3.52
C ALA C 141 -43.58 1.61 2.90
N VAL C 142 -42.31 1.73 2.53
CA VAL C 142 -41.82 3.00 1.98
C VAL C 142 -42.34 3.19 0.56
N SER C 143 -42.38 2.10 -0.20
CA SER C 143 -42.84 2.18 -1.59
C SER C 143 -43.15 0.76 -2.07
N PRO C 144 -44.37 0.27 -1.73
CA PRO C 144 -44.74 -1.14 -1.86
C PRO C 144 -44.77 -1.69 -3.29
N VAL C 145 -45.20 -0.87 -4.27
CA VAL C 145 -45.16 -1.35 -5.65
C VAL C 145 -43.72 -1.59 -6.04
N SER C 146 -42.84 -0.65 -5.68
CA SER C 146 -41.44 -0.73 -6.08
C SER C 146 -40.79 -1.92 -5.41
N PHE C 147 -41.04 -2.05 -4.11
CA PHE C 147 -40.59 -3.23 -3.37
C PHE C 147 -41.04 -4.55 -4.06
N SER C 148 -42.28 -4.61 -4.51
CA SER C 148 -42.84 -5.89 -4.99
C SER C 148 -42.28 -6.31 -6.36
N ALA C 149 -41.86 -5.32 -7.15
CA ALA C 149 -41.33 -5.55 -8.48
C ALA C 149 -40.22 -6.60 -8.46
N GLY C 150 -39.12 -6.26 -7.78
CA GLY C 150 -37.96 -7.14 -7.73
C GLY C 150 -38.30 -8.42 -7.00
N HIS C 151 -39.21 -8.33 -6.05
CA HIS C 151 -39.54 -9.48 -5.23
C HIS C 151 -40.41 -10.45 -6.02
N ARG C 152 -41.37 -9.92 -6.75
CA ARG C 152 -42.19 -10.75 -7.62
C ARG C 152 -41.31 -11.43 -8.68
N PHE C 153 -40.41 -10.68 -9.29
CA PHE C 153 -39.46 -11.23 -10.25
C PHE C 153 -38.70 -12.40 -9.63
N ALA C 154 -38.22 -12.20 -8.41
CA ALA C 154 -37.50 -13.24 -7.68
C ALA C 154 -38.38 -14.44 -7.32
N HIS C 155 -39.61 -14.14 -6.91
CA HIS C 155 -40.65 -15.15 -6.64
C HIS C 155 -40.74 -16.14 -7.76
N TYR C 156 -40.84 -15.65 -9.00
CA TYR C 156 -41.08 -16.56 -10.10
C TYR C 156 -39.84 -17.21 -10.68
N ILE C 157 -38.64 -16.72 -10.37
CA ILE C 157 -37.48 -17.44 -10.92
C ILE C 157 -36.78 -18.30 -9.87
N GLY C 158 -37.17 -18.16 -8.60
CA GLY C 158 -36.57 -18.95 -7.55
C GLY C 158 -35.38 -18.31 -6.83
N ALA C 159 -35.22 -17.00 -6.99
CA ALA C 159 -34.20 -16.23 -6.29
C ALA C 159 -34.61 -16.00 -4.84
N HIS C 160 -33.65 -15.96 -3.91
CA HIS C 160 -34.00 -15.73 -2.50
C HIS C 160 -34.08 -14.24 -2.19
N ALA C 161 -34.85 -13.90 -1.15
CA ALA C 161 -35.02 -12.51 -0.70
C ALA C 161 -34.27 -12.28 0.61
N HIS C 162 -34.36 -11.05 1.14
CA HIS C 162 -33.58 -10.69 2.30
C HIS C 162 -34.43 -10.22 3.46
N THR C 163 -33.79 -9.95 4.60
CA THR C 163 -34.47 -9.32 5.74
C THR C 163 -33.86 -7.97 5.96
N PHE C 164 -34.55 -7.09 6.67
CA PHE C 164 -34.08 -5.74 6.82
C PHE C 164 -34.34 -5.25 8.22
N TYR C 165 -35.49 -5.62 8.76
CA TYR C 165 -35.92 -5.17 10.07
C TYR C 165 -34.86 -5.57 11.12
N ASP C 166 -34.44 -6.84 11.12
CA ASP C 166 -33.43 -7.29 12.09
C ASP C 166 -32.03 -6.87 11.69
N TRP C 167 -31.70 -7.05 10.41
CA TRP C 167 -30.42 -6.67 9.86
C TRP C 167 -30.09 -5.19 10.15
N TYR C 168 -31.10 -4.34 10.18
CA TYR C 168 -30.88 -2.95 10.55
C TYR C 168 -30.80 -2.74 12.06
N GLY C 169 -31.14 -3.76 12.85
CA GLY C 169 -31.06 -3.65 14.30
C GLY C 169 -32.31 -3.03 14.90
N ASP C 170 -33.30 -2.82 14.06
CA ASP C 170 -34.47 -2.09 14.51
C ASP C 170 -35.57 -2.99 15.04
N HIS C 171 -35.56 -4.21 14.55
CA HIS C 171 -36.52 -5.19 14.97
C HIS C 171 -36.38 -5.30 16.48
N PRO C 172 -37.48 -5.08 17.22
CA PRO C 172 -37.38 -5.09 18.69
C PRO C 172 -37.36 -6.52 19.18
N THR C 173 -36.20 -7.15 19.04
CA THR C 173 -35.99 -8.53 19.41
C THR C 173 -36.63 -8.87 20.76
N GLY C 174 -36.48 -7.96 21.72
CA GLY C 174 -37.01 -8.13 23.06
C GLY C 174 -38.52 -8.15 23.10
N GLN C 175 -39.13 -7.28 22.29
CA GLN C 175 -40.57 -7.20 22.26
C GLN C 175 -41.17 -8.49 21.67
N THR C 176 -40.45 -9.08 20.70
CA THR C 176 -40.91 -10.31 20.08
C THR C 176 -40.70 -11.45 21.06
N GLN C 177 -39.58 -11.43 21.80
CA GLN C 177 -39.30 -12.52 22.74
C GLN C 177 -40.34 -12.50 23.85
N THR C 178 -40.78 -11.30 24.21
CA THR C 178 -41.76 -11.13 25.26
C THR C 178 -43.20 -11.39 24.79
N CYS C 179 -43.55 -10.90 23.61
CA CYS C 179 -44.94 -10.74 23.18
C CYS C 179 -45.37 -11.57 21.97
N GLY C 180 -44.42 -12.26 21.33
CA GLY C 180 -44.67 -13.03 20.12
C GLY C 180 -45.30 -12.24 18.97
N VAL C 181 -44.93 -10.97 18.82
CA VAL C 181 -45.33 -10.21 17.65
C VAL C 181 -44.07 -9.70 16.93
N GLN C 182 -44.20 -9.51 15.62
CA GLN C 182 -43.13 -8.89 14.87
C GLN C 182 -42.76 -7.55 15.52
N GLY C 183 -43.80 -6.77 15.87
CA GLY C 183 -43.66 -5.47 16.50
C GLY C 183 -44.94 -4.67 16.36
N ASP C 184 -45.18 -3.74 17.27
CA ASP C 184 -46.25 -2.76 17.07
C ASP C 184 -45.90 -1.55 17.91
N THR C 185 -46.58 -0.43 17.65
CA THR C 185 -46.26 0.80 18.35
C THR C 185 -47.41 1.79 18.18
N CYS C 186 -47.55 2.74 19.09
CA CYS C 186 -48.70 3.65 19.00
C CYS C 186 -48.39 4.72 17.96
N GLU C 187 -49.43 5.33 17.38
CA GLU C 187 -49.28 6.55 16.57
C GLU C 187 -48.61 7.61 17.42
N THR C 188 -47.94 8.56 16.79
CA THR C 188 -47.21 9.56 17.55
C THR C 188 -48.19 10.55 18.16
N ALA C 189 -49.38 10.65 17.56
CA ALA C 189 -50.45 11.46 18.11
C ALA C 189 -50.84 10.98 19.53
N ASP C 190 -50.69 9.69 19.78
CA ASP C 190 -51.01 9.14 21.08
C ASP C 190 -50.11 9.67 22.19
N TRP C 191 -48.95 10.23 21.81
CA TRP C 191 -47.99 10.74 22.78
C TRP C 191 -48.63 11.88 23.57
N PHE C 192 -49.52 12.61 22.90
CA PHE C 192 -50.22 13.71 23.56
C PHE C 192 -51.13 13.20 24.69
N ASN C 193 -51.52 11.94 24.62
CA ASN C 193 -52.32 11.31 25.68
C ASN C 193 -51.56 11.01 26.96
N SER C 194 -50.24 11.19 26.95
CA SER C 194 -49.41 10.69 28.03
C SER C 194 -49.13 11.75 29.08
N LYS C 195 -48.82 11.32 30.30
CA LYS C 195 -48.53 12.27 31.38
C LYS C 195 -47.05 12.26 31.73
N TYR C 196 -46.41 11.13 31.49
CA TYR C 196 -45.00 10.95 31.81
C TYR C 196 -44.35 10.14 30.68
N ILE C 197 -43.43 10.75 29.95
CA ILE C 197 -42.76 10.07 28.85
C ILE C 197 -41.26 9.96 29.07
N ILE C 198 -40.75 8.74 28.95
CA ILE C 198 -39.31 8.50 28.96
C ILE C 198 -38.75 8.30 27.54
N LEU C 199 -38.05 9.31 27.00
CA LEU C 199 -37.26 9.18 25.77
C LEU C 199 -36.00 8.38 26.06
N TRP C 200 -35.99 7.14 25.62
CA TRP C 200 -34.98 6.22 26.10
C TRP C 200 -34.09 5.72 24.96
N GLY C 201 -33.05 6.50 24.68
CA GLY C 201 -32.16 6.20 23.58
C GLY C 201 -32.83 6.58 22.28
N SER C 202 -33.56 7.69 22.33
CA SER C 202 -34.32 8.19 21.19
C SER C 202 -34.14 9.70 21.13
N ASN C 203 -33.97 10.25 19.93
CA ASN C 203 -33.61 11.65 19.76
C ASN C 203 -34.54 12.32 18.75
N PRO C 204 -35.85 12.33 19.05
CA PRO C 204 -36.87 12.77 18.09
C PRO C 204 -36.66 14.17 17.52
N THR C 205 -35.96 15.05 18.23
CA THR C 205 -35.65 16.36 17.67
C THR C 205 -34.90 16.21 16.33
N GLN C 206 -34.05 15.19 16.24
CA GLN C 206 -33.34 14.96 15.00
C GLN C 206 -33.90 13.80 14.19
N THR C 207 -34.51 12.81 14.84
CA THR C 207 -34.85 11.52 14.18
C THR C 207 -36.35 11.20 14.11
N ARG C 208 -37.18 12.18 14.43
CA ARG C 208 -38.61 12.04 14.27
C ARG C 208 -39.13 13.44 14.05
N ILE C 209 -38.46 14.16 13.14
CA ILE C 209 -38.69 15.58 12.94
C ILE C 209 -40.17 15.95 12.71
N PRO C 210 -40.89 15.25 11.80
CA PRO C 210 -42.28 15.71 11.60
C PRO C 210 -43.24 15.39 12.75
N ASP C 211 -42.78 14.63 13.74
CA ASP C 211 -43.61 14.22 14.86
C ASP C 211 -43.19 14.86 16.16
N ALA C 212 -42.05 15.53 16.15
CA ALA C 212 -41.46 16.03 17.40
C ALA C 212 -42.37 16.99 18.20
N HIS C 213 -43.15 17.79 17.49
CA HIS C 213 -44.09 18.75 18.11
C HIS C 213 -45.01 18.15 19.19
N PHE C 214 -45.51 16.94 18.96
CA PHE C 214 -46.37 16.26 19.93
C PHE C 214 -45.72 16.21 21.30
N LEU C 215 -44.41 16.01 21.30
CA LEU C 215 -43.67 15.93 22.55
C LEU C 215 -43.70 17.27 23.28
N SER C 216 -43.34 18.34 22.57
CA SER C 216 -43.29 19.66 23.20
C SER C 216 -44.71 20.15 23.56
N GLU C 217 -45.68 19.84 22.73
CA GLU C 217 -47.06 20.22 22.96
C GLU C 217 -47.61 19.50 24.21
N ALA C 218 -47.28 18.22 24.36
CA ALA C 218 -47.70 17.45 25.54
C ALA C 218 -47.16 18.05 26.85
N GLN C 219 -45.93 18.54 26.81
CA GLN C 219 -45.31 19.18 27.97
C GLN C 219 -45.97 20.51 28.33
N LEU C 220 -46.27 21.29 27.30
CA LEU C 220 -46.95 22.57 27.46
C LEU C 220 -48.37 22.35 28.00
N ASN C 221 -48.83 21.11 27.90
CA ASN C 221 -50.17 20.72 28.27
C ASN C 221 -50.15 19.87 29.55
N GLY C 222 -49.03 19.90 30.24
CA GLY C 222 -48.97 19.34 31.59
C GLY C 222 -48.10 18.13 31.83
N ALA C 223 -47.63 17.47 30.78
CA ALA C 223 -46.86 16.25 30.98
C ALA C 223 -45.41 16.55 31.32
N LYS C 224 -44.76 15.59 31.97
CA LYS C 224 -43.33 15.63 32.21
C LYS C 224 -42.62 14.70 31.20
N ILE C 225 -41.46 15.10 30.71
CA ILE C 225 -40.65 14.23 29.85
C ILE C 225 -39.22 14.05 30.38
N VAL C 226 -38.77 12.79 30.41
CA VAL C 226 -37.42 12.41 30.83
C VAL C 226 -36.59 11.86 29.65
N SER C 227 -35.35 12.31 29.57
CA SER C 227 -34.45 11.96 28.50
C SER C 227 -33.34 11.09 29.07
N ILE C 228 -33.19 9.86 28.59
CA ILE C 228 -32.04 9.04 29.02
C ILE C 228 -31.06 8.83 27.87
N SER C 229 -29.88 9.42 28.01
CA SER C 229 -28.90 9.50 26.94
C SER C 229 -27.53 9.92 27.48
N PRO C 230 -26.48 9.17 27.11
CA PRO C 230 -25.14 9.48 27.59
C PRO C 230 -24.72 10.90 27.21
N ASP C 231 -24.92 11.27 25.96
CA ASP C 231 -24.60 12.62 25.53
C ASP C 231 -25.83 13.49 25.74
N TYR C 232 -25.61 14.80 25.77
CA TYR C 232 -26.71 15.74 25.85
C TYR C 232 -27.12 16.02 24.41
N ASN C 233 -28.09 15.25 23.91
CA ASN C 233 -28.51 15.42 22.53
C ASN C 233 -29.55 16.54 22.36
N SER C 234 -29.88 16.83 21.12
CA SER C 234 -30.72 17.98 20.76
C SER C 234 -32.11 17.95 21.42
N SER C 235 -32.63 16.75 21.61
CA SER C 235 -33.93 16.55 22.21
C SER C 235 -33.94 16.92 23.69
N THR C 236 -32.78 16.79 24.31
CA THR C 236 -32.67 16.88 25.76
C THR C 236 -32.89 18.31 26.23
N ILE C 237 -32.66 19.28 25.35
CA ILE C 237 -32.74 20.67 25.75
C ILE C 237 -34.17 21.12 26.17
N LYS C 238 -35.20 20.34 25.82
CA LYS C 238 -36.59 20.69 26.07
C LYS C 238 -37.22 19.91 27.22
N VAL C 239 -36.50 18.92 27.74
CA VAL C 239 -37.09 17.97 28.68
C VAL C 239 -36.94 18.45 30.11
N ASP C 240 -37.56 17.72 31.04
CA ASP C 240 -37.61 18.13 32.45
C ASP C 240 -36.48 17.52 33.25
N LYS C 241 -36.21 16.24 33.08
CA LYS C 241 -34.98 15.73 33.68
C LYS C 241 -34.18 14.92 32.66
N TRP C 242 -32.86 15.06 32.78
CA TRP C 242 -31.90 14.38 31.95
C TRP C 242 -31.12 13.39 32.77
N ILE C 243 -31.12 12.14 32.35
CA ILE C 243 -30.33 11.08 32.97
C ILE C 243 -29.29 10.64 31.96
N HIS C 244 -28.02 10.60 32.38
CA HIS C 244 -26.95 10.20 31.46
C HIS C 244 -26.14 9.02 31.97
N PRO C 245 -26.56 7.80 31.63
CA PRO C 245 -25.79 6.61 31.99
C PRO C 245 -24.53 6.43 31.15
N GLN C 246 -23.66 5.55 31.62
CA GLN C 246 -22.60 5.01 30.79
C GLN C 246 -23.22 4.23 29.62
N PRO C 247 -22.62 4.30 28.42
CA PRO C 247 -23.17 3.64 27.22
C PRO C 247 -23.38 2.14 27.41
N GLY C 248 -24.58 1.67 27.07
CA GLY C 248 -24.91 0.25 27.16
C GLY C 248 -25.25 -0.28 28.55
N THR C 249 -25.48 0.62 29.51
CA THR C 249 -25.74 0.16 30.89
C THR C 249 -27.19 0.37 31.33
N ASP C 250 -28.06 0.65 30.37
CA ASP C 250 -29.47 0.91 30.64
C ASP C 250 -30.23 -0.26 31.25
N GLY C 251 -29.78 -1.48 30.98
CA GLY C 251 -30.40 -2.65 31.58
C GLY C 251 -30.24 -2.63 33.09
N ALA C 252 -29.06 -2.19 33.55
CA ALA C 252 -28.77 -2.04 34.97
C ALA C 252 -29.70 -0.99 35.59
N LEU C 253 -29.97 0.04 34.80
CA LEU C 253 -30.83 1.12 35.25
C LEU C 253 -32.28 0.69 35.29
N ALA C 254 -32.71 -0.03 34.27
CA ALA C 254 -34.10 -0.43 34.16
C ALA C 254 -34.42 -1.47 35.21
N MET C 255 -33.45 -2.37 35.45
CA MET C 255 -33.65 -3.41 36.45
C MET C 255 -33.77 -2.78 37.86
N ALA C 256 -32.94 -1.78 38.15
CA ALA C 256 -33.04 -1.14 39.46
C ALA C 256 -34.37 -0.42 39.63
N MET C 257 -34.92 0.13 38.55
CA MET C 257 -36.26 0.73 38.62
C MET C 257 -37.33 -0.33 38.94
N ALA C 258 -37.21 -1.50 38.31
CA ALA C 258 -38.06 -2.65 38.56
C ALA C 258 -37.97 -3.10 40.00
N HIS C 259 -36.77 -2.98 40.56
CA HIS C 259 -36.52 -3.35 41.94
C HIS C 259 -37.25 -2.42 42.89
N VAL C 260 -37.19 -1.12 42.60
CA VAL C 260 -37.86 -0.10 43.41
C VAL C 260 -39.38 -0.28 43.35
N ILE C 261 -39.89 -0.48 42.15
CA ILE C 261 -41.33 -0.67 41.94
C ILE C 261 -41.86 -1.93 42.63
N ILE C 262 -41.07 -3.00 42.64
CA ILE C 262 -41.51 -4.25 43.25
C ILE C 262 -41.35 -4.22 44.79
N LYS C 263 -40.26 -3.62 45.26
CA LYS C 263 -39.99 -3.56 46.69
C LYS C 263 -40.98 -2.62 47.39
N GLU C 264 -41.20 -1.44 46.80
CA GLU C 264 -42.11 -0.47 47.39
C GLU C 264 -43.55 -0.70 46.93
N LYS C 265 -43.77 -1.87 46.33
CA LYS C 265 -45.09 -2.33 45.88
C LYS C 265 -45.94 -1.28 45.14
N LEU C 266 -45.38 -0.75 44.05
CA LEU C 266 -46.04 0.29 43.27
C LEU C 266 -46.64 -0.26 41.97
N TYR C 267 -46.82 -1.57 41.89
CA TYR C 267 -47.30 -2.22 40.67
C TYR C 267 -48.79 -2.67 40.67
N ASP C 268 -49.29 -2.99 39.47
CA ASP C 268 -50.67 -3.43 39.26
C ASP C 268 -50.70 -4.95 39.30
N ALA C 269 -50.95 -5.51 40.47
CA ALA C 269 -50.86 -6.96 40.61
C ALA C 269 -51.90 -7.69 39.74
N HIS C 270 -53.05 -7.05 39.53
CA HIS C 270 -54.09 -7.68 38.72
C HIS C 270 -53.56 -7.92 37.31
N SER C 271 -53.09 -6.85 36.67
CA SER C 271 -52.56 -6.93 35.31
C SER C 271 -51.44 -7.97 35.22
N LEU C 272 -50.52 -7.94 36.18
CA LEU C 272 -49.49 -8.95 36.26
C LEU C 272 -50.02 -10.38 36.19
N LYS C 273 -51.10 -10.67 36.89
CA LYS C 273 -51.58 -12.05 36.97
C LYS C 273 -52.34 -12.46 35.71
N GLU C 274 -53.11 -11.53 35.16
CA GLU C 274 -53.89 -11.83 33.97
C GLU C 274 -53.02 -11.89 32.69
N GLN C 275 -52.11 -10.93 32.55
CA GLN C 275 -51.46 -10.64 31.28
C GLN C 275 -50.05 -11.21 31.09
N THR C 276 -49.37 -11.50 32.20
CA THR C 276 -48.00 -11.96 32.12
C THR C 276 -47.87 -13.39 32.59
N ASP C 277 -46.67 -13.93 32.48
CA ASP C 277 -46.39 -15.29 32.90
C ASP C 277 -45.80 -15.31 34.31
N LEU C 278 -45.90 -14.19 35.02
CA LEU C 278 -45.21 -14.01 36.30
C LEU C 278 -45.76 -14.90 37.43
N SER C 279 -46.79 -15.68 37.14
CA SER C 279 -47.34 -16.60 38.11
C SER C 279 -47.10 -18.04 37.70
N TYR C 280 -46.59 -18.25 36.49
CA TYR C 280 -46.31 -19.61 36.05
C TYR C 280 -45.21 -20.23 36.93
N LEU C 281 -45.33 -21.53 37.16
CA LEU C 281 -44.52 -22.20 38.17
C LEU C 281 -43.26 -22.86 37.61
N VAL C 282 -42.17 -22.63 38.33
CA VAL C 282 -40.86 -23.11 37.90
C VAL C 282 -40.26 -24.15 38.85
N ARG C 283 -40.07 -25.36 38.32
CA ARG C 283 -39.42 -26.46 39.05
C ARG C 283 -38.04 -26.07 39.60
N SER C 284 -37.83 -26.27 40.89
CA SER C 284 -36.60 -25.85 41.52
C SER C 284 -35.43 -26.77 41.19
N ASP C 285 -35.73 -27.97 40.70
CA ASP C 285 -34.68 -28.94 40.38
C ASP C 285 -34.10 -28.71 38.98
N THR C 286 -34.96 -28.43 38.01
CA THR C 286 -34.55 -28.25 36.62
C THR C 286 -34.54 -26.81 36.15
N LYS C 287 -35.09 -25.90 36.95
CA LYS C 287 -35.33 -24.50 36.57
C LYS C 287 -36.23 -24.30 35.33
N ARG C 288 -36.89 -25.37 34.86
CA ARG C 288 -37.85 -25.23 33.74
C ARG C 288 -39.24 -24.94 34.28
N PHE C 289 -40.08 -24.29 33.47
CA PHE C 289 -41.52 -24.25 33.75
C PHE C 289 -42.02 -25.64 34.10
N LEU C 290 -42.86 -25.76 35.13
CA LEU C 290 -43.55 -27.04 35.33
C LEU C 290 -44.57 -27.24 34.20
N ARG C 291 -44.51 -28.39 33.53
CA ARG C 291 -45.39 -28.68 32.40
C ARG C 291 -46.31 -29.86 32.69
N GLU C 292 -47.56 -29.74 32.23
CA GLU C 292 -48.55 -30.81 32.36
C GLU C 292 -47.99 -32.20 32.04
N ALA C 293 -47.07 -32.29 31.09
CA ALA C 293 -46.47 -33.58 30.76
C ALA C 293 -45.53 -34.10 31.85
N ASP C 294 -45.14 -33.25 32.79
CA ASP C 294 -44.40 -33.70 33.97
C ASP C 294 -45.33 -34.38 34.97
N VAL C 295 -46.60 -33.97 34.95
CA VAL C 295 -47.58 -34.31 35.98
C VAL C 295 -48.50 -35.45 35.55
N VAL C 296 -49.18 -35.25 34.42
CA VAL C 296 -50.16 -36.17 33.87
C VAL C 296 -49.58 -37.02 32.75
N ALA C 297 -49.98 -38.29 32.67
CA ALA C 297 -49.55 -39.14 31.57
C ALA C 297 -50.11 -38.63 30.25
N GLY C 298 -49.23 -38.53 29.25
CA GLY C 298 -49.59 -38.09 27.92
C GLY C 298 -49.84 -36.59 27.82
N GLY C 299 -49.69 -35.89 28.94
CA GLY C 299 -49.93 -34.46 28.99
C GLY C 299 -49.09 -33.62 28.03
N SER C 300 -49.51 -32.37 27.83
CA SER C 300 -48.81 -31.47 26.92
C SER C 300 -47.54 -30.87 27.52
N LYS C 301 -46.52 -30.71 26.67
CA LYS C 301 -45.31 -29.96 26.99
C LYS C 301 -45.56 -28.45 26.97
N ASP C 302 -46.63 -28.02 26.31
CA ASP C 302 -46.89 -26.60 26.10
C ASP C 302 -48.12 -26.16 26.87
N LYS C 303 -48.39 -26.86 27.96
CA LYS C 303 -49.41 -26.46 28.93
C LYS C 303 -48.74 -26.32 30.29
N PHE C 304 -49.12 -25.32 31.07
CA PHE C 304 -48.35 -24.93 32.26
C PHE C 304 -49.17 -24.87 33.57
N TYR C 305 -48.62 -24.25 34.61
CA TYR C 305 -49.31 -24.16 35.90
C TYR C 305 -49.07 -22.86 36.68
N PHE C 306 -50.10 -22.40 37.37
CA PHE C 306 -49.91 -21.43 38.43
C PHE C 306 -50.61 -21.92 39.70
N TRP C 307 -50.36 -21.25 40.82
CA TRP C 307 -51.06 -21.58 42.06
C TRP C 307 -52.25 -20.66 42.27
N ASN C 308 -53.47 -21.19 42.29
CA ASN C 308 -54.61 -20.32 42.58
C ASN C 308 -54.82 -20.18 44.09
N ALA C 309 -54.17 -19.20 44.68
CA ALA C 309 -54.41 -18.89 46.09
C ALA C 309 -55.79 -18.30 46.24
N LYS C 310 -56.77 -19.20 46.40
CA LYS C 310 -58.19 -18.91 46.45
C LYS C 310 -58.85 -20.25 46.23
N THR C 311 -58.07 -21.30 46.50
CA THR C 311 -58.38 -22.63 46.01
C THR C 311 -57.25 -23.54 46.51
N GLY C 312 -56.10 -22.93 46.81
CA GLY C 312 -54.94 -23.64 47.29
C GLY C 312 -54.52 -24.78 46.36
N LYS C 313 -54.98 -24.73 45.12
CA LYS C 313 -54.69 -25.77 44.12
C LYS C 313 -53.96 -25.23 42.88
N PRO C 314 -53.09 -26.04 42.31
CA PRO C 314 -52.53 -25.68 41.01
C PRO C 314 -53.63 -25.63 39.94
N VAL C 315 -53.52 -24.68 39.01
CA VAL C 315 -54.45 -24.58 37.88
C VAL C 315 -53.71 -24.34 36.55
N ILE C 316 -54.05 -25.13 35.54
CA ILE C 316 -53.58 -24.90 34.17
C ILE C 316 -54.24 -23.63 33.59
N PRO C 317 -53.41 -22.63 33.24
CA PRO C 317 -53.93 -21.35 32.72
C PRO C 317 -54.30 -21.47 31.25
N LYS C 318 -55.34 -20.75 30.81
CA LYS C 318 -55.84 -20.89 29.45
C LYS C 318 -54.99 -20.12 28.40
N GLY C 319 -54.90 -20.69 27.20
CA GLY C 319 -54.37 -19.93 26.07
C GLY C 319 -52.90 -20.15 25.72
N SER C 320 -52.25 -21.10 26.40
CA SER C 320 -50.84 -21.33 26.14
C SER C 320 -50.68 -22.11 24.82
N TRP C 321 -49.44 -22.35 24.40
CA TRP C 321 -49.17 -22.96 23.07
C TRP C 321 -49.88 -24.29 22.79
N GLY C 322 -50.03 -25.12 23.82
CA GLY C 322 -50.65 -26.45 23.71
C GLY C 322 -52.17 -26.42 23.59
N ASP C 323 -52.76 -25.30 23.98
CA ASP C 323 -54.20 -25.08 23.95
C ASP C 323 -54.62 -24.52 22.61
N GLN C 324 -55.45 -25.26 21.89
CA GLN C 324 -55.86 -24.86 20.55
C GLN C 324 -57.24 -24.23 20.58
N PRO C 325 -57.47 -23.24 19.71
CA PRO C 325 -58.83 -22.69 19.57
C PRO C 325 -59.70 -23.73 18.86
N GLU C 326 -61.01 -23.76 19.10
CA GLU C 326 -61.80 -24.82 18.48
C GLU C 326 -61.83 -24.60 16.97
N LYS C 327 -61.97 -23.36 16.50
CA LYS C 327 -61.81 -23.12 15.06
C LYS C 327 -60.56 -22.29 14.74
N LYS C 328 -59.50 -23.01 14.37
CA LYS C 328 -58.20 -22.39 14.11
C LYS C 328 -58.21 -21.47 12.88
N GLY C 329 -57.74 -20.24 13.06
CA GLY C 329 -57.59 -19.29 11.98
C GLY C 329 -56.30 -19.53 11.20
N SER C 330 -56.16 -18.91 10.04
CA SER C 330 -54.96 -19.16 9.22
C SER C 330 -53.84 -18.18 9.65
N PRO C 331 -52.58 -18.50 9.31
CA PRO C 331 -51.45 -17.71 9.81
C PRO C 331 -51.54 -16.22 9.56
N VAL C 332 -50.94 -15.48 10.48
CA VAL C 332 -50.81 -14.02 10.38
C VAL C 332 -49.33 -13.64 10.50
N GLY C 333 -48.85 -12.91 9.50
CA GLY C 333 -47.45 -12.58 9.38
C GLY C 333 -46.81 -12.05 10.66
N PHE C 334 -47.45 -11.06 11.30
CA PHE C 334 -46.85 -10.40 12.45
C PHE C 334 -47.16 -11.03 13.83
N LEU C 335 -47.75 -12.24 13.85
CA LEU C 335 -48.05 -12.93 15.12
C LEU C 335 -47.42 -14.33 15.16
N GLY C 336 -46.94 -14.74 16.33
CA GLY C 336 -46.37 -16.07 16.50
C GLY C 336 -47.32 -17.17 16.05
N ARG C 337 -48.55 -17.13 16.58
CA ARG C 337 -49.64 -17.94 16.04
C ARG C 337 -50.88 -17.06 15.94
N ASN C 338 -51.91 -17.54 15.27
CA ASN C 338 -53.12 -16.72 15.16
C ASN C 338 -54.04 -16.90 16.35
N THR C 339 -53.76 -16.16 17.43
CA THR C 339 -54.57 -16.27 18.63
C THR C 339 -55.78 -15.35 18.58
N PHE C 340 -55.99 -14.70 17.43
CA PHE C 340 -57.23 -13.98 17.18
C PHE C 340 -58.40 -14.97 17.04
N ALA C 341 -58.05 -16.21 16.72
CA ALA C 341 -59.03 -17.27 16.53
C ALA C 341 -59.70 -17.67 17.83
N PHE C 342 -59.30 -17.06 18.93
CA PHE C 342 -59.89 -17.33 20.22
C PHE C 342 -61.09 -16.39 20.50
N PRO C 343 -62.05 -16.87 21.30
CA PRO C 343 -63.19 -16.00 21.67
C PRO C 343 -62.74 -14.83 22.54
N LYS C 344 -63.31 -13.64 22.34
CA LYS C 344 -63.19 -12.55 23.31
C LYS C 344 -63.42 -13.07 24.72
N GLY C 345 -62.65 -12.58 25.69
CA GLY C 345 -62.82 -12.93 27.10
C GLY C 345 -62.02 -14.15 27.58
N TYR C 346 -61.32 -14.79 26.65
CA TYR C 346 -60.76 -16.12 26.89
C TYR C 346 -59.73 -16.22 28.02
N ILE C 347 -58.88 -15.21 28.19
CA ILE C 347 -57.88 -15.25 29.25
C ILE C 347 -58.20 -14.22 30.33
N ASP C 348 -59.46 -13.79 30.38
CA ASP C 348 -59.91 -12.93 31.46
C ASP C 348 -59.64 -13.60 32.80
N LEU C 349 -59.28 -12.81 33.80
CA LEU C 349 -58.82 -13.33 35.09
C LEU C 349 -59.94 -13.87 35.96
N GLY C 350 -61.12 -13.24 35.90
CA GLY C 350 -62.27 -13.68 36.66
C GLY C 350 -62.04 -13.98 38.14
N ASP C 351 -62.45 -15.16 38.60
CA ASP C 351 -62.40 -15.47 40.02
C ASP C 351 -60.98 -15.87 40.44
N LEU C 352 -60.10 -16.08 39.47
CA LEU C 352 -58.77 -16.56 39.76
C LEU C 352 -57.97 -15.54 40.56
N ASP C 353 -57.01 -16.04 41.35
CA ASP C 353 -56.02 -15.14 41.95
C ASP C 353 -54.67 -15.82 42.02
N PRO C 354 -53.96 -15.85 40.87
CA PRO C 354 -52.66 -16.52 40.79
C PRO C 354 -51.64 -15.97 41.79
N ALA C 355 -50.97 -16.89 42.47
CA ALA C 355 -49.90 -16.59 43.42
C ALA C 355 -48.63 -16.05 42.72
N LEU C 356 -48.19 -14.87 43.15
CA LEU C 356 -46.99 -14.21 42.63
C LEU C 356 -45.75 -14.57 43.45
N GLU C 357 -45.90 -14.67 44.78
CA GLU C 357 -44.80 -15.08 45.66
C GLU C 357 -45.09 -16.41 46.37
N GLY C 358 -44.04 -17.11 46.81
CA GLY C 358 -44.18 -18.32 47.58
C GLY C 358 -43.53 -19.56 46.99
N LYS C 359 -43.50 -20.64 47.78
CA LYS C 359 -42.97 -21.93 47.33
C LYS C 359 -44.06 -22.97 47.53
N PHE C 360 -44.09 -23.99 46.68
CA PHE C 360 -45.14 -25.01 46.70
C PHE C 360 -44.60 -26.38 46.28
N ASN C 361 -45.10 -27.44 46.90
CA ASN C 361 -44.69 -28.78 46.48
C ASN C 361 -45.72 -29.33 45.51
N MET C 362 -45.28 -30.10 44.53
CA MET C 362 -46.21 -30.75 43.65
C MET C 362 -45.74 -32.15 43.31
N GLN C 363 -46.70 -33.03 43.11
CA GLN C 363 -46.39 -34.43 42.86
C GLN C 363 -46.40 -34.66 41.36
N LEU C 364 -45.31 -35.25 40.87
CA LEU C 364 -45.15 -35.44 39.45
C LEU C 364 -45.87 -36.68 38.94
N LEU C 365 -45.26 -37.34 37.97
CA LEU C 365 -45.77 -38.57 37.40
C LEU C 365 -45.03 -39.73 38.06
N ASP C 366 -43.88 -39.40 38.65
CA ASP C 366 -42.92 -40.40 39.15
C ASP C 366 -43.40 -41.39 40.23
N GLY C 367 -44.09 -40.96 41.30
CA GLY C 367 -44.47 -39.59 41.58
C GLY C 367 -43.62 -38.99 42.68
N LYS C 368 -42.42 -38.56 42.31
CA LYS C 368 -41.60 -37.74 43.18
C LYS C 368 -42.33 -36.44 43.48
N THR C 369 -41.97 -35.81 44.59
CA THR C 369 -42.50 -34.49 44.86
C THR C 369 -41.40 -33.49 44.52
N VAL C 370 -41.81 -32.36 43.94
CA VAL C 370 -40.88 -31.33 43.52
C VAL C 370 -41.37 -29.93 43.94
N GLU C 371 -40.45 -29.13 44.45
CA GLU C 371 -40.73 -27.77 44.82
C GLU C 371 -40.86 -26.88 43.60
N VAL C 372 -41.88 -26.02 43.56
CA VAL C 372 -42.00 -25.03 42.50
C VAL C 372 -42.17 -23.61 43.07
N ARG C 373 -41.77 -22.61 42.29
CA ARG C 373 -41.99 -21.22 42.62
C ARG C 373 -42.53 -20.48 41.39
N PRO C 374 -43.40 -19.49 41.61
CA PRO C 374 -43.80 -18.63 40.50
C PRO C 374 -42.62 -17.83 39.98
N VAL C 375 -42.67 -17.46 38.70
CA VAL C 375 -41.61 -16.65 38.11
C VAL C 375 -41.35 -15.37 38.92
N PHE C 376 -42.42 -14.68 39.30
CA PHE C 376 -42.29 -13.42 40.04
C PHE C 376 -41.49 -13.59 41.32
N GLU C 377 -41.57 -14.77 41.93
CA GLU C 377 -40.85 -15.06 43.18
C GLU C 377 -39.34 -15.10 42.88
N ILE C 378 -38.97 -15.92 41.90
CA ILE C 378 -37.60 -16.02 41.45
C ILE C 378 -37.09 -14.64 41.00
N LEU C 379 -37.92 -13.90 40.30
CA LEU C 379 -37.54 -12.58 39.82
C LEU C 379 -37.33 -11.62 40.95
N LYS C 380 -38.27 -11.58 41.88
CA LYS C 380 -38.17 -10.63 43.01
C LYS C 380 -36.90 -10.86 43.81
N SER C 381 -36.64 -12.13 44.10
CA SER C 381 -35.47 -12.51 44.86
C SER C 381 -34.19 -11.92 44.25
N ARG C 382 -33.97 -12.15 42.96
CA ARG C 382 -32.73 -11.73 42.31
C ARG C 382 -32.64 -10.21 42.21
N LEU C 383 -33.78 -9.57 42.01
CA LEU C 383 -33.84 -8.11 41.97
C LEU C 383 -33.49 -7.47 43.31
N MET C 384 -33.98 -8.05 44.41
CA MET C 384 -33.71 -7.52 45.74
C MET C 384 -32.23 -7.65 46.04
N ALA C 385 -31.64 -8.77 45.65
CA ALA C 385 -30.23 -9.04 45.91
C ALA C 385 -29.29 -8.28 44.97
N ASP C 386 -29.56 -8.32 43.67
CA ASP C 386 -28.56 -7.90 42.67
C ASP C 386 -28.82 -6.55 41.97
N ASN C 387 -30.02 -5.98 42.14
CA ASN C 387 -30.38 -4.79 41.38
C ASN C 387 -30.87 -3.66 42.26
N THR C 388 -30.15 -3.41 43.34
CA THR C 388 -30.37 -2.25 44.17
C THR C 388 -29.87 -1.01 43.45
N PRO C 389 -30.57 0.12 43.63
CA PRO C 389 -30.10 1.40 43.11
C PRO C 389 -28.66 1.75 43.50
N GLU C 390 -28.17 1.24 44.64
CA GLU C 390 -26.78 1.49 45.03
C GLU C 390 -25.88 0.84 44.00
N LYS C 391 -26.10 -0.45 43.77
CA LYS C 391 -25.33 -1.21 42.78
C LYS C 391 -25.51 -0.65 41.38
N ALA C 392 -26.73 -0.26 41.03
CA ALA C 392 -27.01 0.25 39.71
C ALA C 392 -26.25 1.54 39.51
N ALA C 393 -26.13 2.30 40.58
CA ALA C 393 -25.43 3.57 40.54
C ALA C 393 -23.96 3.36 40.24
N LYS C 394 -23.35 2.36 40.87
CA LYS C 394 -21.94 2.06 40.66
C LYS C 394 -21.65 1.79 39.17
N ILE C 395 -22.49 0.95 38.55
CA ILE C 395 -22.39 0.58 37.14
C ILE C 395 -22.69 1.70 36.14
N THR C 396 -23.70 2.51 36.41
CA THR C 396 -24.22 3.40 35.39
C THR C 396 -23.75 4.85 35.48
N GLY C 397 -23.34 5.27 36.68
CA GLY C 397 -22.98 6.66 36.95
C GLY C 397 -24.21 7.52 37.19
N VAL C 398 -25.36 6.87 37.42
CA VAL C 398 -26.59 7.57 37.78
C VAL C 398 -26.76 7.51 39.29
N THR C 399 -27.06 8.64 39.92
CA THR C 399 -27.14 8.64 41.39
C THR C 399 -28.25 7.66 41.77
N ALA C 400 -28.04 6.93 42.87
CA ALA C 400 -29.04 6.00 43.38
C ALA C 400 -30.31 6.73 43.76
N LYS C 401 -30.18 7.99 44.18
CA LYS C 401 -31.33 8.82 44.47
C LYS C 401 -32.17 9.08 43.21
N ALA C 402 -31.49 9.41 42.11
CA ALA C 402 -32.17 9.79 40.87
C ALA C 402 -32.88 8.58 40.27
N ILE C 403 -32.21 7.43 40.33
CA ILE C 403 -32.81 6.17 39.92
C ILE C 403 -34.10 5.91 40.71
N THR C 404 -34.07 6.12 42.03
CA THR C 404 -35.24 5.85 42.86
C THR C 404 -36.37 6.85 42.59
N GLU C 405 -36.03 8.12 42.42
CA GLU C 405 -37.05 9.11 42.07
C GLU C 405 -37.70 8.79 40.72
N LEU C 406 -36.87 8.41 39.75
CA LEU C 406 -37.35 8.11 38.42
C LEU C 406 -38.33 6.94 38.46
N ALA C 407 -37.97 5.87 39.15
CA ALA C 407 -38.83 4.70 39.23
C ALA C 407 -40.17 5.03 39.91
N ARG C 408 -40.11 5.85 40.96
CA ARG C 408 -41.31 6.25 41.70
C ARG C 408 -42.22 7.11 40.83
N GLU C 409 -41.74 8.26 40.37
CA GLU C 409 -42.47 9.08 39.40
C GLU C 409 -43.08 8.23 38.28
N PHE C 410 -42.27 7.42 37.63
CA PHE C 410 -42.71 6.66 36.47
C PHE C 410 -43.83 5.68 36.80
N ALA C 411 -43.76 5.09 37.99
CA ALA C 411 -44.77 4.13 38.44
C ALA C 411 -46.05 4.85 38.88
N THR C 412 -45.93 6.14 39.13
CA THR C 412 -47.01 6.95 39.72
C THR C 412 -47.86 7.70 38.70
N ALA C 413 -47.24 8.22 37.66
CA ALA C 413 -47.98 8.96 36.66
C ALA C 413 -48.82 8.01 35.80
N LYS C 414 -50.04 8.41 35.47
CA LYS C 414 -50.91 7.54 34.68
C LYS C 414 -51.71 8.38 33.69
N PRO C 415 -51.56 8.09 32.39
CA PRO C 415 -50.61 7.09 31.85
C PRO C 415 -49.18 7.59 31.63
N SER C 416 -48.26 6.63 31.72
CA SER C 416 -46.83 6.84 31.47
C SER C 416 -46.36 5.91 30.35
N MET C 417 -45.42 6.38 29.53
CA MET C 417 -44.87 5.52 28.50
C MET C 417 -43.35 5.64 28.33
N ILE C 418 -42.76 4.56 27.87
CA ILE C 418 -41.40 4.53 27.39
C ILE C 418 -41.40 4.69 25.85
N ILE C 419 -40.51 5.53 25.35
CA ILE C 419 -40.31 5.68 23.91
C ILE C 419 -38.87 5.29 23.62
N CYS C 420 -38.63 4.13 23.02
CA CYS C 420 -37.26 3.69 22.85
C CYS C 420 -36.80 3.79 21.38
N GLY C 421 -35.48 3.82 21.19
CA GLY C 421 -34.88 3.98 19.88
C GLY C 421 -33.56 3.27 19.66
N GLY C 422 -32.82 3.72 18.65
CA GLY C 422 -31.57 3.08 18.26
C GLY C 422 -30.53 3.00 19.38
N GLY C 423 -30.47 4.05 20.20
CA GLY C 423 -29.57 4.13 21.33
C GLY C 423 -29.71 2.99 22.33
N THR C 424 -30.90 2.40 22.38
CA THR C 424 -31.18 1.26 23.26
C THR C 424 -31.47 -0.01 22.46
N GLN C 425 -31.77 0.13 21.18
CA GLN C 425 -32.05 -1.05 20.36
C GLN C 425 -30.88 -1.59 19.53
N HIS C 426 -29.80 -0.84 19.36
CA HIS C 426 -28.71 -1.30 18.49
C HIS C 426 -27.55 -1.96 19.22
N TRP C 427 -27.81 -2.55 20.38
CA TRP C 427 -26.74 -3.16 21.17
C TRP C 427 -26.92 -4.66 21.12
N TYR C 428 -25.82 -5.37 21.32
CA TYR C 428 -25.77 -6.82 21.32
C TYR C 428 -26.81 -7.40 22.26
N TYR C 429 -27.03 -6.73 23.39
CA TYR C 429 -27.96 -7.23 24.41
C TYR C 429 -29.26 -6.40 24.43
N SER C 430 -29.59 -5.77 23.31
CA SER C 430 -30.82 -4.98 23.27
C SER C 430 -32.07 -5.82 23.47
N ASP C 431 -32.00 -7.11 23.20
CA ASP C 431 -33.16 -7.95 23.45
C ASP C 431 -33.45 -8.02 24.95
N VAL C 432 -32.44 -8.27 25.78
CA VAL C 432 -32.71 -8.34 27.21
C VAL C 432 -33.08 -6.97 27.75
N LEU C 433 -32.65 -5.90 27.07
CA LEU C 433 -32.99 -4.56 27.54
C LEU C 433 -34.45 -4.24 27.31
N LEU C 434 -35.00 -4.66 26.17
CA LEU C 434 -36.39 -4.32 25.86
C LEU C 434 -37.38 -5.25 26.60
N ARG C 435 -36.92 -6.45 26.95
CA ARG C 435 -37.67 -7.31 27.87
C ARG C 435 -37.84 -6.59 29.21
N ALA C 436 -36.77 -5.95 29.68
CA ALA C 436 -36.78 -5.19 30.93
C ALA C 436 -37.64 -3.94 30.82
N MET C 437 -37.55 -3.23 29.70
CA MET C 437 -38.44 -2.09 29.52
C MET C 437 -39.88 -2.58 29.53
N HIS C 438 -40.13 -3.75 28.95
CA HIS C 438 -41.49 -4.29 28.91
C HIS C 438 -41.94 -4.71 30.31
N LEU C 439 -40.98 -5.13 31.13
CA LEU C 439 -41.27 -5.48 32.51
C LEU C 439 -41.76 -4.24 33.26
N LEU C 440 -41.13 -3.10 33.00
CA LEU C 440 -41.54 -1.85 33.63
C LEU C 440 -42.94 -1.46 33.21
N THR C 441 -43.24 -1.69 31.94
CA THR C 441 -44.56 -1.36 31.43
C THR C 441 -45.60 -2.36 31.94
N ALA C 442 -45.20 -3.60 32.13
CA ALA C 442 -46.11 -4.59 32.68
C ALA C 442 -46.41 -4.31 34.15
N LEU C 443 -45.41 -3.83 34.89
CA LEU C 443 -45.55 -3.56 36.31
C LEU C 443 -46.46 -2.37 36.49
N THR C 444 -46.31 -1.37 35.63
CA THR C 444 -47.13 -0.17 35.69
C THR C 444 -48.49 -0.37 35.04
N GLY C 445 -48.68 -1.54 34.41
CA GLY C 445 -49.89 -1.88 33.69
C GLY C 445 -50.39 -0.92 32.60
N THR C 446 -49.51 -0.15 31.96
CA THR C 446 -49.97 0.82 30.98
C THR C 446 -50.10 0.28 29.54
N GLU C 447 -49.69 -0.95 29.32
CA GLU C 447 -49.78 -1.52 27.98
C GLU C 447 -51.25 -1.55 27.58
N GLY C 448 -51.55 -1.13 26.36
CA GLY C 448 -52.89 -1.18 25.81
C GLY C 448 -53.71 0.07 26.11
N THR C 449 -53.16 0.97 26.91
CA THR C 449 -53.86 2.19 27.25
C THR C 449 -53.26 3.38 26.49
N ASN C 450 -54.12 4.34 26.14
CA ASN C 450 -53.71 5.54 25.41
C ASN C 450 -52.75 6.35 26.21
N GLY C 451 -51.61 6.67 25.62
CA GLY C 451 -50.57 7.43 26.31
C GLY C 451 -49.70 6.55 27.18
N GLY C 452 -49.86 5.25 27.05
CA GLY C 452 -49.02 4.35 27.81
C GLY C 452 -48.31 3.39 26.88
N GLY C 453 -47.65 2.41 27.48
CA GLY C 453 -46.99 1.36 26.74
C GLY C 453 -45.49 1.55 26.55
N MET C 454 -44.90 0.54 25.91
CA MET C 454 -43.53 0.58 25.50
C MET C 454 -43.52 0.74 23.99
N ASN C 455 -43.26 1.96 23.54
CA ASN C 455 -43.39 2.30 22.14
C ASN C 455 -42.05 2.50 21.43
N HIS C 456 -41.72 1.61 20.51
CA HIS C 456 -40.45 1.72 19.81
C HIS C 456 -40.59 2.53 18.52
N TYR C 457 -39.58 3.35 18.24
CA TYR C 457 -39.50 4.03 16.95
C TYR C 457 -38.10 3.91 16.40
N ILE C 458 -38.06 3.42 15.17
CA ILE C 458 -36.82 3.24 14.42
C ILE C 458 -37.07 3.57 12.95
N GLY C 459 -37.28 2.58 12.09
CA GLY C 459 -37.51 2.87 10.67
C GLY C 459 -38.93 2.65 10.18
N GLN C 460 -39.11 2.74 8.86
CA GLN C 460 -40.41 2.61 8.21
C GLN C 460 -40.68 1.13 7.91
N TRP C 461 -40.86 0.37 8.98
CA TRP C 461 -40.92 -1.08 8.89
C TRP C 461 -42.34 -1.61 8.68
N LYS C 462 -43.34 -0.83 9.10
CA LYS C 462 -44.73 -1.27 9.19
C LYS C 462 -45.62 -0.80 8.03
N PRO C 463 -46.08 -1.77 7.22
CA PRO C 463 -47.08 -1.60 6.17
C PRO C 463 -48.42 -2.17 6.64
N ALA C 464 -49.33 -1.32 7.12
CA ALA C 464 -50.58 -1.81 7.72
C ALA C 464 -51.32 -2.77 6.78
N PHE C 465 -51.37 -2.42 5.49
CA PHE C 465 -51.97 -3.28 4.48
C PHE C 465 -51.10 -4.46 4.08
N VAL C 466 -50.42 -5.09 5.04
CA VAL C 466 -49.38 -6.08 4.74
C VAL C 466 -49.83 -7.29 3.89
N ALA C 467 -51.05 -7.77 4.11
CA ALA C 467 -51.62 -8.86 3.30
C ALA C 467 -51.66 -8.46 1.83
N GLY C 468 -52.11 -7.24 1.55
CA GLY C 468 -52.12 -6.75 0.18
C GLY C 468 -50.73 -6.76 -0.43
N LEU C 469 -49.77 -6.35 0.39
CA LEU C 469 -48.38 -6.25 -0.05
C LEU C 469 -47.83 -7.62 -0.44
N VAL C 470 -48.17 -8.62 0.37
CA VAL C 470 -47.77 -10.01 0.10
C VAL C 470 -48.37 -10.55 -1.22
N ALA C 471 -49.65 -10.25 -1.47
CA ALA C 471 -50.34 -10.72 -2.68
C ALA C 471 -49.60 -10.30 -3.97
N LEU C 472 -49.15 -9.05 -3.99
CA LEU C 472 -48.41 -8.54 -5.13
C LEU C 472 -46.98 -9.15 -5.19
N ALA C 473 -46.32 -9.28 -4.04
CA ALA C 473 -44.90 -9.66 -4.00
C ALA C 473 -44.71 -11.16 -4.09
N PHE C 474 -45.54 -11.89 -3.36
CA PHE C 474 -45.43 -13.34 -3.36
C PHE C 474 -46.78 -13.99 -3.63
N PRO C 475 -47.34 -13.74 -4.82
CA PRO C 475 -48.67 -14.20 -5.19
C PRO C 475 -48.93 -15.72 -5.01
N GLU C 476 -47.90 -16.54 -5.11
CA GLU C 476 -48.06 -17.98 -4.93
C GLU C 476 -47.91 -18.39 -3.49
N GLY C 477 -47.64 -17.41 -2.61
CA GLY C 477 -47.50 -17.64 -1.18
C GLY C 477 -46.10 -17.61 -0.59
N VAL C 478 -45.95 -16.89 0.53
CA VAL C 478 -44.65 -16.72 1.21
C VAL C 478 -43.98 -18.04 1.58
N ASN C 479 -44.75 -19.11 1.60
CA ASN C 479 -44.19 -20.44 1.81
C ASN C 479 -43.55 -20.99 0.54
N LYS C 480 -43.75 -20.29 -0.57
CA LYS C 480 -43.15 -20.76 -1.81
C LYS C 480 -42.09 -19.74 -2.22
N GLN C 481 -41.62 -18.97 -1.23
CA GLN C 481 -40.60 -17.97 -1.45
C GLN C 481 -39.37 -18.22 -0.57
N ARG C 482 -38.20 -18.25 -1.21
CA ARG C 482 -36.93 -18.37 -0.50
C ARG C 482 -36.55 -17.10 0.25
N PHE C 483 -36.17 -17.24 1.51
CA PHE C 483 -35.66 -16.12 2.32
C PHE C 483 -34.34 -16.49 3.00
N CYS C 484 -33.34 -15.62 2.88
CA CYS C 484 -32.23 -15.68 3.81
C CYS C 484 -32.52 -14.74 4.97
N GLN C 485 -31.77 -14.91 6.05
CA GLN C 485 -31.69 -13.91 7.10
C GLN C 485 -30.41 -13.08 6.88
N THR C 486 -30.56 -11.80 6.54
CA THR C 486 -29.43 -11.03 5.97
C THR C 486 -28.25 -10.82 6.93
N THR C 487 -28.51 -10.80 8.24
CA THR C 487 -27.42 -10.69 9.20
C THR C 487 -26.54 -11.96 9.16
N ILE C 488 -27.19 -13.12 9.08
CA ILE C 488 -26.49 -14.42 8.96
C ILE C 488 -25.77 -14.51 7.63
N TRP C 489 -26.46 -14.12 6.56
CA TRP C 489 -25.92 -14.12 5.19
C TRP C 489 -24.63 -13.30 5.09
N THR C 490 -24.65 -12.12 5.70
CA THR C 490 -23.49 -11.24 5.65
C THR C 490 -22.36 -11.79 6.52
N TYR C 491 -22.70 -12.20 7.73
CA TYR C 491 -21.73 -12.76 8.66
C TYR C 491 -21.02 -13.96 8.02
N ILE C 492 -21.80 -14.84 7.41
CA ILE C 492 -21.22 -16.03 6.81
C ILE C 492 -20.42 -15.72 5.55
N HIS C 493 -21.03 -15.02 4.59
CA HIS C 493 -20.36 -14.84 3.31
C HIS C 493 -19.25 -13.77 3.32
N ALA C 494 -19.36 -12.75 4.18
CA ALA C 494 -18.24 -11.82 4.35
C ALA C 494 -17.17 -12.37 5.30
N GLU C 495 -17.39 -13.58 5.83
CA GLU C 495 -16.40 -14.27 6.69
C GLU C 495 -15.89 -13.33 7.77
N VAL C 496 -16.85 -12.79 8.51
CA VAL C 496 -16.60 -11.78 9.52
C VAL C 496 -15.85 -12.35 10.73
N ASN C 497 -14.87 -11.58 11.19
CA ASN C 497 -14.22 -11.78 12.47
C ASN C 497 -14.88 -10.90 13.55
N ASP C 498 -15.69 -11.51 14.43
CA ASP C 498 -16.40 -10.70 15.43
C ASP C 498 -15.57 -10.45 16.68
N GLU C 499 -14.34 -10.99 16.72
CA GLU C 499 -13.37 -10.81 17.82
C GLU C 499 -13.80 -11.41 19.17
N ILE C 500 -14.81 -12.26 19.15
CA ILE C 500 -15.33 -12.79 20.38
C ILE C 500 -14.83 -14.21 20.51
N ILE C 501 -13.96 -14.45 21.49
CA ILE C 501 -13.30 -15.72 21.63
C ILE C 501 -14.33 -16.82 21.97
N SER C 502 -14.20 -17.97 21.31
CA SER C 502 -15.16 -19.06 21.41
C SER C 502 -15.37 -19.55 22.83
N SER C 503 -14.33 -19.43 23.67
CA SER C 503 -14.40 -19.79 25.08
C SER C 503 -15.23 -18.79 25.93
N ASP C 504 -15.53 -17.63 25.36
CA ASP C 504 -16.48 -16.71 25.98
C ASP C 504 -17.88 -16.94 25.43
N ILE C 505 -18.02 -16.86 24.12
CA ILE C 505 -19.27 -17.15 23.42
C ILE C 505 -18.95 -17.87 22.10
N ASP C 506 -19.31 -19.15 22.01
CA ASP C 506 -19.03 -19.94 20.81
C ASP C 506 -20.07 -19.64 19.71
N THR C 507 -20.05 -18.41 19.22
CA THR C 507 -20.94 -17.97 18.14
C THR C 507 -21.02 -18.98 17.00
N GLU C 508 -19.86 -19.48 16.58
CA GLU C 508 -19.75 -20.41 15.46
C GLU C 508 -20.61 -21.63 15.69
N LYS C 509 -20.46 -22.23 16.86
CA LYS C 509 -21.21 -23.41 17.20
C LYS C 509 -22.71 -23.10 17.24
N TYR C 510 -23.11 -21.99 17.88
CA TYR C 510 -24.55 -21.65 17.92
C TYR C 510 -25.10 -21.42 16.53
N LEU C 511 -24.33 -20.70 15.71
CA LEU C 511 -24.74 -20.41 14.34
C LEU C 511 -24.88 -21.71 13.56
N ARG C 512 -23.85 -22.55 13.62
CA ARG C 512 -23.84 -23.80 12.84
C ARG C 512 -24.96 -24.69 13.28
N ASP C 513 -25.18 -24.74 14.58
CA ASP C 513 -26.16 -25.69 15.07
C ASP C 513 -27.55 -25.22 14.65
N SER C 514 -27.81 -23.91 14.70
CA SER C 514 -29.16 -23.45 14.37
C SER C 514 -29.47 -23.63 12.89
N ILE C 515 -28.42 -23.67 12.07
CA ILE C 515 -28.55 -23.90 10.64
C ILE C 515 -28.77 -25.37 10.32
N THR C 516 -27.86 -26.23 10.79
CA THR C 516 -28.00 -27.65 10.56
C THR C 516 -29.32 -28.22 11.10
N THR C 517 -29.82 -27.65 12.19
CA THR C 517 -31.08 -28.13 12.79
C THR C 517 -32.34 -27.47 12.21
N GLY C 518 -32.20 -26.67 11.16
CA GLY C 518 -33.35 -26.00 10.56
C GLY C 518 -34.01 -24.83 11.28
N GLN C 519 -33.34 -24.20 12.25
CA GLN C 519 -33.98 -23.13 13.02
C GLN C 519 -33.82 -21.78 12.34
N MET C 520 -32.75 -21.68 11.57
CA MET C 520 -32.37 -20.44 10.90
C MET C 520 -31.83 -20.83 9.54
N PRO C 521 -32.15 -20.04 8.50
CA PRO C 521 -31.80 -20.36 7.12
C PRO C 521 -30.36 -20.00 6.78
N ASN C 522 -29.79 -20.72 5.82
CA ASN C 522 -28.56 -20.29 5.18
C ASN C 522 -28.69 -20.46 3.67
N MET C 523 -28.85 -19.33 2.99
CA MET C 523 -28.81 -19.26 1.55
C MET C 523 -27.45 -18.76 1.07
N PRO C 524 -26.97 -19.25 -0.07
CA PRO C 524 -27.49 -20.39 -0.85
C PRO C 524 -27.34 -21.71 -0.11
N GLU C 525 -28.18 -22.67 -0.45
CA GLU C 525 -28.01 -23.99 0.16
C GLU C 525 -26.79 -24.75 -0.41
N GLN C 526 -26.38 -25.77 0.34
CA GLN C 526 -25.26 -26.65 0.00
C GLN C 526 -23.95 -25.89 -0.07
N GLY C 527 -23.83 -24.80 0.69
CA GLY C 527 -22.56 -24.10 0.79
C GLY C 527 -22.05 -23.39 -0.45
N ARG C 528 -22.90 -23.18 -1.46
CA ARG C 528 -22.50 -22.43 -2.68
C ARG C 528 -22.31 -20.94 -2.44
N ASP C 529 -21.42 -20.32 -3.19
CA ASP C 529 -21.30 -18.88 -3.14
C ASP C 529 -22.56 -18.26 -3.67
N PRO C 530 -22.93 -17.07 -3.14
CA PRO C 530 -23.88 -16.21 -3.84
C PRO C 530 -23.21 -15.68 -5.13
N LYS C 531 -23.94 -15.63 -6.24
CA LYS C 531 -23.36 -15.28 -7.55
C LYS C 531 -23.90 -13.98 -8.15
N VAL C 532 -25.21 -13.74 -7.99
CA VAL C 532 -25.86 -12.59 -8.58
C VAL C 532 -26.62 -11.84 -7.51
N PHE C 533 -26.42 -10.52 -7.46
CA PHE C 533 -26.96 -9.69 -6.39
C PHE C 533 -27.63 -8.45 -6.99
N PHE C 534 -28.95 -8.37 -6.87
CA PHE C 534 -29.70 -7.14 -7.18
C PHE C 534 -29.89 -6.29 -5.93
N VAL C 535 -29.52 -5.02 -5.99
CA VAL C 535 -29.76 -4.12 -4.89
C VAL C 535 -30.47 -2.88 -5.42
N TYR C 536 -31.55 -2.47 -4.76
CA TYR C 536 -32.23 -1.22 -5.12
C TYR C 536 -33.20 -0.82 -4.03
N ARG C 537 -33.38 0.49 -3.84
CA ARG C 537 -34.20 1.07 -2.74
C ARG C 537 -33.51 0.98 -1.36
N GLY C 538 -32.24 0.54 -1.35
CA GLY C 538 -31.41 0.50 -0.16
C GLY C 538 -29.94 0.56 -0.56
N ASN C 539 -29.15 1.40 0.10
CA ASN C 539 -27.71 1.48 -0.19
C ASN C 539 -26.98 0.36 0.56
N TRP C 540 -27.23 -0.89 0.15
CA TRP C 540 -26.82 -2.03 0.97
C TRP C 540 -25.32 -2.03 1.34
N LEU C 541 -24.44 -1.81 0.37
CA LEU C 541 -23.01 -1.79 0.66
C LEU C 541 -22.57 -0.62 1.59
N ASN C 542 -23.06 0.59 1.38
CA ASN C 542 -22.67 1.72 2.23
C ASN C 542 -23.11 1.56 3.68
N GLN C 543 -24.23 0.87 3.88
CA GLN C 543 -24.86 0.81 5.20
C GLN C 543 -24.51 -0.47 5.94
N ALA C 544 -23.92 -1.44 5.24
CA ALA C 544 -23.64 -2.77 5.81
C ALA C 544 -22.60 -2.79 6.94
N LYS C 545 -22.97 -3.40 8.06
CA LYS C 545 -21.99 -3.71 9.12
C LYS C 545 -20.99 -4.70 8.56
N GLY C 546 -19.78 -4.72 9.11
CA GLY C 546 -18.73 -5.61 8.62
C GLY C 546 -18.22 -5.22 7.23
N GLN C 547 -18.28 -3.93 6.93
CA GLN C 547 -18.12 -3.47 5.56
C GLN C 547 -16.76 -3.79 4.96
N LYS C 548 -15.71 -3.73 5.77
CA LYS C 548 -14.39 -4.05 5.26
C LYS C 548 -14.36 -5.54 4.85
N TYR C 549 -14.98 -6.37 5.68
CA TYR C 549 -15.09 -7.81 5.41
C TYR C 549 -15.93 -8.06 4.16
N VAL C 550 -16.99 -7.28 3.99
CA VAL C 550 -17.84 -7.40 2.83
C VAL C 550 -17.03 -7.12 1.56
N LEU C 551 -16.27 -6.03 1.59
CA LEU C 551 -15.49 -5.57 0.44
C LEU C 551 -14.39 -6.57 0.08
N GLU C 552 -13.67 -7.06 1.07
CA GLU C 552 -12.58 -7.98 0.82
C GLU C 552 -13.02 -9.42 0.54
N ASN C 553 -14.14 -9.84 1.13
CA ASN C 553 -14.52 -11.26 1.14
C ASN C 553 -15.81 -11.64 0.43
N LEU C 554 -16.85 -10.83 0.54
CA LEU C 554 -18.13 -11.12 -0.08
C LEU C 554 -18.17 -10.62 -1.53
N TRP C 555 -17.92 -9.34 -1.72
CA TRP C 555 -18.03 -8.70 -3.03
C TRP C 555 -17.40 -9.50 -4.20
N PRO C 556 -16.18 -10.07 -4.03
CA PRO C 556 -15.56 -10.85 -5.13
C PRO C 556 -16.13 -12.24 -5.37
N LYS C 557 -17.03 -12.72 -4.54
CA LYS C 557 -17.70 -13.97 -4.82
C LYS C 557 -18.82 -13.70 -5.81
N LEU C 558 -19.25 -12.44 -5.85
CA LEU C 558 -20.38 -12.06 -6.68
C LEU C 558 -19.95 -11.84 -8.12
N GLU C 559 -20.60 -12.55 -9.05
CA GLU C 559 -20.25 -12.45 -10.45
C GLU C 559 -20.98 -11.29 -11.11
N LEU C 560 -22.23 -11.05 -10.73
CA LEU C 560 -22.94 -9.91 -11.31
C LEU C 560 -23.66 -9.16 -10.19
N ILE C 561 -23.45 -7.85 -10.16
CA ILE C 561 -24.07 -7.01 -9.15
C ILE C 561 -24.81 -5.92 -9.87
N VAL C 562 -26.10 -5.78 -9.58
CA VAL C 562 -26.99 -4.87 -10.31
C VAL C 562 -27.56 -3.84 -9.38
N ASP C 563 -27.30 -2.57 -9.62
CA ASP C 563 -27.93 -1.56 -8.80
C ASP C 563 -28.95 -0.76 -9.63
N ILE C 564 -30.16 -0.62 -9.10
CA ILE C 564 -31.21 0.19 -9.74
C ILE C 564 -31.41 1.41 -8.87
N ASN C 565 -31.28 2.61 -9.43
CA ASN C 565 -31.23 3.80 -8.59
C ASN C 565 -31.58 5.10 -9.33
N ILE C 566 -32.02 6.11 -8.58
CA ILE C 566 -32.15 7.45 -9.14
C ILE C 566 -30.80 8.19 -9.09
N ARG C 567 -29.92 7.77 -8.17
CA ARG C 567 -28.63 8.42 -8.02
C ARG C 567 -27.49 7.39 -7.95
N MET C 568 -26.27 7.87 -8.06
CA MET C 568 -25.11 7.01 -7.88
C MET C 568 -24.73 6.99 -6.39
N ASP C 569 -25.23 6.00 -5.66
CA ASP C 569 -24.84 5.85 -4.27
C ASP C 569 -23.60 4.96 -4.25
N SER C 570 -23.01 4.77 -3.09
CA SER C 570 -21.79 3.96 -3.01
C SER C 570 -21.97 2.54 -3.54
N THR C 571 -23.14 1.94 -3.29
CA THR C 571 -23.38 0.58 -3.76
C THR C 571 -23.32 0.56 -5.27
N ALA C 572 -24.05 1.48 -5.88
CA ALA C 572 -24.07 1.56 -7.34
C ALA C 572 -22.66 1.83 -7.91
N LEU C 573 -21.87 2.62 -7.19
CA LEU C 573 -20.49 2.95 -7.55
C LEU C 573 -19.62 1.69 -7.59
N TYR C 574 -19.98 0.73 -6.74
CA TYR C 574 -19.27 -0.54 -6.68
C TYR C 574 -19.95 -1.71 -7.39
N SER C 575 -20.96 -1.44 -8.22
CA SER C 575 -21.67 -2.52 -8.95
C SER C 575 -21.15 -2.68 -10.39
N ASP C 576 -21.73 -3.63 -11.11
CA ASP C 576 -21.30 -3.93 -12.48
C ASP C 576 -22.21 -3.26 -13.52
N VAL C 577 -23.49 -3.17 -13.17
CA VAL C 577 -24.52 -2.56 -13.96
C VAL C 577 -25.39 -1.66 -13.07
N VAL C 578 -25.61 -0.43 -13.53
CA VAL C 578 -26.44 0.55 -12.84
C VAL C 578 -27.57 0.97 -13.80
N LEU C 579 -28.81 0.81 -13.36
CA LEU C 579 -29.98 1.13 -14.17
C LEU C 579 -30.71 2.34 -13.58
N PRO C 580 -31.09 3.29 -14.45
CA PRO C 580 -31.70 4.54 -14.03
C PRO C 580 -33.19 4.40 -13.63
N SER C 581 -33.48 4.71 -12.37
CA SER C 581 -34.82 4.56 -11.85
C SER C 581 -35.45 5.94 -11.76
N ALA C 582 -36.74 6.02 -12.07
CA ALA C 582 -37.44 7.30 -12.09
C ALA C 582 -37.46 7.90 -10.70
N HIS C 583 -37.44 9.22 -10.62
CA HIS C 583 -37.48 9.95 -9.34
C HIS C 583 -38.88 9.79 -8.74
N TRP C 584 -39.03 10.12 -7.45
CA TRP C 584 -40.31 10.00 -6.75
C TRP C 584 -41.42 10.84 -7.39
N TYR C 585 -41.04 11.89 -8.10
CA TYR C 585 -42.05 12.72 -8.71
C TYR C 585 -42.26 12.33 -10.17
N GLU C 586 -41.84 11.11 -10.52
CA GLU C 586 -41.92 10.66 -11.90
C GLU C 586 -42.51 9.29 -11.94
N LYS C 587 -43.06 8.89 -10.79
CA LYS C 587 -43.62 7.54 -10.60
C LYS C 587 -44.86 7.55 -9.70
N LEU C 588 -45.58 6.43 -9.75
CA LEU C 588 -46.72 6.17 -8.90
C LEU C 588 -46.36 5.11 -7.85
N ASP C 589 -46.58 5.41 -6.58
CA ASP C 589 -46.46 4.40 -5.50
C ASP C 589 -47.20 4.87 -4.22
N LEU C 590 -47.44 3.92 -3.33
CA LEU C 590 -48.01 4.21 -2.01
C LEU C 590 -46.88 4.52 -1.03
N ASN C 591 -47.22 5.03 0.14
CA ASN C 591 -46.20 5.41 1.10
C ASN C 591 -46.75 5.50 2.54
N VAL C 592 -46.56 4.44 3.34
CA VAL C 592 -47.06 4.37 4.71
C VAL C 592 -45.97 4.13 5.77
N THR C 593 -46.29 4.45 7.03
CA THR C 593 -45.39 4.32 8.17
C THR C 593 -46.17 3.97 9.47
N SER C 594 -45.47 3.58 10.53
CA SER C 594 -46.19 3.24 11.75
C SER C 594 -46.44 4.46 12.64
N GLU C 595 -45.71 5.54 12.38
CA GLU C 595 -45.84 6.80 13.11
C GLU C 595 -47.24 7.47 13.03
N HIS C 596 -47.95 7.30 11.92
CA HIS C 596 -49.30 7.85 11.79
C HIS C 596 -50.19 6.85 11.05
N SER C 597 -51.50 7.12 11.00
CA SER C 597 -52.42 6.10 10.56
C SER C 597 -52.99 6.31 9.16
N TYR C 598 -52.32 7.11 8.35
CA TYR C 598 -52.89 7.50 7.07
C TYR C 598 -52.06 7.00 5.91
N ILE C 599 -52.68 6.87 4.73
CA ILE C 599 -51.99 6.41 3.53
C ILE C 599 -51.56 7.55 2.59
N ASN C 600 -50.25 7.73 2.47
CA ASN C 600 -49.63 8.73 1.59
C ASN C 600 -49.31 8.09 0.24
N MET C 601 -49.00 8.90 -0.76
CA MET C 601 -48.69 8.36 -2.09
C MET C 601 -48.00 9.41 -2.93
N THR C 602 -47.43 8.98 -4.04
CA THR C 602 -46.81 9.91 -4.97
C THR C 602 -47.26 9.54 -6.36
N GLU C 603 -47.33 10.55 -7.23
CA GLU C 603 -47.68 10.35 -8.64
C GLU C 603 -46.76 11.20 -9.51
N PRO C 604 -46.63 10.82 -10.79
CA PRO C 604 -45.79 11.59 -11.71
C PRO C 604 -46.21 13.06 -11.91
N ALA C 605 -45.40 14.00 -11.43
CA ALA C 605 -45.53 15.38 -11.86
C ALA C 605 -45.17 15.47 -13.36
N ILE C 606 -44.14 14.74 -13.76
CA ILE C 606 -43.77 14.60 -15.18
C ILE C 606 -43.47 13.16 -15.49
N LYS C 607 -43.25 12.84 -16.77
CA LYS C 607 -42.79 11.52 -17.17
C LYS C 607 -41.37 11.31 -16.68
N PRO C 608 -40.96 10.04 -16.44
CA PRO C 608 -39.57 9.70 -16.11
C PRO C 608 -38.55 10.41 -17.00
N MET C 609 -37.64 11.19 -16.41
CA MET C 609 -36.60 11.89 -17.18
C MET C 609 -35.58 10.95 -17.80
N TRP C 610 -34.77 11.53 -18.70
CA TRP C 610 -33.68 10.83 -19.39
C TRP C 610 -34.15 9.45 -19.83
N GLU C 611 -33.37 8.40 -19.63
CA GLU C 611 -33.87 7.08 -19.99
C GLU C 611 -34.40 6.25 -18.81
N SER C 612 -34.79 6.91 -17.72
CA SER C 612 -35.20 6.19 -16.52
C SER C 612 -36.54 5.50 -16.69
N LYS C 613 -36.78 4.52 -15.83
CA LYS C 613 -38.03 3.81 -15.79
C LYS C 613 -38.40 3.67 -14.31
N THR C 614 -39.65 3.33 -14.03
CA THR C 614 -40.05 3.07 -12.66
C THR C 614 -39.54 1.69 -12.33
N ASP C 615 -39.41 1.39 -11.03
CA ASP C 615 -38.91 0.07 -10.63
C ASP C 615 -39.82 -1.03 -11.12
N TRP C 616 -41.15 -0.79 -11.05
CA TRP C 616 -42.12 -1.76 -11.52
C TRP C 616 -41.94 -2.03 -13.03
N GLN C 617 -41.70 -0.97 -13.78
CA GLN C 617 -41.53 -1.13 -15.21
C GLN C 617 -40.21 -1.84 -15.51
N ILE C 618 -39.19 -1.59 -14.70
CA ILE C 618 -37.88 -2.15 -14.98
C ILE C 618 -37.92 -3.67 -14.91
N PHE C 619 -38.54 -4.23 -13.88
CA PHE C 619 -38.57 -5.69 -13.79
C PHE C 619 -39.53 -6.33 -14.81
N LEU C 620 -40.57 -5.62 -15.22
CA LEU C 620 -41.35 -6.07 -16.38
C LEU C 620 -40.46 -6.21 -17.59
N ALA C 621 -39.67 -5.16 -17.87
CA ALA C 621 -38.79 -5.18 -19.02
C ALA C 621 -37.78 -6.29 -18.89
N LEU C 622 -37.23 -6.46 -17.69
CA LEU C 622 -36.24 -7.53 -17.51
C LEU C 622 -36.91 -8.88 -17.73
N ALA C 623 -38.17 -8.99 -17.32
CA ALA C 623 -38.91 -10.25 -17.47
C ALA C 623 -38.89 -10.74 -18.93
N LYS C 624 -39.14 -9.83 -19.87
CA LYS C 624 -39.23 -10.21 -21.28
C LYS C 624 -37.87 -10.68 -21.79
N ARG C 625 -36.82 -10.00 -21.35
CA ARG C 625 -35.45 -10.30 -21.79
C ARG C 625 -34.99 -11.65 -21.28
N VAL C 626 -35.49 -11.98 -20.10
CA VAL C 626 -35.23 -13.29 -19.53
C VAL C 626 -35.97 -14.38 -20.34
N GLU C 627 -37.19 -14.08 -20.81
CA GLU C 627 -37.87 -15.05 -21.69
C GLU C 627 -36.99 -15.34 -22.92
N MET C 628 -36.47 -14.28 -23.53
CA MET C 628 -35.65 -14.39 -24.71
C MET C 628 -34.33 -15.15 -24.46
N ALA C 629 -33.66 -14.88 -23.34
CA ALA C 629 -32.40 -15.57 -23.04
C ALA C 629 -32.64 -17.04 -22.72
N ALA C 630 -33.72 -17.33 -22.00
CA ALA C 630 -34.08 -18.70 -21.69
C ALA C 630 -34.41 -19.47 -22.97
N LYS C 631 -35.00 -18.77 -23.94
CA LYS C 631 -35.31 -19.41 -25.21
C LYS C 631 -33.98 -19.74 -25.87
N ARG C 632 -33.12 -18.73 -26.00
CA ARG C 632 -31.80 -18.92 -26.59
C ARG C 632 -31.03 -20.08 -25.95
N LYS C 633 -31.09 -20.23 -24.64
CA LYS C 633 -30.18 -21.17 -23.99
C LYS C 633 -30.85 -22.53 -23.82
N LYS C 634 -32.01 -22.68 -24.43
CA LYS C 634 -32.77 -23.92 -24.38
C LYS C 634 -32.96 -24.33 -22.93
N TYR C 635 -33.52 -23.41 -22.16
CA TYR C 635 -33.72 -23.65 -20.76
C TYR C 635 -34.94 -22.83 -20.32
N GLU C 636 -36.14 -23.28 -20.71
CA GLU C 636 -37.34 -22.48 -20.52
C GLU C 636 -38.21 -23.01 -19.37
N LYS C 637 -38.04 -24.29 -19.07
CA LYS C 637 -38.73 -24.98 -18.01
C LYS C 637 -37.67 -25.70 -17.19
N PHE C 638 -37.73 -25.56 -15.86
CA PHE C 638 -36.85 -26.37 -15.01
C PHE C 638 -37.54 -26.67 -13.70
N ASN C 639 -37.20 -27.81 -13.11
CA ASN C 639 -37.84 -28.21 -11.87
C ASN C 639 -37.12 -27.67 -10.64
N ASP C 640 -37.84 -26.87 -9.86
CA ASP C 640 -37.34 -26.37 -8.58
C ASP C 640 -37.86 -27.28 -7.47
N GLU C 641 -37.10 -28.32 -7.17
CA GLU C 641 -37.56 -29.40 -6.32
C GLU C 641 -37.99 -28.98 -4.91
N LYS C 642 -37.39 -27.91 -4.39
CA LYS C 642 -37.66 -27.48 -3.02
C LYS C 642 -39.13 -27.12 -2.83
N PHE C 643 -39.77 -26.63 -3.89
CA PHE C 643 -41.19 -26.30 -3.77
C PHE C 643 -42.09 -27.19 -4.65
N LYS C 644 -41.53 -28.29 -5.17
CA LYS C 644 -42.20 -29.09 -6.20
C LYS C 644 -42.81 -28.17 -7.24
N TRP C 645 -42.00 -27.24 -7.74
CA TRP C 645 -42.47 -26.20 -8.65
C TRP C 645 -41.69 -26.27 -9.95
N VAL C 646 -42.38 -26.55 -11.05
CA VAL C 646 -41.70 -26.55 -12.34
C VAL C 646 -41.83 -25.16 -12.88
N ARG C 647 -40.69 -24.50 -13.01
CA ARG C 647 -40.73 -23.08 -13.33
C ARG C 647 -40.70 -22.91 -14.83
N ASP C 648 -41.58 -22.05 -15.33
CA ASP C 648 -41.70 -21.80 -16.75
C ASP C 648 -41.25 -20.38 -17.08
N LEU C 649 -40.01 -20.23 -17.53
CA LEU C 649 -39.44 -18.90 -17.76
C LEU C 649 -39.93 -18.26 -19.05
N SER C 650 -40.55 -19.04 -19.94
CA SER C 650 -41.09 -18.53 -21.21
C SER C 650 -42.32 -17.65 -21.00
N ASN C 651 -42.90 -17.73 -19.81
CA ASN C 651 -44.12 -17.00 -19.51
C ASN C 651 -43.94 -16.00 -18.37
N LEU C 652 -42.67 -15.68 -18.10
CA LEU C 652 -42.28 -14.87 -16.96
C LEU C 652 -42.93 -13.48 -16.94
N TRP C 653 -43.12 -12.86 -18.09
CA TRP C 653 -43.75 -11.54 -18.12
C TRP C 653 -45.21 -11.64 -17.70
N ASN C 654 -45.87 -12.70 -18.15
CA ASN C 654 -47.27 -12.93 -17.80
C ASN C 654 -47.40 -13.16 -16.30
N GLN C 655 -46.50 -13.99 -15.78
CA GLN C 655 -46.38 -14.22 -14.35
C GLN C 655 -46.19 -12.94 -13.55
N MET C 656 -45.40 -12.02 -14.09
CA MET C 656 -45.17 -10.71 -13.46
C MET C 656 -46.38 -9.76 -13.44
N THR C 657 -47.30 -9.91 -14.40
CA THR C 657 -48.40 -8.94 -14.53
C THR C 657 -49.80 -9.52 -14.32
N MET C 658 -49.88 -10.83 -14.11
CA MET C 658 -51.16 -11.53 -13.99
C MET C 658 -51.86 -11.37 -15.34
N ASP C 659 -51.18 -11.86 -16.37
CA ASP C 659 -51.62 -11.76 -17.75
C ASP C 659 -52.09 -10.36 -18.09
N GLY C 660 -51.16 -9.42 -18.07
CA GLY C 660 -51.49 -8.05 -18.40
C GLY C 660 -52.32 -7.25 -17.41
N LYS C 661 -52.94 -7.90 -16.42
CA LYS C 661 -53.76 -7.16 -15.48
C LYS C 661 -52.94 -6.07 -14.80
N LEU C 662 -51.72 -6.41 -14.41
CA LEU C 662 -50.92 -5.50 -13.62
C LEU C 662 -49.70 -5.00 -14.41
N ALA C 663 -49.89 -4.69 -15.68
CA ALA C 663 -48.77 -4.23 -16.48
C ALA C 663 -48.51 -2.73 -16.25
N GLU C 664 -49.52 -2.04 -15.74
CA GLU C 664 -49.37 -0.60 -15.40
C GLU C 664 -49.14 -0.42 -13.89
N ASP C 665 -48.25 0.51 -13.55
CA ASP C 665 -47.95 0.86 -12.15
C ASP C 665 -49.20 1.12 -11.29
N GLU C 666 -50.13 1.94 -11.80
CA GLU C 666 -51.32 2.31 -11.03
C GLU C 666 -52.17 1.10 -10.63
N ALA C 667 -52.27 0.10 -11.49
CA ALA C 667 -53.07 -1.08 -11.19
C ALA C 667 -52.41 -1.97 -10.11
N ALA C 668 -51.09 -1.95 -10.05
CA ALA C 668 -50.38 -2.67 -8.99
C ALA C 668 -50.68 -2.02 -7.63
N ALA C 669 -50.68 -0.70 -7.60
CA ALA C 669 -50.94 -0.01 -6.35
C ALA C 669 -52.33 -0.35 -5.87
N GLN C 670 -53.28 -0.32 -6.81
CA GLN C 670 -54.69 -0.52 -6.50
C GLN C 670 -54.88 -1.92 -6.01
N TYR C 671 -54.14 -2.83 -6.62
CA TYR C 671 -54.21 -4.23 -6.26
C TYR C 671 -53.72 -4.50 -4.84
N ILE C 672 -52.85 -3.64 -4.33
CA ILE C 672 -52.37 -3.76 -2.95
C ILE C 672 -53.46 -3.28 -2.01
N LEU C 673 -54.06 -2.15 -2.34
CA LEU C 673 -55.20 -1.64 -1.58
C LEU C 673 -56.38 -2.63 -1.53
N ASP C 674 -56.67 -3.29 -2.65
CA ASP C 674 -57.82 -4.20 -2.73
C ASP C 674 -57.66 -5.42 -1.86
N ASN C 675 -56.42 -5.80 -1.56
CA ASN C 675 -56.20 -7.10 -0.96
C ASN C 675 -55.69 -7.09 0.45
N ALA C 676 -56.02 -6.01 1.14
CA ALA C 676 -55.78 -5.92 2.57
C ALA C 676 -57.01 -5.34 3.23
N PRO C 677 -57.48 -6.00 4.30
CA PRO C 677 -58.62 -5.53 5.10
C PRO C 677 -58.42 -4.14 5.68
N GLN C 678 -57.18 -3.71 5.89
CA GLN C 678 -56.92 -2.38 6.44
C GLN C 678 -57.03 -1.26 5.41
N SER C 679 -57.27 -1.60 4.15
CA SER C 679 -57.29 -0.59 3.10
C SER C 679 -58.40 -0.82 2.06
N LYS C 680 -58.89 -2.06 1.98
CA LYS C 680 -59.96 -2.38 1.03
C LYS C 680 -61.10 -1.38 1.19
N GLY C 681 -61.43 -0.73 0.10
CA GLY C 681 -62.31 0.41 0.14
C GLY C 681 -61.64 1.57 -0.56
N ILE C 682 -60.33 1.73 -0.35
CA ILE C 682 -59.67 2.96 -0.78
C ILE C 682 -59.10 2.82 -2.21
N THR C 683 -59.13 3.92 -2.94
CA THR C 683 -58.63 3.91 -4.31
C THR C 683 -57.51 4.94 -4.48
N ILE C 684 -56.76 4.81 -5.57
CA ILE C 684 -55.71 5.77 -5.88
C ILE C 684 -56.24 7.21 -5.96
N GLN C 685 -57.39 7.37 -6.58
CA GLN C 685 -57.91 8.71 -6.81
C GLN C 685 -58.32 9.38 -5.50
N MET C 686 -58.77 8.59 -4.52
CA MET C 686 -59.08 9.14 -3.21
C MET C 686 -57.83 9.67 -2.53
N LEU C 687 -56.77 8.88 -2.59
CA LEU C 687 -55.48 9.24 -2.01
C LEU C 687 -54.90 10.45 -2.74
N ARG C 688 -55.08 10.50 -4.06
CA ARG C 688 -54.59 11.61 -4.87
C ARG C 688 -55.10 12.96 -4.34
N GLU C 689 -56.33 12.96 -3.85
CA GLU C 689 -56.97 14.18 -3.39
C GLU C 689 -56.62 14.45 -1.96
N LYS C 690 -56.63 13.39 -1.16
CA LYS C 690 -56.47 13.54 0.28
C LYS C 690 -55.96 12.24 0.88
N PRO C 691 -55.00 12.35 1.81
CA PRO C 691 -54.56 11.17 2.56
C PRO C 691 -55.75 10.52 3.27
N GLN C 692 -55.80 9.20 3.25
CA GLN C 692 -56.91 8.44 3.86
C GLN C 692 -56.42 7.69 5.10
N ARG C 693 -57.21 7.70 6.16
CA ARG C 693 -56.89 6.86 7.30
C ARG C 693 -57.13 5.38 6.94
N PHE C 694 -56.23 4.49 7.38
CA PHE C 694 -56.42 3.04 7.24
C PHE C 694 -57.80 2.60 7.73
N LYS C 695 -58.33 1.50 7.20
CA LYS C 695 -59.66 1.03 7.61
C LYS C 695 -59.58 0.30 8.95
N SER C 696 -58.41 -0.28 9.22
CA SER C 696 -58.18 -1.01 10.47
C SER C 696 -56.68 -1.20 10.70
N ASN C 697 -56.32 -2.03 11.67
CA ASN C 697 -54.92 -2.15 12.02
C ASN C 697 -54.53 -3.58 12.41
N TRP C 698 -53.59 -3.70 13.34
CA TRP C 698 -52.96 -4.99 13.60
C TRP C 698 -53.32 -5.63 14.92
N THR C 699 -53.01 -4.97 16.04
CA THR C 699 -53.18 -5.61 17.34
C THR C 699 -54.23 -4.90 18.23
N SER C 700 -54.94 -3.93 17.65
CA SER C 700 -55.98 -3.19 18.36
C SER C 700 -57.10 -2.80 17.40
N PRO C 701 -58.28 -2.44 17.93
CA PRO C 701 -59.27 -1.76 17.11
C PRO C 701 -58.68 -0.43 16.63
N LEU C 702 -59.11 0.07 15.48
CA LEU C 702 -58.80 1.45 15.11
C LEU C 702 -60.06 2.29 15.29
N LYS C 703 -60.04 3.24 16.23
CA LYS C 703 -61.24 4.01 16.58
C LYS C 703 -61.27 5.45 16.04
N GLU C 704 -62.45 5.86 15.58
CA GLU C 704 -62.69 7.21 15.07
C GLU C 704 -62.20 8.27 16.01
N GLY C 705 -61.35 9.15 15.51
CA GLY C 705 -60.83 10.24 16.32
C GLY C 705 -59.98 9.83 17.52
N VAL C 706 -59.64 8.54 17.62
CA VAL C 706 -58.78 8.07 18.72
C VAL C 706 -57.43 7.54 18.22
N PRO C 707 -56.32 8.07 18.75
CA PRO C 707 -55.01 7.57 18.31
C PRO C 707 -54.83 6.10 18.64
N TYR C 708 -54.34 5.36 17.65
CA TYR C 708 -54.03 3.95 17.79
C TYR C 708 -53.00 3.69 18.88
N THR C 709 -53.24 2.65 19.67
CA THR C 709 -52.23 2.16 20.60
C THR C 709 -52.37 0.65 20.59
N PRO C 710 -51.24 -0.06 20.57
CA PRO C 710 -51.29 -1.49 20.22
C PRO C 710 -51.65 -2.46 21.35
N PHE C 711 -51.80 -3.72 20.98
CA PHE C 711 -51.98 -4.85 21.88
C PHE C 711 -53.33 -4.95 22.60
N GLN C 712 -54.27 -4.06 22.28
CA GLN C 712 -55.57 -4.06 22.95
C GLN C 712 -56.35 -5.38 22.79
N TYR C 713 -56.18 -6.08 21.68
CA TYR C 713 -56.87 -7.35 21.53
C TYR C 713 -56.49 -8.33 22.64
N PHE C 714 -55.30 -8.19 23.21
CA PHE C 714 -54.86 -9.10 24.28
C PHE C 714 -55.14 -8.50 25.63
N VAL C 715 -54.85 -7.22 25.74
CA VAL C 715 -55.03 -6.48 26.98
C VAL C 715 -56.50 -6.25 27.31
N VAL C 716 -57.26 -5.73 26.35
CA VAL C 716 -58.68 -5.45 26.56
C VAL C 716 -59.60 -6.65 26.25
N ASP C 717 -59.47 -7.20 25.04
CA ASP C 717 -60.35 -8.29 24.61
C ASP C 717 -59.90 -9.66 25.09
N LYS C 718 -58.82 -9.69 25.87
CA LYS C 718 -58.34 -10.91 26.55
C LYS C 718 -58.16 -12.13 25.65
N LYS C 719 -57.71 -11.91 24.42
CA LYS C 719 -57.26 -13.03 23.62
C LYS C 719 -55.82 -13.33 24.00
N PRO C 720 -55.42 -14.61 23.96
CA PRO C 720 -54.06 -14.98 24.36
C PRO C 720 -52.99 -14.21 23.57
N TRP C 721 -51.88 -13.92 24.22
CA TRP C 721 -50.74 -13.37 23.51
C TRP C 721 -50.14 -14.48 22.68
N PRO C 722 -49.67 -14.16 21.48
CA PRO C 722 -49.15 -15.26 20.66
C PRO C 722 -47.77 -15.78 21.10
N THR C 723 -47.63 -16.11 22.38
CA THR C 723 -46.40 -16.71 22.90
C THR C 723 -46.61 -18.12 23.45
N LEU C 724 -45.51 -18.81 23.75
CA LEU C 724 -45.51 -20.17 24.29
C LEU C 724 -46.36 -20.29 25.56
N THR C 725 -46.25 -19.30 26.44
CA THR C 725 -47.02 -19.29 27.68
C THR C 725 -48.40 -18.69 27.48
N GLY C 726 -48.63 -18.15 26.28
CA GLY C 726 -49.87 -17.45 25.99
C GLY C 726 -49.99 -16.11 26.70
N ARG C 727 -48.89 -15.67 27.32
CA ARG C 727 -48.85 -14.38 28.03
C ARG C 727 -47.66 -13.50 27.61
N GLN C 728 -47.63 -12.26 28.08
CA GLN C 728 -46.38 -11.52 28.10
C GLN C 728 -45.38 -12.33 28.91
N GLN C 729 -44.44 -12.97 28.22
CA GLN C 729 -43.57 -13.97 28.83
C GLN C 729 -42.18 -13.44 29.22
N PHE C 730 -41.93 -13.27 30.52
CA PHE C 730 -40.62 -12.79 30.95
C PHE C 730 -39.68 -13.91 31.37
N TYR C 731 -40.18 -15.13 31.39
CA TYR C 731 -39.34 -16.27 31.70
C TYR C 731 -39.15 -17.13 30.44
N LEU C 732 -37.94 -17.17 29.93
CA LEU C 732 -37.70 -17.94 28.72
C LEU C 732 -36.74 -19.09 29.03
N ASP C 733 -37.30 -20.30 29.14
CA ASP C 733 -36.53 -21.39 29.74
C ASP C 733 -35.93 -22.33 28.67
N HIS C 734 -35.38 -21.71 27.63
CA HIS C 734 -34.65 -22.40 26.58
C HIS C 734 -33.17 -22.47 26.96
N ASP C 735 -32.50 -23.56 26.61
CA ASP C 735 -31.08 -23.75 26.95
C ASP C 735 -30.20 -22.55 26.64
N THR C 736 -30.38 -21.97 25.46
CA THR C 736 -29.52 -20.89 24.98
C THR C 736 -29.67 -19.67 25.88
N PHE C 737 -30.88 -19.45 26.37
CA PHE C 737 -31.13 -18.35 27.28
C PHE C 737 -30.46 -18.58 28.65
N PHE C 738 -30.45 -19.82 29.13
CA PHE C 738 -29.72 -20.14 30.36
C PHE C 738 -28.25 -19.92 30.08
N ASP C 739 -27.75 -20.53 29.00
CA ASP C 739 -26.38 -20.31 28.52
C ASP C 739 -25.92 -18.83 28.56
N MET C 740 -26.76 -17.91 28.09
CA MET C 740 -26.40 -16.49 28.10
C MET C 740 -26.74 -15.82 29.42
N GLY C 741 -27.32 -16.58 30.35
CA GLY C 741 -27.64 -16.03 31.66
C GLY C 741 -28.84 -15.11 31.64
N VAL C 742 -29.69 -15.25 30.63
CA VAL C 742 -30.85 -14.35 30.50
C VAL C 742 -32.20 -15.05 30.46
N GLU C 743 -32.38 -16.14 31.21
CA GLU C 743 -33.71 -16.77 31.30
C GLU C 743 -34.73 -15.75 31.84
N LEU C 744 -34.31 -14.96 32.80
CA LEU C 744 -35.08 -13.79 33.21
C LEU C 744 -34.47 -12.51 32.68
N PRO C 745 -35.25 -11.42 32.67
CA PRO C 745 -34.57 -10.15 32.41
C PRO C 745 -33.53 -9.83 33.50
N THR C 746 -32.43 -9.24 33.06
CA THR C 746 -31.34 -8.94 33.96
C THR C 746 -30.47 -7.92 33.27
N TYR C 747 -29.30 -7.63 33.85
CA TYR C 747 -28.36 -6.71 33.23
C TYR C 747 -27.19 -7.47 32.64
N LYS C 748 -27.01 -7.36 31.33
CA LYS C 748 -25.85 -7.90 30.65
C LYS C 748 -25.00 -6.73 30.18
N ALA C 749 -23.74 -6.70 30.60
CA ALA C 749 -22.84 -5.60 30.25
C ALA C 749 -22.44 -5.64 28.78
N PRO C 750 -22.09 -4.47 28.20
CA PRO C 750 -21.79 -4.48 26.76
C PRO C 750 -20.56 -5.33 26.38
N ILE C 751 -20.55 -5.82 25.14
CA ILE C 751 -19.43 -6.56 24.59
C ILE C 751 -18.18 -5.67 24.53
N ASP C 752 -17.08 -6.14 25.10
CA ASP C 752 -15.84 -5.35 25.13
C ASP C 752 -14.73 -6.06 24.37
N ALA C 753 -15.11 -6.88 23.39
CA ALA C 753 -14.16 -7.68 22.65
C ALA C 753 -13.26 -6.78 21.79
N ASP C 754 -13.73 -5.60 21.43
CA ASP C 754 -12.84 -4.63 20.79
C ASP C 754 -11.98 -3.98 21.91
N LYS C 755 -10.72 -4.36 21.96
CA LYS C 755 -9.83 -3.91 23.03
C LYS C 755 -9.28 -2.52 22.74
N TYR C 756 -10.15 -1.54 22.88
CA TYR C 756 -9.79 -0.19 22.49
C TYR C 756 -10.53 0.69 23.46
N PRO C 757 -10.10 1.95 23.59
CA PRO C 757 -10.58 2.69 24.76
C PRO C 757 -11.88 3.47 24.62
N PHE C 758 -12.29 3.87 23.42
CA PHE C 758 -13.50 4.69 23.24
C PHE C 758 -14.67 3.86 22.79
N ARG C 759 -15.85 4.12 23.31
CA ARG C 759 -17.05 3.45 22.79
C ARG C 759 -17.46 4.15 21.50
N PHE C 760 -17.86 3.39 20.49
CA PHE C 760 -18.19 3.99 19.19
C PHE C 760 -19.72 4.07 19.00
N ASN C 761 -20.26 5.28 19.09
CA ASN C 761 -21.69 5.57 18.90
C ASN C 761 -21.89 6.05 17.45
N SER C 762 -23.02 5.74 16.86
CA SER C 762 -23.25 6.18 15.49
C SER C 762 -24.72 6.49 15.24
N PRO C 763 -25.21 7.59 15.83
CA PRO C 763 -26.61 8.03 15.83
C PRO C 763 -27.03 8.61 14.49
N HIS C 764 -28.33 8.87 14.35
CA HIS C 764 -28.87 9.37 13.07
C HIS C 764 -28.99 10.89 13.07
N SER C 765 -28.59 11.49 11.95
CA SER C 765 -28.51 12.94 11.82
C SER C 765 -29.77 13.56 11.22
N ARG C 766 -30.08 14.77 11.69
CA ARG C 766 -31.16 15.57 11.11
C ARG C 766 -30.91 15.91 9.64
N HIS C 767 -29.63 15.94 9.22
CA HIS C 767 -29.29 16.45 7.87
C HIS C 767 -29.31 15.40 6.76
N SER C 768 -29.71 14.16 7.05
CA SER C 768 -29.81 13.18 5.98
C SER C 768 -30.89 12.15 6.29
N VAL C 769 -31.25 11.33 5.28
CA VAL C 769 -32.09 10.16 5.53
C VAL C 769 -31.22 8.97 5.18
N HIS C 770 -30.49 8.51 6.19
CA HIS C 770 -29.45 7.53 5.95
C HIS C 770 -28.49 8.12 4.94
N SER C 771 -28.08 7.31 3.97
CA SER C 771 -27.12 7.76 2.97
C SER C 771 -27.74 8.76 2.02
N THR C 772 -29.06 8.78 1.95
CA THR C 772 -29.68 9.66 1.00
C THR C 772 -29.72 11.06 1.59
N PHE C 773 -29.33 12.06 0.77
CA PHE C 773 -29.13 13.46 1.18
C PHE C 773 -27.83 13.71 1.93
N LYS C 774 -27.09 12.68 2.28
CA LYS C 774 -25.71 12.89 2.74
C LYS C 774 -24.93 13.75 1.75
N ASP C 775 -25.04 13.47 0.44
CA ASP C 775 -24.25 14.19 -0.55
C ASP C 775 -24.98 15.41 -1.16
N ASN C 776 -26.10 15.79 -0.58
CA ASN C 776 -26.91 16.90 -1.10
C ASN C 776 -26.25 18.24 -0.80
N VAL C 777 -26.06 19.04 -1.83
CA VAL C 777 -25.17 20.21 -1.70
C VAL C 777 -25.71 21.17 -0.66
N LEU C 778 -27.01 21.40 -0.71
CA LEU C 778 -27.65 22.28 0.27
C LEU C 778 -27.47 21.76 1.69
N MET C 779 -27.78 20.48 1.91
CA MET C 779 -27.60 19.89 3.25
C MET C 779 -26.18 20.07 3.76
N LEU C 780 -25.21 19.81 2.88
CA LEU C 780 -23.80 19.93 3.26
C LEU C 780 -23.45 21.37 3.58
N ARG C 781 -24.05 22.33 2.87
CA ARG C 781 -23.79 23.74 3.20
C ARG C 781 -24.33 24.11 4.57
N LEU C 782 -25.30 23.36 5.09
CA LEU C 782 -25.81 23.66 6.44
C LEU C 782 -25.05 22.90 7.51
N GLN C 783 -24.00 22.20 7.09
CA GLN C 783 -23.11 21.57 8.04
C GLN C 783 -21.74 22.20 7.87
N ARG C 784 -20.69 21.38 7.85
CA ARG C 784 -19.33 21.85 7.60
C ARG C 784 -18.81 21.21 6.34
N GLY C 785 -19.69 20.89 5.40
CA GLY C 785 -19.29 20.44 4.10
C GLY C 785 -18.98 18.95 3.95
N GLY C 786 -19.11 18.19 5.02
CA GLY C 786 -18.97 16.76 4.92
C GLY C 786 -19.25 16.02 6.21
N PRO C 787 -18.86 14.75 6.28
CA PRO C 787 -19.10 13.93 7.46
C PRO C 787 -18.41 14.49 8.69
N SER C 788 -18.96 14.13 9.84
CA SER C 788 -18.49 14.63 11.11
C SER C 788 -18.43 13.49 12.14
N ILE C 789 -17.42 13.55 13.00
CA ILE C 789 -17.39 12.68 14.17
C ILE C 789 -17.18 13.53 15.43
N GLU C 790 -17.85 13.17 16.52
CA GLU C 790 -17.86 14.06 17.66
C GLU C 790 -17.15 13.54 18.90
N MET C 791 -16.37 14.44 19.52
CA MET C 791 -15.64 14.14 20.74
C MET C 791 -15.88 15.14 21.85
N SER C 792 -15.87 14.66 23.09
CA SER C 792 -15.78 15.53 24.25
C SER C 792 -14.43 16.24 24.26
N PRO C 793 -14.42 17.52 24.71
CA PRO C 793 -13.15 18.25 24.82
C PRO C 793 -12.23 17.57 25.82
N LEU C 794 -12.80 16.88 26.81
CA LEU C 794 -11.99 16.16 27.78
C LEU C 794 -11.19 15.00 27.19
N ASP C 795 -11.57 14.53 26.00
CA ASP C 795 -10.85 13.49 25.27
C ASP C 795 -9.94 14.10 24.17
N ALA C 796 -10.42 15.11 23.47
CA ALA C 796 -9.66 15.74 22.40
C ALA C 796 -8.32 16.34 22.85
N LYS C 797 -8.33 17.09 23.94
CA LYS C 797 -7.16 17.88 24.27
C LYS C 797 -5.94 17.07 24.77
N PRO C 798 -6.17 15.98 25.51
CA PRO C 798 -5.01 15.10 25.75
C PRO C 798 -4.39 14.51 24.47
N LEU C 799 -5.13 14.57 23.37
CA LEU C 799 -4.69 14.03 22.10
C LEU C 799 -4.22 15.11 21.13
N GLY C 800 -4.21 16.38 21.55
CA GLY C 800 -3.79 17.46 20.67
C GLY C 800 -4.82 17.80 19.59
N ILE C 801 -6.04 17.29 19.77
CA ILE C 801 -7.09 17.44 18.78
C ILE C 801 -7.83 18.76 18.93
N LYS C 802 -7.96 19.49 17.83
CA LYS C 802 -8.75 20.71 17.81
C LYS C 802 -10.01 20.57 16.92
N ASP C 803 -11.02 21.38 17.21
CA ASP C 803 -12.24 21.37 16.45
C ASP C 803 -11.94 21.43 14.95
N ASN C 804 -12.63 20.59 14.20
CA ASN C 804 -12.48 20.40 12.76
C ASN C 804 -11.14 19.81 12.27
N ASP C 805 -10.24 19.39 13.18
CA ASP C 805 -9.10 18.58 12.77
C ASP C 805 -9.55 17.23 12.15
N TRP C 806 -8.71 16.63 11.32
CA TRP C 806 -8.91 15.23 10.92
C TRP C 806 -8.56 14.33 12.08
N VAL C 807 -9.37 13.30 12.33
CA VAL C 807 -9.00 12.30 13.31
C VAL C 807 -9.06 10.91 12.67
N GLU C 808 -8.36 9.99 13.31
CA GLU C 808 -8.29 8.66 12.82
C GLU C 808 -8.82 7.72 13.91
N ALA C 809 -9.86 6.97 13.58
CA ALA C 809 -10.51 6.02 14.47
C ALA C 809 -10.33 4.60 13.92
N TRP C 810 -10.00 3.65 14.78
CA TRP C 810 -9.65 2.34 14.27
C TRP C 810 -9.80 1.26 15.31
N ASN C 811 -9.99 0.03 14.84
CA ASN C 811 -9.83 -1.17 15.65
C ASN C 811 -9.40 -2.32 14.75
N ASN C 812 -9.59 -3.57 15.17
CA ASN C 812 -9.14 -4.69 14.36
C ASN C 812 -9.92 -4.85 13.06
N HIS C 813 -11.05 -4.16 12.93
CA HIS C 813 -11.93 -4.40 11.79
C HIS C 813 -11.61 -3.47 10.64
N GLY C 814 -11.02 -2.33 10.96
CA GLY C 814 -10.89 -1.26 9.98
C GLY C 814 -10.58 0.10 10.58
N LYS C 815 -10.64 1.11 9.73
CA LYS C 815 -10.15 2.42 10.10
C LYS C 815 -10.93 3.51 9.35
N VAL C 816 -11.25 4.61 10.04
CA VAL C 816 -11.89 5.75 9.40
C VAL C 816 -11.20 7.06 9.78
N ILE C 817 -11.07 7.95 8.80
CA ILE C 817 -10.40 9.23 9.01
C ILE C 817 -11.35 10.30 8.55
N CYS C 818 -11.73 11.16 9.49
CA CYS C 818 -12.89 12.01 9.32
C CYS C 818 -12.68 13.27 10.15
N ARG C 819 -13.19 14.40 9.67
CA ARG C 819 -13.05 15.63 10.45
C ARG C 819 -13.94 15.61 11.65
N VAL C 820 -13.39 16.08 12.77
CA VAL C 820 -14.01 15.99 14.07
C VAL C 820 -14.81 17.26 14.38
N LYS C 821 -15.85 17.11 15.19
CA LYS C 821 -16.48 18.26 15.83
C LYS C 821 -16.43 18.03 17.33
N ILE C 822 -15.78 18.96 18.03
CA ILE C 822 -15.70 18.86 19.48
C ILE C 822 -17.01 19.43 20.03
N ARG C 823 -17.61 18.74 20.99
CA ARG C 823 -18.90 19.16 21.51
C ARG C 823 -18.97 18.91 22.99
N ASN C 824 -19.25 19.98 23.72
CA ASN C 824 -19.31 19.92 25.17
C ASN C 824 -20.38 18.95 25.66
N GLY C 825 -21.43 18.77 24.85
CA GLY C 825 -22.50 17.85 25.18
C GLY C 825 -22.16 16.37 25.07
N GLU C 826 -21.08 16.04 24.37
CA GLU C 826 -20.67 14.63 24.26
C GLU C 826 -20.18 14.13 25.63
N GLN C 827 -20.36 12.84 25.91
CA GLN C 827 -19.87 12.22 27.14
C GLN C 827 -18.45 11.65 27.00
N ARG C 828 -17.59 11.93 27.99
CA ARG C 828 -16.21 11.45 27.99
C ARG C 828 -16.08 9.94 27.82
N GLY C 829 -15.11 9.50 27.02
CA GLY C 829 -14.83 8.09 26.83
C GLY C 829 -15.62 7.46 25.67
N ARG C 830 -16.14 8.33 24.82
CA ARG C 830 -17.08 7.94 23.78
C ARG C 830 -16.98 8.90 22.60
N VAL C 831 -17.03 8.36 21.38
CA VAL C 831 -17.11 9.23 20.21
C VAL C 831 -18.35 8.88 19.39
N SER C 832 -18.91 9.89 18.71
CA SER C 832 -20.13 9.69 17.94
C SER C 832 -19.91 10.07 16.50
N MET C 833 -20.15 9.14 15.59
CA MET C 833 -20.03 9.41 14.18
C MET C 833 -21.38 9.25 13.52
N TRP C 834 -21.97 10.33 13.02
CA TRP C 834 -23.28 10.23 12.38
C TRP C 834 -23.21 9.15 11.28
N HIS C 835 -24.14 8.19 11.35
CA HIS C 835 -23.98 6.91 10.65
C HIS C 835 -23.91 7.05 9.13
N CYS C 836 -22.98 6.29 8.56
CA CYS C 836 -22.90 5.97 7.13
C CYS C 836 -22.98 7.14 6.14
N PRO C 837 -22.01 8.06 6.21
CA PRO C 837 -21.82 8.95 5.06
C PRO C 837 -21.42 8.10 3.85
N GLU C 838 -21.57 8.62 2.65
CA GLU C 838 -21.23 7.85 1.44
C GLU C 838 -19.70 7.72 1.35
N LEU C 839 -19.22 6.58 0.88
CA LEU C 839 -17.79 6.30 0.85
C LEU C 839 -17.01 7.33 0.03
N TYR C 840 -17.68 8.02 -0.89
CA TYR C 840 -16.99 8.91 -1.80
C TYR C 840 -16.98 10.32 -1.24
N MET C 841 -17.51 10.51 -0.04
CA MET C 841 -17.62 11.88 0.47
C MET C 841 -16.31 12.34 1.15
N ASP C 842 -16.37 13.40 1.96
CA ASP C 842 -15.16 13.95 2.56
C ASP C 842 -14.56 13.09 3.67
N LEU C 843 -14.09 11.90 3.30
CA LEU C 843 -13.39 11.00 4.22
C LEU C 843 -11.99 10.70 3.68
N LEU C 844 -10.95 10.79 4.51
CA LEU C 844 -9.61 10.46 3.98
C LEU C 844 -9.42 8.95 3.85
N THR C 845 -10.20 8.15 4.58
CA THR C 845 -10.23 6.70 4.36
C THR C 845 -11.40 6.05 5.08
N GLY C 846 -11.92 4.95 4.52
CA GLY C 846 -13.01 4.20 5.12
C GLY C 846 -14.28 4.99 5.33
N GLY C 847 -15.05 4.57 6.33
CA GLY C 847 -16.34 5.17 6.64
C GLY C 847 -16.70 4.69 8.02
N SER C 848 -17.94 4.94 8.46
CA SER C 848 -18.33 4.52 9.81
C SER C 848 -18.44 2.99 9.94
N GLN C 849 -18.71 2.30 8.84
CA GLN C 849 -18.85 0.85 8.92
C GLN C 849 -17.51 0.12 8.85
N SER C 850 -16.44 0.84 8.53
CA SER C 850 -15.09 0.24 8.54
C SER C 850 -14.75 -0.33 9.91
N VAL C 851 -15.23 0.31 10.98
CA VAL C 851 -14.83 -0.13 12.31
C VAL C 851 -15.87 -1.05 12.94
N CYS C 852 -16.95 -1.35 12.21
CA CYS C 852 -18.01 -2.22 12.75
C CYS C 852 -17.97 -3.59 12.15
N PRO C 853 -17.90 -4.62 13.00
CA PRO C 853 -18.02 -6.00 12.55
C PRO C 853 -19.50 -6.35 12.41
N VAL C 854 -19.82 -7.60 12.08
CA VAL C 854 -21.17 -8.09 12.29
C VAL C 854 -21.16 -9.04 13.47
N ARG C 855 -22.03 -8.81 14.45
CA ARG C 855 -22.08 -9.64 15.66
C ARG C 855 -23.45 -10.29 15.84
N ILE C 856 -23.47 -11.55 16.26
CA ILE C 856 -24.73 -12.25 16.38
C ILE C 856 -24.95 -12.85 17.78
N ASN C 857 -25.97 -12.35 18.46
CA ASN C 857 -26.32 -12.83 19.80
C ASN C 857 -27.07 -14.14 19.68
N PRO C 858 -26.51 -15.23 20.23
CA PRO C 858 -27.06 -16.59 20.20
C PRO C 858 -28.55 -16.69 20.55
N THR C 859 -29.07 -15.84 21.44
CA THR C 859 -30.52 -15.83 21.74
C THR C 859 -31.32 -15.56 20.48
N ASN C 860 -30.85 -14.63 19.68
CA ASN C 860 -31.48 -14.30 18.42
C ASN C 860 -31.48 -15.46 17.42
N LEU C 861 -30.74 -16.54 17.68
CA LEU C 861 -30.66 -17.65 16.71
C LEU C 861 -31.62 -18.78 17.09
N VAL C 862 -32.28 -18.65 18.24
CA VAL C 862 -33.22 -19.66 18.71
C VAL C 862 -34.45 -19.74 17.79
N GLY C 863 -34.70 -20.93 17.25
CA GLY C 863 -35.78 -21.08 16.32
C GLY C 863 -36.71 -22.26 16.59
N ASN C 864 -36.63 -22.82 17.79
CA ASN C 864 -37.41 -24.01 18.15
C ASN C 864 -38.12 -23.86 19.47
N TYR C 865 -38.61 -22.67 19.76
CA TYR C 865 -39.16 -22.43 21.07
C TYR C 865 -40.41 -21.60 20.97
N GLY C 866 -41.53 -22.28 20.71
CA GLY C 866 -42.83 -21.66 20.68
C GLY C 866 -42.91 -20.55 19.66
N HIS C 867 -43.14 -19.32 20.12
CA HIS C 867 -43.15 -18.14 19.26
C HIS C 867 -41.77 -17.74 18.70
N LEU C 868 -40.70 -18.37 19.19
CA LEU C 868 -39.38 -18.09 18.69
C LEU C 868 -39.01 -19.09 17.59
N PHE C 869 -39.17 -18.64 16.34
CA PHE C 869 -38.86 -19.43 15.16
C PHE C 869 -38.55 -18.44 14.02
N PHE C 870 -37.85 -18.87 12.96
CA PHE C 870 -37.50 -17.91 11.92
C PHE C 870 -38.68 -17.54 11.04
N ARG C 871 -38.86 -16.26 10.82
CA ARG C 871 -39.79 -15.78 9.83
C ARG C 871 -39.23 -14.44 9.40
N PRO C 872 -39.13 -14.19 8.08
CA PRO C 872 -38.48 -12.97 7.58
C PRO C 872 -38.98 -11.70 8.26
N ASN C 873 -38.06 -11.04 8.98
CA ASN C 873 -38.37 -9.80 9.66
C ASN C 873 -39.31 -9.97 10.86
N TYR C 874 -39.53 -11.22 11.29
CA TYR C 874 -40.32 -11.48 12.50
C TYR C 874 -39.38 -11.93 13.63
N TYR C 875 -38.44 -12.81 13.34
CA TYR C 875 -37.42 -13.14 14.32
C TYR C 875 -36.15 -13.57 13.58
N GLY C 876 -34.99 -13.22 14.15
CA GLY C 876 -33.69 -13.52 13.59
C GLY C 876 -32.63 -12.60 14.18
N PRO C 877 -31.35 -12.89 13.94
CA PRO C 877 -30.21 -12.12 14.46
C PRO C 877 -30.19 -10.63 14.10
N ALA C 878 -30.08 -9.80 15.13
CA ALA C 878 -30.04 -8.35 14.96
C ALA C 878 -28.66 -7.89 14.51
N GLY C 879 -28.63 -6.92 13.59
CA GLY C 879 -27.40 -6.27 13.19
C GLY C 879 -26.98 -5.16 14.16
N SER C 880 -26.72 -5.51 15.42
CA SER C 880 -26.28 -4.53 16.43
C SER C 880 -24.92 -3.92 16.10
N GLN C 881 -24.67 -2.71 16.52
CA GLN C 881 -23.33 -2.11 16.44
C GLN C 881 -22.90 -1.16 17.55
N ARG C 882 -23.68 -0.90 18.56
CA ARG C 882 -23.26 0.13 19.52
C ARG C 882 -22.18 -0.35 20.52
N ASP C 883 -21.87 -1.64 20.54
CA ASP C 883 -20.85 -2.18 21.44
C ASP C 883 -19.44 -1.87 20.95
N VAL C 884 -19.32 -1.49 19.67
CA VAL C 884 -18.02 -1.27 19.07
C VAL C 884 -17.13 -0.33 19.90
N ARG C 885 -15.85 -0.68 20.01
CA ARG C 885 -14.91 0.23 20.62
C ARG C 885 -13.79 0.55 19.66
N VAL C 886 -13.34 1.80 19.67
CA VAL C 886 -12.22 2.20 18.81
C VAL C 886 -11.20 2.99 19.60
N ASN C 887 -10.01 3.11 19.04
CA ASN C 887 -9.07 4.13 19.47
C ASN C 887 -9.15 5.31 18.50
N VAL C 888 -8.71 6.48 18.95
CA VAL C 888 -8.73 7.70 18.15
C VAL C 888 -7.40 8.41 18.32
N LYS C 889 -6.88 8.99 17.24
CA LYS C 889 -5.72 9.86 17.32
C LYS C 889 -5.90 11.00 16.33
N ARG C 890 -5.11 12.05 16.51
CA ARG C 890 -5.09 13.17 15.60
C ARG C 890 -4.44 12.73 14.28
N TYR C 891 -5.06 13.02 13.15
CA TYR C 891 -4.38 12.72 11.88
C TYR C 891 -3.47 13.92 11.51
N ILE C 892 -2.17 13.70 11.49
CA ILE C 892 -1.23 14.81 11.34
C ILE C 892 -0.72 15.01 9.92
N GLY C 893 -1.29 14.27 8.97
CA GLY C 893 -0.94 14.45 7.57
C GLY C 893 -1.48 15.72 6.94
N ALA C 894 -2.52 16.29 7.57
CA ALA C 894 -3.09 17.57 7.14
C ALA C 894 -3.62 18.28 8.35
N THR C 895 -3.06 19.43 8.66
CA THR C 895 -3.47 20.17 9.85
C THR C 895 -3.71 21.64 9.46
N PRO C 896 -4.82 21.92 8.76
CA PRO C 896 -5.07 23.28 8.28
C PRO C 896 -5.33 24.24 9.44
N ILE C 897 -4.88 25.49 9.32
CA ILE C 897 -5.14 26.48 10.35
C ILE C 897 -6.50 27.13 10.12
N SER C 898 -7.10 27.64 11.18
CA SER C 898 -8.40 28.28 10.99
C SER C 898 -8.26 29.79 10.93
N PHE C 899 -8.97 30.39 9.96
CA PHE C 899 -9.26 31.81 10.04
C PHE C 899 -10.70 32.03 9.55
N LYS D 6 -44.14 57.14 7.57
CA LYS D 6 -45.60 56.97 7.49
C LYS D 6 -46.02 55.52 7.76
N ALA D 7 -46.93 55.35 8.71
CA ALA D 7 -47.33 54.03 9.23
C ALA D 7 -48.17 53.24 8.22
N PRO D 8 -48.08 51.88 8.29
CA PRO D 8 -48.84 50.97 7.41
C PRO D 8 -50.25 50.67 7.92
N ARG D 9 -51.17 50.36 7.00
CA ARG D 9 -52.56 50.07 7.37
C ARG D 9 -52.61 48.90 8.37
N ARG D 10 -51.99 47.79 7.99
CA ARG D 10 -51.84 46.63 8.86
C ARG D 10 -50.37 46.20 8.95
N GLN D 11 -49.97 45.74 10.13
CA GLN D 11 -48.59 45.31 10.37
C GLN D 11 -48.46 43.80 10.49
N LEU D 12 -48.03 43.14 9.42
CA LEU D 12 -47.71 41.71 9.48
C LEU D 12 -46.77 41.46 10.66
N THR D 13 -47.05 40.41 11.41
CA THR D 13 -46.39 40.23 12.68
C THR D 13 -46.15 38.73 12.97
N TYR D 14 -44.95 38.39 13.43
CA TYR D 14 -44.55 37.00 13.68
C TYR D 14 -44.28 36.72 15.15
N VAL D 15 -44.64 35.53 15.60
CA VAL D 15 -44.15 35.09 16.89
C VAL D 15 -43.49 33.75 16.72
N THR D 16 -42.30 33.62 17.29
CA THR D 16 -41.51 32.41 17.17
C THR D 16 -41.39 31.76 18.53
N ASP D 17 -41.84 30.53 18.64
CA ASP D 17 -41.90 29.85 19.93
C ASP D 17 -40.65 29.00 20.19
N LEU D 18 -39.70 29.56 20.92
CA LEU D 18 -38.43 28.87 21.16
C LEU D 18 -38.62 27.67 22.07
N ASN D 19 -39.83 27.49 22.60
CA ASN D 19 -40.11 26.31 23.41
C ASN D 19 -40.39 25.12 22.51
N LYS D 20 -40.62 25.39 21.23
CA LYS D 20 -41.06 24.36 20.30
C LYS D 20 -40.08 24.17 19.12
N CYS D 21 -39.26 25.18 18.83
CA CYS D 21 -38.29 25.11 17.73
C CYS D 21 -37.32 23.94 17.88
N ILE D 22 -37.27 23.08 16.87
CA ILE D 22 -36.42 21.88 16.94
C ILE D 22 -35.20 21.99 16.05
N GLY D 23 -34.96 23.17 15.49
CA GLY D 23 -33.79 23.43 14.68
C GLY D 23 -33.60 22.48 13.51
N CYS D 24 -34.70 22.06 12.90
CA CYS D 24 -34.64 21.16 11.76
C CYS D 24 -34.28 21.83 10.44
N GLN D 25 -34.18 23.16 10.45
CA GLN D 25 -33.80 23.94 9.25
C GLN D 25 -34.80 23.83 8.10
N THR D 26 -36.01 23.33 8.36
CA THR D 26 -37.01 23.21 7.29
C THR D 26 -37.41 24.56 6.72
N CYS D 27 -37.62 25.53 7.60
CA CYS D 27 -37.97 26.86 7.13
C CYS D 27 -36.88 27.45 6.24
N THR D 28 -35.65 27.39 6.73
CA THR D 28 -34.47 27.77 5.95
C THR D 28 -34.49 27.22 4.54
N VAL D 29 -34.67 25.91 4.44
CA VAL D 29 -34.69 25.22 3.14
C VAL D 29 -35.85 25.65 2.26
N ALA D 30 -37.04 25.76 2.87
CA ALA D 30 -38.27 26.14 2.16
C ALA D 30 -38.14 27.50 1.49
N CYS D 31 -37.57 28.44 2.24
CA CYS D 31 -37.35 29.80 1.74
C CYS D 31 -36.31 29.87 0.62
N LYS D 32 -35.22 29.11 0.78
CA LYS D 32 -34.20 29.14 -0.26
C LYS D 32 -34.74 28.55 -1.53
N LYS D 33 -35.50 27.47 -1.40
CA LYS D 33 -35.92 26.77 -2.61
C LYS D 33 -37.01 27.54 -3.36
N LEU D 34 -37.56 28.55 -2.71
CA LEU D 34 -38.61 29.37 -3.30
C LEU D 34 -38.08 30.72 -3.82
N TRP D 35 -37.29 31.40 -2.99
CA TRP D 35 -36.84 32.76 -3.29
C TRP D 35 -35.40 32.88 -3.75
N THR D 36 -34.42 32.43 -2.94
CA THR D 36 -33.00 32.62 -3.28
C THR D 36 -32.37 31.50 -4.14
N THR D 37 -33.03 31.19 -5.25
CA THR D 37 -32.56 30.18 -6.20
C THR D 37 -31.60 30.77 -7.25
N GLY D 38 -31.61 32.09 -7.39
CA GLY D 38 -31.05 32.71 -8.59
C GLY D 38 -29.59 33.06 -8.56
N PRO D 39 -29.09 33.60 -9.69
CA PRO D 39 -27.66 33.93 -9.83
C PRO D 39 -27.18 34.87 -8.73
N GLY D 40 -26.13 34.46 -8.02
CA GLY D 40 -25.47 35.30 -7.03
C GLY D 40 -26.05 35.13 -5.66
N GLN D 41 -26.99 34.20 -5.54
CA GLN D 41 -27.76 34.06 -4.31
C GLN D 41 -27.41 32.83 -3.49
N ASP D 42 -26.39 32.07 -3.92
CA ASP D 42 -26.06 30.81 -3.27
C ASP D 42 -25.72 30.98 -1.77
N PHE D 43 -25.17 32.12 -1.38
CA PHE D 43 -24.73 32.32 0.00
C PHE D 43 -25.79 33.02 0.87
N MET D 44 -26.94 33.30 0.27
CA MET D 44 -27.98 34.05 0.95
C MET D 44 -28.98 33.11 1.61
N TYR D 45 -29.19 33.30 2.91
CA TYR D 45 -30.21 32.56 3.64
C TYR D 45 -31.13 33.56 4.34
N TRP D 46 -32.14 34.03 3.61
CA TRP D 46 -33.07 35.01 4.14
C TRP D 46 -33.67 34.52 5.44
N ARG D 47 -34.20 33.31 5.40
CA ARG D 47 -34.52 32.57 6.62
C ARG D 47 -33.31 31.71 7.02
N ASN D 48 -32.83 31.85 8.26
CA ASN D 48 -31.78 30.99 8.77
C ASN D 48 -31.99 30.64 10.23
N VAL D 49 -31.53 29.46 10.63
CA VAL D 49 -31.67 29.05 12.02
C VAL D 49 -30.29 28.79 12.59
N GLU D 50 -29.96 29.50 13.66
CA GLU D 50 -28.64 29.41 14.24
C GLU D 50 -28.74 28.91 15.66
N THR D 51 -27.66 28.32 16.17
CA THR D 51 -27.60 27.79 17.51
C THR D 51 -27.19 28.89 18.48
N ALA D 52 -27.93 29.03 19.56
CA ALA D 52 -27.63 30.05 20.58
C ALA D 52 -27.29 29.36 21.88
N PRO D 53 -26.18 29.76 22.49
CA PRO D 53 -25.23 30.75 21.96
C PRO D 53 -24.38 30.20 20.82
N GLY D 54 -23.78 31.10 20.05
CA GLY D 54 -23.01 30.73 18.88
C GLY D 54 -22.69 31.99 18.11
N LEU D 55 -22.02 31.86 16.97
CA LEU D 55 -21.57 33.04 16.24
C LEU D 55 -22.59 33.48 15.21
N GLY D 56 -23.56 32.58 14.95
CA GLY D 56 -24.62 32.85 14.01
C GLY D 56 -24.17 33.19 12.61
N TYR D 57 -25.13 33.65 11.81
CA TYR D 57 -24.92 33.89 10.41
C TYR D 57 -25.34 35.31 9.97
N PRO D 58 -24.37 36.11 9.48
CA PRO D 58 -22.94 35.75 9.36
C PRO D 58 -22.20 35.75 10.70
N ARG D 59 -21.00 35.16 10.73
CA ARG D 59 -20.16 35.12 11.92
C ARG D 59 -20.16 36.44 12.66
N ASN D 60 -20.30 36.39 13.98
CA ASN D 60 -20.32 37.56 14.87
C ASN D 60 -21.20 38.73 14.39
N TRP D 61 -22.31 38.43 13.70
CA TRP D 61 -23.22 39.47 13.21
C TRP D 61 -23.79 40.36 14.31
N GLN D 62 -23.73 39.89 15.56
CA GLN D 62 -24.34 40.66 16.62
C GLN D 62 -23.51 41.88 17.00
N THR D 63 -22.23 41.85 16.63
CA THR D 63 -21.31 42.93 16.97
C THR D 63 -20.98 43.69 15.69
N LYS D 64 -21.74 43.40 14.63
CA LYS D 64 -21.56 44.04 13.34
C LYS D 64 -21.71 45.55 13.44
N GLY D 65 -22.73 45.98 14.19
CA GLY D 65 -23.08 47.38 14.35
C GLY D 65 -24.14 47.80 13.34
N GLY D 66 -24.90 48.83 13.70
CA GLY D 66 -25.99 49.32 12.88
C GLY D 66 -27.19 49.69 13.74
N GLY D 67 -28.35 49.86 13.10
CA GLY D 67 -29.58 50.20 13.80
C GLY D 67 -29.63 51.63 14.31
N TYR D 68 -29.90 51.78 15.61
CA TYR D 68 -29.93 53.11 16.25
C TYR D 68 -29.23 53.13 17.60
N LYS D 69 -28.68 54.29 17.94
CA LYS D 69 -28.40 54.65 19.32
C LYS D 69 -28.91 56.07 19.51
N ASN D 70 -29.83 56.21 20.46
CA ASN D 70 -30.51 57.47 20.73
C ASN D 70 -31.10 58.05 19.46
N GLY D 71 -31.85 57.23 18.73
CA GLY D 71 -32.58 57.68 17.57
C GLY D 71 -31.77 58.13 16.36
N GLU D 72 -30.43 58.06 16.44
CA GLU D 72 -29.61 58.36 15.26
C GLU D 72 -29.08 57.08 14.59
N LEU D 73 -29.31 57.00 13.28
CA LEU D 73 -28.86 55.89 12.44
C LEU D 73 -27.36 55.62 12.63
N GLN D 74 -27.02 54.34 12.78
CA GLN D 74 -25.62 53.92 12.82
C GLN D 74 -25.23 53.27 11.50
N LYS D 75 -24.07 53.63 10.98
CA LYS D 75 -23.49 52.87 9.90
C LYS D 75 -22.59 51.83 10.55
N GLY D 76 -22.88 50.57 10.27
CA GLY D 76 -22.09 49.48 10.82
C GLY D 76 -21.27 48.84 9.72
N LYS D 77 -20.56 47.76 10.08
CA LYS D 77 -19.62 47.13 9.16
C LYS D 77 -20.32 46.40 8.03
N ILE D 78 -19.58 46.11 6.97
CA ILE D 78 -20.07 45.23 5.92
C ILE D 78 -19.40 43.87 6.10
N PRO D 79 -20.21 42.80 6.16
CA PRO D 79 -19.59 41.49 6.41
C PRO D 79 -18.75 41.02 5.24
N PRO D 80 -17.49 40.64 5.52
CA PRO D 80 -16.70 39.96 4.50
C PRO D 80 -17.44 38.69 4.05
N MET D 81 -17.28 38.31 2.79
CA MET D 81 -17.92 37.12 2.28
C MET D 81 -17.61 35.89 3.15
N ILE D 82 -16.43 35.85 3.75
CA ILE D 82 -15.99 34.68 4.51
C ILE D 82 -16.83 34.50 5.78
N ASP D 83 -17.45 35.56 6.26
CA ASP D 83 -18.30 35.45 7.46
C ASP D 83 -19.68 34.87 7.14
N TYR D 84 -20.10 34.95 5.89
CA TYR D 84 -21.33 34.26 5.46
C TYR D 84 -21.04 32.79 5.17
N GLY D 85 -19.79 32.52 4.79
CA GLY D 85 -19.36 31.21 4.35
C GLY D 85 -19.38 31.13 2.84
N ILE D 86 -18.25 30.76 2.25
CA ILE D 86 -18.25 30.45 0.83
C ILE D 86 -19.06 29.19 0.67
N PRO D 87 -20.13 29.22 -0.13
CA PRO D 87 -20.90 27.98 -0.33
C PRO D 87 -20.02 26.88 -0.95
N PHE D 88 -19.94 25.73 -0.28
CA PHE D 88 -19.16 24.61 -0.77
C PHE D 88 -19.64 24.14 -2.12
N GLU D 89 -18.70 23.86 -3.01
CA GLU D 89 -18.97 23.22 -4.29
C GLU D 89 -18.27 21.87 -4.34
N PHE D 90 -18.75 21.00 -5.23
CA PHE D 90 -18.30 19.62 -5.26
C PHE D 90 -18.13 19.10 -6.67
N ASP D 91 -17.16 18.22 -6.87
CA ASP D 91 -17.02 17.55 -8.15
C ASP D 91 -17.59 16.12 -8.09
N TYR D 92 -18.92 16.03 -7.97
CA TYR D 92 -19.53 14.70 -7.94
C TYR D 92 -19.41 13.95 -9.25
N ALA D 93 -19.54 14.64 -10.38
CA ALA D 93 -19.39 13.99 -11.68
C ALA D 93 -18.02 13.31 -11.83
N GLY D 94 -16.97 14.00 -11.38
CA GLY D 94 -15.62 13.46 -11.49
C GLY D 94 -15.45 12.06 -10.94
N ARG D 95 -15.94 11.85 -9.71
CA ARG D 95 -15.74 10.61 -8.96
C ARG D 95 -16.75 9.54 -9.32
N LEU D 96 -18.01 9.95 -9.47
CA LEU D 96 -19.14 9.04 -9.66
C LEU D 96 -19.31 8.64 -11.11
N PHE D 97 -18.88 9.47 -12.06
CA PHE D 97 -19.12 9.17 -13.49
C PHE D 97 -17.87 9.17 -14.43
N GLU D 98 -16.80 9.85 -14.05
CA GLU D 98 -15.72 10.01 -15.03
C GLU D 98 -14.41 9.32 -14.61
N GLY D 99 -14.47 8.47 -13.61
CA GLY D 99 -13.32 7.67 -13.23
C GLY D 99 -12.20 8.42 -12.54
N LYS D 100 -12.44 9.67 -12.15
CA LYS D 100 -11.43 10.43 -11.40
C LYS D 100 -11.29 9.85 -10.00
N PRO D 101 -10.06 9.57 -9.57
CA PRO D 101 -9.91 9.07 -8.21
C PRO D 101 -9.97 10.23 -7.26
N GLY D 102 -10.10 9.99 -5.96
CA GLY D 102 -10.09 11.10 -5.04
C GLY D 102 -11.46 11.39 -4.48
N ARG D 103 -11.50 11.71 -3.20
CA ARG D 103 -12.75 11.93 -2.53
C ARG D 103 -13.41 13.19 -3.08
N VAL D 104 -14.74 13.23 -3.06
CA VAL D 104 -15.45 14.44 -3.46
C VAL D 104 -15.40 15.46 -2.31
N ARG D 105 -14.28 16.15 -2.19
CA ARG D 105 -14.07 17.07 -1.08
C ARG D 105 -14.84 18.35 -1.35
N PRO D 106 -15.28 19.03 -0.29
CA PRO D 106 -15.84 20.38 -0.45
C PRO D 106 -14.77 21.38 -0.91
N SER D 107 -15.16 22.29 -1.81
CA SER D 107 -14.31 23.44 -2.09
C SER D 107 -15.10 24.71 -1.77
N PRO D 108 -14.49 25.63 -1.02
CA PRO D 108 -13.10 25.47 -0.57
C PRO D 108 -12.96 24.72 0.75
N THR D 109 -11.71 24.58 1.19
CA THR D 109 -11.36 24.05 2.51
C THR D 109 -12.29 24.65 3.57
N PRO D 110 -12.94 23.80 4.37
CA PRO D 110 -13.97 24.37 5.26
C PRO D 110 -13.37 25.14 6.43
N ARG D 111 -13.78 26.40 6.54
CA ARG D 111 -13.37 27.20 7.70
C ARG D 111 -14.58 27.90 8.30
N SER D 112 -15.63 28.10 7.49
CA SER D 112 -16.80 28.82 7.97
C SER D 112 -18.03 28.44 7.18
N ALA D 113 -19.20 28.59 7.78
CA ALA D 113 -20.46 28.24 7.13
C ALA D 113 -21.60 28.73 8.01
N PRO D 114 -22.78 28.97 7.42
CA PRO D 114 -23.96 29.54 8.13
C PRO D 114 -24.30 28.85 9.46
N ASN D 115 -24.11 27.53 9.49
CA ASN D 115 -24.50 26.71 10.63
C ASN D 115 -23.30 25.94 11.21
N TRP D 116 -22.14 26.56 11.13
CA TRP D 116 -20.86 25.93 11.48
C TRP D 116 -20.82 25.35 12.88
N ASP D 117 -21.53 25.96 13.83
CA ASP D 117 -21.35 25.57 15.23
C ASP D 117 -22.63 25.05 15.89
N GLU D 118 -23.47 24.40 15.08
CA GLU D 118 -24.67 23.71 15.53
C GLU D 118 -24.43 22.83 16.78
N ASP D 119 -25.26 23.03 17.80
CA ASP D 119 -25.31 22.20 19.03
C ASP D 119 -24.03 22.23 19.86
N GLN D 120 -23.17 23.23 19.64
CA GLN D 120 -21.98 23.35 20.47
C GLN D 120 -22.33 24.13 21.74
N GLY D 121 -22.99 25.28 21.55
CA GLY D 121 -23.41 26.11 22.67
C GLY D 121 -22.26 26.53 23.58
N ALA D 122 -22.45 26.30 24.88
CA ALA D 122 -21.54 26.79 25.89
C ALA D 122 -21.83 26.12 27.23
N GLY D 123 -20.83 26.10 28.10
CA GLY D 123 -20.96 25.42 29.37
C GLY D 123 -20.41 24.02 29.18
N GLU D 124 -19.92 23.41 30.24
CA GLU D 124 -19.26 22.16 30.06
C GLU D 124 -20.11 21.08 30.71
N TYR D 125 -20.01 19.87 30.18
CA TYR D 125 -20.73 18.71 30.67
C TYR D 125 -20.63 18.65 32.19
N PRO D 126 -21.73 18.37 32.90
CA PRO D 126 -23.08 18.06 32.40
C PRO D 126 -24.00 19.27 32.35
N ASN D 127 -23.45 20.47 32.18
CA ASN D 127 -24.25 21.69 32.17
C ASN D 127 -24.08 22.47 30.89
N ASN D 128 -23.70 21.78 29.83
CA ASN D 128 -23.64 22.39 28.51
C ASN D 128 -25.07 22.72 28.10
N SER D 129 -25.24 23.79 27.36
CA SER D 129 -26.57 24.21 26.99
C SER D 129 -26.54 25.03 25.73
N PHE D 130 -27.63 24.93 24.98
CA PHE D 130 -27.84 25.65 23.75
C PHE D 130 -29.32 25.56 23.46
N PHE D 131 -29.78 26.31 22.47
CA PHE D 131 -31.11 26.15 21.89
C PHE D 131 -31.08 26.81 20.51
N TYR D 132 -32.19 26.78 19.80
CA TYR D 132 -32.23 27.28 18.42
C TYR D 132 -33.00 28.60 18.26
N LEU D 133 -32.45 29.43 17.38
CA LEU D 133 -32.93 30.78 17.13
C LEU D 133 -33.13 30.99 15.63
N PRO D 134 -34.38 30.87 15.16
CA PRO D 134 -34.67 31.22 13.77
C PRO D 134 -34.68 32.73 13.60
N ARG D 135 -34.14 33.23 12.48
CA ARG D 135 -34.07 34.66 12.22
C ARG D 135 -34.46 34.96 10.79
N MET D 136 -34.81 36.22 10.53
CA MET D 136 -35.30 36.66 9.23
C MET D 136 -35.24 38.18 9.25
N CYS D 137 -35.67 38.82 8.18
CA CYS D 137 -35.96 40.25 8.25
C CYS D 137 -37.03 40.46 9.33
N ASN D 138 -36.86 41.47 10.17
CA ASN D 138 -37.88 41.71 11.19
C ASN D 138 -38.99 42.64 10.69
N HIS D 139 -38.83 43.14 9.47
CA HIS D 139 -39.76 44.09 8.86
C HIS D 139 -40.18 45.18 9.85
N CYS D 140 -39.20 45.79 10.48
CA CYS D 140 -39.40 46.76 11.56
C CYS D 140 -40.38 47.90 11.25
N THR D 141 -40.93 48.49 12.31
CA THR D 141 -41.73 49.69 12.18
C THR D 141 -40.78 50.89 12.07
N LYS D 142 -39.58 50.75 12.64
CA LYS D 142 -38.53 51.77 12.57
C LYS D 142 -37.27 51.23 11.85
N PRO D 143 -37.37 50.96 10.53
CA PRO D 143 -36.35 50.18 9.82
C PRO D 143 -35.12 50.95 9.34
N ALA D 144 -33.96 50.59 9.88
CA ALA D 144 -32.68 51.22 9.54
C ALA D 144 -32.31 51.06 8.07
N CYS D 145 -32.74 49.98 7.46
CA CYS D 145 -32.37 49.76 6.08
C CYS D 145 -33.06 50.76 5.15
N LEU D 146 -34.33 51.06 5.43
CA LEU D 146 -35.14 51.92 4.58
C LEU D 146 -34.57 53.32 4.62
N GLU D 147 -34.28 53.78 5.83
CA GLU D 147 -33.63 55.05 6.08
C GLU D 147 -32.41 55.30 5.20
N ALA D 148 -31.38 54.48 5.40
CA ALA D 148 -30.02 54.73 4.88
C ALA D 148 -29.86 54.68 3.35
N CYS D 149 -30.78 54.03 2.65
CA CYS D 149 -30.69 53.88 1.20
C CYS D 149 -30.80 55.21 0.44
N PRO D 150 -29.68 55.66 -0.14
CA PRO D 150 -29.61 56.93 -0.89
C PRO D 150 -30.19 56.81 -2.30
N ASN D 151 -31.11 55.88 -2.52
CA ASN D 151 -31.64 55.63 -3.87
C ASN D 151 -33.14 55.39 -3.86
N GLU D 152 -33.73 55.45 -2.66
CA GLU D 152 -35.18 55.30 -2.52
C GLU D 152 -35.62 53.95 -3.07
N ALA D 153 -34.82 52.91 -2.83
CA ALA D 153 -35.11 51.60 -3.39
C ALA D 153 -35.76 50.70 -2.37
N ILE D 154 -35.70 51.08 -1.09
CA ILE D 154 -36.35 50.29 -0.05
C ILE D 154 -37.68 50.88 0.42
N TYR D 155 -38.79 50.25 0.06
CA TYR D 155 -40.08 50.75 0.49
C TYR D 155 -40.75 49.84 1.51
N LYS D 156 -41.77 50.35 2.20
CA LYS D 156 -42.50 49.59 3.21
C LYS D 156 -43.98 49.47 2.84
N ARG D 157 -44.34 48.35 2.20
CA ARG D 157 -45.71 48.08 1.73
C ARG D 157 -46.78 48.59 2.70
N GLU D 158 -47.80 49.25 2.15
CA GLU D 158 -48.82 49.92 2.96
C GLU D 158 -49.70 48.90 3.67
N GLN D 159 -50.12 47.90 2.90
CA GLN D 159 -51.01 46.85 3.36
C GLN D 159 -50.45 46.00 4.50
N ASP D 160 -49.19 45.60 4.38
CA ASP D 160 -48.61 44.54 5.21
C ASP D 160 -47.69 45.03 6.32
N GLY D 161 -46.96 46.11 6.05
CA GLY D 161 -45.87 46.53 6.92
C GLY D 161 -44.62 45.80 6.47
N ILE D 162 -44.73 45.10 5.34
CA ILE D 162 -43.65 44.31 4.77
C ILE D 162 -42.61 45.19 4.05
N VAL D 163 -41.42 45.31 4.65
CA VAL D 163 -40.29 46.00 4.01
C VAL D 163 -39.74 45.23 2.81
N VAL D 164 -39.61 45.89 1.67
CA VAL D 164 -39.18 45.26 0.41
C VAL D 164 -38.12 46.11 -0.31
N ILE D 165 -37.16 45.45 -0.96
CA ILE D 165 -36.14 46.14 -1.72
C ILE D 165 -36.47 46.20 -3.21
N HIS D 166 -36.69 47.41 -3.73
CA HIS D 166 -37.01 47.56 -5.15
C HIS D 166 -35.79 47.21 -6.00
N GLN D 167 -35.88 46.09 -6.69
CA GLN D 167 -34.79 45.54 -7.49
C GLN D 167 -34.46 46.38 -8.72
N ASP D 168 -35.46 47.05 -9.28
CA ASP D 168 -35.22 47.89 -10.44
C ASP D 168 -34.67 49.26 -10.03
N LYS D 169 -35.04 49.73 -8.83
CA LYS D 169 -34.60 51.05 -8.39
C LYS D 169 -33.29 50.98 -7.62
N CYS D 170 -32.93 49.79 -7.16
CA CYS D 170 -31.67 49.61 -6.43
C CYS D 170 -30.44 49.75 -7.33
N LYS D 171 -29.38 50.37 -6.82
CA LYS D 171 -28.16 50.55 -7.59
C LYS D 171 -26.96 49.90 -6.92
N GLY D 172 -27.07 49.65 -5.61
CA GLY D 172 -26.10 48.85 -4.89
C GLY D 172 -25.17 49.64 -3.99
N ALA D 173 -25.74 50.50 -3.15
CA ALA D 173 -24.91 51.39 -2.34
C ALA D 173 -24.47 50.72 -1.05
N GLN D 174 -25.07 49.59 -0.74
CA GLN D 174 -24.73 48.80 0.46
C GLN D 174 -24.80 49.59 1.77
N ALA D 175 -25.56 50.69 1.76
CA ALA D 175 -25.80 51.46 2.97
C ALA D 175 -26.76 50.67 3.86
N CYS D 176 -27.59 49.87 3.21
CA CYS D 176 -28.56 49.06 3.92
C CYS D 176 -27.89 47.90 4.67
N VAL D 177 -26.85 47.34 4.06
CA VAL D 177 -26.03 46.32 4.71
C VAL D 177 -25.30 46.89 5.90
N GLN D 178 -24.78 48.10 5.76
CA GLN D 178 -24.04 48.74 6.86
C GLN D 178 -24.94 48.97 8.06
N SER D 179 -26.13 49.46 7.76
CA SER D 179 -26.97 50.05 8.78
C SER D 179 -27.89 49.03 9.45
N CYS D 180 -28.31 48.00 8.72
CA CYS D 180 -29.11 46.94 9.36
C CYS D 180 -28.29 46.15 10.38
N PRO D 181 -28.74 46.15 11.64
CA PRO D 181 -28.02 45.51 12.74
C PRO D 181 -28.38 44.03 12.85
N TYR D 182 -29.12 43.52 11.86
CA TYR D 182 -29.48 42.11 11.83
C TYR D 182 -28.77 41.40 10.68
N ALA D 183 -27.99 42.15 9.91
CA ALA D 183 -27.24 41.60 8.79
C ALA D 183 -28.15 40.85 7.84
N LYS D 184 -29.37 41.33 7.67
CA LYS D 184 -30.33 40.63 6.85
C LYS D 184 -30.51 41.19 5.42
N PRO D 185 -29.96 42.38 5.15
CA PRO D 185 -29.81 42.58 3.72
C PRO D 185 -28.48 41.96 3.28
N TYR D 186 -28.48 41.38 2.08
CA TYR D 186 -27.31 40.65 1.59
C TYR D 186 -26.93 41.23 0.24
N PHE D 187 -25.65 41.54 0.01
CA PHE D 187 -25.28 42.09 -1.30
C PHE D 187 -24.93 41.03 -2.35
N ASN D 188 -25.76 40.95 -3.39
CA ASN D 188 -25.52 40.07 -4.54
C ASN D 188 -24.41 40.62 -5.43
N PRO D 189 -23.20 40.04 -5.35
CA PRO D 189 -22.07 40.60 -6.12
C PRO D 189 -22.17 40.32 -7.60
N LEU D 190 -23.04 39.41 -8.02
CA LEU D 190 -23.27 39.17 -9.45
C LEU D 190 -24.17 40.23 -10.11
N THR D 191 -25.04 40.85 -9.32
CA THR D 191 -26.06 41.76 -9.86
C THR D 191 -25.99 43.12 -9.18
N ASN D 192 -24.99 43.28 -8.31
CA ASN D 192 -24.74 44.55 -7.65
C ASN D 192 -25.98 45.15 -7.03
N LYS D 193 -26.87 44.28 -6.55
CA LYS D 193 -28.05 44.73 -5.84
C LYS D 193 -28.18 44.02 -4.49
N ALA D 194 -28.65 44.74 -3.48
CA ALA D 194 -29.02 44.12 -2.21
C ALA D 194 -30.27 43.25 -2.36
N ASN D 195 -30.20 42.03 -1.83
CA ASN D 195 -31.32 41.11 -1.78
C ASN D 195 -31.72 40.83 -0.33
N LYS D 196 -33.02 40.73 -0.05
CA LYS D 196 -33.46 40.36 1.30
C LYS D 196 -34.90 39.86 1.37
N CYS D 197 -35.23 39.35 2.55
CA CYS D 197 -36.53 38.76 2.89
C CYS D 197 -37.77 39.63 2.54
N ILE D 198 -38.59 39.15 1.62
CA ILE D 198 -39.76 39.90 1.19
C ILE D 198 -41.05 39.56 1.96
N GLY D 199 -40.90 38.90 3.12
CA GLY D 199 -42.04 38.52 3.96
C GLY D 199 -43.10 37.72 3.23
N CYS D 200 -42.69 37.08 2.17
CA CYS D 200 -43.59 36.27 1.36
C CYS D 200 -44.85 37.05 0.92
N PHE D 201 -44.70 38.34 0.60
CA PHE D 201 -45.88 39.14 0.29
C PHE D 201 -46.72 38.53 -0.85
N PRO D 202 -46.10 37.83 -1.83
CA PRO D 202 -47.03 37.23 -2.77
C PRO D 202 -47.89 36.09 -2.17
N ARG D 203 -47.59 35.64 -0.96
CA ARG D 203 -48.44 34.64 -0.32
C ARG D 203 -49.43 35.34 0.62
N ILE D 204 -48.95 36.39 1.28
CA ILE D 204 -49.81 37.24 2.10
C ILE D 204 -51.00 37.81 1.27
N GLU D 205 -50.70 38.29 0.07
CA GLU D 205 -51.72 38.78 -0.83
C GLU D 205 -52.76 37.71 -1.21
N GLN D 206 -52.37 36.44 -1.19
CA GLN D 206 -53.30 35.39 -1.56
C GLN D 206 -53.91 34.68 -0.35
N GLY D 207 -53.74 35.25 0.85
CA GLY D 207 -54.26 34.63 2.06
C GLY D 207 -53.63 33.30 2.44
N VAL D 208 -52.39 33.10 1.99
CA VAL D 208 -51.55 31.95 2.38
C VAL D 208 -50.48 32.47 3.37
N ALA D 209 -50.16 31.68 4.40
CA ALA D 209 -49.11 32.07 5.35
C ALA D 209 -47.72 31.96 4.70
N PRO D 210 -46.75 32.74 5.20
CA PRO D 210 -45.39 32.70 4.67
C PRO D 210 -44.77 31.30 4.75
N ALA D 211 -43.88 30.99 3.82
CA ALA D 211 -43.21 29.69 3.76
C ALA D 211 -42.60 29.25 5.09
N CYS D 212 -41.96 30.16 5.78
CA CYS D 212 -41.28 29.79 7.02
C CYS D 212 -42.24 29.65 8.20
N VAL D 213 -43.51 29.94 7.94
CA VAL D 213 -44.55 29.78 8.94
C VAL D 213 -45.38 28.55 8.59
N ALA D 214 -45.77 28.48 7.32
CA ALA D 214 -46.65 27.43 6.84
C ALA D 214 -45.95 26.08 6.65
N GLN D 215 -44.63 26.10 6.44
CA GLN D 215 -43.87 24.85 6.26
C GLN D 215 -43.10 24.46 7.54
N CYS D 216 -43.30 25.22 8.61
CA CYS D 216 -42.65 24.93 9.89
C CYS D 216 -43.07 23.62 10.58
N VAL D 217 -42.12 22.71 10.75
CA VAL D 217 -42.44 21.36 11.22
C VAL D 217 -42.60 21.21 12.74
N GLY D 218 -41.83 21.97 13.51
CA GLY D 218 -41.97 21.95 14.95
C GLY D 218 -43.21 22.65 15.46
N ARG D 219 -43.98 23.24 14.53
CA ARG D 219 -45.22 23.97 14.84
C ARG D 219 -44.93 25.08 15.88
N ALA D 220 -43.89 25.86 15.61
CA ALA D 220 -43.40 26.86 16.55
C ALA D 220 -43.62 28.29 16.05
N MET D 221 -44.11 28.42 14.82
CA MET D 221 -44.31 29.73 14.21
C MET D 221 -45.76 30.22 14.25
N HIS D 222 -45.94 31.44 14.74
CA HIS D 222 -47.23 32.13 14.65
C HIS D 222 -47.12 33.32 13.71
N VAL D 223 -48.18 33.59 12.95
CA VAL D 223 -48.23 34.79 12.12
C VAL D 223 -49.67 35.31 12.04
N GLY D 224 -49.77 36.61 11.73
CA GLY D 224 -51.05 37.29 11.69
C GLY D 224 -50.80 38.78 11.76
N PHE D 225 -51.83 39.55 12.12
CA PHE D 225 -51.71 40.99 12.23
C PHE D 225 -51.85 41.47 13.66
N VAL D 226 -51.01 42.42 14.05
CA VAL D 226 -51.05 43.01 15.38
C VAL D 226 -52.40 43.64 15.75
N ASP D 227 -53.21 43.96 14.74
CA ASP D 227 -54.52 44.58 14.97
C ASP D 227 -55.60 43.54 15.25
N ASP D 228 -55.64 42.46 14.48
CA ASP D 228 -56.61 41.39 14.72
C ASP D 228 -56.44 40.79 16.11
N VAL D 229 -57.28 41.20 17.06
CA VAL D 229 -57.14 40.77 18.44
C VAL D 229 -57.61 39.34 18.67
N ASN D 230 -58.02 38.66 17.61
CA ASN D 230 -58.32 37.23 17.71
C ASN D 230 -57.15 36.34 17.26
N SER D 231 -56.10 37.00 16.75
CA SER D 231 -54.88 36.34 16.32
C SER D 231 -54.11 35.73 17.48
N SER D 232 -53.34 34.67 17.21
CA SER D 232 -52.44 34.13 18.20
C SER D 232 -51.35 35.16 18.51
N VAL D 233 -50.91 35.87 17.49
CA VAL D 233 -49.82 36.82 17.68
C VAL D 233 -50.26 37.90 18.66
N TYR D 234 -51.48 38.43 18.49
CA TYR D 234 -51.96 39.47 19.38
C TYR D 234 -52.02 38.96 20.82
N LYS D 235 -52.72 37.85 21.03
CA LYS D 235 -52.82 37.28 22.36
C LYS D 235 -51.42 37.09 22.99
N LEU D 236 -50.47 36.57 22.21
CA LEU D 236 -49.13 36.29 22.73
C LEU D 236 -48.30 37.53 23.01
N ILE D 237 -48.38 38.53 22.14
CA ILE D 237 -47.59 39.76 22.32
C ILE D 237 -48.22 40.79 23.27
N LYS D 238 -49.48 41.13 22.99
CA LYS D 238 -50.19 42.19 23.69
C LYS D 238 -50.98 41.68 24.90
N GLN D 239 -51.78 40.65 24.74
CA GLN D 239 -52.66 40.24 25.82
C GLN D 239 -51.91 39.53 26.95
N TYR D 240 -51.24 38.42 26.63
CA TYR D 240 -50.53 37.65 27.64
C TYR D 240 -49.08 38.11 27.81
N LYS D 241 -48.60 38.94 26.87
CA LYS D 241 -47.24 39.51 26.88
C LYS D 241 -46.12 38.52 27.28
N VAL D 242 -46.02 37.44 26.50
CA VAL D 242 -44.97 36.45 26.70
C VAL D 242 -43.93 36.52 25.56
N ALA D 243 -44.17 37.41 24.59
CA ALA D 243 -43.40 37.41 23.35
C ALA D 243 -42.53 38.66 23.21
N LEU D 244 -41.22 38.51 23.37
CA LEU D 244 -40.30 39.65 23.32
C LEU D 244 -39.73 39.82 21.92
N PRO D 245 -39.23 41.03 21.60
CA PRO D 245 -38.60 41.20 20.29
C PRO D 245 -37.09 40.90 20.37
N LEU D 246 -36.47 40.63 19.23
CA LEU D 246 -35.04 40.32 19.21
C LEU D 246 -34.17 41.58 19.22
N HIS D 247 -33.27 41.66 20.19
CA HIS D 247 -32.40 42.82 20.38
C HIS D 247 -33.16 44.16 20.26
N PRO D 248 -33.93 44.48 21.31
CA PRO D 248 -34.70 45.73 21.34
C PRO D 248 -33.77 46.92 21.28
N GLU D 249 -32.64 46.81 21.97
CA GLU D 249 -31.68 47.89 22.10
C GLU D 249 -31.17 48.40 20.75
N PHE D 250 -31.50 47.72 19.66
CA PHE D 250 -31.02 48.19 18.37
C PHE D 250 -31.91 49.32 17.83
N GLY D 251 -32.84 49.79 18.66
CA GLY D 251 -33.84 50.74 18.23
C GLY D 251 -34.83 49.92 17.44
N THR D 252 -34.99 50.24 16.16
CA THR D 252 -35.46 49.22 15.23
C THR D 252 -36.95 48.91 15.34
N GLU D 253 -37.41 48.53 16.53
CA GLU D 253 -38.80 48.13 16.75
C GLU D 253 -39.26 47.00 15.82
N PRO D 254 -38.77 45.79 16.06
CA PRO D 254 -39.01 44.65 15.16
C PRO D 254 -40.45 44.16 15.27
N ASN D 255 -41.02 43.58 14.21
CA ASN D 255 -42.32 42.93 14.32
C ASN D 255 -42.24 41.39 14.26
N VAL D 256 -41.04 40.88 14.55
CA VAL D 256 -40.77 39.47 14.75
C VAL D 256 -40.43 39.26 16.23
N PHE D 257 -41.26 38.48 16.91
CA PHE D 257 -41.17 38.32 18.36
C PHE D 257 -40.89 36.86 18.78
N TYR D 258 -40.29 36.68 19.97
CA TYR D 258 -39.91 35.34 20.42
C TYR D 258 -40.38 35.00 21.82
N VAL D 259 -41.05 33.87 21.98
CA VAL D 259 -41.38 33.35 23.31
C VAL D 259 -40.21 32.57 23.90
N PRO D 260 -39.55 33.13 24.94
CA PRO D 260 -38.35 32.50 25.50
C PRO D 260 -38.58 31.10 26.04
N PRO D 261 -37.50 30.30 26.12
CA PRO D 261 -37.57 28.92 26.62
C PRO D 261 -37.74 28.80 28.13
N VAL D 262 -38.82 28.14 28.53
CA VAL D 262 -39.02 27.81 29.93
C VAL D 262 -38.91 26.29 30.09
N LEU D 263 -39.08 25.56 29.00
CA LEU D 263 -38.77 24.11 28.97
C LEU D 263 -37.26 23.92 29.04
N GLY D 264 -36.81 22.80 29.59
CA GLY D 264 -35.39 22.61 29.79
C GLY D 264 -35.06 22.04 31.15
N PRO D 265 -34.05 21.18 31.21
CA PRO D 265 -33.65 20.57 32.48
C PRO D 265 -32.93 21.57 33.38
N ARG D 266 -32.64 21.18 34.62
CA ARG D 266 -31.99 22.09 35.56
C ARG D 266 -30.47 21.97 35.47
N ILE D 267 -29.78 22.93 36.07
CA ILE D 267 -28.36 22.79 36.33
C ILE D 267 -28.12 21.55 37.20
N GLU D 268 -27.13 20.73 36.84
CA GLU D 268 -26.79 19.60 37.68
C GLU D 268 -25.62 19.95 38.60
N MET D 269 -25.76 19.64 39.88
CA MET D 269 -24.78 19.98 40.89
C MET D 269 -23.71 18.92 41.00
N ALA D 270 -22.56 19.31 41.57
CA ALA D 270 -21.43 18.41 41.78
C ALA D 270 -21.80 16.99 42.17
N ASN D 271 -22.90 16.84 42.92
CA ASN D 271 -23.29 15.53 43.44
C ASN D 271 -24.38 14.85 42.60
N GLY D 272 -24.66 15.44 41.44
CA GLY D 272 -25.59 14.83 40.52
C GLY D 272 -27.03 15.24 40.71
N GLU D 273 -27.34 15.84 41.86
CA GLU D 273 -28.70 16.33 42.11
C GLU D 273 -28.93 17.68 41.44
N PRO D 274 -30.18 17.94 41.05
CA PRO D 274 -30.58 19.22 40.44
C PRO D 274 -30.51 20.43 41.37
N SER D 275 -30.26 21.58 40.77
CA SER D 275 -30.44 22.85 41.43
C SER D 275 -31.72 23.46 40.90
N THR D 276 -32.03 24.67 41.32
CA THR D 276 -33.27 25.32 40.89
C THR D 276 -33.06 26.04 39.58
N ASP D 277 -31.80 26.41 39.31
CA ASP D 277 -31.43 27.07 38.07
C ASP D 277 -31.58 26.14 36.85
N PRO D 278 -32.00 26.71 35.70
CA PRO D 278 -32.10 25.99 34.44
C PRO D 278 -30.73 25.88 33.73
N LYS D 279 -30.59 24.95 32.81
CA LYS D 279 -29.32 24.83 32.09
C LYS D 279 -29.16 26.07 31.22
N ILE D 280 -30.27 26.58 30.69
CA ILE D 280 -30.25 27.83 29.93
C ILE D 280 -30.16 29.03 30.88
N PRO D 281 -29.00 29.71 30.89
CA PRO D 281 -28.78 30.81 31.83
C PRO D 281 -29.66 32.02 31.51
N LEU D 282 -30.35 32.54 32.51
CA LEU D 282 -31.13 33.77 32.35
C LEU D 282 -30.34 34.89 31.67
N ALA D 283 -29.08 35.03 32.09
CA ALA D 283 -28.16 36.03 31.55
C ALA D 283 -28.14 36.02 30.03
N GLN D 284 -28.16 34.82 29.46
CA GLN D 284 -28.10 34.64 28.02
C GLN D 284 -29.36 35.15 27.33
N LEU D 285 -30.51 34.84 27.95
CA LEU D 285 -31.81 35.27 27.46
C LEU D 285 -31.94 36.78 27.57
N GLU D 286 -31.35 37.32 28.63
CA GLU D 286 -31.34 38.76 28.83
C GLU D 286 -30.58 39.41 27.68
N GLY D 287 -29.43 38.83 27.34
CA GLY D 287 -28.59 39.34 26.27
C GLY D 287 -29.32 39.46 24.94
N LEU D 288 -30.30 38.59 24.73
CA LEU D 288 -31.02 38.58 23.46
C LEU D 288 -32.28 39.42 23.47
N PHE D 289 -32.94 39.48 24.63
CA PHE D 289 -34.35 39.90 24.68
C PHE D 289 -34.71 41.03 25.68
N GLY D 290 -33.78 41.41 26.56
CA GLY D 290 -34.04 42.46 27.52
C GLY D 290 -34.18 41.89 28.92
N LYS D 291 -34.41 42.73 29.92
CA LYS D 291 -34.42 42.24 31.29
C LYS D 291 -35.84 41.89 31.75
N GLN D 292 -36.81 42.09 30.87
CA GLN D 292 -38.16 41.65 31.15
C GLN D 292 -38.34 40.16 30.84
N VAL D 293 -37.22 39.47 30.66
CA VAL D 293 -37.27 38.04 30.37
C VAL D 293 -37.69 37.28 31.61
N ARG D 294 -37.14 37.66 32.76
CA ARG D 294 -37.32 36.89 33.98
C ARG D 294 -38.80 36.82 34.37
N ASP D 295 -39.54 37.84 33.94
CA ASP D 295 -40.97 37.92 34.20
C ASP D 295 -41.77 37.11 33.19
N VAL D 296 -41.41 37.21 31.91
CA VAL D 296 -42.07 36.40 30.90
C VAL D 296 -41.97 34.92 31.26
N LEU D 297 -40.79 34.50 31.74
CA LEU D 297 -40.60 33.10 32.11
C LEU D 297 -41.50 32.73 33.30
N ALA D 298 -41.61 33.63 34.28
CA ALA D 298 -42.44 33.38 35.46
C ALA D 298 -43.91 33.13 35.08
N ILE D 299 -44.42 33.97 34.18
CA ILE D 299 -45.73 33.75 33.57
C ILE D 299 -45.87 32.36 32.99
N LEU D 300 -45.03 32.06 31.98
CA LEU D 300 -45.01 30.76 31.32
C LEU D 300 -45.00 29.62 32.32
N GLN D 301 -44.07 29.71 33.26
CA GLN D 301 -43.96 28.72 34.31
C GLN D 301 -45.27 28.49 35.02
N SER D 302 -45.90 29.54 35.55
CA SER D 302 -47.10 29.36 36.36
C SER D 302 -48.26 28.81 35.51
N GLU D 303 -48.28 29.13 34.21
CA GLU D 303 -49.31 28.57 33.34
C GLU D 303 -49.12 27.07 33.09
N ARG D 304 -47.87 26.65 32.91
CA ARG D 304 -47.58 25.25 32.74
C ARG D 304 -47.86 24.49 34.04
N GLU D 305 -47.51 25.14 35.15
CA GLU D 305 -47.75 24.61 36.49
C GLU D 305 -49.21 24.23 36.65
N LYS D 306 -50.10 25.08 36.14
CA LYS D 306 -51.53 24.81 36.17
C LYS D 306 -51.89 23.59 35.32
N LYS D 307 -51.34 23.53 34.10
CA LYS D 307 -51.61 22.39 33.23
C LYS D 307 -51.14 21.09 33.88
N MET D 308 -50.11 21.19 34.71
CA MET D 308 -49.63 20.03 35.46
C MET D 308 -50.61 19.63 36.56
N LYS D 309 -51.39 20.60 37.04
CA LYS D 309 -52.38 20.38 38.10
C LYS D 309 -53.73 19.94 37.52
N GLY D 310 -53.76 19.48 36.27
CA GLY D 310 -55.03 19.13 35.63
C GLY D 310 -55.97 20.31 35.43
N LEU D 311 -55.42 21.51 35.55
CA LEU D 311 -56.23 22.74 35.44
C LEU D 311 -56.16 23.37 34.05
N ALA D 312 -57.05 24.32 33.82
CA ALA D 312 -57.11 25.01 32.54
C ALA D 312 -56.05 26.09 32.46
N SER D 313 -55.59 26.37 31.24
CA SER D 313 -54.68 27.50 30.99
C SER D 313 -54.79 27.89 29.55
N ASP D 314 -55.26 29.10 29.27
CA ASP D 314 -55.49 29.39 27.87
C ASP D 314 -54.20 29.75 27.14
N LEU D 315 -53.26 30.37 27.85
CA LEU D 315 -51.98 30.70 27.24
C LEU D 315 -51.33 29.44 26.67
N MET D 316 -51.17 28.42 27.51
CA MET D 316 -50.56 27.17 27.08
C MET D 316 -51.24 26.61 25.84
N ASP D 317 -52.56 26.81 25.74
CA ASP D 317 -53.33 26.30 24.61
C ASP D 317 -53.03 27.04 23.29
N VAL D 318 -52.58 28.27 23.40
CA VAL D 318 -52.26 29.07 22.21
C VAL D 318 -50.92 28.59 21.66
N LEU D 319 -50.00 28.32 22.59
CA LEU D 319 -48.68 27.78 22.31
C LEU D 319 -48.78 26.37 21.73
N ILE D 320 -49.65 25.56 22.32
CA ILE D 320 -49.91 24.22 21.82
C ILE D 320 -50.42 24.29 20.40
N GLY D 321 -51.38 25.18 20.18
CA GLY D 321 -51.99 25.36 18.89
C GLY D 321 -52.54 24.08 18.28
N ARG D 322 -53.47 23.43 18.97
CA ARG D 322 -54.06 22.18 18.49
C ARG D 322 -54.50 22.23 17.03
N ARG D 323 -54.86 23.42 16.56
CA ARG D 323 -55.12 23.60 15.14
C ARG D 323 -54.20 24.68 14.57
N SER D 324 -53.63 24.41 13.39
CA SER D 324 -52.65 25.31 12.77
C SER D 324 -53.24 26.68 12.48
N THR D 325 -54.52 26.70 12.11
CA THR D 325 -55.20 27.95 11.75
C THR D 325 -55.50 28.84 12.95
N ASP D 326 -55.17 28.39 14.16
CA ASP D 326 -55.21 29.24 15.36
C ASP D 326 -53.81 29.79 15.65
N MET D 327 -52.92 29.63 14.67
CA MET D 327 -51.53 30.06 14.82
C MET D 327 -51.12 30.99 13.69
N MET D 328 -51.83 30.90 12.58
CA MET D 328 -51.31 31.48 11.36
C MET D 328 -52.41 31.67 10.34
N ILE D 329 -52.15 32.57 9.40
CA ILE D 329 -52.91 32.66 8.18
C ILE D 329 -52.97 31.26 7.55
N SER D 330 -54.02 30.96 6.80
CA SER D 330 -54.12 29.65 6.15
C SER D 330 -52.81 29.17 5.49
N PRO D 331 -52.34 27.97 5.88
CA PRO D 331 -51.16 27.41 5.21
C PRO D 331 -51.51 26.60 3.97
N LEU D 332 -52.81 26.41 3.68
CA LEU D 332 -53.21 25.55 2.56
C LEU D 332 -52.84 26.16 1.21
N THR D 333 -52.34 25.34 0.29
CA THR D 333 -51.90 25.78 -1.04
C THR D 333 -51.77 24.58 -2.01
N ALA E 8 -25.33 -63.33 -25.25
CA ALA E 8 -26.01 -62.04 -25.33
C ALA E 8 -27.33 -62.07 -24.57
N PHE E 9 -27.35 -61.38 -23.43
CA PHE E 9 -28.49 -61.32 -22.53
C PHE E 9 -29.49 -60.22 -22.93
N GLU E 10 -30.60 -60.16 -22.21
CA GLU E 10 -31.58 -59.11 -22.46
C GLU E 10 -30.94 -57.71 -22.42
N TYR E 11 -30.11 -57.48 -21.41
CA TYR E 11 -29.56 -56.14 -21.21
CA TYR E 11 -29.49 -56.19 -21.14
C TYR E 11 -28.23 -55.92 -21.95
N SER E 12 -27.74 -56.92 -22.66
CA SER E 12 -26.46 -56.81 -23.36
C SER E 12 -26.38 -55.64 -24.35
N GLY E 13 -27.51 -55.34 -24.99
CA GLY E 13 -27.56 -54.28 -25.97
C GLY E 13 -27.48 -52.90 -25.37
N TRP E 14 -28.23 -52.64 -24.30
CA TRP E 14 -28.16 -51.36 -23.63
C TRP E 14 -26.72 -51.13 -23.17
N GLU E 15 -26.09 -52.18 -22.66
CA GLU E 15 -24.74 -52.11 -22.11
C GLU E 15 -23.66 -51.55 -23.06
N ASN E 16 -23.90 -51.59 -24.37
CA ASN E 16 -22.94 -51.00 -25.33
C ASN E 16 -22.68 -49.53 -25.05
N PHE E 17 -23.59 -48.89 -24.31
CA PHE E 17 -23.33 -47.55 -23.82
C PHE E 17 -22.00 -47.47 -23.03
N HIS E 18 -21.74 -48.43 -22.16
CA HIS E 18 -20.52 -48.38 -21.37
C HIS E 18 -19.36 -48.96 -22.18
N ARG E 19 -19.67 -49.85 -23.12
CA ARG E 19 -18.61 -50.44 -23.93
C ARG E 19 -17.98 -49.36 -24.79
N THR E 20 -18.81 -48.44 -25.27
CA THR E 20 -18.34 -47.39 -26.15
C THR E 20 -17.41 -46.41 -25.40
N GLN E 21 -17.64 -46.25 -24.09
CA GLN E 21 -16.87 -45.34 -23.26
C GLN E 21 -15.43 -45.84 -23.08
N TRP E 22 -15.23 -47.15 -23.18
CA TRP E 22 -13.86 -47.64 -23.14
C TRP E 22 -13.44 -48.08 -24.53
N SER E 23 -13.31 -47.12 -25.45
CA SER E 23 -12.86 -47.44 -26.82
C SER E 23 -11.92 -46.38 -27.38
N TRP E 24 -11.20 -46.77 -28.41
CA TRP E 24 -10.25 -45.89 -29.05
C TRP E 24 -9.93 -46.38 -30.45
N ASP E 25 -9.52 -45.46 -31.33
CA ASP E 25 -9.14 -45.87 -32.65
C ASP E 25 -7.64 -45.74 -32.88
N LYS E 26 -6.90 -45.31 -31.85
CA LYS E 26 -5.42 -45.19 -31.95
C LYS E 26 -4.67 -45.26 -30.61
N LYS E 27 -3.53 -45.96 -30.61
CA LYS E 27 -2.78 -46.13 -29.37
C LYS E 27 -1.30 -45.86 -29.61
N THR E 28 -0.73 -44.99 -28.80
CA THR E 28 0.65 -44.55 -28.96
C THR E 28 1.34 -44.48 -27.59
N ARG E 29 2.68 -44.41 -27.59
CA ARG E 29 3.41 -44.36 -26.32
C ARG E 29 3.45 -42.92 -25.78
N GLY E 30 3.42 -42.77 -24.46
CA GLY E 30 3.40 -41.45 -23.86
C GLY E 30 4.28 -41.36 -22.63
N ALA E 31 4.72 -40.16 -22.33
CA ALA E 31 5.49 -39.91 -21.12
C ALA E 31 5.13 -38.53 -20.59
N HIS E 32 5.47 -38.29 -19.32
CA HIS E 32 5.17 -37.01 -18.67
C HIS E 32 6.51 -36.37 -18.39
N LEU E 33 6.84 -35.35 -19.17
CA LEU E 33 8.14 -34.73 -19.11
C LEU E 33 8.23 -33.70 -17.96
N VAL E 34 8.06 -34.18 -16.74
CA VAL E 34 8.18 -33.37 -15.55
C VAL E 34 9.18 -33.98 -14.60
N ASN E 35 9.58 -33.16 -13.63
CA ASN E 35 10.70 -33.48 -12.77
C ASN E 35 10.25 -34.25 -11.56
N CYS E 36 9.75 -35.45 -11.80
CA CYS E 36 9.11 -36.26 -10.76
C CYS E 36 9.92 -37.50 -10.37
N THR E 37 10.90 -37.86 -11.21
CA THR E 37 11.70 -39.11 -11.12
C THR E 37 10.90 -40.37 -11.46
N GLY E 38 9.68 -40.20 -11.94
CA GLY E 38 8.88 -41.34 -12.32
C GLY E 38 9.36 -42.01 -13.60
N ALA E 39 9.45 -41.22 -14.67
CA ALA E 39 9.74 -41.74 -16.02
C ALA E 39 8.95 -43.01 -16.28
N CYS E 40 7.65 -42.94 -15.99
CA CYS E 40 6.77 -44.08 -16.10
C CYS E 40 6.29 -44.35 -17.55
N PRO E 41 6.46 -45.59 -18.03
CA PRO E 41 5.91 -46.05 -19.32
C PRO E 41 4.38 -45.95 -19.41
N HIS E 42 3.86 -45.22 -20.39
CA HIS E 42 2.42 -45.06 -20.59
C HIS E 42 2.00 -45.29 -22.03
N PHE E 43 0.74 -45.67 -22.19
CA PHE E 43 0.06 -45.64 -23.46
C PHE E 43 -0.93 -44.46 -23.46
N VAL E 44 -1.15 -43.88 -24.63
CA VAL E 44 -2.09 -42.78 -24.81
C VAL E 44 -3.14 -43.22 -25.85
N TYR E 45 -4.41 -42.98 -25.54
CA TYR E 45 -5.50 -43.55 -26.30
C TYR E 45 -6.30 -42.43 -26.97
N SER E 46 -6.37 -42.49 -28.30
CA SER E 46 -7.08 -41.43 -29.02
C SER E 46 -8.27 -41.97 -29.78
N LYS E 47 -9.27 -41.10 -29.98
CA LYS E 47 -10.42 -41.41 -30.79
C LYS E 47 -10.89 -40.17 -31.54
N ASP E 48 -11.01 -40.26 -32.86
CA ASP E 48 -11.40 -39.13 -33.70
C ASP E 48 -10.53 -37.89 -33.48
N GLY E 49 -9.23 -38.11 -33.30
CA GLY E 49 -8.29 -37.00 -33.18
C GLY E 49 -8.30 -36.29 -31.83
N VAL E 50 -8.91 -36.93 -30.85
CA VAL E 50 -8.92 -36.41 -29.49
C VAL E 50 -8.31 -37.45 -28.54
N VAL E 51 -7.42 -37.00 -27.65
CA VAL E 51 -6.88 -37.90 -26.64
C VAL E 51 -7.96 -38.13 -25.58
N MET E 52 -8.30 -39.39 -25.37
CA MET E 52 -9.40 -39.77 -24.49
C MET E 52 -8.93 -39.99 -23.05
N ARG E 53 -7.74 -40.58 -22.90
CA ARG E 53 -7.18 -40.89 -21.58
C ARG E 53 -5.80 -41.52 -21.76
N GLU E 54 -5.12 -41.76 -20.65
CA GLU E 54 -3.83 -42.46 -20.68
C GLU E 54 -3.93 -43.54 -19.64
N GLU E 55 -2.97 -44.47 -19.66
CA GLU E 55 -2.90 -45.58 -18.73
C GLU E 55 -1.49 -46.19 -18.79
N GLN E 56 -0.94 -46.56 -17.64
CA GLN E 56 0.36 -47.22 -17.56
C GLN E 56 0.44 -48.39 -18.52
N SER E 57 1.57 -48.51 -19.21
CA SER E 57 1.72 -49.55 -20.22
C SER E 57 2.21 -50.85 -19.57
N LYS E 58 2.83 -50.74 -18.39
CA LYS E 58 3.17 -51.88 -17.52
C LYS E 58 4.13 -52.88 -18.19
N ASP E 59 4.98 -52.39 -19.09
CA ASP E 59 5.77 -53.29 -19.91
C ASP E 59 7.28 -53.25 -19.62
N ILE E 60 7.65 -53.02 -18.38
CA ILE E 60 9.06 -53.09 -18.02
C ILE E 60 9.39 -54.53 -17.68
N ALA E 61 10.47 -55.04 -18.25
CA ALA E 61 10.88 -56.43 -18.06
C ALA E 61 11.25 -56.71 -16.62
N PRO E 62 10.56 -57.67 -16.01
CA PRO E 62 10.82 -58.05 -14.61
C PRO E 62 12.22 -58.66 -14.42
N MET E 63 12.76 -58.58 -13.20
CA MET E 63 13.98 -59.30 -12.84
C MET E 63 13.59 -60.47 -11.94
N PRO E 64 14.44 -61.52 -11.85
CA PRO E 64 14.06 -62.71 -11.07
C PRO E 64 14.06 -62.50 -9.55
N ASN E 65 13.08 -63.09 -8.88
CA ASN E 65 12.92 -63.10 -7.41
C ASN E 65 12.45 -61.76 -6.80
N ILE E 66 12.60 -60.68 -7.57
CA ILE E 66 12.27 -59.32 -7.16
C ILE E 66 10.91 -58.90 -7.74
N PRO E 67 10.09 -58.12 -7.00
CA PRO E 67 8.86 -57.63 -7.65
C PRO E 67 9.15 -56.78 -8.89
N GLU E 68 8.19 -56.70 -9.80
CA GLU E 68 8.41 -55.94 -11.01
C GLU E 68 8.17 -54.43 -10.77
N TYR E 69 8.71 -53.61 -11.64
CA TYR E 69 8.47 -52.17 -11.55
C TYR E 69 7.02 -51.78 -11.87
N ASN E 70 6.35 -52.60 -12.67
CA ASN E 70 5.01 -52.25 -13.14
C ASN E 70 3.96 -52.29 -12.02
N PRO E 71 2.94 -51.45 -12.12
CA PRO E 71 2.57 -50.53 -13.22
C PRO E 71 3.20 -49.15 -13.21
N ARG E 72 3.92 -48.78 -12.15
CA ARG E 72 4.28 -47.38 -11.93
C ARG E 72 3.05 -46.47 -12.07
N GLY E 73 3.28 -45.24 -12.54
CA GLY E 73 2.18 -44.27 -12.68
C GLY E 73 1.90 -43.48 -11.39
N CYS E 74 0.97 -42.54 -11.46
CA CYS E 74 0.57 -41.77 -10.28
C CYS E 74 -0.70 -40.99 -10.60
N ASN E 75 -1.23 -40.31 -9.58
CA ASN E 75 -2.48 -39.54 -9.66
C ASN E 75 -2.39 -38.34 -10.60
N LYS E 76 -1.20 -37.76 -10.74
CA LYS E 76 -0.96 -36.70 -11.73
C LYS E 76 -0.91 -37.31 -13.14
N GLY E 77 -0.15 -38.39 -13.27
CA GLY E 77 0.10 -38.95 -14.58
C GLY E 77 -1.19 -39.44 -15.21
N GLU E 78 -2.14 -39.88 -14.40
CA GLU E 78 -3.30 -40.45 -15.01
C GLU E 78 -4.32 -39.39 -15.39
N CYS E 79 -3.99 -38.11 -15.20
CA CYS E 79 -4.88 -37.07 -15.74
C CYS E 79 -4.02 -36.10 -16.56
N GLY E 80 -2.86 -36.58 -16.99
CA GLY E 80 -1.90 -35.79 -17.73
C GLY E 80 -2.39 -35.06 -18.96
N HIS E 81 -3.40 -35.61 -19.63
CA HIS E 81 -3.96 -35.00 -20.83
C HIS E 81 -4.80 -33.78 -20.51
N ASP E 82 -5.10 -33.58 -19.24
CA ASP E 82 -5.76 -32.34 -18.85
C ASP E 82 -4.96 -31.11 -19.30
N TYR E 83 -3.64 -31.22 -19.36
CA TYR E 83 -2.90 -30.05 -19.82
C TYR E 83 -2.94 -29.91 -21.35
N MET E 84 -3.58 -30.83 -22.05
CA MET E 84 -3.78 -30.64 -23.49
C MET E 84 -5.00 -29.76 -23.70
N TYR E 85 -6.00 -29.89 -22.83
CA TYR E 85 -7.32 -29.31 -23.09
C TYR E 85 -7.78 -28.28 -22.07
N GLY E 86 -6.97 -28.05 -21.05
CA GLY E 86 -7.41 -27.25 -19.91
C GLY E 86 -7.43 -25.74 -20.10
N PRO E 87 -7.85 -25.02 -19.06
CA PRO E 87 -7.94 -23.56 -19.14
C PRO E 87 -6.58 -22.87 -19.05
N HIS E 88 -5.51 -23.64 -18.80
CA HIS E 88 -4.18 -23.08 -18.67
C HIS E 88 -3.34 -23.07 -19.96
N ARG E 89 -3.79 -23.76 -21.00
CA ARG E 89 -2.92 -23.97 -22.14
C ARG E 89 -2.56 -22.68 -22.90
N ILE E 90 -1.26 -22.52 -23.21
CA ILE E 90 -0.85 -21.49 -24.15
C ILE E 90 -1.13 -21.96 -25.58
N LYS E 91 -2.01 -21.27 -26.28
CA LYS E 91 -2.39 -21.62 -27.65
C LYS E 91 -1.57 -20.88 -28.72
N TYR E 92 -1.34 -19.58 -28.52
CA TYR E 92 -0.64 -18.75 -29.49
C TYR E 92 0.47 -17.95 -28.84
N PRO E 93 1.47 -17.51 -29.65
CA PRO E 93 2.50 -16.59 -29.14
C PRO E 93 1.87 -15.40 -28.43
N LEU E 94 2.35 -15.05 -27.25
CA LEU E 94 1.76 -13.93 -26.53
C LEU E 94 2.85 -12.92 -26.23
N ILE E 95 2.52 -11.65 -26.46
CA ILE E 95 3.40 -10.57 -26.05
C ILE E 95 2.67 -9.68 -25.02
N ARG E 96 3.37 -9.38 -23.93
CA ARG E 96 2.88 -8.55 -22.86
C ARG E 96 2.44 -7.15 -23.34
N VAL E 97 1.28 -6.67 -22.86
CA VAL E 97 0.83 -5.33 -23.20
C VAL E 97 0.63 -4.43 -21.95
N GLY E 98 0.57 -5.01 -20.76
CA GLY E 98 0.50 -4.27 -19.52
C GLY E 98 1.79 -4.46 -18.73
N GLU E 99 1.71 -4.38 -17.40
CA GLU E 99 2.93 -4.58 -16.63
CA GLU E 99 2.85 -4.59 -16.51
C GLU E 99 3.15 -6.08 -16.38
N ARG E 100 4.38 -6.42 -16.06
CA ARG E 100 4.71 -7.80 -15.81
C ARG E 100 3.86 -8.35 -14.68
N GLY E 101 3.30 -9.54 -14.89
CA GLY E 101 2.43 -10.19 -13.92
C GLY E 101 0.93 -9.89 -14.03
N GLU E 102 0.54 -9.02 -14.95
CA GLU E 102 -0.85 -8.58 -14.99
C GLU E 102 -1.79 -9.54 -15.72
N GLY E 103 -1.24 -10.26 -16.69
CA GLY E 103 -2.02 -11.16 -17.52
C GLY E 103 -2.69 -10.40 -18.66
N LYS E 104 -2.11 -9.26 -19.03
CA LYS E 104 -2.58 -8.51 -20.19
C LYS E 104 -1.65 -8.78 -21.39
N TRP E 105 -2.20 -9.39 -22.43
CA TRP E 105 -1.45 -9.78 -23.63
C TRP E 105 -2.09 -9.36 -24.92
N ARG E 106 -1.30 -9.42 -25.99
CA ARG E 106 -1.86 -9.46 -27.33
C ARG E 106 -1.38 -10.74 -28.01
N ARG E 107 -2.24 -11.30 -28.85
CA ARG E 107 -1.84 -12.43 -29.69
C ARG E 107 -0.90 -11.95 -30.78
N ALA E 108 0.19 -12.67 -31.01
CA ALA E 108 1.13 -12.33 -32.07
C ALA E 108 1.38 -13.51 -33.00
N THR E 109 1.87 -13.20 -34.20
CA THR E 109 2.41 -14.23 -35.08
C THR E 109 3.70 -14.76 -34.49
N TRP E 110 4.02 -16.02 -34.77
CA TRP E 110 5.37 -16.49 -34.52
C TRP E 110 6.45 -15.59 -35.13
N GLU E 111 6.20 -15.05 -36.32
CA GLU E 111 7.18 -14.23 -37.01
C GLU E 111 7.46 -12.97 -36.18
N GLU E 112 6.41 -12.22 -35.82
CA GLU E 112 6.61 -10.99 -35.04
C GLU E 112 7.29 -11.27 -33.68
N ALA E 113 6.86 -12.34 -33.02
CA ALA E 113 7.35 -12.68 -31.69
C ALA E 113 8.82 -13.12 -31.74
N LEU E 114 9.13 -14.00 -32.67
CA LEU E 114 10.50 -14.44 -32.78
C LEU E 114 11.41 -13.28 -33.25
N ASP E 115 10.85 -12.36 -34.04
CA ASP E 115 11.64 -11.25 -34.54
C ASP E 115 11.99 -10.30 -33.43
N MET E 116 11.04 -10.06 -32.54
CA MET E 116 11.30 -9.21 -31.39
C MET E 116 12.42 -9.82 -30.54
N ILE E 117 12.32 -11.11 -30.27
CA ILE E 117 13.35 -11.79 -29.49
C ILE E 117 14.72 -11.72 -30.16
N ALA E 118 14.73 -12.06 -31.45
CA ALA E 118 15.97 -12.12 -32.19
C ALA E 118 16.63 -10.74 -32.27
N ASP E 119 15.83 -9.70 -32.53
CA ASP E 119 16.34 -8.35 -32.58
C ASP E 119 17.02 -7.98 -31.27
N LYS E 120 16.43 -8.39 -30.16
CA LYS E 120 16.91 -7.96 -28.87
C LYS E 120 18.17 -8.73 -28.54
N CYS E 121 18.25 -9.97 -28.99
CA CYS E 121 19.43 -10.78 -28.71
C CYS E 121 20.62 -10.21 -29.44
N VAL E 122 20.40 -9.73 -30.67
CA VAL E 122 21.52 -9.25 -31.45
C VAL E 122 22.02 -7.92 -30.86
N ASP E 123 21.11 -6.98 -30.62
CA ASP E 123 21.39 -5.73 -29.87
C ASP E 123 22.18 -5.99 -28.58
N THR E 124 21.79 -7.00 -27.82
CA THR E 124 22.44 -7.24 -26.54
C THR E 124 23.90 -7.71 -26.73
N ILE E 125 24.13 -8.56 -27.72
CA ILE E 125 25.50 -8.94 -28.06
C ILE E 125 26.36 -7.72 -28.52
N LYS E 126 25.80 -6.96 -29.45
CA LYS E 126 26.38 -5.75 -30.03
C LYS E 126 26.74 -4.68 -28.99
N ASN E 127 25.73 -4.27 -28.22
CA ASN E 127 25.82 -3.17 -27.28
C ASN E 127 26.40 -3.52 -25.93
N HIS E 128 26.40 -4.80 -25.55
CA HIS E 128 26.81 -5.13 -24.19
C HIS E 128 27.80 -6.28 -24.17
N ALA E 129 27.29 -7.50 -24.08
CA ALA E 129 28.11 -8.69 -24.15
C ALA E 129 27.22 -9.92 -24.38
N PRO E 130 27.78 -10.98 -25.00
CA PRO E 130 27.01 -12.22 -25.16
C PRO E 130 26.56 -12.82 -23.82
N ASP E 131 27.37 -12.72 -22.77
CA ASP E 131 26.97 -13.36 -21.50
C ASP E 131 25.91 -12.56 -20.73
N CYS E 132 25.30 -11.55 -21.36
CA CYS E 132 24.11 -10.91 -20.80
C CYS E 132 22.83 -11.64 -21.22
N ILE E 133 22.97 -12.69 -22.03
CA ILE E 133 21.85 -13.51 -22.44
C ILE E 133 22.06 -14.79 -21.70
N SER E 134 21.01 -15.35 -21.12
CA SER E 134 21.17 -16.66 -20.49
C SER E 134 19.93 -17.52 -20.73
N VAL E 135 20.11 -18.83 -20.63
CA VAL E 135 19.06 -19.78 -20.89
C VAL E 135 18.92 -20.65 -19.65
N TYR E 136 17.75 -20.63 -19.01
CA TYR E 136 17.51 -21.53 -17.88
C TYR E 136 16.59 -22.69 -18.30
N SER E 137 17.07 -23.92 -18.18
CA SER E 137 16.28 -25.09 -18.53
C SER E 137 16.92 -26.28 -17.88
N PRO E 138 16.24 -26.84 -16.87
CA PRO E 138 16.84 -27.79 -15.93
C PRO E 138 16.68 -29.24 -16.35
N VAL E 139 17.10 -30.13 -15.46
CA VAL E 139 16.91 -31.60 -15.55
C VAL E 139 16.78 -32.17 -16.96
N PRO E 140 17.91 -32.24 -17.67
CA PRO E 140 17.97 -32.84 -19.00
C PRO E 140 17.40 -34.27 -19.06
N ALA E 141 17.56 -35.09 -18.02
CA ALA E 141 17.08 -36.48 -18.06
C ALA E 141 15.56 -36.58 -18.31
N VAL E 142 14.83 -35.54 -17.90
CA VAL E 142 13.39 -35.48 -18.05
C VAL E 142 12.97 -35.42 -19.55
N SER E 143 13.72 -34.66 -20.35
CA SER E 143 13.42 -34.50 -21.78
C SER E 143 14.64 -33.94 -22.51
N PRO E 144 15.62 -34.80 -22.80
CA PRO E 144 16.95 -34.34 -23.22
C PRO E 144 16.97 -33.59 -24.54
N VAL E 145 16.11 -33.94 -25.50
CA VAL E 145 16.12 -33.23 -26.77
C VAL E 145 15.60 -31.82 -26.53
N SER E 146 14.51 -31.73 -25.77
CA SER E 146 13.94 -30.44 -25.38
C SER E 146 14.93 -29.60 -24.57
N PHE E 147 15.64 -30.24 -23.65
CA PHE E 147 16.73 -29.60 -22.89
C PHE E 147 17.76 -29.02 -23.85
N SER E 148 18.16 -29.82 -24.85
CA SER E 148 19.27 -29.44 -25.72
C SER E 148 19.00 -28.29 -26.70
N ALA E 149 17.74 -28.05 -27.06
CA ALA E 149 17.42 -27.03 -28.04
C ALA E 149 17.91 -25.66 -27.60
N GLY E 150 17.58 -25.32 -26.36
CA GLY E 150 17.87 -24.01 -25.82
C GLY E 150 19.33 -23.91 -25.50
N HIS E 151 19.90 -25.00 -25.01
CA HIS E 151 21.33 -25.01 -24.69
C HIS E 151 22.17 -24.97 -25.96
N ARG E 152 21.77 -25.68 -27.00
CA ARG E 152 22.55 -25.63 -28.23
C ARG E 152 22.50 -24.22 -28.78
N PHE E 153 21.34 -23.58 -28.68
CA PHE E 153 21.18 -22.20 -29.11
C PHE E 153 22.10 -21.26 -28.31
N ALA E 154 22.17 -21.44 -26.99
CA ALA E 154 23.08 -20.66 -26.16
C ALA E 154 24.54 -20.91 -26.58
N HIS E 155 24.83 -22.17 -26.86
CA HIS E 155 26.18 -22.64 -27.23
C HIS E 155 26.79 -21.92 -28.43
N TYR E 156 25.99 -21.68 -29.46
CA TYR E 156 26.50 -21.07 -30.67
C TYR E 156 26.45 -19.54 -30.70
N ILE E 157 25.62 -18.94 -29.84
CA ILE E 157 25.57 -17.47 -29.77
C ILE E 157 26.39 -16.90 -28.61
N GLY E 158 26.86 -17.75 -27.69
CA GLY E 158 27.67 -17.29 -26.57
C GLY E 158 26.93 -16.90 -25.29
N ALA E 159 25.64 -17.24 -25.21
CA ALA E 159 24.84 -17.05 -24.00
C ALA E 159 25.25 -18.06 -22.95
N HIS E 160 25.04 -17.75 -21.68
CA HIS E 160 25.41 -18.70 -20.64
C HIS E 160 24.25 -19.56 -20.17
N ALA E 161 24.58 -20.76 -19.69
CA ALA E 161 23.63 -21.72 -19.18
C ALA E 161 23.65 -21.66 -17.67
N HIS E 162 22.77 -22.41 -17.05
CA HIS E 162 22.58 -22.32 -15.62
C HIS E 162 22.90 -23.65 -14.96
N THR E 163 22.80 -23.71 -13.65
CA THR E 163 22.92 -25.01 -12.98
C THR E 163 21.60 -25.26 -12.26
N PHE E 164 21.31 -26.52 -11.98
CA PHE E 164 20.02 -26.84 -11.42
C PHE E 164 20.17 -27.77 -10.23
N TYR E 165 21.13 -28.69 -10.32
CA TYR E 165 21.24 -29.76 -9.33
C TYR E 165 21.47 -29.14 -7.94
N ASP E 166 22.49 -28.29 -7.84
CA ASP E 166 22.84 -27.64 -6.58
C ASP E 166 21.82 -26.52 -6.22
N TRP E 167 21.42 -25.73 -7.21
CA TRP E 167 20.44 -24.66 -7.05
C TRP E 167 19.12 -25.12 -6.46
N TYR E 168 18.71 -26.35 -6.77
CA TYR E 168 17.51 -26.94 -6.18
C TYR E 168 17.75 -27.45 -4.75
N GLY E 169 19.00 -27.67 -4.38
CA GLY E 169 19.32 -28.24 -3.08
C GLY E 169 19.45 -29.76 -3.08
N ASP E 170 19.52 -30.34 -4.27
CA ASP E 170 19.47 -31.80 -4.46
C ASP E 170 20.82 -32.43 -4.71
N HIS E 171 21.74 -31.64 -5.20
CA HIS E 171 23.06 -32.14 -5.42
C HIS E 171 23.62 -32.57 -4.06
N PRO E 172 23.95 -33.86 -3.91
CA PRO E 172 24.35 -34.33 -2.58
C PRO E 172 25.75 -33.84 -2.23
N THR E 173 25.84 -32.59 -1.75
CA THR E 173 27.12 -31.90 -1.60
C THR E 173 28.14 -32.71 -0.79
N GLY E 174 27.66 -33.39 0.24
CA GLY E 174 28.52 -34.24 1.05
C GLY E 174 29.10 -35.39 0.26
N GLN E 175 28.28 -36.03 -0.58
CA GLN E 175 28.71 -37.15 -1.42
C GLN E 175 29.83 -36.74 -2.35
N THR E 176 29.71 -35.60 -3.02
CA THR E 176 30.79 -35.15 -3.90
C THR E 176 32.07 -34.92 -3.08
N GLN E 177 31.88 -34.42 -1.86
CA GLN E 177 32.98 -34.07 -0.97
C GLN E 177 33.71 -35.33 -0.52
N THR E 178 32.94 -36.35 -0.16
CA THR E 178 33.49 -37.65 0.24
C THR E 178 34.01 -38.48 -0.96
N CYS E 179 33.20 -38.61 -2.01
CA CYS E 179 33.44 -39.63 -3.04
C CYS E 179 33.99 -39.13 -4.36
N GLY E 180 34.03 -37.81 -4.56
CA GLY E 180 34.53 -37.27 -5.82
C GLY E 180 33.68 -37.50 -7.05
N VAL E 181 32.42 -37.89 -6.84
CA VAL E 181 31.48 -38.07 -7.97
C VAL E 181 30.40 -36.99 -8.00
N GLN E 182 29.81 -36.76 -9.16
CA GLN E 182 28.70 -35.82 -9.25
C GLN E 182 27.59 -36.34 -8.35
N GLY E 183 27.37 -37.65 -8.41
CA GLY E 183 26.39 -38.32 -7.58
C GLY E 183 26.06 -39.68 -8.17
N ASP E 184 25.55 -40.58 -7.35
CA ASP E 184 25.01 -41.82 -7.86
C ASP E 184 24.15 -42.42 -6.77
N THR E 185 23.29 -43.33 -7.17
CA THR E 185 22.40 -44.01 -6.26
C THR E 185 21.98 -45.35 -6.90
N CYS E 186 21.44 -46.26 -6.09
CA CYS E 186 21.00 -47.53 -6.66
C CYS E 186 19.57 -47.37 -7.18
N GLU E 187 19.12 -48.27 -8.05
CA GLU E 187 17.77 -48.17 -8.59
C GLU E 187 16.84 -48.74 -7.53
N THR E 188 15.56 -48.41 -7.59
CA THR E 188 14.73 -48.62 -6.42
C THR E 188 14.38 -50.09 -6.25
N ALA E 189 14.69 -50.88 -7.26
CA ALA E 189 14.39 -52.30 -7.18
C ALA E 189 15.33 -52.88 -6.13
N ASP E 190 16.52 -52.31 -6.04
CA ASP E 190 17.51 -52.84 -5.14
C ASP E 190 17.10 -52.71 -3.69
N TRP E 191 16.13 -51.84 -3.43
CA TRP E 191 15.61 -51.71 -2.07
C TRP E 191 15.16 -53.08 -1.56
N PHE E 192 14.57 -53.88 -2.44
CA PHE E 192 14.05 -55.19 -2.06
C PHE E 192 15.12 -56.13 -1.50
N ASN E 193 16.38 -55.89 -1.88
CA ASN E 193 17.53 -56.69 -1.41
C ASN E 193 18.10 -56.27 -0.04
N SER E 194 17.55 -55.24 0.57
CA SER E 194 17.99 -54.75 1.88
C SER E 194 17.30 -55.51 3.03
N LYS E 195 17.94 -55.56 4.18
CA LYS E 195 17.35 -56.15 5.40
C LYS E 195 16.84 -55.06 6.34
N TYR E 196 17.58 -53.96 6.38
CA TYR E 196 17.38 -52.89 7.34
C TYR E 196 17.46 -51.57 6.58
N ILE E 197 16.34 -50.88 6.44
CA ILE E 197 16.36 -49.59 5.73
C ILE E 197 16.03 -48.40 6.61
N ILE E 198 16.87 -47.38 6.55
CA ILE E 198 16.60 -46.12 7.22
C ILE E 198 16.06 -45.05 6.23
N LEU E 199 14.78 -44.69 6.36
CA LEU E 199 14.24 -43.54 5.63
C LEU E 199 14.60 -42.27 6.40
N TRP E 200 15.48 -41.46 5.84
CA TRP E 200 16.10 -40.38 6.60
C TRP E 200 15.88 -39.02 5.92
N GLY E 201 14.74 -38.42 6.18
CA GLY E 201 14.41 -37.17 5.52
C GLY E 201 13.91 -37.43 4.10
N SER E 202 13.18 -38.54 3.97
CA SER E 202 12.57 -38.97 2.71
C SER E 202 11.15 -39.47 3.00
N ASN E 203 10.17 -39.03 2.18
CA ASN E 203 8.77 -39.40 2.39
C ASN E 203 8.17 -40.11 1.14
N PRO E 204 8.71 -41.31 0.80
CA PRO E 204 8.45 -41.95 -0.51
C PRO E 204 6.98 -42.28 -0.80
N THR E 205 6.18 -42.54 0.23
CA THR E 205 4.72 -42.58 0.10
C THR E 205 4.12 -41.39 -0.69
N GLN E 206 4.72 -40.20 -0.53
CA GLN E 206 4.28 -39.02 -1.27
C GLN E 206 5.27 -38.61 -2.37
N THR E 207 6.55 -38.91 -2.19
CA THR E 207 7.55 -38.35 -3.08
C THR E 207 8.31 -39.38 -3.95
N ARG E 208 8.07 -40.68 -3.73
CA ARG E 208 8.56 -41.70 -4.68
C ARG E 208 7.39 -42.64 -4.96
N ILE E 209 6.23 -42.06 -5.26
CA ILE E 209 4.98 -42.81 -5.40
C ILE E 209 5.06 -44.08 -6.27
N PRO E 210 5.68 -44.03 -7.48
CA PRO E 210 5.65 -45.29 -8.25
C PRO E 210 6.63 -46.34 -7.74
N ASP E 211 7.58 -45.96 -6.89
CA ASP E 211 8.54 -46.92 -6.38
C ASP E 211 8.25 -47.43 -4.96
N ALA E 212 7.26 -46.82 -4.31
CA ALA E 212 7.01 -47.05 -2.88
C ALA E 212 6.65 -48.50 -2.52
N HIS E 213 6.00 -49.21 -3.46
CA HIS E 213 5.66 -50.63 -3.27
C HIS E 213 6.88 -51.49 -2.87
N PHE E 214 8.06 -51.23 -3.43
CA PHE E 214 9.26 -51.98 -3.06
C PHE E 214 9.53 -52.00 -1.54
N LEU E 215 9.34 -50.86 -0.87
CA LEU E 215 9.57 -50.76 0.57
C LEU E 215 8.63 -51.63 1.41
N SER E 216 7.33 -51.54 1.16
CA SER E 216 6.38 -52.36 1.90
C SER E 216 6.51 -53.85 1.50
N GLU E 217 6.79 -54.10 0.23
CA GLU E 217 7.02 -55.46 -0.23
C GLU E 217 8.27 -56.02 0.47
N ALA E 218 9.29 -55.20 0.66
CA ALA E 218 10.47 -55.69 1.35
C ALA E 218 10.20 -56.04 2.82
N GLN E 219 9.42 -55.21 3.50
CA GLN E 219 8.96 -55.48 4.87
C GLN E 219 8.20 -56.81 4.98
N LEU E 220 7.24 -57.02 4.08
CA LEU E 220 6.51 -58.27 4.01
C LEU E 220 7.43 -59.49 3.67
N ASN E 221 8.62 -59.23 3.16
CA ASN E 221 9.57 -60.27 2.79
C ASN E 221 10.62 -60.41 3.88
N GLY E 222 10.44 -59.62 4.94
CA GLY E 222 11.17 -59.81 6.17
C GLY E 222 12.14 -58.70 6.55
N ALA E 223 12.22 -57.66 5.73
CA ALA E 223 13.10 -56.54 6.04
C ALA E 223 12.49 -55.64 7.11
N LYS E 224 13.33 -54.91 7.85
CA LYS E 224 12.84 -53.90 8.77
C LYS E 224 13.15 -52.50 8.27
N ILE E 225 12.19 -51.59 8.45
CA ILE E 225 12.35 -50.20 8.00
C ILE E 225 12.16 -49.18 9.11
N VAL E 226 13.07 -48.21 9.12
CA VAL E 226 13.09 -47.11 10.09
C VAL E 226 12.87 -45.74 9.42
N SER E 227 11.92 -44.96 9.96
CA SER E 227 11.59 -43.62 9.48
C SER E 227 12.11 -42.56 10.43
N ILE E 228 13.00 -41.71 9.94
CA ILE E 228 13.52 -40.60 10.74
C ILE E 228 13.01 -39.27 10.19
N SER E 229 12.13 -38.64 10.94
CA SER E 229 11.40 -37.48 10.47
C SER E 229 10.84 -36.71 11.66
N PRO E 230 11.03 -35.39 11.71
CA PRO E 230 10.42 -34.66 12.83
C PRO E 230 8.92 -34.88 12.94
N ASP E 231 8.23 -34.79 11.81
CA ASP E 231 6.78 -35.01 11.80
C ASP E 231 6.41 -36.44 11.44
N TYR E 232 5.17 -36.79 11.72
CA TYR E 232 4.67 -38.11 11.46
C TYR E 232 4.15 -38.17 10.02
N ASN E 233 5.06 -38.33 9.06
CA ASN E 233 4.67 -38.23 7.66
C ASN E 233 3.92 -39.48 7.17
N SER E 234 3.47 -39.43 5.92
CA SER E 234 2.60 -40.46 5.39
C SER E 234 3.30 -41.82 5.27
N SER E 235 4.60 -41.77 4.96
CA SER E 235 5.44 -42.95 4.88
C SER E 235 5.60 -43.63 6.25
N THR E 236 5.52 -42.84 7.32
CA THR E 236 5.85 -43.35 8.65
C THR E 236 4.81 -44.34 9.15
N ILE E 237 3.61 -44.34 8.58
CA ILE E 237 2.58 -45.28 9.04
C ILE E 237 2.85 -46.75 8.74
N LYS E 238 3.87 -47.05 7.94
CA LYS E 238 4.17 -48.43 7.58
C LYS E 238 5.46 -48.91 8.22
N VAL E 239 6.29 -47.99 8.70
CA VAL E 239 7.58 -48.38 9.24
C VAL E 239 7.48 -49.09 10.59
N ASP E 240 8.60 -49.66 10.98
CA ASP E 240 8.67 -50.46 12.19
C ASP E 240 9.06 -49.59 13.37
N LYS E 241 9.82 -48.54 13.07
CA LYS E 241 10.42 -47.67 14.07
C LYS E 241 10.50 -46.21 13.59
N TRP E 242 9.81 -45.33 14.29
CA TRP E 242 9.83 -43.91 14.01
C TRP E 242 10.76 -43.17 14.98
N ILE E 243 11.79 -42.53 14.43
CA ILE E 243 12.65 -41.62 15.19
C ILE E 243 12.34 -40.14 14.82
N HIS E 244 11.99 -39.31 15.82
CA HIS E 244 11.60 -37.93 15.50
C HIS E 244 12.44 -36.89 16.20
N PRO E 245 13.53 -36.48 15.56
CA PRO E 245 14.41 -35.49 16.15
C PRO E 245 13.86 -34.06 15.96
N GLN E 246 14.59 -33.08 16.49
CA GLN E 246 14.38 -31.67 16.20
C GLN E 246 14.91 -31.35 14.81
N PRO E 247 14.25 -30.43 14.10
CA PRO E 247 14.68 -30.12 12.74
C PRO E 247 16.15 -29.71 12.65
N GLY E 248 16.85 -30.21 11.65
CA GLY E 248 18.27 -29.89 11.49
C GLY E 248 19.24 -30.54 12.47
N THR E 249 18.78 -31.46 13.31
CA THR E 249 19.68 -32.06 14.31
C THR E 249 20.13 -33.49 13.97
N ASP E 250 19.87 -33.92 12.74
CA ASP E 250 20.20 -35.28 12.31
C ASP E 250 21.69 -35.61 12.40
N GLY E 251 22.54 -34.61 12.15
CA GLY E 251 23.97 -34.80 12.26
C GLY E 251 24.41 -35.17 13.67
N ALA E 252 23.81 -34.55 14.67
CA ALA E 252 24.06 -34.96 16.06
C ALA E 252 23.67 -36.42 16.22
N LEU E 253 22.53 -36.80 15.68
CA LEU E 253 22.10 -38.18 15.71
C LEU E 253 23.07 -39.15 14.99
N ALA E 254 23.61 -38.74 13.84
CA ALA E 254 24.47 -39.61 13.04
C ALA E 254 25.83 -39.81 13.69
N MET E 255 26.51 -38.72 14.06
CA MET E 255 27.83 -38.82 14.67
C MET E 255 27.77 -39.55 16.01
N ALA E 256 26.61 -39.53 16.65
CA ALA E 256 26.42 -40.28 17.90
C ALA E 256 26.24 -41.76 17.60
N MET E 257 25.64 -42.07 16.46
CA MET E 257 25.57 -43.46 16.01
C MET E 257 26.97 -43.97 15.67
N ALA E 258 27.77 -43.12 15.02
CA ALA E 258 29.15 -43.45 14.68
C ALA E 258 29.98 -43.63 15.94
N HIS E 259 29.60 -42.91 16.98
CA HIS E 259 30.25 -43.06 18.27
C HIS E 259 30.05 -44.48 18.75
N VAL E 260 28.82 -44.97 18.68
CA VAL E 260 28.51 -46.28 19.23
C VAL E 260 29.28 -47.34 18.45
N ILE E 261 29.21 -47.26 17.13
CA ILE E 261 29.77 -48.28 16.28
C ILE E 261 31.29 -48.34 16.41
N ILE E 262 31.95 -47.19 16.40
CA ILE E 262 33.39 -47.13 16.64
C ILE E 262 33.76 -47.63 18.03
N LYS E 263 33.06 -47.16 19.06
CA LYS E 263 33.29 -47.57 20.45
C LYS E 263 33.16 -49.09 20.61
N GLU E 264 31.96 -49.61 20.36
CA GLU E 264 31.68 -51.03 20.55
C GLU E 264 32.30 -51.91 19.46
N LYS E 265 33.19 -51.32 18.65
CA LYS E 265 33.89 -52.00 17.56
C LYS E 265 32.96 -52.88 16.70
N LEU E 266 31.91 -52.28 16.15
CA LEU E 266 30.98 -52.97 15.24
C LEU E 266 31.29 -52.67 13.79
N TYR E 267 32.43 -52.04 13.53
CA TYR E 267 32.79 -51.63 12.17
C TYR E 267 33.69 -52.63 11.43
N ASP E 268 33.86 -52.37 10.13
CA ASP E 268 34.61 -53.22 9.21
C ASP E 268 36.02 -52.67 9.01
N ALA E 269 36.95 -53.16 9.84
CA ALA E 269 38.34 -52.69 9.84
C ALA E 269 38.98 -52.71 8.46
N HIS E 270 38.78 -53.82 7.76
CA HIS E 270 39.44 -54.00 6.47
C HIS E 270 38.99 -52.92 5.48
N SER E 271 37.68 -52.72 5.41
CA SER E 271 37.06 -51.80 4.46
C SER E 271 37.62 -50.38 4.62
N LEU E 272 37.60 -49.89 5.85
CA LEU E 272 38.16 -48.58 6.15
C LEU E 272 39.59 -48.45 5.66
N LYS E 273 40.43 -49.44 5.97
CA LYS E 273 41.83 -49.38 5.62
C LYS E 273 42.00 -49.28 4.11
N GLU E 274 41.16 -50.03 3.38
CA GLU E 274 41.25 -50.04 1.91
C GLU E 274 40.53 -48.84 1.30
N GLN E 275 39.25 -48.70 1.65
CA GLN E 275 38.30 -47.80 0.96
C GLN E 275 38.25 -46.30 1.39
N THR E 276 38.89 -45.97 2.52
CA THR E 276 38.78 -44.62 3.07
C THR E 276 40.14 -43.94 3.24
N ASP E 277 40.10 -42.73 3.79
CA ASP E 277 41.33 -42.00 4.09
C ASP E 277 41.59 -42.02 5.59
N LEU E 278 40.92 -42.91 6.30
CA LEU E 278 40.94 -42.91 7.76
C LEU E 278 42.31 -43.26 8.35
N SER E 279 43.17 -43.87 7.54
CA SER E 279 44.50 -44.25 8.00
C SER E 279 45.56 -43.25 7.54
N TYR E 280 45.16 -42.30 6.69
CA TYR E 280 46.08 -41.27 6.21
C TYR E 280 46.61 -40.38 7.34
N LEU E 281 47.72 -39.69 7.07
CA LEU E 281 48.47 -39.05 8.16
C LEU E 281 48.44 -37.51 8.15
N VAL E 282 48.05 -36.96 9.28
CA VAL E 282 47.92 -35.52 9.42
C VAL E 282 48.88 -34.92 10.47
N ARG E 283 49.71 -33.99 10.00
CA ARG E 283 50.69 -33.28 10.83
C ARG E 283 50.02 -32.42 11.90
N SER E 284 50.30 -32.69 13.17
CA SER E 284 49.80 -31.88 14.26
C SER E 284 50.23 -30.42 14.17
N ASP E 285 51.40 -30.16 13.60
CA ASP E 285 51.87 -28.80 13.55
C ASP E 285 51.04 -27.94 12.58
N THR E 286 50.57 -28.50 11.48
CA THR E 286 49.79 -27.71 10.52
C THR E 286 48.31 -28.11 10.50
N LYS E 287 47.99 -29.25 11.11
CA LYS E 287 46.66 -29.88 11.03
C LYS E 287 46.32 -30.41 9.61
N ARG E 288 47.18 -30.15 8.62
CA ARG E 288 47.04 -30.68 7.25
C ARG E 288 47.53 -32.13 7.05
N PHE E 289 47.26 -32.68 5.87
CA PHE E 289 47.77 -34.02 5.49
C PHE E 289 49.28 -33.99 5.31
N LEU E 290 49.97 -34.98 5.87
CA LEU E 290 51.37 -35.20 5.51
C LEU E 290 51.47 -35.51 4.01
N ARG E 291 52.21 -34.68 3.31
CA ARG E 291 52.36 -34.80 1.87
C ARG E 291 53.78 -35.22 1.47
N GLU E 292 53.90 -35.82 0.30
CA GLU E 292 55.18 -36.34 -0.13
C GLU E 292 56.19 -35.20 -0.31
N ALA E 293 55.74 -34.06 -0.81
CA ALA E 293 56.62 -32.91 -0.97
C ALA E 293 57.07 -32.32 0.38
N ASP E 294 56.35 -32.65 1.46
CA ASP E 294 56.79 -32.26 2.81
C ASP E 294 58.09 -32.96 3.15
N VAL E 295 58.22 -34.20 2.66
CA VAL E 295 59.30 -35.11 3.06
C VAL E 295 60.43 -35.20 2.03
N VAL E 296 60.09 -35.57 0.81
CA VAL E 296 61.11 -35.81 -0.20
C VAL E 296 61.21 -34.65 -1.19
N ALA E 297 62.42 -34.45 -1.72
CA ALA E 297 62.71 -33.35 -2.61
C ALA E 297 62.03 -33.54 -3.96
N GLY E 298 61.37 -32.48 -4.44
CA GLY E 298 60.64 -32.56 -5.69
C GLY E 298 59.45 -33.50 -5.63
N GLY E 299 58.94 -33.74 -4.42
CA GLY E 299 57.79 -34.61 -4.23
C GLY E 299 56.46 -33.94 -4.56
N SER E 300 55.39 -34.75 -4.60
CA SER E 300 54.05 -34.25 -4.95
C SER E 300 53.30 -33.61 -3.77
N LYS E 301 52.71 -32.45 -4.03
CA LYS E 301 51.77 -31.86 -3.09
C LYS E 301 50.57 -32.78 -2.85
N ASP E 302 50.38 -33.77 -3.73
CA ASP E 302 49.14 -34.54 -3.77
C ASP E 302 49.35 -36.05 -3.64
N LYS E 303 50.36 -36.43 -2.86
CA LYS E 303 50.53 -37.82 -2.45
C LYS E 303 50.66 -37.83 -0.94
N PHE E 304 50.25 -38.92 -0.30
CA PHE E 304 50.06 -38.93 1.15
C PHE E 304 50.72 -40.14 1.80
N TYR E 305 50.51 -40.33 3.10
CA TYR E 305 51.12 -41.44 3.81
C TYR E 305 50.12 -42.07 4.76
N PHE E 306 50.35 -43.34 5.07
CA PHE E 306 49.68 -44.01 6.17
C PHE E 306 50.75 -44.81 6.91
N TRP E 307 50.39 -45.46 8.00
CA TRP E 307 51.38 -46.21 8.75
C TRP E 307 51.11 -47.71 8.65
N ASN E 308 52.12 -48.45 8.18
CA ASN E 308 52.02 -49.89 8.02
C ASN E 308 52.16 -50.65 9.35
N ALA E 309 51.06 -51.22 9.84
CA ALA E 309 51.05 -51.92 11.14
C ALA E 309 51.56 -53.35 11.04
N LYS E 310 52.40 -53.61 10.05
CA LYS E 310 53.01 -54.92 9.90
C LYS E 310 54.44 -54.77 9.40
N THR E 311 54.76 -53.53 9.04
CA THR E 311 56.08 -53.18 8.57
C THR E 311 56.60 -52.11 9.53
N GLY E 312 55.68 -51.38 10.16
CA GLY E 312 56.02 -50.41 11.18
C GLY E 312 56.68 -49.18 10.58
N LYS E 313 56.57 -49.02 9.26
CA LYS E 313 57.14 -47.86 8.56
C LYS E 313 56.02 -47.04 7.85
N PRO E 314 56.35 -45.86 7.30
CA PRO E 314 55.42 -45.07 6.48
C PRO E 314 55.35 -45.46 4.99
N VAL E 315 54.15 -45.86 4.54
CA VAL E 315 53.91 -46.19 3.14
C VAL E 315 53.06 -45.10 2.44
N ILE E 316 53.35 -44.83 1.19
CA ILE E 316 52.48 -43.99 0.36
C ILE E 316 51.39 -44.85 -0.29
N PRO E 317 50.11 -44.49 -0.07
CA PRO E 317 49.02 -45.26 -0.66
C PRO E 317 48.85 -44.93 -2.13
N LYS E 318 48.37 -45.91 -2.90
CA LYS E 318 48.28 -45.75 -4.35
C LYS E 318 46.96 -45.09 -4.75
N GLY E 319 47.01 -44.28 -5.80
CA GLY E 319 45.80 -43.73 -6.39
C GLY E 319 45.38 -42.31 -6.02
N SER E 320 46.12 -41.64 -5.14
CA SER E 320 45.81 -40.25 -4.83
C SER E 320 45.98 -39.36 -6.07
N TRP E 321 45.57 -38.11 -5.95
CA TRP E 321 45.51 -37.18 -7.07
C TRP E 321 46.80 -36.97 -7.90
N GLY E 322 47.96 -37.18 -7.28
CA GLY E 322 49.24 -36.93 -7.94
C GLY E 322 49.74 -38.17 -8.66
N ASP E 323 49.12 -39.28 -8.32
CA ASP E 323 49.35 -40.58 -8.94
C ASP E 323 48.58 -40.69 -10.25
N GLN E 324 49.26 -40.47 -11.37
CA GLN E 324 48.68 -40.64 -12.70
C GLN E 324 48.59 -42.10 -13.10
N PRO E 325 47.69 -42.43 -14.04
CA PRO E 325 47.70 -43.78 -14.61
C PRO E 325 48.62 -43.86 -15.84
N GLU E 326 48.95 -45.09 -16.22
CA GLU E 326 49.61 -45.37 -17.50
C GLU E 326 48.96 -44.65 -18.68
N LYS E 327 47.83 -45.19 -19.13
CA LYS E 327 47.00 -44.58 -20.16
C LYS E 327 45.98 -43.66 -19.46
N LYS E 328 46.17 -42.35 -19.57
CA LYS E 328 45.17 -41.45 -19.01
C LYS E 328 43.88 -41.61 -19.83
N GLY E 329 42.75 -41.69 -19.14
CA GLY E 329 41.46 -41.67 -19.82
C GLY E 329 41.09 -40.24 -20.21
N SER E 330 39.93 -40.09 -20.82
CA SER E 330 39.39 -38.78 -21.10
C SER E 330 38.53 -38.36 -19.91
N PRO E 331 38.21 -37.07 -19.78
CA PRO E 331 37.38 -36.64 -18.64
C PRO E 331 35.99 -37.28 -18.63
N VAL E 332 35.53 -37.71 -17.46
CA VAL E 332 34.16 -38.17 -17.28
C VAL E 332 33.37 -37.15 -16.44
N GLY E 333 32.33 -36.56 -17.04
CA GLY E 333 31.61 -35.47 -16.41
C GLY E 333 31.21 -35.70 -14.97
N PHE E 334 30.87 -36.94 -14.61
CA PHE E 334 30.35 -37.16 -13.28
C PHE E 334 31.45 -37.62 -12.31
N LEU E 335 32.72 -37.56 -12.74
CA LEU E 335 33.86 -37.92 -11.88
C LEU E 335 34.85 -36.78 -11.70
N GLY E 336 35.44 -36.70 -10.50
CA GLY E 336 36.44 -35.69 -10.21
C GLY E 336 37.56 -35.77 -11.22
N ARG E 337 37.93 -36.99 -11.54
CA ARG E 337 38.89 -37.27 -12.59
C ARG E 337 38.64 -38.69 -13.08
N ASN E 338 39.23 -39.07 -14.21
CA ASN E 338 38.91 -40.37 -14.77
C ASN E 338 39.77 -41.51 -14.21
N THR E 339 39.40 -42.00 -13.03
CA THR E 339 40.16 -43.07 -12.38
C THR E 339 39.77 -44.44 -12.90
N PHE E 340 39.03 -44.47 -14.00
CA PHE E 340 38.68 -45.73 -14.62
C PHE E 340 39.88 -46.25 -15.43
N ALA E 341 40.79 -45.33 -15.74
CA ALA E 341 41.99 -45.59 -16.52
C ALA E 341 43.04 -46.43 -15.77
N PHE E 342 42.87 -46.51 -14.46
CA PHE E 342 43.69 -47.37 -13.63
C PHE E 342 43.25 -48.83 -13.81
N PRO E 343 44.22 -49.77 -13.76
CA PRO E 343 43.93 -51.21 -13.85
C PRO E 343 43.10 -51.75 -12.68
N LYS E 344 42.28 -52.77 -12.92
CA LYS E 344 41.58 -53.42 -11.81
C LYS E 344 42.57 -53.88 -10.76
N GLY E 345 42.14 -53.86 -9.50
CA GLY E 345 42.96 -54.30 -8.37
C GLY E 345 43.92 -53.27 -7.81
N TYR E 346 44.08 -52.14 -8.52
CA TYR E 346 45.06 -51.10 -8.21
C TYR E 346 45.19 -50.64 -6.75
N ILE E 347 44.07 -50.55 -6.04
CA ILE E 347 44.10 -50.10 -4.66
C ILE E 347 43.64 -51.22 -3.75
N ASP E 348 43.78 -52.47 -4.21
CA ASP E 348 43.48 -53.58 -3.33
C ASP E 348 44.43 -53.50 -2.13
N LEU E 349 43.93 -53.87 -0.95
CA LEU E 349 44.71 -53.71 0.27
C LEU E 349 45.95 -54.58 0.22
N GLY E 350 45.90 -55.64 -0.59
CA GLY E 350 46.98 -56.60 -0.71
C GLY E 350 47.33 -57.13 0.66
N ASP E 351 48.57 -56.93 1.05
CA ASP E 351 49.00 -57.36 2.36
C ASP E 351 49.34 -56.15 3.23
N LEU E 352 49.16 -54.95 2.70
CA LEU E 352 49.31 -53.72 3.48
C LEU E 352 48.42 -53.80 4.72
N ASP E 353 48.90 -53.27 5.85
CA ASP E 353 48.05 -53.16 7.03
C ASP E 353 48.15 -51.77 7.66
N PRO E 354 47.33 -50.82 7.15
CA PRO E 354 47.47 -49.47 7.68
C PRO E 354 46.88 -49.36 9.09
N ALA E 355 47.60 -48.63 9.93
CA ALA E 355 47.19 -48.43 11.32
C ALA E 355 46.04 -47.44 11.40
N LEU E 356 45.05 -47.76 12.20
CA LEU E 356 43.95 -46.83 12.41
C LEU E 356 44.25 -45.95 13.63
N GLU E 357 45.02 -46.48 14.58
CA GLU E 357 45.24 -45.80 15.85
C GLU E 357 46.71 -45.52 16.17
N GLY E 358 46.96 -44.45 16.92
CA GLY E 358 48.30 -44.18 17.43
C GLY E 358 48.91 -42.86 17.03
N LYS E 359 50.10 -42.59 17.54
CA LYS E 359 50.86 -41.41 17.16
C LYS E 359 52.22 -41.89 16.62
N PHE E 360 52.89 -41.07 15.80
CA PHE E 360 54.10 -41.48 15.09
C PHE E 360 54.94 -40.22 14.79
N ASN E 361 56.26 -40.35 14.68
CA ASN E 361 57.08 -39.19 14.36
C ASN E 361 57.83 -39.38 13.05
N MET E 362 58.08 -38.30 12.31
CA MET E 362 58.68 -38.36 10.98
C MET E 362 59.47 -37.07 10.61
N GLN E 363 60.45 -37.17 9.71
CA GLN E 363 61.33 -36.03 9.41
C GLN E 363 61.11 -35.40 8.05
N LEU E 364 61.12 -34.08 8.00
CA LEU E 364 60.80 -33.36 6.78
C LEU E 364 62.04 -32.89 6.03
N LEU E 365 61.85 -32.71 4.72
CA LEU E 365 62.90 -32.31 3.79
C LEU E 365 63.82 -31.20 4.34
N ASP E 366 63.22 -30.11 4.81
CA ASP E 366 63.98 -28.94 5.25
C ASP E 366 64.64 -29.13 6.65
N GLY E 367 64.24 -30.21 7.34
CA GLY E 367 64.88 -30.59 8.60
C GLY E 367 64.01 -30.47 9.83
N LYS E 368 62.74 -30.16 9.61
CA LYS E 368 61.80 -30.10 10.72
C LYS E 368 61.41 -31.53 11.09
N THR E 369 61.12 -31.77 12.37
CA THR E 369 60.51 -33.03 12.78
C THR E 369 59.05 -32.73 13.17
N VAL E 370 58.14 -33.66 12.85
CA VAL E 370 56.71 -33.50 13.11
C VAL E 370 56.02 -34.80 13.56
N GLU E 371 55.13 -34.66 14.53
CA GLU E 371 54.25 -35.73 14.94
C GLU E 371 53.10 -35.88 13.95
N VAL E 372 52.63 -37.11 13.75
CA VAL E 372 51.55 -37.38 12.82
C VAL E 372 50.58 -38.38 13.39
N ARG E 373 49.31 -38.22 13.04
CA ARG E 373 48.28 -39.13 13.48
C ARG E 373 47.44 -39.56 12.27
N PRO E 374 46.86 -40.76 12.36
CA PRO E 374 45.91 -41.21 11.35
C PRO E 374 44.52 -40.61 11.59
N VAL E 375 43.90 -40.13 10.51
CA VAL E 375 42.58 -39.50 10.54
C VAL E 375 41.61 -40.17 11.49
N PHE E 376 41.62 -41.50 11.54
CA PHE E 376 40.67 -42.21 12.39
C PHE E 376 40.91 -42.01 13.90
N GLU E 377 42.14 -41.71 14.32
CA GLU E 377 42.37 -41.51 15.76
C GLU E 377 41.92 -40.12 16.20
N ILE E 378 42.26 -39.12 15.37
CA ILE E 378 41.75 -37.78 15.55
C ILE E 378 40.23 -37.82 15.67
N LEU E 379 39.61 -38.59 14.78
CA LEU E 379 38.14 -38.67 14.77
C LEU E 379 37.64 -39.44 15.95
N LYS E 380 38.28 -40.56 16.28
CA LYS E 380 37.80 -41.41 17.38
C LYS E 380 37.77 -40.62 18.67
N SER E 381 38.78 -39.80 18.91
CA SER E 381 38.85 -39.11 20.20
C SER E 381 37.74 -38.06 20.29
N ARG E 382 37.59 -37.22 19.26
CA ARG E 382 36.51 -36.23 19.24
C ARG E 382 35.14 -36.91 19.45
N LEU E 383 34.97 -38.10 18.87
CA LEU E 383 33.71 -38.83 18.98
C LEU E 383 33.46 -39.39 20.35
N MET E 384 34.54 -39.69 21.08
CA MET E 384 34.38 -40.27 22.40
C MET E 384 34.01 -39.16 23.38
N ALA E 385 34.53 -37.95 23.09
CA ALA E 385 34.30 -36.76 23.89
C ALA E 385 32.92 -36.10 23.66
N ASP E 386 32.75 -35.55 22.45
CA ASP E 386 31.62 -34.71 22.06
C ASP E 386 30.33 -35.42 21.66
N ASN E 387 30.43 -36.61 21.08
CA ASN E 387 29.27 -37.19 20.40
C ASN E 387 28.72 -38.45 21.05
N THR E 388 28.70 -38.52 22.37
CA THR E 388 28.06 -39.62 23.06
C THR E 388 26.54 -39.60 22.85
N PRO E 389 25.87 -40.76 23.03
CA PRO E 389 24.41 -40.77 22.96
C PRO E 389 23.74 -39.74 23.89
N GLU E 390 24.28 -39.55 25.08
CA GLU E 390 23.61 -38.71 26.07
C GLU E 390 23.69 -37.23 25.67
N LYS E 391 24.85 -36.82 25.16
CA LYS E 391 24.98 -35.48 24.60
C LYS E 391 23.98 -35.26 23.44
N ALA E 392 23.83 -36.27 22.60
CA ALA E 392 22.92 -36.19 21.46
C ALA E 392 21.44 -36.20 21.84
N ALA E 393 21.08 -36.93 22.89
CA ALA E 393 19.69 -36.97 23.32
C ALA E 393 19.20 -35.59 23.78
N LYS E 394 20.15 -34.72 24.15
CA LYS E 394 19.77 -33.41 24.63
C LYS E 394 19.55 -32.48 23.44
N ILE E 395 20.39 -32.65 22.43
CA ILE E 395 20.32 -31.88 21.20
C ILE E 395 19.12 -32.25 20.31
N THR E 396 18.73 -33.52 20.30
CA THR E 396 17.80 -34.03 19.30
C THR E 396 16.42 -34.34 19.86
N GLY E 397 16.37 -34.58 21.16
CA GLY E 397 15.18 -35.11 21.79
C GLY E 397 14.96 -36.60 21.56
N VAL E 398 15.88 -37.28 20.87
CA VAL E 398 15.70 -38.72 20.77
C VAL E 398 16.39 -39.35 21.97
N THR E 399 15.71 -40.23 22.71
CA THR E 399 16.29 -40.84 23.91
C THR E 399 17.63 -41.50 23.57
N ALA E 400 18.63 -41.32 24.45
CA ALA E 400 19.93 -41.94 24.28
C ALA E 400 19.82 -43.45 24.04
N LYS E 401 18.80 -44.08 24.65
CA LYS E 401 18.57 -45.50 24.41
C LYS E 401 18.30 -45.80 22.92
N ALA E 402 17.42 -45.02 22.29
CA ALA E 402 17.09 -45.21 20.90
C ALA E 402 18.30 -45.07 19.99
N ILE E 403 19.07 -44.02 20.21
CA ILE E 403 20.25 -43.74 19.41
C ILE E 403 21.24 -44.91 19.42
N THR E 404 21.17 -45.72 20.49
CA THR E 404 22.09 -46.84 20.66
C THR E 404 21.57 -48.07 19.95
N GLU E 405 20.31 -48.43 20.22
CA GLU E 405 19.66 -49.55 19.54
C GLU E 405 19.81 -49.42 18.06
N LEU E 406 19.34 -48.27 17.57
CA LEU E 406 19.40 -47.91 16.17
C LEU E 406 20.80 -48.10 15.59
N ALA E 407 21.81 -47.62 16.29
CA ALA E 407 23.18 -47.68 15.78
C ALA E 407 23.70 -49.13 15.72
N ARG E 408 23.13 -49.98 16.57
CA ARG E 408 23.55 -51.37 16.68
C ARG E 408 22.83 -52.22 15.66
N GLU E 409 21.53 -51.99 15.53
CA GLU E 409 20.74 -52.73 14.56
C GLU E 409 21.25 -52.46 13.13
N PHE E 410 21.62 -51.20 12.88
CA PHE E 410 22.07 -50.76 11.57
C PHE E 410 23.45 -51.30 11.21
N ALA E 411 24.32 -51.42 12.21
CA ALA E 411 25.65 -51.97 11.97
C ALA E 411 25.63 -53.49 11.94
N THR E 412 24.54 -54.07 12.43
CA THR E 412 24.40 -55.52 12.59
C THR E 412 23.57 -56.24 11.52
N ALA E 413 22.41 -55.72 11.12
CA ALA E 413 21.69 -56.29 9.98
C ALA E 413 22.53 -56.09 8.72
N LYS E 414 22.57 -57.09 7.85
CA LYS E 414 23.34 -57.02 6.63
C LYS E 414 22.56 -57.64 5.48
N PRO E 415 22.41 -56.90 4.37
CA PRO E 415 22.90 -55.53 4.22
C PRO E 415 21.94 -54.46 4.77
N SER E 416 22.50 -53.31 5.13
CA SER E 416 21.72 -52.19 5.66
C SER E 416 21.83 -51.02 4.69
N MET E 417 20.84 -50.13 4.71
CA MET E 417 20.79 -49.02 3.73
C MET E 417 20.21 -47.72 4.31
N ILE E 418 20.85 -46.60 3.99
CA ILE E 418 20.22 -45.31 4.22
C ILE E 418 19.54 -44.79 2.94
N ILE E 419 18.26 -44.44 3.03
CA ILE E 419 17.62 -43.67 1.97
C ILE E 419 17.37 -42.24 2.46
N CYS E 420 18.07 -41.30 1.83
CA CYS E 420 18.02 -39.93 2.27
C CYS E 420 17.44 -39.06 1.17
N GLY E 421 16.92 -37.90 1.56
CA GLY E 421 16.19 -37.04 0.64
C GLY E 421 16.17 -35.58 1.03
N GLY E 422 15.12 -34.89 0.60
CA GLY E 422 15.02 -33.46 0.81
C GLY E 422 15.14 -33.01 2.26
N GLY E 423 14.51 -33.76 3.16
CA GLY E 423 14.48 -33.42 4.58
C GLY E 423 15.86 -33.34 5.21
N THR E 424 16.82 -34.03 4.61
CA THR E 424 18.19 -34.01 5.11
C THR E 424 19.16 -33.34 4.12
N GLN E 425 18.69 -33.04 2.92
CA GLN E 425 19.59 -32.48 1.92
C GLN E 425 19.39 -31.01 1.68
N HIS E 426 18.25 -30.49 2.13
CA HIS E 426 17.91 -29.09 1.85
C HIS E 426 18.26 -28.11 2.98
N TRP E 427 19.34 -28.40 3.72
CA TRP E 427 19.78 -27.57 4.86
C TRP E 427 21.13 -26.96 4.54
N TYR E 428 21.43 -25.84 5.20
CA TYR E 428 22.69 -25.11 4.99
C TYR E 428 23.89 -26.03 5.21
N TYR E 429 23.78 -26.87 6.24
CA TYR E 429 24.83 -27.79 6.66
C TYR E 429 24.59 -29.22 6.19
N SER E 430 23.79 -29.38 5.13
CA SER E 430 23.57 -30.70 4.57
C SER E 430 24.86 -31.35 4.07
N ASP E 431 25.83 -30.54 3.65
CA ASP E 431 27.05 -31.17 3.13
C ASP E 431 27.72 -32.03 4.20
N VAL E 432 27.68 -31.59 5.47
CA VAL E 432 28.41 -32.30 6.50
C VAL E 432 27.57 -33.42 7.06
N LEU E 433 26.24 -33.25 7.07
CA LEU E 433 25.35 -34.33 7.48
C LEU E 433 25.46 -35.55 6.56
N LEU E 434 25.63 -35.29 5.27
CA LEU E 434 25.70 -36.37 4.29
C LEU E 434 27.11 -37.00 4.30
N ARG E 435 28.10 -36.28 4.81
CA ARG E 435 29.42 -36.88 5.03
C ARG E 435 29.34 -37.79 6.24
N ALA E 436 28.51 -37.39 7.18
CA ALA E 436 28.26 -38.19 8.36
C ALA E 436 27.50 -39.45 8.00
N MET E 437 26.67 -39.39 6.97
CA MET E 437 25.90 -40.55 6.59
C MET E 437 26.80 -41.55 5.88
N HIS E 438 27.55 -41.05 4.92
CA HIS E 438 28.59 -41.84 4.29
C HIS E 438 29.56 -42.43 5.31
N LEU E 439 29.85 -41.71 6.40
CA LEU E 439 30.70 -42.26 7.46
C LEU E 439 30.06 -43.49 8.09
N LEU E 440 28.76 -43.43 8.33
CA LEU E 440 28.04 -44.60 8.84
C LEU E 440 28.12 -45.75 7.83
N THR E 441 27.98 -45.43 6.55
CA THR E 441 27.93 -46.45 5.50
C THR E 441 29.31 -47.11 5.30
N ALA E 442 30.35 -46.28 5.40
CA ALA E 442 31.71 -46.77 5.32
C ALA E 442 32.07 -47.64 6.52
N LEU E 443 31.58 -47.23 7.69
CA LEU E 443 31.80 -48.01 8.92
C LEU E 443 31.21 -49.42 8.81
N THR E 444 30.00 -49.54 8.27
CA THR E 444 29.37 -50.85 8.17
C THR E 444 29.80 -51.61 6.90
N GLY E 445 30.62 -50.97 6.08
CA GLY E 445 31.09 -51.50 4.80
C GLY E 445 30.04 -51.96 3.77
N THR E 446 28.81 -51.47 3.86
CA THR E 446 27.76 -51.94 2.95
C THR E 446 27.78 -51.24 1.59
N GLU E 447 28.73 -50.33 1.40
CA GLU E 447 28.86 -49.59 0.15
C GLU E 447 29.25 -50.55 -0.98
N GLY E 448 28.74 -50.27 -2.18
CA GLY E 448 28.95 -51.12 -3.34
C GLY E 448 28.32 -52.52 -3.24
N THR E 449 27.37 -52.72 -2.34
CA THR E 449 26.70 -54.02 -2.24
C THR E 449 25.19 -53.91 -2.40
N ASN E 450 24.61 -54.87 -3.12
CA ASN E 450 23.16 -54.96 -3.30
C ASN E 450 22.48 -54.88 -1.95
N GLY E 451 21.48 -54.01 -1.84
CA GLY E 451 20.72 -53.85 -0.62
C GLY E 451 21.35 -52.94 0.41
N GLY E 452 22.53 -52.41 0.11
CA GLY E 452 23.24 -51.56 1.05
C GLY E 452 23.61 -50.20 0.48
N GLY E 453 24.37 -49.41 1.23
CA GLY E 453 24.89 -48.15 0.72
C GLY E 453 24.13 -46.92 1.16
N MET E 454 24.62 -45.77 0.71
CA MET E 454 24.02 -44.46 1.04
C MET E 454 23.29 -43.92 -0.18
N ASN E 455 22.00 -44.19 -0.27
CA ASN E 455 21.29 -43.92 -1.52
C ASN E 455 20.36 -42.72 -1.43
N HIS E 456 20.66 -41.69 -2.22
CA HIS E 456 19.88 -40.45 -2.17
C HIS E 456 18.88 -40.34 -3.31
N TYR E 457 17.71 -39.82 -2.98
CA TYR E 457 16.68 -39.66 -4.01
C TYR E 457 16.16 -38.27 -3.83
N ILE E 458 16.19 -37.53 -4.92
CA ILE E 458 15.70 -36.18 -4.92
C ILE E 458 14.93 -35.93 -6.22
N GLY E 459 15.53 -35.30 -7.22
CA GLY E 459 14.84 -35.14 -8.49
C GLY E 459 15.37 -35.99 -9.62
N GLN E 460 14.90 -35.68 -10.82
CA GLN E 460 15.27 -36.44 -11.99
C GLN E 460 16.57 -35.90 -12.59
N TRP E 461 17.66 -36.04 -11.84
CA TRP E 461 18.97 -35.47 -12.19
C TRP E 461 19.83 -36.36 -13.10
N LYS E 462 19.68 -37.68 -12.98
CA LYS E 462 20.60 -38.63 -13.63
C LYS E 462 20.19 -39.11 -15.01
N PRO E 463 20.86 -38.61 -16.05
CA PRO E 463 20.68 -39.09 -17.42
C PRO E 463 21.81 -40.07 -17.75
N ALA E 464 21.60 -41.37 -17.63
CA ALA E 464 22.70 -42.32 -17.82
C ALA E 464 23.46 -42.12 -19.14
N PHE E 465 22.76 -41.85 -20.23
CA PHE E 465 23.45 -41.60 -21.51
C PHE E 465 24.04 -40.17 -21.63
N VAL E 466 24.68 -39.70 -20.57
CA VAL E 466 25.08 -38.30 -20.47
C VAL E 466 25.98 -37.83 -21.63
N ALA E 467 26.76 -38.74 -22.17
CA ALA E 467 27.64 -38.41 -23.28
C ALA E 467 26.82 -38.04 -24.50
N GLY E 468 25.67 -38.70 -24.65
CA GLY E 468 24.81 -38.46 -25.80
C GLY E 468 24.16 -37.09 -25.72
N LEU E 469 23.71 -36.77 -24.52
CA LEU E 469 23.17 -35.46 -24.21
C LEU E 469 24.21 -34.33 -24.47
N VAL E 470 25.46 -34.51 -24.03
CA VAL E 470 26.45 -33.45 -24.21
C VAL E 470 26.80 -33.27 -25.68
N ALA E 471 26.89 -34.39 -26.40
CA ALA E 471 27.07 -34.33 -27.84
C ALA E 471 25.98 -33.49 -28.53
N LEU E 472 24.74 -33.60 -28.07
CA LEU E 472 23.67 -32.81 -28.70
C LEU E 472 23.58 -31.36 -28.14
N ALA E 473 23.72 -31.20 -26.83
CA ALA E 473 23.53 -29.88 -26.22
C ALA E 473 24.72 -28.95 -26.45
N PHE E 474 25.94 -29.51 -26.32
CA PHE E 474 27.16 -28.73 -26.44
C PHE E 474 28.15 -29.35 -27.43
N PRO E 475 27.79 -29.37 -28.72
CA PRO E 475 28.60 -30.04 -29.74
C PRO E 475 30.07 -29.58 -29.80
N GLU E 476 30.38 -28.29 -29.65
CA GLU E 476 31.76 -27.81 -29.72
C GLU E 476 32.57 -28.08 -28.44
N GLY E 477 31.95 -28.77 -27.48
CA GLY E 477 32.59 -29.10 -26.20
C GLY E 477 32.08 -28.28 -25.01
N VAL E 478 31.97 -28.92 -23.84
CA VAL E 478 31.57 -28.18 -22.64
C VAL E 478 32.60 -27.14 -22.20
N ASN E 479 33.85 -27.30 -22.60
CA ASN E 479 34.85 -26.30 -22.25
C ASN E 479 34.72 -25.07 -23.13
N LYS E 480 33.74 -25.11 -24.03
CA LYS E 480 33.49 -23.98 -24.92
C LYS E 480 32.09 -23.43 -24.69
N GLN E 481 31.54 -23.70 -23.50
CA GLN E 481 30.21 -23.23 -23.12
C GLN E 481 30.28 -22.39 -21.83
N ARG E 482 29.77 -21.15 -21.86
CA ARG E 482 29.63 -20.39 -20.60
C ARG E 482 28.61 -21.01 -19.64
N PHE E 483 29.03 -21.26 -18.41
CA PHE E 483 28.11 -21.69 -17.37
C PHE E 483 28.15 -20.75 -16.17
N CYS E 484 27.01 -20.18 -15.79
CA CYS E 484 26.95 -19.56 -14.48
C CYS E 484 26.68 -20.65 -13.46
N GLN E 485 26.82 -20.31 -12.20
CA GLN E 485 26.31 -21.15 -11.13
C GLN E 485 25.11 -20.39 -10.54
N THR E 486 23.95 -21.02 -10.54
CA THR E 486 22.69 -20.30 -10.42
C THR E 486 22.40 -19.77 -9.00
N THR E 487 22.92 -20.44 -7.98
CA THR E 487 22.73 -19.96 -6.61
C THR E 487 23.48 -18.63 -6.44
N ILE E 488 24.68 -18.58 -7.00
CA ILE E 488 25.49 -17.38 -6.98
C ILE E 488 24.81 -16.28 -7.81
N TRP E 489 24.46 -16.62 -9.04
CA TRP E 489 23.80 -15.72 -9.99
C TRP E 489 22.63 -15.03 -9.32
N THR E 490 21.81 -15.78 -8.61
CA THR E 490 20.61 -15.22 -7.99
C THR E 490 20.94 -14.35 -6.77
N TYR E 491 21.80 -14.88 -5.91
CA TYR E 491 22.22 -14.16 -4.70
C TYR E 491 22.76 -12.77 -5.04
N ILE E 492 23.59 -12.70 -6.08
CA ILE E 492 24.21 -11.45 -6.46
C ILE E 492 23.25 -10.54 -7.19
N HIS E 493 22.55 -11.04 -8.21
CA HIS E 493 21.74 -10.12 -9.01
C HIS E 493 20.42 -9.74 -8.34
N ALA E 494 19.94 -10.56 -7.42
CA ALA E 494 18.73 -10.20 -6.67
C ALA E 494 19.11 -9.44 -5.42
N GLU E 495 20.42 -9.23 -5.24
CA GLU E 495 20.95 -8.42 -4.16
C GLU E 495 20.39 -8.89 -2.81
N VAL E 496 20.49 -10.19 -2.59
CA VAL E 496 19.87 -10.85 -1.44
C VAL E 496 20.45 -10.37 -0.10
N ASN E 497 19.57 -10.27 0.88
CA ASN E 497 19.93 -10.09 2.27
C ASN E 497 19.82 -11.41 3.02
N ASP E 498 20.94 -12.06 3.35
CA ASP E 498 20.86 -13.39 3.97
C ASP E 498 20.73 -13.35 5.49
N GLU E 499 20.76 -12.15 6.08
CA GLU E 499 20.64 -11.95 7.54
C GLU E 499 21.74 -12.63 8.35
N ILE E 500 22.83 -13.04 7.70
CA ILE E 500 23.94 -13.67 8.42
C ILE E 500 25.03 -12.60 8.61
N ILE E 501 25.22 -12.17 9.85
CA ILE E 501 26.16 -11.07 10.09
C ILE E 501 27.60 -11.49 9.76
N SER E 502 28.32 -10.61 9.06
CA SER E 502 29.60 -11.01 8.47
C SER E 502 30.66 -11.39 9.53
N SER E 503 30.53 -10.88 10.75
CA SER E 503 31.45 -11.28 11.81
C SER E 503 31.13 -12.68 12.33
N ASP E 504 29.99 -13.23 11.92
CA ASP E 504 29.70 -14.63 12.20
C ASP E 504 30.22 -15.54 11.08
N ILE E 505 29.77 -15.27 9.85
CA ILE E 505 30.27 -15.94 8.64
C ILE E 505 30.45 -14.86 7.57
N ASP E 506 31.69 -14.61 7.13
CA ASP E 506 31.87 -13.53 6.16
C ASP E 506 31.56 -14.04 4.74
N THR E 507 30.26 -14.26 4.50
CA THR E 507 29.76 -14.79 3.24
C THR E 507 30.26 -13.96 2.06
N GLU E 508 30.22 -12.65 2.21
CA GLU E 508 30.68 -11.77 1.14
C GLU E 508 32.16 -11.97 0.78
N LYS E 509 33.01 -12.12 1.79
CA LYS E 509 34.44 -12.27 1.52
C LYS E 509 34.68 -13.60 0.79
N TYR E 510 34.15 -14.71 1.32
CA TYR E 510 34.26 -15.99 0.64
C TYR E 510 33.75 -15.91 -0.80
N LEU E 511 32.58 -15.31 -0.98
CA LEU E 511 31.98 -15.24 -2.31
C LEU E 511 32.86 -14.44 -3.29
N ARG E 512 33.28 -13.25 -2.90
CA ARG E 512 34.10 -12.42 -3.79
C ARG E 512 35.49 -13.03 -4.02
N ASP E 513 36.06 -13.62 -2.98
CA ASP E 513 37.36 -14.29 -3.12
C ASP E 513 37.29 -15.52 -4.04
N SER E 514 36.22 -16.32 -3.92
CA SER E 514 36.05 -17.48 -4.78
C SER E 514 35.94 -17.03 -6.24
N ILE E 515 35.29 -15.88 -6.47
CA ILE E 515 35.13 -15.38 -7.83
C ILE E 515 36.40 -14.77 -8.46
N THR E 516 37.06 -13.83 -7.76
CA THR E 516 38.28 -13.19 -8.30
C THR E 516 39.45 -14.16 -8.50
N THR E 517 39.46 -15.28 -7.79
CA THR E 517 40.51 -16.28 -7.94
C THR E 517 40.12 -17.34 -8.97
N GLY E 518 38.88 -17.29 -9.45
CA GLY E 518 38.40 -18.14 -10.52
C GLY E 518 37.88 -19.49 -10.08
N GLN E 519 37.67 -19.67 -8.78
CA GLN E 519 37.15 -20.93 -8.29
C GLN E 519 35.68 -21.10 -8.63
N MET E 520 34.95 -19.98 -8.62
CA MET E 520 33.55 -20.03 -8.95
C MET E 520 33.29 -18.92 -9.94
N PRO E 521 32.30 -19.12 -10.82
CA PRO E 521 31.98 -18.19 -11.90
C PRO E 521 31.08 -17.04 -11.45
N ASN E 522 31.16 -15.93 -12.16
CA ASN E 522 30.16 -14.87 -12.01
C ASN E 522 29.84 -14.26 -13.35
N MET E 523 28.57 -14.37 -13.77
CA MET E 523 28.13 -13.83 -15.04
C MET E 523 26.98 -12.88 -14.80
N PRO E 524 26.79 -11.88 -15.69
CA PRO E 524 27.71 -11.50 -16.78
C PRO E 524 29.06 -11.00 -16.24
N GLU E 525 30.06 -10.88 -17.10
CA GLU E 525 31.34 -10.37 -16.63
C GLU E 525 31.36 -8.83 -16.53
N GLN E 526 32.46 -8.31 -15.97
CA GLN E 526 32.73 -6.87 -15.89
C GLN E 526 31.62 -6.09 -15.18
N GLY E 527 30.88 -6.77 -14.29
CA GLY E 527 29.80 -6.16 -13.54
C GLY E 527 28.53 -5.80 -14.31
N ARG E 528 28.38 -6.30 -15.54
CA ARG E 528 27.18 -5.99 -16.31
C ARG E 528 25.93 -6.66 -15.75
N ASP E 529 24.78 -6.04 -16.01
CA ASP E 529 23.47 -6.63 -15.67
C ASP E 529 23.17 -7.79 -16.61
N PRO E 530 22.49 -8.83 -16.09
CA PRO E 530 21.87 -9.76 -17.05
C PRO E 530 20.81 -9.01 -17.82
N LYS E 531 20.63 -9.28 -19.11
CA LYS E 531 19.68 -8.50 -19.90
C LYS E 531 18.57 -9.35 -20.53
N VAL E 532 18.88 -10.60 -20.87
CA VAL E 532 17.92 -11.45 -21.58
C VAL E 532 17.86 -12.82 -20.90
N PHE E 533 16.66 -13.26 -20.59
CA PHE E 533 16.49 -14.46 -19.80
C PHE E 533 15.45 -15.39 -20.45
N PHE E 534 15.92 -16.53 -20.96
CA PHE E 534 15.07 -17.58 -21.54
C PHE E 534 14.77 -18.63 -20.48
N VAL E 535 13.48 -18.84 -20.21
CA VAL E 535 13.06 -19.84 -19.23
C VAL E 535 12.09 -20.85 -19.83
N TYR E 536 12.44 -22.14 -19.77
CA TYR E 536 11.47 -23.14 -20.23
C TYR E 536 11.86 -24.47 -19.61
N ARG E 537 10.84 -25.31 -19.35
CA ARG E 537 10.97 -26.61 -18.68
C ARG E 537 11.24 -26.47 -17.18
N GLY E 538 11.30 -25.24 -16.70
CA GLY E 538 11.41 -25.01 -15.27
C GLY E 538 10.67 -23.73 -14.93
N ASN E 539 9.88 -23.74 -13.87
CA ASN E 539 9.15 -22.54 -13.44
C ASN E 539 10.08 -21.65 -12.59
N TRP E 540 11.08 -21.05 -13.21
CA TRP E 540 12.20 -20.53 -12.44
C TRP E 540 11.80 -19.50 -11.37
N LEU E 541 10.98 -18.51 -11.74
CA LEU E 541 10.57 -17.44 -10.83
C LEU E 541 9.78 -17.99 -9.64
N ASN E 542 8.85 -18.90 -9.91
CA ASN E 542 7.99 -19.45 -8.87
C ASN E 542 8.74 -20.33 -7.91
N GLN E 543 9.79 -20.99 -8.37
CA GLN E 543 10.53 -21.88 -7.47
C GLN E 543 11.73 -21.17 -6.83
N ALA E 544 12.07 -19.97 -7.28
CA ALA E 544 13.32 -19.31 -6.85
C ALA E 544 13.33 -18.96 -5.38
N LYS E 545 14.34 -19.42 -4.66
CA LYS E 545 14.54 -18.88 -3.31
C LYS E 545 14.94 -17.40 -3.40
N GLY E 546 14.69 -16.63 -2.36
CA GLY E 546 14.93 -15.18 -2.41
C GLY E 546 13.98 -14.46 -3.36
N GLN E 547 12.76 -14.99 -3.49
CA GLN E 547 11.84 -14.55 -4.54
C GLN E 547 11.44 -13.07 -4.43
N LYS E 548 11.27 -12.58 -3.21
CA LYS E 548 10.96 -11.17 -3.06
C LYS E 548 12.15 -10.29 -3.52
N TYR E 549 13.37 -10.66 -3.16
CA TYR E 549 14.57 -9.98 -3.71
C TYR E 549 14.64 -10.11 -5.23
N VAL E 550 14.21 -11.26 -5.77
CA VAL E 550 14.23 -11.45 -7.20
C VAL E 550 13.22 -10.53 -7.89
N LEU E 551 12.00 -10.50 -7.37
CA LEU E 551 10.98 -9.66 -7.97
C LEU E 551 11.35 -8.19 -7.85
N GLU E 552 11.95 -7.78 -6.75
CA GLU E 552 12.20 -6.35 -6.57
C GLU E 552 13.51 -5.88 -7.20
N ASN E 553 14.51 -6.75 -7.21
CA ASN E 553 15.84 -6.32 -7.60
C ASN E 553 16.36 -6.92 -8.91
N LEU E 554 16.03 -8.18 -9.20
CA LEU E 554 16.63 -8.87 -10.34
C LEU E 554 15.78 -8.70 -11.61
N TRP E 555 14.50 -9.00 -11.46
CA TRP E 555 13.54 -8.95 -12.55
C TRP E 555 13.61 -7.61 -13.30
N PRO E 556 13.64 -6.47 -12.57
CA PRO E 556 13.63 -5.23 -13.37
C PRO E 556 14.95 -4.96 -14.11
N LYS E 557 16.02 -5.70 -13.84
CA LYS E 557 17.22 -5.50 -14.64
C LYS E 557 17.02 -6.09 -16.02
N LEU E 558 16.21 -7.15 -16.11
CA LEU E 558 16.05 -7.92 -17.35
C LEU E 558 15.27 -7.11 -18.35
N GLU E 559 15.81 -6.93 -19.56
CA GLU E 559 15.09 -6.15 -20.57
C GLU E 559 14.12 -7.00 -21.38
N LEU E 560 14.30 -8.32 -21.38
CA LEU E 560 13.41 -9.22 -22.13
C LEU E 560 13.38 -10.60 -21.46
N ILE E 561 12.19 -11.04 -21.08
CA ILE E 561 12.03 -12.36 -20.46
C ILE E 561 11.16 -13.20 -21.38
N VAL E 562 11.69 -14.35 -21.76
CA VAL E 562 11.01 -15.26 -22.68
C VAL E 562 10.70 -16.55 -22.00
N ASP E 563 9.41 -16.87 -21.89
CA ASP E 563 9.03 -18.17 -21.32
C ASP E 563 8.43 -19.04 -22.43
N ILE E 564 8.89 -20.29 -22.51
CA ILE E 564 8.37 -21.23 -23.48
C ILE E 564 7.66 -22.37 -22.73
N ASN E 565 6.35 -22.53 -22.94
CA ASN E 565 5.54 -23.36 -22.04
C ASN E 565 4.31 -24.04 -22.69
N ILE E 566 3.82 -25.11 -22.04
CA ILE E 566 2.55 -25.67 -22.45
C ILE E 566 1.40 -24.93 -21.75
N ARG E 567 1.71 -24.24 -20.65
CA ARG E 567 0.69 -23.59 -19.82
C ARG E 567 1.20 -22.27 -19.28
N MET E 568 0.29 -21.39 -18.89
CA MET E 568 0.67 -20.15 -18.24
C MET E 568 1.06 -20.38 -16.78
N ASP E 569 2.33 -20.71 -16.50
CA ASP E 569 2.78 -20.75 -15.09
C ASP E 569 3.17 -19.32 -14.59
N SER E 570 3.63 -19.22 -13.35
CA SER E 570 3.83 -17.89 -12.76
C SER E 570 4.96 -17.13 -13.47
N THR E 571 6.02 -17.85 -13.84
CA THR E 571 7.12 -17.27 -14.58
C THR E 571 6.58 -16.65 -15.88
N ALA E 572 5.86 -17.46 -16.65
CA ALA E 572 5.28 -16.99 -17.92
C ALA E 572 4.41 -15.78 -17.69
N LEU E 573 3.65 -15.81 -16.61
CA LEU E 573 2.69 -14.76 -16.27
C LEU E 573 3.44 -13.46 -15.97
N TYR E 574 4.73 -13.59 -15.63
CA TYR E 574 5.58 -12.43 -15.34
C TYR E 574 6.59 -12.10 -16.44
N SER E 575 6.49 -12.77 -17.58
CA SER E 575 7.40 -12.64 -18.71
C SER E 575 6.93 -11.58 -19.71
N ASP E 576 7.72 -11.29 -20.73
CA ASP E 576 7.32 -10.31 -21.74
C ASP E 576 6.75 -11.01 -22.98
N VAL E 577 7.32 -12.17 -23.29
CA VAL E 577 6.87 -12.97 -24.42
C VAL E 577 6.68 -14.41 -23.94
N VAL E 578 5.51 -14.98 -24.22
CA VAL E 578 5.25 -16.39 -23.91
C VAL E 578 4.96 -17.10 -25.24
N LEU E 579 5.60 -18.26 -25.43
CA LEU E 579 5.56 -19.00 -26.69
C LEU E 579 5.01 -20.41 -26.45
N PRO E 580 4.02 -20.81 -27.24
CA PRO E 580 3.30 -22.08 -26.98
C PRO E 580 4.12 -23.30 -27.36
N SER E 581 4.38 -24.17 -26.39
CA SER E 581 5.14 -25.39 -26.60
C SER E 581 4.19 -26.58 -26.68
N ALA E 582 4.52 -27.55 -27.53
CA ALA E 582 3.68 -28.72 -27.73
C ALA E 582 3.63 -29.57 -26.47
N HIS E 583 2.44 -30.07 -26.14
CA HIS E 583 2.22 -30.95 -25.00
C HIS E 583 2.96 -32.26 -25.15
N TRP E 584 3.13 -32.96 -24.03
CA TRP E 584 3.92 -34.18 -24.03
C TRP E 584 3.44 -35.22 -25.05
N TYR E 585 2.12 -35.29 -25.27
CA TYR E 585 1.58 -36.31 -26.18
C TYR E 585 1.54 -35.76 -27.59
N GLU E 586 2.17 -34.62 -27.81
CA GLU E 586 2.22 -34.01 -29.13
C GLU E 586 3.66 -33.88 -29.60
N LYS E 587 4.56 -34.63 -28.98
CA LYS E 587 5.99 -34.46 -29.24
C LYS E 587 6.77 -35.76 -29.07
N LEU E 588 8.00 -35.76 -29.58
CA LEU E 588 8.93 -36.87 -29.45
C LEU E 588 10.09 -36.45 -28.54
N ASP E 589 10.35 -37.22 -27.49
CA ASP E 589 11.52 -36.97 -26.66
C ASP E 589 11.76 -38.19 -25.80
N LEU E 590 12.96 -38.28 -25.23
CA LEU E 590 13.32 -39.36 -24.35
C LEU E 590 13.03 -38.93 -22.94
N ASN E 591 13.18 -39.86 -21.99
CA ASN E 591 12.70 -39.67 -20.62
C ASN E 591 13.27 -40.71 -19.67
N VAL E 592 14.30 -40.34 -18.91
CA VAL E 592 14.99 -41.29 -18.05
C VAL E 592 15.25 -40.74 -16.64
N THR E 593 15.59 -41.63 -15.71
CA THR E 593 15.70 -41.29 -14.29
C THR E 593 16.64 -42.24 -13.55
N SER E 594 17.00 -41.88 -12.33
CA SER E 594 17.91 -42.72 -11.58
C SER E 594 17.17 -43.78 -10.78
N GLU E 595 15.84 -43.77 -10.82
CA GLU E 595 15.05 -44.66 -9.96
C GLU E 595 14.90 -46.05 -10.60
N HIS E 596 15.01 -46.14 -11.92
CA HIS E 596 15.05 -47.43 -12.61
C HIS E 596 15.96 -47.34 -13.80
N SER E 597 16.30 -48.49 -14.37
CA SER E 597 17.33 -48.54 -15.40
C SER E 597 16.77 -48.70 -16.80
N TYR E 598 15.58 -48.16 -17.04
CA TYR E 598 14.93 -48.28 -18.34
C TYR E 598 14.75 -46.94 -19.01
N ILE E 599 14.81 -46.94 -20.35
CA ILE E 599 14.66 -45.74 -21.11
C ILE E 599 13.23 -45.63 -21.57
N ASN E 600 12.56 -44.59 -21.10
CA ASN E 600 11.17 -44.29 -21.46
C ASN E 600 11.14 -43.23 -22.54
N MET E 601 9.98 -43.04 -23.14
CA MET E 601 9.85 -42.00 -24.15
C MET E 601 8.40 -41.59 -24.34
N THR E 602 8.22 -40.49 -25.06
CA THR E 602 6.92 -40.07 -25.54
C THR E 602 6.98 -39.80 -27.04
N GLU E 603 5.85 -39.99 -27.71
CA GLU E 603 5.73 -39.76 -29.13
C GLU E 603 4.43 -39.03 -29.33
N PRO E 604 4.26 -38.36 -30.47
CA PRO E 604 2.99 -37.67 -30.70
C PRO E 604 1.77 -38.60 -30.88
N ALA E 605 0.71 -38.33 -30.13
CA ALA E 605 -0.54 -39.03 -30.30
C ALA E 605 -1.25 -38.34 -31.43
N ILE E 606 -1.10 -37.02 -31.45
CA ILE E 606 -1.65 -36.14 -32.47
C ILE E 606 -0.64 -35.01 -32.68
N LYS E 607 -0.81 -34.24 -33.75
CA LYS E 607 0.09 -33.13 -34.03
C LYS E 607 -0.11 -32.00 -33.01
N PRO E 608 0.97 -31.22 -32.73
CA PRO E 608 0.91 -30.08 -31.81
C PRO E 608 -0.35 -29.25 -32.04
N MET E 609 -1.08 -28.96 -30.97
CA MET E 609 -2.30 -28.20 -31.10
C MET E 609 -2.09 -26.68 -31.27
N TRP E 610 -3.11 -26.05 -31.85
CA TRP E 610 -3.20 -24.61 -32.02
C TRP E 610 -1.98 -24.18 -32.80
N GLU E 611 -1.23 -23.23 -32.27
CA GLU E 611 -0.02 -22.84 -32.96
C GLU E 611 1.19 -23.30 -32.20
N SER E 612 1.10 -24.36 -31.41
CA SER E 612 2.26 -24.74 -30.62
C SER E 612 3.31 -25.44 -31.46
N LYS E 613 4.56 -25.43 -30.97
CA LYS E 613 5.64 -26.16 -31.58
C LYS E 613 6.39 -26.91 -30.51
N THR E 614 7.15 -27.90 -30.90
CA THR E 614 8.00 -28.60 -29.95
C THR E 614 9.21 -27.72 -29.59
N ASP E 615 9.86 -28.01 -28.48
CA ASP E 615 10.93 -27.14 -28.00
C ASP E 615 12.07 -27.09 -29.00
N TRP E 616 12.42 -28.27 -29.53
CA TRP E 616 13.44 -28.41 -30.55
C TRP E 616 13.08 -27.52 -31.74
N GLN E 617 11.88 -27.68 -32.26
CA GLN E 617 11.41 -26.88 -33.39
C GLN E 617 11.38 -25.37 -33.11
N ILE E 618 11.11 -25.00 -31.86
CA ILE E 618 11.01 -23.59 -31.48
C ILE E 618 12.35 -22.88 -31.56
N PHE E 619 13.38 -23.48 -30.96
CA PHE E 619 14.70 -22.89 -31.09
C PHE E 619 15.30 -22.99 -32.50
N LEU E 620 14.89 -23.97 -33.29
CA LEU E 620 15.34 -24.01 -34.69
C LEU E 620 14.80 -22.78 -35.40
N ALA E 621 13.52 -22.49 -35.18
CA ALA E 621 12.89 -21.35 -35.84
C ALA E 621 13.50 -20.04 -35.35
N LEU E 622 13.87 -20.01 -34.07
CA LEU E 622 14.45 -18.81 -33.52
C LEU E 622 15.80 -18.55 -34.21
N ALA E 623 16.63 -19.58 -34.26
CA ALA E 623 17.91 -19.52 -34.98
C ALA E 623 17.78 -18.86 -36.38
N LYS E 624 16.77 -19.29 -37.13
CA LYS E 624 16.62 -18.76 -38.49
C LYS E 624 16.32 -17.28 -38.46
N ARG E 625 15.45 -16.89 -37.55
CA ARG E 625 15.08 -15.49 -37.41
C ARG E 625 16.26 -14.64 -36.85
N VAL E 626 17.15 -15.25 -36.08
CA VAL E 626 18.34 -14.55 -35.63
C VAL E 626 19.31 -14.27 -36.80
N GLU E 627 19.48 -15.24 -37.69
CA GLU E 627 20.24 -15.02 -38.92
C GLU E 627 19.77 -13.76 -39.64
N MET E 628 18.46 -13.65 -39.81
CA MET E 628 17.86 -12.51 -40.51
C MET E 628 18.06 -11.20 -39.76
N ALA E 629 17.86 -11.20 -38.44
CA ALA E 629 18.06 -10.00 -37.61
C ALA E 629 19.54 -9.59 -37.65
N ALA E 630 20.43 -10.57 -37.50
CA ALA E 630 21.86 -10.31 -37.56
C ALA E 630 22.23 -9.66 -38.88
N LYS E 631 21.58 -10.09 -39.95
CA LYS E 631 21.79 -9.49 -41.26
C LYS E 631 21.27 -8.06 -41.32
N ARG E 632 20.04 -7.82 -40.87
CA ARG E 632 19.48 -6.46 -40.83
C ARG E 632 20.37 -5.47 -40.07
N LYS E 633 21.02 -5.94 -39.01
CA LYS E 633 21.78 -5.07 -38.11
C LYS E 633 23.28 -5.06 -38.42
N LYS E 634 23.64 -5.65 -39.56
CA LYS E 634 25.03 -5.76 -40.05
C LYS E 634 25.95 -6.30 -39.00
N TYR E 635 25.56 -7.41 -38.39
CA TYR E 635 26.36 -7.95 -37.31
C TYR E 635 26.31 -9.45 -37.37
N GLU E 636 26.87 -10.02 -38.44
CA GLU E 636 26.73 -11.45 -38.68
C GLU E 636 27.85 -12.25 -38.04
N LYS E 637 29.04 -11.66 -38.00
CA LYS E 637 30.19 -12.30 -37.36
C LYS E 637 30.72 -11.41 -36.24
N PHE E 638 31.25 -12.04 -35.21
CA PHE E 638 31.88 -11.30 -34.12
C PHE E 638 32.82 -12.23 -33.38
N ASN E 639 33.84 -11.64 -32.75
CA ASN E 639 34.82 -12.40 -32.02
C ASN E 639 34.39 -12.55 -30.56
N ASP E 640 34.28 -13.79 -30.11
CA ASP E 640 34.02 -14.09 -28.71
C ASP E 640 35.36 -14.51 -28.12
N GLU E 641 36.07 -13.55 -27.53
CA GLU E 641 37.49 -13.73 -27.21
C GLU E 641 37.74 -14.80 -26.16
N LYS E 642 36.83 -14.91 -25.20
CA LYS E 642 36.96 -15.87 -24.10
C LYS E 642 37.22 -17.28 -24.64
N PHE E 643 36.72 -17.57 -25.84
CA PHE E 643 36.89 -18.89 -26.41
C PHE E 643 37.70 -18.87 -27.71
N LYS E 644 38.30 -17.73 -28.03
CA LYS E 644 39.03 -17.54 -29.29
C LYS E 644 38.17 -18.05 -30.45
N TRP E 645 36.90 -17.65 -30.45
CA TRP E 645 35.90 -18.24 -31.29
C TRP E 645 35.21 -17.14 -32.06
N VAL E 646 35.46 -17.07 -33.36
CA VAL E 646 34.76 -16.09 -34.18
C VAL E 646 33.45 -16.72 -34.63
N ARG E 647 32.35 -16.18 -34.12
CA ARG E 647 31.02 -16.78 -34.23
C ARG E 647 30.33 -16.28 -35.48
N ASP E 648 29.51 -17.13 -36.10
CA ASP E 648 28.81 -16.73 -37.30
C ASP E 648 27.28 -16.91 -37.19
N LEU E 649 26.59 -15.81 -36.90
CA LEU E 649 25.15 -15.87 -36.70
C LEU E 649 24.39 -16.09 -38.00
N SER E 650 25.08 -15.93 -39.12
CA SER E 650 24.45 -16.09 -40.42
C SER E 650 24.24 -17.57 -40.72
N ASN E 651 24.94 -18.44 -40.00
CA ASN E 651 24.77 -19.87 -40.22
C ASN E 651 24.24 -20.60 -38.98
N LEU E 652 23.39 -19.93 -38.19
CA LEU E 652 23.00 -20.46 -36.89
C LEU E 652 22.06 -21.66 -37.00
N TRP E 653 21.12 -21.62 -37.95
CA TRP E 653 20.24 -22.77 -38.15
C TRP E 653 21.04 -24.02 -38.53
N ASN E 654 22.06 -23.89 -39.36
CA ASN E 654 22.87 -25.08 -39.68
C ASN E 654 23.70 -25.56 -38.51
N GLN E 655 24.05 -24.65 -37.61
CA GLN E 655 24.79 -25.05 -36.42
C GLN E 655 23.86 -25.79 -35.45
N MET E 656 22.63 -25.26 -35.33
CA MET E 656 21.59 -25.91 -34.52
C MET E 656 21.34 -27.34 -34.98
N THR E 657 21.28 -27.55 -36.30
CA THR E 657 20.81 -28.82 -36.86
C THR E 657 21.90 -29.71 -37.41
N MET E 658 23.16 -29.32 -37.22
CA MET E 658 24.30 -30.06 -37.78
C MET E 658 24.15 -30.22 -39.32
N ASP E 659 23.91 -29.10 -39.99
CA ASP E 659 23.79 -29.02 -41.44
C ASP E 659 22.56 -29.76 -41.91
N GLY E 660 21.51 -29.71 -41.09
CA GLY E 660 20.22 -30.28 -41.42
C GLY E 660 20.05 -31.72 -40.96
N LYS E 661 21.13 -32.31 -40.45
CA LYS E 661 21.14 -33.73 -40.07
C LYS E 661 20.18 -33.99 -38.92
N LEU E 662 20.00 -32.98 -38.07
CA LEU E 662 19.20 -33.12 -36.86
C LEU E 662 18.04 -32.14 -36.85
N ALA E 663 17.46 -31.91 -38.02
CA ALA E 663 16.39 -30.96 -38.13
C ALA E 663 15.08 -31.53 -37.56
N GLU E 664 15.02 -32.87 -37.45
CA GLU E 664 13.84 -33.59 -36.97
C GLU E 664 14.03 -33.99 -35.51
N ASP E 665 12.98 -33.84 -34.72
CA ASP E 665 13.04 -34.21 -33.31
C ASP E 665 13.56 -35.65 -33.14
N GLU E 666 12.96 -36.58 -33.89
CA GLU E 666 13.36 -37.98 -33.78
C GLU E 666 14.84 -38.18 -34.10
N ALA E 667 15.35 -37.48 -35.10
CA ALA E 667 16.77 -37.61 -35.43
C ALA E 667 17.65 -37.12 -34.27
N ALA E 668 17.26 -36.00 -33.66
CA ALA E 668 17.94 -35.48 -32.47
C ALA E 668 17.91 -36.46 -31.30
N ALA E 669 16.82 -37.19 -31.16
CA ALA E 669 16.72 -38.17 -30.05
C ALA E 669 17.58 -39.41 -30.33
N GLN E 670 17.58 -39.84 -31.59
CA GLN E 670 18.45 -40.93 -32.05
C GLN E 670 19.92 -40.57 -31.87
N TYR E 671 20.26 -39.32 -32.18
CA TYR E 671 21.63 -38.84 -32.00
C TYR E 671 22.12 -38.99 -30.54
N ILE E 672 21.26 -38.73 -29.58
CA ILE E 672 21.59 -38.95 -28.17
C ILE E 672 21.85 -40.44 -27.87
N LEU E 673 20.96 -41.32 -28.32
CA LEU E 673 21.12 -42.75 -28.10
C LEU E 673 22.42 -43.28 -28.72
N ASP E 674 22.74 -42.79 -29.93
CA ASP E 674 23.89 -43.29 -30.68
C ASP E 674 25.19 -42.93 -30.02
N ASN E 675 25.16 -41.88 -29.22
CA ASN E 675 26.40 -41.26 -28.78
C ASN E 675 26.78 -41.45 -27.30
N ALA E 676 26.08 -42.34 -26.60
CA ALA E 676 26.55 -42.79 -25.29
C ALA E 676 26.66 -44.32 -25.27
N PRO E 677 27.68 -44.85 -24.58
CA PRO E 677 27.77 -46.32 -24.59
C PRO E 677 26.66 -46.96 -23.78
N GLN E 678 26.02 -46.20 -22.90
CA GLN E 678 24.90 -46.71 -22.11
C GLN E 678 23.67 -47.00 -22.98
N SER E 679 23.67 -46.51 -24.21
CA SER E 679 22.46 -46.65 -25.00
C SER E 679 22.69 -46.93 -26.49
N LYS E 680 23.95 -46.92 -26.93
CA LYS E 680 24.25 -47.15 -28.34
C LYS E 680 23.86 -48.56 -28.79
N GLY E 681 23.11 -48.65 -29.88
CA GLY E 681 22.46 -49.88 -30.26
C GLY E 681 20.94 -49.86 -30.07
N ILE E 682 20.43 -48.93 -29.27
CA ILE E 682 18.99 -48.86 -29.06
C ILE E 682 18.39 -47.86 -30.04
N THR E 683 17.23 -48.19 -30.61
CA THR E 683 16.59 -47.28 -31.55
C THR E 683 15.26 -46.73 -31.02
N ILE E 684 14.82 -45.59 -31.58
CA ILE E 684 13.52 -45.01 -31.23
C ILE E 684 12.41 -46.05 -31.42
N GLN E 685 12.54 -46.80 -32.51
CA GLN E 685 11.56 -47.81 -32.86
C GLN E 685 11.40 -48.87 -31.78
N MET E 686 12.51 -49.30 -31.20
CA MET E 686 12.47 -50.25 -30.09
C MET E 686 11.77 -49.62 -28.87
N LEU E 687 12.16 -48.39 -28.52
CA LEU E 687 11.59 -47.67 -27.38
C LEU E 687 10.09 -47.55 -27.54
N ARG E 688 9.69 -47.23 -28.76
CA ARG E 688 8.28 -47.09 -29.10
C ARG E 688 7.47 -48.33 -28.74
N GLU E 689 8.08 -49.50 -28.86
CA GLU E 689 7.37 -50.74 -28.59
C GLU E 689 7.41 -51.15 -27.13
N LYS E 690 8.55 -50.95 -26.48
CA LYS E 690 8.72 -51.43 -25.13
C LYS E 690 9.95 -50.73 -24.49
N PRO E 691 9.84 -50.34 -23.21
CA PRO E 691 10.97 -49.76 -22.47
C PRO E 691 12.19 -50.64 -22.56
N GLN E 692 13.34 -50.08 -22.95
CA GLN E 692 14.58 -50.84 -23.07
C GLN E 692 15.54 -50.53 -21.93
N ARG E 693 16.10 -51.56 -21.30
CA ARG E 693 17.10 -51.33 -20.26
C ARG E 693 18.36 -50.68 -20.84
N PHE E 694 19.03 -49.89 -20.02
CA PHE E 694 20.30 -49.31 -20.42
C PHE E 694 21.25 -50.47 -20.72
N LYS E 695 22.20 -50.25 -21.60
CA LYS E 695 23.20 -51.27 -21.91
C LYS E 695 24.28 -51.29 -20.85
N SER E 696 24.52 -50.12 -20.23
CA SER E 696 25.51 -49.99 -19.15
C SER E 696 25.15 -48.82 -18.21
N ASN E 697 26.03 -48.53 -17.25
CA ASN E 697 25.73 -47.46 -16.30
C ASN E 697 26.95 -46.61 -15.97
N TRP E 698 27.12 -46.20 -14.71
CA TRP E 698 28.11 -45.17 -14.39
C TRP E 698 29.30 -45.65 -13.57
N THR E 699 29.02 -46.19 -12.38
CA THR E 699 30.11 -46.57 -11.50
C THR E 699 30.03 -48.05 -11.09
N SER E 700 29.24 -48.82 -11.83
CA SER E 700 29.21 -50.26 -11.61
C SER E 700 28.82 -51.01 -12.86
N PRO E 701 29.17 -52.30 -12.92
CA PRO E 701 28.56 -53.14 -13.95
C PRO E 701 27.05 -53.07 -13.85
N LEU E 702 26.40 -52.95 -15.00
CA LEU E 702 24.98 -53.22 -15.09
C LEU E 702 24.80 -54.71 -15.45
N LYS E 703 24.51 -55.53 -14.44
CA LYS E 703 24.40 -56.99 -14.60
C LYS E 703 22.97 -57.41 -14.94
N GLU E 704 22.84 -58.20 -16.01
CA GLU E 704 21.55 -58.74 -16.45
C GLU E 704 20.74 -59.39 -15.32
N GLY E 705 19.50 -58.94 -15.15
CA GLY E 705 18.67 -59.43 -14.07
C GLY E 705 19.03 -58.99 -12.65
N VAL E 706 19.97 -58.07 -12.50
CA VAL E 706 20.35 -57.56 -11.18
C VAL E 706 20.18 -56.04 -11.03
N PRO E 707 19.50 -55.60 -9.96
CA PRO E 707 19.42 -54.18 -9.62
C PRO E 707 20.78 -53.49 -9.57
N TYR E 708 20.88 -52.33 -10.22
CA TYR E 708 22.08 -51.52 -10.16
C TYR E 708 22.38 -51.05 -8.74
N THR E 709 23.66 -51.03 -8.39
CA THR E 709 24.09 -50.34 -7.18
C THR E 709 25.45 -49.72 -7.43
N PRO E 710 25.63 -48.45 -6.98
CA PRO E 710 26.80 -47.67 -7.42
C PRO E 710 28.14 -48.04 -6.75
N PHE E 711 29.22 -47.56 -7.37
CA PHE E 711 30.58 -47.53 -6.83
C PHE E 711 31.33 -48.85 -6.79
N GLN E 712 30.79 -49.90 -7.41
CA GLN E 712 31.51 -51.17 -7.43
C GLN E 712 32.84 -51.08 -8.20
N TYR E 713 32.94 -50.19 -9.18
CA TYR E 713 34.21 -50.04 -9.89
C TYR E 713 35.34 -49.65 -8.93
N PHE E 714 34.99 -48.97 -7.85
CA PHE E 714 35.95 -48.56 -6.84
C PHE E 714 36.04 -49.63 -5.78
N VAL E 715 34.88 -50.09 -5.32
CA VAL E 715 34.79 -51.03 -4.21
C VAL E 715 35.21 -52.47 -4.54
N VAL E 716 34.64 -53.02 -5.61
CA VAL E 716 34.98 -54.37 -6.06
C VAL E 716 36.27 -54.41 -6.90
N ASP E 717 36.32 -53.57 -7.93
CA ASP E 717 37.43 -53.51 -8.89
C ASP E 717 38.66 -52.74 -8.40
N LYS E 718 38.57 -52.18 -7.21
CA LYS E 718 39.67 -51.41 -6.61
C LYS E 718 40.35 -50.39 -7.54
N LYS E 719 39.58 -49.77 -8.43
CA LYS E 719 40.04 -48.53 -9.07
C LYS E 719 39.96 -47.43 -8.01
N PRO E 720 40.84 -46.42 -8.08
CA PRO E 720 40.77 -45.39 -7.03
C PRO E 720 39.49 -44.57 -7.10
N TRP E 721 38.93 -44.22 -5.94
CA TRP E 721 37.92 -43.17 -5.88
C TRP E 721 38.44 -41.87 -6.46
N PRO E 722 37.60 -41.14 -7.19
CA PRO E 722 38.14 -39.93 -7.85
C PRO E 722 38.34 -38.71 -6.91
N THR E 723 38.83 -38.97 -5.69
CA THR E 723 39.09 -37.92 -4.71
C THR E 723 40.55 -37.43 -4.69
N LEU E 724 40.85 -36.47 -3.82
CA LEU E 724 42.22 -36.02 -3.65
C LEU E 724 43.05 -37.16 -3.04
N THR E 725 42.47 -37.87 -2.08
CA THR E 725 43.21 -38.93 -1.44
C THR E 725 43.18 -40.21 -2.27
N GLY E 726 42.19 -40.32 -3.13
CA GLY E 726 42.02 -41.51 -3.95
C GLY E 726 41.11 -42.50 -3.24
N ARG E 727 40.56 -42.07 -2.10
CA ARG E 727 39.66 -42.91 -1.32
C ARG E 727 38.36 -42.17 -1.03
N GLN E 728 37.42 -42.87 -0.40
CA GLN E 728 36.30 -42.21 0.27
C GLN E 728 36.84 -41.27 1.35
N GLN E 729 36.96 -39.99 1.00
CA GLN E 729 37.76 -39.04 1.77
C GLN E 729 36.99 -38.26 2.84
N PHE E 730 37.30 -38.53 4.11
CA PHE E 730 36.60 -37.93 5.24
C PHE E 730 37.26 -36.70 5.86
N TYR E 731 38.53 -36.50 5.56
CA TYR E 731 39.27 -35.39 6.10
C TYR E 731 39.51 -34.38 4.99
N LEU E 732 38.93 -33.20 5.13
CA LEU E 732 39.08 -32.18 4.12
C LEU E 732 39.88 -31.01 4.67
N ASP E 733 41.21 -31.08 4.54
CA ASP E 733 42.09 -30.10 5.19
C ASP E 733 42.34 -28.87 4.31
N HIS E 734 41.24 -28.27 3.87
CA HIS E 734 41.25 -26.99 3.16
C HIS E 734 40.89 -25.92 4.19
N ASP E 735 41.50 -24.74 4.12
CA ASP E 735 41.22 -23.63 5.06
C ASP E 735 39.74 -23.43 5.40
N THR E 736 38.93 -23.29 4.35
CA THR E 736 37.51 -22.97 4.49
C THR E 736 36.83 -24.00 5.36
N PHE E 737 37.19 -25.25 5.19
CA PHE E 737 36.61 -26.32 6.01
C PHE E 737 37.06 -26.19 7.44
N PHE E 738 38.29 -25.75 7.64
CA PHE E 738 38.78 -25.47 8.99
C PHE E 738 38.02 -24.27 9.58
N ASP E 739 37.91 -23.22 8.77
CA ASP E 739 37.17 -22.02 9.13
C ASP E 739 35.76 -22.34 9.66
N MET E 740 35.09 -23.31 9.04
CA MET E 740 33.72 -23.66 9.40
C MET E 740 33.64 -24.79 10.43
N GLY E 741 34.79 -25.30 10.86
CA GLY E 741 34.83 -26.38 11.83
C GLY E 741 34.48 -27.75 11.27
N VAL E 742 34.52 -27.90 9.95
CA VAL E 742 34.12 -29.16 9.33
C VAL E 742 35.23 -29.80 8.52
N GLU E 743 36.46 -29.80 9.03
CA GLU E 743 37.54 -30.53 8.38
C GLU E 743 37.25 -32.04 8.50
N LEU E 744 36.58 -32.39 9.59
CA LEU E 744 36.02 -33.72 9.81
C LEU E 744 34.51 -33.58 9.91
N PRO E 745 33.78 -34.66 9.64
CA PRO E 745 32.35 -34.70 9.95
C PRO E 745 32.14 -34.41 11.42
N THR E 746 31.05 -33.72 11.73
CA THR E 746 30.72 -33.30 13.08
C THR E 746 29.34 -32.65 13.02
N TYR E 747 28.66 -32.55 14.16
CA TYR E 747 27.37 -31.88 14.18
C TYR E 747 27.50 -30.35 13.99
N LYS E 748 26.82 -29.80 12.98
CA LYS E 748 26.68 -28.36 12.82
C LYS E 748 25.21 -27.95 13.00
N ALA E 749 24.93 -27.11 13.98
CA ALA E 749 23.54 -26.72 14.29
C ALA E 749 22.99 -25.82 13.18
N PRO E 750 21.66 -25.80 13.03
CA PRO E 750 21.02 -25.02 11.96
C PRO E 750 21.28 -23.52 12.05
N ILE E 751 21.21 -22.86 10.92
CA ILE E 751 21.41 -21.43 10.86
C ILE E 751 20.23 -20.76 11.52
N ASP E 752 20.48 -19.90 12.49
CA ASP E 752 19.40 -19.26 13.20
C ASP E 752 19.40 -17.73 13.00
N ALA E 753 19.97 -17.29 11.88
CA ALA E 753 19.96 -15.87 11.51
C ALA E 753 18.53 -15.27 11.40
N ASP E 754 17.53 -16.08 11.05
CA ASP E 754 16.15 -15.59 11.10
C ASP E 754 15.70 -15.59 12.54
N LYS E 755 15.52 -14.39 13.08
CA LYS E 755 15.14 -14.17 14.49
C LYS E 755 13.65 -14.30 14.72
N TYR E 756 13.11 -15.50 14.53
CA TYR E 756 11.66 -15.75 14.59
C TYR E 756 11.48 -17.17 15.12
N PRO E 757 10.31 -17.47 15.71
CA PRO E 757 10.14 -18.69 16.53
C PRO E 757 9.84 -20.04 15.85
N PHE E 758 9.27 -20.10 14.64
CA PHE E 758 8.96 -21.40 14.05
C PHE E 758 9.95 -21.78 12.95
N ARG E 759 10.42 -23.03 12.95
CA ARG E 759 11.20 -23.50 11.81
C ARG E 759 10.20 -23.73 10.67
N PHE E 760 10.58 -23.29 9.47
CA PHE E 760 9.72 -23.36 8.29
C PHE E 760 10.13 -24.58 7.41
N ASN E 761 9.24 -25.56 7.32
CA ASN E 761 9.45 -26.75 6.49
C ASN E 761 8.68 -26.63 5.16
N SER E 762 9.29 -27.02 4.05
CA SER E 762 8.57 -26.95 2.78
C SER E 762 8.73 -28.24 1.96
N PRO E 763 8.08 -29.31 2.43
CA PRO E 763 8.28 -30.63 1.82
C PRO E 763 7.53 -30.75 0.48
N HIS E 764 7.61 -31.91 -0.16
CA HIS E 764 6.94 -32.07 -1.45
C HIS E 764 5.64 -32.88 -1.32
N SER E 765 4.58 -32.38 -1.94
CA SER E 765 3.24 -32.98 -1.87
C SER E 765 2.98 -34.11 -2.88
N ARG E 766 2.07 -35.02 -2.53
CA ARG E 766 1.59 -36.07 -3.44
C ARG E 766 0.69 -35.49 -4.53
N HIS E 767 0.25 -34.25 -4.36
CA HIS E 767 -0.81 -33.76 -5.26
C HIS E 767 -0.34 -32.93 -6.41
N SER E 768 0.97 -32.84 -6.57
CA SER E 768 1.53 -32.07 -7.65
C SER E 768 2.92 -32.59 -7.97
N VAL E 769 3.44 -32.19 -9.12
CA VAL E 769 4.85 -32.36 -9.47
C VAL E 769 5.43 -30.95 -9.51
N HIS E 770 6.09 -30.57 -8.43
CA HIS E 770 6.44 -29.16 -8.21
C HIS E 770 5.23 -28.28 -8.55
N SER E 771 5.41 -27.20 -9.31
CA SER E 771 4.30 -26.26 -9.54
C SER E 771 3.31 -26.83 -10.56
N THR E 772 3.79 -27.80 -11.33
CA THR E 772 2.99 -28.42 -12.38
C THR E 772 1.95 -29.34 -11.71
N PHE E 773 0.70 -29.25 -12.16
CA PHE E 773 -0.47 -29.88 -11.53
C PHE E 773 -0.96 -29.21 -10.26
N LYS E 774 -0.24 -28.21 -9.76
CA LYS E 774 -0.73 -27.46 -8.59
C LYS E 774 -2.06 -26.83 -8.93
N ASP E 775 -2.21 -26.36 -10.16
CA ASP E 775 -3.46 -25.69 -10.55
C ASP E 775 -4.48 -26.62 -11.25
N ASN E 776 -4.12 -27.89 -11.48
CA ASN E 776 -5.08 -28.85 -12.06
C ASN E 776 -6.36 -28.93 -11.21
N VAL E 777 -7.52 -28.69 -11.85
CA VAL E 777 -8.78 -28.68 -11.14
C VAL E 777 -9.06 -30.00 -10.36
N LEU E 778 -8.69 -31.14 -10.92
CA LEU E 778 -9.01 -32.40 -10.29
C LEU E 778 -8.14 -32.60 -9.06
N MET E 779 -6.86 -32.28 -9.17
CA MET E 779 -5.97 -32.42 -8.02
C MET E 779 -6.44 -31.51 -6.90
N LEU E 780 -6.82 -30.30 -7.24
CA LEU E 780 -7.29 -29.36 -6.23
C LEU E 780 -8.59 -29.87 -5.60
N ARG E 781 -9.40 -30.58 -6.40
CA ARG E 781 -10.65 -31.11 -5.87
C ARG E 781 -10.40 -32.23 -4.87
N LEU E 782 -9.24 -32.87 -4.97
CA LEU E 782 -8.88 -33.96 -4.07
C LEU E 782 -8.06 -33.44 -2.88
N GLN E 783 -7.99 -32.12 -2.76
CA GLN E 783 -7.47 -31.44 -1.56
C GLN E 783 -8.53 -30.51 -0.99
N ARG E 784 -8.15 -29.28 -0.68
CA ARG E 784 -9.12 -28.31 -0.16
C ARG E 784 -9.20 -27.09 -1.07
N GLY E 785 -8.91 -27.30 -2.34
CA GLY E 785 -9.11 -26.25 -3.33
C GLY E 785 -7.98 -25.25 -3.37
N GLY E 786 -6.92 -25.47 -2.62
CA GLY E 786 -5.81 -24.55 -2.65
C GLY E 786 -4.58 -25.07 -1.94
N PRO E 787 -3.54 -24.23 -1.86
CA PRO E 787 -2.35 -24.49 -1.04
C PRO E 787 -2.74 -24.66 0.43
N SER E 788 -1.87 -25.31 1.18
CA SER E 788 -2.07 -25.38 2.61
C SER E 788 -0.74 -25.30 3.29
N ILE E 789 -0.79 -24.89 4.55
CA ILE E 789 0.37 -24.88 5.41
C ILE E 789 -0.05 -25.63 6.67
N GLU E 790 0.85 -26.45 7.21
CA GLU E 790 0.46 -27.30 8.34
C GLU E 790 1.04 -26.86 9.69
N MET E 791 0.19 -26.84 10.71
CA MET E 791 0.65 -26.63 12.08
C MET E 791 0.21 -27.74 13.03
N SER E 792 1.01 -27.92 14.08
CA SER E 792 0.57 -28.67 15.26
C SER E 792 -0.58 -27.98 15.96
N PRO E 793 -1.53 -28.74 16.52
CA PRO E 793 -2.60 -28.04 17.26
C PRO E 793 -2.05 -27.28 18.47
N LEU E 794 -0.92 -27.74 18.99
CA LEU E 794 -0.31 -27.17 20.19
C LEU E 794 0.26 -25.79 19.95
N ASP E 795 0.60 -25.50 18.69
CA ASP E 795 0.95 -24.14 18.30
C ASP E 795 -0.29 -23.33 17.88
N ALA E 796 -1.29 -24.02 17.35
CA ALA E 796 -2.47 -23.38 16.79
C ALA E 796 -3.40 -22.86 17.88
N LYS E 797 -3.78 -23.75 18.82
CA LYS E 797 -4.62 -23.40 19.97
C LYS E 797 -4.30 -22.02 20.60
N PRO E 798 -3.05 -21.83 21.08
CA PRO E 798 -2.71 -20.56 21.74
C PRO E 798 -2.77 -19.36 20.80
N LEU E 799 -2.71 -19.58 19.49
CA LEU E 799 -2.72 -18.45 18.58
C LEU E 799 -4.13 -18.18 18.09
N GLY E 800 -5.07 -19.00 18.55
CA GLY E 800 -6.46 -18.89 18.15
C GLY E 800 -6.76 -19.41 16.74
N ILE E 801 -5.87 -20.24 16.21
CA ILE E 801 -6.04 -20.67 14.82
C ILE E 801 -6.87 -21.95 14.73
N LYS E 802 -7.94 -21.89 13.94
CA LYS E 802 -8.77 -23.07 13.66
C LYS E 802 -8.32 -23.76 12.36
N ASP E 803 -8.67 -25.03 12.18
CA ASP E 803 -8.42 -25.72 10.93
C ASP E 803 -9.05 -24.96 9.75
N ASN E 804 -8.25 -24.74 8.70
CA ASN E 804 -8.66 -24.04 7.47
C ASN E 804 -8.78 -22.52 7.59
N ASP E 805 -8.42 -21.95 8.73
CA ASP E 805 -8.25 -20.49 8.82
C ASP E 805 -7.09 -20.06 7.94
N TRP E 806 -7.11 -18.78 7.57
CA TRP E 806 -5.95 -18.17 6.93
C TRP E 806 -4.94 -17.88 8.05
N VAL E 807 -3.68 -18.14 7.78
CA VAL E 807 -2.61 -17.72 8.67
C VAL E 807 -1.56 -16.90 7.93
N GLU E 808 -0.85 -16.11 8.70
CA GLU E 808 0.14 -15.23 8.16
C GLU E 808 1.51 -15.76 8.62
N ALA E 809 2.45 -15.93 7.70
CA ALA E 809 3.81 -16.33 8.03
C ALA E 809 4.77 -15.30 7.47
N TRP E 810 5.77 -14.93 8.25
CA TRP E 810 6.68 -13.87 7.82
C TRP E 810 8.05 -13.90 8.51
N ASN E 811 9.01 -13.23 7.89
CA ASN E 811 10.26 -12.88 8.54
C ASN E 811 10.81 -11.61 7.90
N ASN E 812 12.14 -11.43 7.93
CA ASN E 812 12.70 -10.23 7.32
C ASN E 812 12.63 -10.31 5.79
N HIS E 813 12.55 -11.52 5.25
CA HIS E 813 12.66 -11.69 3.81
C HIS E 813 11.35 -11.45 3.07
N GLY E 814 10.22 -11.75 3.71
CA GLY E 814 8.94 -11.61 3.07
C GLY E 814 7.81 -12.18 3.90
N LYS E 815 6.66 -12.35 3.27
CA LYS E 815 5.45 -12.78 3.96
C LYS E 815 4.51 -13.58 3.04
N VAL E 816 3.91 -14.63 3.59
CA VAL E 816 2.95 -15.46 2.89
C VAL E 816 1.68 -15.61 3.74
N ILE E 817 0.52 -15.57 3.12
CA ILE E 817 -0.75 -15.84 3.80
C ILE E 817 -1.45 -17.02 3.10
N CYS E 818 -1.70 -18.08 3.86
CA CYS E 818 -2.12 -19.34 3.31
C CYS E 818 -3.09 -20.01 4.28
N ARG E 819 -4.03 -20.81 3.77
CA ARG E 819 -4.93 -21.54 4.63
C ARG E 819 -4.23 -22.73 5.30
N VAL E 820 -4.55 -22.91 6.58
CA VAL E 820 -3.86 -23.83 7.45
C VAL E 820 -4.56 -25.19 7.46
N LYS E 821 -3.77 -26.26 7.58
CA LYS E 821 -4.31 -27.57 7.95
C LYS E 821 -3.67 -27.96 9.28
N ILE E 822 -4.51 -28.13 10.31
CA ILE E 822 -4.01 -28.57 11.60
C ILE E 822 -3.93 -30.07 11.63
N ARG E 823 -2.76 -30.57 11.99
CA ARG E 823 -2.48 -31.99 11.89
C ARG E 823 -1.65 -32.47 13.09
N ASN E 824 -2.22 -33.37 13.89
CA ASN E 824 -1.55 -33.84 15.11
C ASN E 824 -0.17 -34.46 14.83
N GLY E 825 0.04 -34.92 13.59
CA GLY E 825 1.31 -35.54 13.24
C GLY E 825 2.43 -34.55 13.07
N GLU E 826 2.09 -33.26 13.02
CA GLU E 826 3.12 -32.21 12.90
C GLU E 826 3.85 -31.99 14.25
N GLN E 827 5.12 -31.67 14.20
CA GLN E 827 5.89 -31.44 15.43
C GLN E 827 5.78 -29.97 15.87
N ARG E 828 5.46 -29.75 17.14
CA ARG E 828 5.33 -28.40 17.64
C ARG E 828 6.64 -27.66 17.42
N GLY E 829 6.55 -26.38 17.15
CA GLY E 829 7.77 -25.63 16.91
C GLY E 829 8.06 -25.46 15.43
N ARG E 830 7.34 -26.17 14.58
CA ARG E 830 7.51 -25.93 13.14
C ARG E 830 6.22 -26.03 12.36
N VAL E 831 6.20 -25.31 11.25
CA VAL E 831 5.10 -25.36 10.29
C VAL E 831 5.60 -25.93 8.95
N SER E 832 4.69 -26.50 8.18
CA SER E 832 5.05 -27.15 6.93
C SER E 832 4.14 -26.67 5.79
N MET E 833 4.74 -25.95 4.85
CA MET E 833 4.06 -25.46 3.67
C MET E 833 4.55 -26.23 2.46
N TRP E 834 3.68 -27.05 1.88
CA TRP E 834 3.99 -27.81 0.66
C TRP E 834 4.60 -26.88 -0.39
N HIS E 835 5.76 -27.24 -0.95
CA HIS E 835 6.58 -26.23 -1.62
C HIS E 835 5.95 -25.63 -2.87
N CYS E 836 6.15 -24.31 -2.99
CA CYS E 836 5.89 -23.53 -4.18
C CYS E 836 4.57 -23.78 -4.94
N PRO E 837 3.41 -23.51 -4.30
CA PRO E 837 2.22 -23.38 -5.14
C PRO E 837 2.35 -22.14 -6.05
N GLU E 838 1.58 -22.09 -7.15
CA GLU E 838 1.67 -20.96 -8.07
C GLU E 838 1.16 -19.70 -7.36
N LEU E 839 1.84 -18.58 -7.60
CA LEU E 839 1.51 -17.33 -6.95
C LEU E 839 0.07 -16.88 -7.23
N TYR E 840 -0.48 -17.30 -8.37
CA TYR E 840 -1.83 -16.91 -8.76
C TYR E 840 -2.91 -17.82 -8.17
N MET E 841 -2.51 -18.80 -7.36
CA MET E 841 -3.46 -19.70 -6.73
C MET E 841 -4.00 -19.09 -5.43
N ASP E 842 -4.66 -19.90 -4.59
CA ASP E 842 -5.42 -19.39 -3.44
C ASP E 842 -4.50 -18.94 -2.29
N LEU E 843 -3.80 -17.83 -2.52
CA LEU E 843 -2.95 -17.18 -1.52
C LEU E 843 -3.35 -15.72 -1.42
N LEU E 844 -3.51 -15.21 -0.21
CA LEU E 844 -3.87 -13.81 -0.03
C LEU E 844 -2.66 -12.90 -0.31
N THR E 845 -1.45 -13.41 -0.10
CA THR E 845 -0.22 -12.68 -0.43
C THR E 845 0.97 -13.63 -0.47
N GLY E 846 1.93 -13.31 -1.33
CA GLY E 846 3.18 -14.06 -1.41
C GLY E 846 3.10 -15.53 -1.77
N GLY E 847 4.12 -16.27 -1.35
CA GLY E 847 4.22 -17.69 -1.61
C GLY E 847 5.30 -18.27 -0.71
N SER E 848 5.50 -19.58 -0.75
CA SER E 848 6.46 -20.21 0.15
C SER E 848 7.88 -19.62 0.00
N GLN E 849 8.19 -19.07 -1.16
CA GLN E 849 9.53 -18.57 -1.41
C GLN E 849 9.68 -17.12 -0.96
N SER E 850 8.57 -16.50 -0.58
CA SER E 850 8.61 -15.14 -0.05
C SER E 850 9.41 -15.10 1.25
N VAL E 851 9.33 -16.16 2.06
CA VAL E 851 10.05 -16.14 3.33
C VAL E 851 11.40 -16.84 3.28
N CYS E 852 11.87 -17.14 2.07
CA CYS E 852 13.13 -17.83 1.90
C CYS E 852 14.09 -16.85 1.27
N PRO E 853 15.26 -16.64 1.91
CA PRO E 853 16.40 -15.96 1.30
C PRO E 853 17.17 -16.93 0.39
N VAL E 854 18.22 -16.46 -0.27
CA VAL E 854 19.22 -17.36 -0.80
C VAL E 854 20.40 -17.37 0.17
N ARG E 855 20.81 -18.54 0.62
CA ARG E 855 21.97 -18.61 1.50
C ARG E 855 23.06 -19.51 0.92
N ILE E 856 24.30 -19.05 1.04
CA ILE E 856 25.46 -19.71 0.48
C ILE E 856 26.41 -20.18 1.58
N ASN E 857 26.53 -21.49 1.78
CA ASN E 857 27.54 -22.05 2.67
C ASN E 857 28.94 -22.04 2.00
N PRO E 858 29.95 -21.46 2.68
CA PRO E 858 31.27 -21.24 2.05
C PRO E 858 32.05 -22.53 1.70
N THR E 859 31.79 -23.66 2.37
CA THR E 859 32.38 -24.92 1.91
C THR E 859 32.02 -25.16 0.43
N ASN E 860 30.77 -24.87 0.07
CA ASN E 860 30.25 -25.06 -1.29
C ASN E 860 30.90 -24.10 -2.29
N LEU E 861 31.63 -23.13 -1.79
CA LEU E 861 32.37 -22.24 -2.69
C LEU E 861 33.79 -22.73 -3.00
N VAL E 862 34.26 -23.75 -2.31
CA VAL E 862 35.65 -24.21 -2.48
C VAL E 862 35.90 -24.84 -3.87
N GLY E 863 36.81 -24.27 -4.65
CA GLY E 863 37.06 -24.78 -5.98
C GLY E 863 38.52 -24.92 -6.38
N ASN E 864 39.40 -25.26 -5.44
CA ASN E 864 40.81 -25.45 -5.73
C ASN E 864 41.45 -26.51 -4.85
N TYR E 865 40.67 -27.53 -4.52
CA TYR E 865 41.10 -28.59 -3.62
C TYR E 865 40.88 -29.97 -4.26
N GLY E 866 41.71 -30.32 -5.23
CA GLY E 866 41.55 -31.58 -5.93
C GLY E 866 40.21 -31.76 -6.64
N HIS E 867 39.35 -32.61 -6.07
CA HIS E 867 38.07 -32.91 -6.70
C HIS E 867 36.98 -31.86 -6.42
N LEU E 868 37.27 -30.89 -5.55
CA LEU E 868 36.35 -29.77 -5.35
C LEU E 868 36.77 -28.60 -6.24
N PHE E 869 36.11 -28.50 -7.38
CA PHE E 869 36.31 -27.45 -8.37
C PHE E 869 34.94 -27.17 -9.02
N PHE E 870 34.76 -26.00 -9.61
CA PHE E 870 33.46 -25.81 -10.21
C PHE E 870 33.28 -26.59 -11.53
N ARG E 871 32.19 -27.34 -11.61
CA ARG E 871 31.67 -27.86 -12.87
C ARG E 871 30.14 -27.84 -12.74
N PRO E 872 29.45 -27.31 -13.77
CA PRO E 872 27.98 -27.23 -13.75
C PRO E 872 27.30 -28.52 -13.28
N ASN E 873 26.74 -28.47 -12.07
CA ASN E 873 25.94 -29.55 -11.48
C ASN E 873 26.81 -30.66 -10.91
N TYR E 874 28.12 -30.43 -10.85
CA TYR E 874 29.02 -31.36 -10.19
C TYR E 874 29.38 -30.82 -8.81
N TYR E 875 29.79 -29.55 -8.77
CA TYR E 875 30.02 -28.90 -7.48
C TYR E 875 29.67 -27.42 -7.51
N GLY E 876 29.02 -26.95 -6.44
CA GLY E 876 28.64 -25.56 -6.29
C GLY E 876 27.79 -25.30 -5.05
N PRO E 877 27.47 -24.03 -4.79
CA PRO E 877 26.61 -23.64 -3.68
C PRO E 877 25.19 -24.21 -3.81
N ALA E 878 24.77 -24.97 -2.80
CA ALA E 878 23.41 -25.51 -2.69
C ALA E 878 22.42 -24.39 -2.38
N GLY E 879 21.23 -24.47 -2.96
CA GLY E 879 20.16 -23.57 -2.55
C GLY E 879 19.32 -24.15 -1.43
N SER E 880 19.90 -24.26 -0.23
CA SER E 880 19.17 -24.73 0.95
C SER E 880 18.08 -23.76 1.41
N GLN E 881 17.08 -24.25 2.09
CA GLN E 881 16.04 -23.42 2.64
C GLN E 881 15.42 -23.95 3.93
N ARG E 882 15.87 -25.07 4.46
CA ARG E 882 15.14 -25.65 5.59
C ARG E 882 15.52 -25.00 6.93
N ASP E 883 16.54 -24.15 6.92
CA ASP E 883 16.94 -23.42 8.11
C ASP E 883 15.96 -22.30 8.44
N VAL E 884 15.31 -21.76 7.40
CA VAL E 884 14.39 -20.64 7.51
C VAL E 884 13.48 -20.73 8.74
N ARG E 885 13.41 -19.64 9.49
CA ARG E 885 12.43 -19.51 10.56
C ARG E 885 11.49 -18.35 10.25
N VAL E 886 10.25 -18.49 10.71
CA VAL E 886 9.21 -17.46 10.55
C VAL E 886 8.39 -17.33 11.83
N ASN E 887 7.69 -16.21 11.97
CA ASN E 887 6.59 -16.13 12.93
C ASN E 887 5.28 -16.46 12.20
N VAL E 888 4.28 -16.86 12.97
CA VAL E 888 2.94 -17.15 12.44
C VAL E 888 1.85 -16.54 13.31
N LYS E 889 0.87 -15.94 12.68
CA LYS E 889 -0.29 -15.46 13.41
C LYS E 889 -1.50 -15.74 12.55
N ARG E 890 -2.64 -15.76 13.21
CA ARG E 890 -3.91 -15.90 12.54
C ARG E 890 -4.11 -14.70 11.61
N TYR E 891 -4.56 -14.93 10.38
CA TYR E 891 -5.00 -13.81 9.55
C TYR E 891 -6.45 -13.47 9.92
N ILE E 892 -6.71 -12.24 10.28
CA ILE E 892 -8.02 -11.95 10.87
C ILE E 892 -8.96 -11.13 9.98
N GLY E 893 -8.54 -10.79 8.77
CA GLY E 893 -9.42 -10.13 7.82
C GLY E 893 -10.43 -11.07 7.15
N ALA E 894 -10.31 -12.37 7.38
CA ALA E 894 -11.29 -13.35 6.91
C ALA E 894 -11.25 -14.57 7.79
N THR E 895 -12.36 -14.85 8.46
CA THR E 895 -12.43 -15.97 9.38
C THR E 895 -13.75 -16.69 9.15
N PRO E 896 -13.80 -17.49 8.07
CA PRO E 896 -15.01 -18.23 7.66
C PRO E 896 -15.46 -19.26 8.68
N ILE E 897 -16.76 -19.49 8.83
CA ILE E 897 -17.20 -20.56 9.71
C ILE E 897 -17.21 -21.89 8.99
N SER E 898 -17.07 -22.95 9.75
CA SER E 898 -17.16 -24.30 9.23
C SER E 898 -18.59 -24.82 9.40
N PHE E 899 -19.05 -25.60 8.42
CA PHE E 899 -20.27 -26.34 8.56
C PHE E 899 -20.32 -27.45 7.51
N LYS F 6 -31.17 -64.58 -6.98
CA LYS F 6 -30.80 -64.59 -8.40
C LYS F 6 -29.27 -64.76 -8.57
N ALA F 7 -28.73 -65.89 -8.10
CA ALA F 7 -27.28 -66.10 -7.98
C ALA F 7 -26.55 -66.11 -9.32
N PRO F 8 -25.34 -65.54 -9.37
CA PRO F 8 -24.58 -65.52 -10.64
C PRO F 8 -23.69 -66.75 -10.82
N ARG F 9 -23.37 -67.09 -12.08
CA ARG F 9 -22.38 -68.12 -12.38
C ARG F 9 -21.11 -67.86 -11.60
N ARG F 10 -20.56 -66.67 -11.75
CA ARG F 10 -19.39 -66.30 -10.96
C ARG F 10 -19.60 -64.92 -10.33
N GLN F 11 -18.79 -64.64 -9.32
CA GLN F 11 -18.86 -63.39 -8.60
C GLN F 11 -17.47 -62.74 -8.57
N LEU F 12 -17.33 -61.69 -9.35
CA LEU F 12 -16.10 -60.91 -9.35
C LEU F 12 -15.76 -60.43 -7.94
N THR F 13 -14.53 -60.65 -7.52
CA THR F 13 -14.16 -60.41 -6.13
C THR F 13 -12.85 -59.63 -5.99
N TYR F 14 -12.86 -58.58 -5.16
CA TYR F 14 -11.66 -57.77 -4.91
C TYR F 14 -11.09 -57.95 -3.52
N VAL F 15 -9.77 -57.98 -3.43
CA VAL F 15 -9.10 -57.84 -2.16
C VAL F 15 -8.15 -56.63 -2.18
N THR F 16 -8.28 -55.79 -1.14
CA THR F 16 -7.55 -54.54 -0.98
C THR F 16 -6.58 -54.63 0.20
N ASP F 17 -5.28 -54.63 -0.06
CA ASP F 17 -4.27 -54.78 1.00
C ASP F 17 -3.84 -53.44 1.67
N LEU F 18 -4.42 -53.13 2.83
CA LEU F 18 -4.21 -51.87 3.54
C LEU F 18 -2.77 -51.73 4.04
N ASN F 19 -2.01 -52.83 3.97
CA ASN F 19 -0.59 -52.80 4.26
C ASN F 19 0.22 -52.11 3.16
N LYS F 20 -0.34 -52.05 1.96
CA LYS F 20 0.40 -51.60 0.78
C LYS F 20 -0.15 -50.31 0.19
N CYS F 21 -1.44 -50.05 0.42
CA CYS F 21 -2.05 -48.84 -0.08
C CYS F 21 -1.36 -47.59 0.47
N ILE F 22 -0.89 -46.71 -0.43
CA ILE F 22 -0.16 -45.50 -0.05
C ILE F 22 -0.99 -44.21 -0.20
N GLY F 23 -2.31 -44.36 -0.34
CA GLY F 23 -3.20 -43.22 -0.44
C GLY F 23 -2.90 -42.19 -1.53
N CYS F 24 -2.45 -42.65 -2.69
CA CYS F 24 -1.98 -41.75 -3.74
C CYS F 24 -3.11 -41.32 -4.70
N GLN F 25 -4.26 -41.96 -4.60
CA GLN F 25 -5.46 -41.57 -5.35
C GLN F 25 -5.41 -41.83 -6.85
N THR F 26 -4.38 -42.55 -7.32
CA THR F 26 -4.29 -42.88 -8.74
C THR F 26 -5.55 -43.64 -9.19
N CYS F 27 -6.05 -44.56 -8.37
CA CYS F 27 -7.25 -45.31 -8.75
C CYS F 27 -8.46 -44.40 -8.83
N THR F 28 -8.52 -43.41 -7.94
CA THR F 28 -9.61 -42.44 -7.95
C THR F 28 -9.65 -41.65 -9.26
N VAL F 29 -8.50 -41.14 -9.66
CA VAL F 29 -8.33 -40.39 -10.89
C VAL F 29 -8.60 -41.26 -12.13
N ALA F 30 -8.08 -42.49 -12.11
CA ALA F 30 -8.23 -43.37 -13.27
C ALA F 30 -9.70 -43.71 -13.51
N CYS F 31 -10.43 -44.06 -12.45
CA CYS F 31 -11.87 -44.26 -12.60
C CYS F 31 -12.57 -42.99 -13.08
N LYS F 32 -12.24 -41.84 -12.48
CA LYS F 32 -12.87 -40.58 -12.89
C LYS F 32 -12.74 -40.35 -14.39
N LYS F 33 -11.51 -40.48 -14.87
CA LYS F 33 -11.18 -40.15 -16.26
C LYS F 33 -11.73 -41.17 -17.25
N LEU F 34 -11.96 -42.39 -16.79
CA LEU F 34 -12.53 -43.41 -17.66
C LEU F 34 -14.06 -43.30 -17.71
N TRP F 35 -14.71 -43.19 -16.56
CA TRP F 35 -16.16 -43.37 -16.48
C TRP F 35 -16.99 -42.17 -16.07
N THR F 36 -16.45 -41.24 -15.29
CA THR F 36 -17.29 -40.18 -14.74
C THR F 36 -16.88 -38.75 -15.21
N THR F 37 -16.72 -38.60 -16.51
CA THR F 37 -16.45 -37.28 -17.06
C THR F 37 -17.66 -36.72 -17.79
N GLY F 38 -18.79 -37.40 -17.68
CA GLY F 38 -19.99 -36.98 -18.35
C GLY F 38 -20.79 -35.97 -17.56
N PRO F 39 -21.82 -35.39 -18.19
CA PRO F 39 -22.72 -34.39 -17.61
C PRO F 39 -23.24 -34.78 -16.23
N GLY F 40 -23.02 -33.92 -15.24
CA GLY F 40 -23.60 -34.10 -13.92
C GLY F 40 -22.79 -35.03 -13.04
N GLN F 41 -21.66 -35.50 -13.52
CA GLN F 41 -20.92 -36.49 -12.75
C GLN F 41 -19.71 -35.91 -12.01
N ASP F 42 -19.55 -34.60 -12.02
CA ASP F 42 -18.28 -34.06 -11.54
C ASP F 42 -18.06 -34.35 -10.05
N PHE F 43 -19.12 -34.36 -9.26
CA PHE F 43 -19.00 -34.66 -7.83
C PHE F 43 -18.86 -36.15 -7.52
N MET F 44 -19.07 -37.01 -8.50
CA MET F 44 -19.04 -38.47 -8.30
C MET F 44 -17.66 -39.07 -8.39
N TYR F 45 -17.29 -39.85 -7.38
CA TYR F 45 -16.04 -40.57 -7.39
C TYR F 45 -16.37 -42.03 -7.09
N TRP F 46 -16.56 -42.85 -8.14
CA TRP F 46 -17.03 -44.23 -7.96
C TRP F 46 -16.01 -44.98 -7.14
N ARG F 47 -14.75 -44.79 -7.52
CA ARG F 47 -13.61 -45.17 -6.70
C ARG F 47 -13.23 -43.95 -5.85
N ASN F 48 -13.02 -44.13 -4.54
CA ASN F 48 -12.43 -43.06 -3.74
C ASN F 48 -11.57 -43.67 -2.65
N VAL F 49 -10.68 -42.84 -2.09
CA VAL F 49 -9.76 -43.25 -1.04
C VAL F 49 -9.86 -42.26 0.10
N GLU F 50 -10.26 -42.77 1.27
CA GLU F 50 -10.43 -41.99 2.50
C GLU F 50 -9.32 -42.29 3.49
N THR F 51 -8.90 -41.25 4.21
CA THR F 51 -8.05 -41.40 5.36
C THR F 51 -8.90 -42.01 6.48
N ALA F 52 -8.36 -43.00 7.19
CA ALA F 52 -9.07 -43.63 8.31
C ALA F 52 -8.26 -43.45 9.59
N PRO F 53 -8.90 -42.95 10.66
CA PRO F 53 -10.30 -42.53 10.70
C PRO F 53 -10.50 -41.16 10.06
N GLY F 54 -11.73 -40.89 9.61
CA GLY F 54 -12.13 -39.60 9.07
C GLY F 54 -13.63 -39.55 8.80
N LEU F 55 -14.09 -38.45 8.18
CA LEU F 55 -15.49 -38.33 7.76
C LEU F 55 -15.87 -39.22 6.57
N GLY F 56 -14.86 -39.53 5.76
CA GLY F 56 -15.06 -40.26 4.52
C GLY F 56 -15.86 -39.52 3.47
N TYR F 57 -16.20 -40.19 2.39
CA TYR F 57 -16.90 -39.57 1.28
C TYR F 57 -18.20 -40.32 0.93
N PRO F 58 -19.36 -39.68 1.09
CA PRO F 58 -19.63 -38.37 1.66
C PRO F 58 -19.42 -38.35 3.17
N ARG F 59 -19.35 -37.14 3.72
CA ARG F 59 -19.17 -36.93 5.16
C ARG F 59 -20.10 -37.80 5.97
N ASN F 60 -19.53 -38.60 6.88
CA ASN F 60 -20.32 -39.40 7.82
C ASN F 60 -21.16 -40.49 7.19
N TRP F 61 -20.72 -41.00 6.05
CA TRP F 61 -21.47 -42.03 5.36
C TRP F 61 -21.63 -43.29 6.23
N GLN F 62 -20.74 -43.48 7.20
CA GLN F 62 -20.78 -44.67 8.04
C GLN F 62 -21.97 -44.69 9.01
N THR F 63 -22.81 -43.65 9.01
CA THR F 63 -24.01 -43.60 9.84
C THR F 63 -25.16 -43.07 9.05
N LYS F 64 -24.99 -43.09 7.74
CA LYS F 64 -26.04 -42.71 6.82
C LYS F 64 -27.25 -43.66 6.86
N GLY F 65 -27.04 -44.89 7.31
CA GLY F 65 -28.10 -45.88 7.39
C GLY F 65 -28.41 -46.65 6.09
N GLY F 66 -29.09 -47.79 6.25
CA GLY F 66 -29.44 -48.64 5.12
C GLY F 66 -28.92 -50.07 5.24
N GLY F 67 -29.13 -50.85 4.17
CA GLY F 67 -28.82 -52.27 4.19
C GLY F 67 -29.82 -53.18 4.88
N TYR F 68 -29.31 -54.23 5.53
CA TYR F 68 -30.21 -55.19 6.16
C TYR F 68 -30.00 -55.25 7.67
N LYS F 69 -31.09 -55.00 8.42
CA LYS F 69 -31.10 -55.32 9.84
C LYS F 69 -31.99 -56.54 10.01
N ASN F 70 -31.37 -57.64 10.43
CA ASN F 70 -32.02 -58.94 10.54
C ASN F 70 -32.84 -59.29 9.29
N GLY F 71 -32.22 -59.15 8.12
CA GLY F 71 -32.84 -59.52 6.87
C GLY F 71 -33.98 -58.65 6.38
N GLU F 72 -34.22 -57.52 7.04
CA GLU F 72 -35.19 -56.55 6.53
C GLU F 72 -34.50 -55.35 5.87
N LEU F 73 -35.02 -54.93 4.73
CA LEU F 73 -34.42 -53.84 3.97
C LEU F 73 -34.64 -52.52 4.68
N GLN F 74 -33.55 -51.79 4.92
CA GLN F 74 -33.61 -50.50 5.62
C GLN F 74 -33.61 -49.31 4.67
N LYS F 75 -34.37 -48.28 5.03
CA LYS F 75 -34.36 -47.01 4.30
C LYS F 75 -33.52 -45.98 5.05
N GLY F 76 -32.33 -45.70 4.54
CA GLY F 76 -31.45 -44.70 5.12
C GLY F 76 -31.64 -43.28 4.58
N LYS F 77 -30.69 -42.42 4.90
CA LYS F 77 -30.72 -41.03 4.47
C LYS F 77 -30.22 -40.88 3.01
N ILE F 78 -30.73 -39.86 2.33
CA ILE F 78 -30.08 -39.39 1.10
C ILE F 78 -29.11 -38.28 1.45
N PRO F 79 -27.81 -38.52 1.30
CA PRO F 79 -26.81 -37.50 1.61
C PRO F 79 -27.02 -36.20 0.82
N PRO F 80 -27.00 -35.07 1.52
CA PRO F 80 -27.08 -33.80 0.78
C PRO F 80 -25.79 -33.58 -0.03
N MET F 81 -25.89 -32.72 -1.03
CA MET F 81 -24.80 -32.46 -1.96
C MET F 81 -23.55 -31.90 -1.25
N ILE F 82 -23.74 -31.08 -0.22
CA ILE F 82 -22.60 -30.49 0.47
C ILE F 82 -21.78 -31.57 1.17
N ASP F 83 -22.41 -32.68 1.49
CA ASP F 83 -21.67 -33.75 2.13
C ASP F 83 -20.76 -34.42 1.13
N TYR F 84 -21.09 -34.35 -0.16
CA TYR F 84 -20.19 -34.83 -1.22
C TYR F 84 -19.04 -33.86 -1.49
N GLY F 85 -19.33 -32.56 -1.29
CA GLY F 85 -18.42 -31.51 -1.65
C GLY F 85 -18.85 -30.94 -2.98
N ILE F 86 -19.23 -29.67 -3.01
CA ILE F 86 -19.45 -29.00 -4.29
C ILE F 86 -18.07 -28.95 -4.99
N PRO F 87 -17.98 -29.51 -6.21
CA PRO F 87 -16.67 -29.56 -6.90
C PRO F 87 -16.14 -28.17 -7.24
N PHE F 88 -14.96 -27.83 -6.73
CA PHE F 88 -14.43 -26.49 -6.88
C PHE F 88 -14.29 -26.08 -8.34
N GLU F 89 -14.71 -24.85 -8.64
CA GLU F 89 -14.44 -24.21 -9.93
C GLU F 89 -13.54 -22.97 -9.80
N PHE F 90 -12.84 -22.65 -10.88
CA PHE F 90 -11.79 -21.64 -10.89
C PHE F 90 -11.84 -20.79 -12.15
N ASP F 91 -11.58 -19.49 -12.04
CA ASP F 91 -11.51 -18.64 -13.22
C ASP F 91 -10.06 -18.40 -13.64
N TYR F 92 -9.42 -19.41 -14.20
CA TYR F 92 -8.03 -19.25 -14.62
C TYR F 92 -7.86 -18.30 -15.83
N ALA F 93 -8.77 -18.39 -16.80
CA ALA F 93 -8.73 -17.55 -18.01
C ALA F 93 -8.66 -16.07 -17.63
N GLY F 94 -9.52 -15.67 -16.70
CA GLY F 94 -9.58 -14.29 -16.26
C GLY F 94 -8.25 -13.71 -15.80
N ARG F 95 -7.58 -14.41 -14.89
CA ARG F 95 -6.33 -13.94 -14.28
C ARG F 95 -5.10 -14.18 -15.19
N LEU F 96 -5.08 -15.28 -15.92
CA LEU F 96 -3.87 -15.64 -16.65
C LEU F 96 -3.80 -15.02 -18.04
N PHE F 97 -4.97 -14.83 -18.68
CA PHE F 97 -5.03 -14.32 -20.05
C PHE F 97 -5.79 -13.01 -20.25
N GLU F 98 -6.58 -12.57 -19.27
CA GLU F 98 -7.47 -11.42 -19.53
C GLU F 98 -7.26 -10.22 -18.61
N GLY F 99 -6.23 -10.25 -17.79
CA GLY F 99 -5.89 -9.11 -16.96
C GLY F 99 -6.78 -8.76 -15.77
N LYS F 100 -7.63 -9.69 -15.35
CA LYS F 100 -8.39 -9.53 -14.11
C LYS F 100 -7.45 -9.54 -12.91
N PRO F 101 -7.60 -8.59 -11.98
CA PRO F 101 -6.76 -8.77 -10.79
C PRO F 101 -7.43 -9.79 -9.87
N GLY F 102 -6.71 -10.30 -8.88
CA GLY F 102 -7.33 -11.21 -7.92
C GLY F 102 -6.87 -12.63 -8.07
N ARG F 103 -6.64 -13.32 -6.97
CA ARG F 103 -6.19 -14.71 -7.00
C ARG F 103 -7.23 -15.60 -7.70
N VAL F 104 -6.81 -16.78 -8.18
CA VAL F 104 -7.80 -17.69 -8.74
C VAL F 104 -8.31 -18.59 -7.63
N ARG F 105 -9.20 -18.02 -6.82
CA ARG F 105 -9.82 -18.68 -5.68
C ARG F 105 -10.75 -19.84 -6.09
N PRO F 106 -10.85 -20.88 -5.25
CA PRO F 106 -11.89 -21.90 -5.48
C PRO F 106 -13.26 -21.31 -5.17
N SER F 107 -14.29 -21.84 -5.84
CA SER F 107 -15.67 -21.45 -5.58
C SER F 107 -16.46 -22.71 -5.56
N PRO F 108 -17.19 -22.96 -4.48
CA PRO F 108 -17.41 -22.09 -3.32
C PRO F 108 -16.26 -22.04 -2.35
N THR F 109 -16.37 -21.12 -1.41
CA THR F 109 -15.60 -21.13 -0.18
C THR F 109 -15.41 -22.57 0.29
N PRO F 110 -14.15 -23.02 0.42
CA PRO F 110 -13.94 -24.41 0.81
C PRO F 110 -14.39 -24.77 2.24
N ARG F 111 -15.29 -25.75 2.33
CA ARG F 111 -15.78 -26.26 3.60
C ARG F 111 -15.86 -27.79 3.65
N SER F 112 -16.17 -28.39 2.50
CA SER F 112 -16.25 -29.84 2.38
C SER F 112 -15.69 -30.29 1.03
N ALA F 113 -15.30 -31.55 0.95
CA ALA F 113 -14.62 -32.14 -0.20
C ALA F 113 -14.31 -33.62 0.09
N PRO F 114 -14.19 -34.46 -0.95
CA PRO F 114 -14.10 -35.91 -0.75
C PRO F 114 -12.93 -36.38 0.10
N ASN F 115 -11.80 -35.68 0.01
CA ASN F 115 -10.57 -36.03 0.70
C ASN F 115 -10.17 -34.92 1.69
N TRP F 116 -11.18 -34.25 2.27
CA TRP F 116 -10.97 -33.08 3.11
C TRP F 116 -9.99 -33.30 4.29
N ASP F 117 -10.08 -34.45 4.96
CA ASP F 117 -9.31 -34.62 6.19
C ASP F 117 -8.13 -35.58 6.01
N GLU F 118 -7.53 -35.53 4.84
CA GLU F 118 -6.44 -36.42 4.50
C GLU F 118 -5.32 -36.29 5.54
N ASP F 119 -4.89 -37.44 6.06
CA ASP F 119 -3.70 -37.53 6.91
C ASP F 119 -3.86 -36.83 8.25
N GLN F 120 -5.08 -36.51 8.62
CA GLN F 120 -5.34 -35.96 9.95
C GLN F 120 -5.52 -37.09 10.99
N GLY F 121 -6.55 -37.93 10.80
CA GLY F 121 -6.79 -39.07 11.66
C GLY F 121 -7.21 -38.78 13.10
N ALA F 122 -6.47 -39.37 14.05
CA ALA F 122 -6.76 -39.26 15.49
C ALA F 122 -5.53 -39.57 16.33
N GLY F 123 -5.56 -39.12 17.58
CA GLY F 123 -4.47 -39.36 18.51
C GLY F 123 -3.50 -38.20 18.52
N GLU F 124 -2.89 -37.94 19.67
CA GLU F 124 -2.01 -36.81 19.81
C GLU F 124 -0.55 -37.25 19.70
N TYR F 125 0.29 -36.37 19.19
CA TYR F 125 1.71 -36.61 19.05
C TYR F 125 2.29 -37.07 20.39
N PRO F 126 3.11 -38.12 20.40
CA PRO F 126 3.72 -38.79 19.23
C PRO F 126 2.97 -40.08 18.90
N ASN F 127 1.67 -40.05 19.11
CA ASN F 127 0.85 -41.22 18.84
C ASN F 127 -0.35 -40.92 17.96
N ASN F 128 -0.21 -39.91 17.10
CA ASN F 128 -1.17 -39.70 16.02
C ASN F 128 -1.12 -40.93 15.13
N SER F 129 -2.28 -41.37 14.65
CA SER F 129 -2.33 -42.49 13.71
C SER F 129 -3.43 -42.35 12.64
N PHE F 130 -3.09 -42.75 11.42
CA PHE F 130 -4.10 -42.89 10.35
C PHE F 130 -3.62 -43.94 9.37
N PHE F 131 -4.50 -44.35 8.46
CA PHE F 131 -4.13 -45.09 7.26
C PHE F 131 -5.18 -44.84 6.19
N TYR F 132 -5.05 -45.50 5.02
CA TYR F 132 -5.93 -45.24 3.88
C TYR F 132 -6.94 -46.33 3.58
N LEU F 133 -8.14 -45.91 3.18
CA LEU F 133 -9.25 -46.83 2.93
C LEU F 133 -9.90 -46.60 1.55
N PRO F 134 -9.44 -47.37 0.55
CA PRO F 134 -10.00 -47.27 -0.79
C PRO F 134 -11.35 -47.93 -0.80
N ARG F 135 -12.34 -47.33 -1.47
CA ARG F 135 -13.70 -47.84 -1.51
C ARG F 135 -14.28 -47.72 -2.90
N MET F 136 -15.41 -48.37 -3.10
CA MET F 136 -16.03 -48.55 -4.40
C MET F 136 -17.34 -49.28 -4.11
N CYS F 137 -18.19 -49.45 -5.12
CA CYS F 137 -19.32 -50.36 -5.00
C CYS F 137 -18.82 -51.78 -4.69
N ASN F 138 -19.49 -52.47 -3.77
CA ASN F 138 -19.02 -53.80 -3.35
C ASN F 138 -19.63 -54.97 -4.10
N HIS F 139 -20.50 -54.67 -5.06
CA HIS F 139 -21.18 -55.67 -5.89
C HIS F 139 -21.61 -56.84 -5.02
N CYS F 140 -22.43 -56.48 -4.05
CA CYS F 140 -22.86 -57.35 -2.98
C CYS F 140 -23.67 -58.56 -3.45
N THR F 141 -23.51 -59.68 -2.74
CA THR F 141 -24.34 -60.87 -3.02
C THR F 141 -25.74 -60.62 -2.47
N LYS F 142 -25.85 -59.77 -1.45
CA LYS F 142 -27.15 -59.28 -0.98
C LYS F 142 -27.30 -57.76 -1.17
N PRO F 143 -27.44 -57.32 -2.44
CA PRO F 143 -27.47 -55.89 -2.71
C PRO F 143 -28.79 -55.19 -2.38
N ALA F 144 -28.70 -54.34 -1.36
CA ALA F 144 -29.81 -53.54 -0.86
C ALA F 144 -30.36 -52.56 -1.91
N CYS F 145 -29.46 -52.01 -2.72
CA CYS F 145 -29.85 -51.06 -3.75
C CYS F 145 -30.81 -51.72 -4.73
N LEU F 146 -30.45 -52.92 -5.16
CA LEU F 146 -31.22 -53.68 -6.13
C LEU F 146 -32.64 -53.96 -5.61
N GLU F 147 -32.72 -54.52 -4.40
CA GLU F 147 -34.04 -54.77 -3.82
C GLU F 147 -34.82 -53.49 -3.65
N ALA F 148 -34.16 -52.40 -3.29
CA ALA F 148 -34.87 -51.15 -3.03
C ALA F 148 -35.48 -50.53 -4.28
N CYS F 149 -34.86 -50.75 -5.44
CA CYS F 149 -35.29 -50.06 -6.66
C CYS F 149 -36.68 -50.48 -7.18
N PRO F 150 -37.64 -49.54 -7.13
CA PRO F 150 -39.05 -49.74 -7.48
C PRO F 150 -39.32 -49.75 -8.97
N ASN F 151 -38.26 -49.62 -9.77
CA ASN F 151 -38.44 -49.62 -11.21
C ASN F 151 -37.63 -50.76 -11.76
N GLU F 152 -37.10 -51.58 -10.83
CA GLU F 152 -36.22 -52.68 -11.17
C GLU F 152 -35.21 -52.26 -12.25
N ALA F 153 -34.49 -51.19 -11.97
CA ALA F 153 -33.56 -50.65 -12.92
C ALA F 153 -32.15 -51.15 -12.60
N ILE F 154 -31.99 -51.73 -11.43
CA ILE F 154 -30.70 -52.26 -11.03
C ILE F 154 -30.67 -53.78 -11.20
N TYR F 155 -29.64 -54.30 -11.88
CA TYR F 155 -29.53 -55.74 -12.12
C TYR F 155 -28.16 -56.29 -11.75
N LYS F 156 -28.11 -57.58 -11.44
CA LYS F 156 -26.86 -58.24 -11.08
C LYS F 156 -26.46 -59.20 -12.19
N ARG F 157 -25.45 -58.85 -12.97
CA ARG F 157 -25.05 -59.63 -14.15
C ARG F 157 -24.80 -61.08 -13.79
N GLU F 158 -25.48 -61.98 -14.50
CA GLU F 158 -25.31 -63.40 -14.18
C GLU F 158 -23.89 -63.92 -14.43
N GLN F 159 -23.15 -63.26 -15.32
CA GLN F 159 -21.84 -63.75 -15.74
C GLN F 159 -20.69 -63.51 -14.74
N ASP F 160 -20.72 -62.37 -14.04
CA ASP F 160 -19.61 -62.02 -13.16
C ASP F 160 -20.11 -61.46 -11.82
N GLY F 161 -21.42 -61.33 -11.69
CA GLY F 161 -22.01 -60.86 -10.45
C GLY F 161 -21.80 -59.38 -10.21
N ILE F 162 -21.51 -58.67 -11.29
CA ILE F 162 -21.32 -57.24 -11.25
C ILE F 162 -22.68 -56.56 -11.22
N VAL F 163 -22.89 -55.68 -10.24
CA VAL F 163 -24.14 -54.93 -10.11
C VAL F 163 -24.08 -53.65 -10.92
N VAL F 164 -25.11 -53.44 -11.75
CA VAL F 164 -25.13 -52.38 -12.74
C VAL F 164 -26.46 -51.65 -12.71
N ILE F 165 -26.44 -50.33 -12.85
CA ILE F 165 -27.67 -49.57 -12.91
C ILE F 165 -28.05 -49.24 -14.35
N HIS F 166 -29.01 -50.00 -14.88
CA HIS F 166 -29.54 -49.79 -16.21
C HIS F 166 -30.08 -48.36 -16.37
N GLN F 167 -29.40 -47.54 -17.17
CA GLN F 167 -29.74 -46.12 -17.28
C GLN F 167 -31.02 -45.79 -18.05
N ASP F 168 -31.55 -46.71 -18.87
CA ASP F 168 -32.82 -46.44 -19.57
C ASP F 168 -34.00 -46.84 -18.73
N LYS F 169 -33.76 -47.73 -17.78
CA LYS F 169 -34.79 -48.18 -16.87
C LYS F 169 -34.90 -47.24 -15.67
N CYS F 170 -33.80 -46.58 -15.31
CA CYS F 170 -33.82 -45.74 -14.12
C CYS F 170 -34.68 -44.49 -14.30
N LYS F 171 -35.54 -44.23 -13.32
CA LYS F 171 -36.49 -43.12 -13.41
C LYS F 171 -36.17 -42.10 -12.34
N GLY F 172 -35.09 -42.34 -11.60
CA GLY F 172 -34.60 -41.43 -10.58
C GLY F 172 -35.37 -41.46 -9.27
N ALA F 173 -35.70 -42.65 -8.79
CA ALA F 173 -36.49 -42.77 -7.56
C ALA F 173 -35.64 -42.56 -6.31
N GLN F 174 -34.35 -42.85 -6.41
CA GLN F 174 -33.33 -42.59 -5.37
C GLN F 174 -33.46 -43.47 -4.12
N ALA F 175 -34.26 -44.53 -4.22
CA ALA F 175 -34.38 -45.47 -3.12
C ALA F 175 -33.08 -46.27 -2.96
N CYS F 176 -32.35 -46.43 -4.07
CA CYS F 176 -31.05 -47.12 -4.01
C CYS F 176 -30.10 -46.31 -3.16
N VAL F 177 -30.18 -44.99 -3.30
CA VAL F 177 -29.36 -44.07 -2.52
C VAL F 177 -29.73 -44.17 -1.05
N GLN F 178 -31.03 -44.25 -0.77
CA GLN F 178 -31.45 -44.49 0.61
C GLN F 178 -30.92 -45.82 1.16
N SER F 179 -31.07 -46.90 0.40
CA SER F 179 -30.91 -48.19 1.04
C SER F 179 -29.49 -48.71 0.99
N CYS F 180 -28.63 -48.11 0.17
CA CYS F 180 -27.22 -48.54 0.17
C CYS F 180 -26.47 -47.98 1.37
N PRO F 181 -26.02 -48.86 2.26
CA PRO F 181 -25.36 -48.39 3.47
C PRO F 181 -23.91 -47.89 3.23
N TYR F 182 -23.38 -48.07 2.02
CA TYR F 182 -21.98 -47.73 1.68
C TYR F 182 -21.82 -46.39 0.95
N ALA F 183 -22.95 -45.84 0.53
CA ALA F 183 -23.10 -44.52 -0.05
C ALA F 183 -22.59 -44.45 -1.50
N LYS F 184 -22.69 -45.56 -2.20
CA LYS F 184 -22.02 -45.69 -3.51
C LYS F 184 -22.86 -45.49 -4.80
N PRO F 185 -24.20 -45.44 -4.71
CA PRO F 185 -24.94 -44.85 -5.84
C PRO F 185 -25.05 -43.33 -5.75
N TYR F 186 -24.83 -42.60 -6.83
CA TYR F 186 -24.91 -41.14 -6.79
C TYR F 186 -26.03 -40.64 -7.66
N PHE F 187 -26.92 -39.84 -7.09
CA PHE F 187 -27.96 -39.24 -7.91
C PHE F 187 -27.37 -38.14 -8.80
N ASN F 188 -27.54 -38.28 -10.11
CA ASN F 188 -27.13 -37.29 -11.09
C ASN F 188 -28.27 -36.31 -11.32
N PRO F 189 -28.13 -35.06 -10.81
CA PRO F 189 -29.26 -34.13 -10.82
C PRO F 189 -29.48 -33.49 -12.19
N LEU F 190 -28.58 -33.71 -13.15
CA LEU F 190 -28.78 -33.14 -14.48
C LEU F 190 -29.58 -34.11 -15.35
N THR F 191 -29.32 -35.42 -15.20
CA THR F 191 -30.06 -36.45 -15.93
C THR F 191 -31.15 -37.17 -15.14
N ASN F 192 -31.29 -36.85 -13.87
CA ASN F 192 -32.24 -37.51 -12.98
C ASN F 192 -32.10 -39.00 -12.92
N LYS F 193 -30.89 -39.49 -12.74
CA LYS F 193 -30.65 -40.92 -12.75
C LYS F 193 -29.58 -41.25 -11.75
N ALA F 194 -29.61 -42.45 -11.20
CA ALA F 194 -28.51 -42.86 -10.35
C ALA F 194 -27.34 -43.30 -11.22
N ASN F 195 -26.12 -42.89 -10.88
CA ASN F 195 -24.92 -43.45 -11.53
C ASN F 195 -24.09 -44.15 -10.50
N LYS F 196 -23.45 -45.24 -10.89
CA LYS F 196 -22.47 -45.82 -9.98
C LYS F 196 -21.53 -46.74 -10.68
N CYS F 197 -20.54 -47.16 -9.91
CA CYS F 197 -19.55 -48.11 -10.33
C CYS F 197 -20.14 -49.27 -11.15
N ILE F 198 -19.52 -49.57 -12.29
CA ILE F 198 -19.97 -50.66 -13.17
C ILE F 198 -18.99 -51.83 -13.13
N GLY F 199 -18.21 -51.91 -12.05
CA GLY F 199 -17.16 -52.91 -11.92
C GLY F 199 -16.31 -53.10 -13.19
N CYS F 200 -16.14 -52.01 -13.94
CA CYS F 200 -15.36 -52.04 -15.18
C CYS F 200 -15.74 -53.23 -16.09
N PHE F 201 -17.03 -53.54 -16.21
CA PHE F 201 -17.39 -54.78 -16.89
C PHE F 201 -16.87 -54.83 -18.38
N PRO F 202 -16.77 -53.67 -19.07
CA PRO F 202 -16.23 -53.83 -20.44
C PRO F 202 -14.77 -54.27 -20.45
N ARG F 203 -14.03 -53.96 -19.40
CA ARG F 203 -12.66 -54.44 -19.31
C ARG F 203 -12.62 -55.94 -18.95
N ILE F 204 -13.44 -56.30 -17.96
CA ILE F 204 -13.61 -57.68 -17.50
C ILE F 204 -14.05 -58.57 -18.66
N GLU F 205 -14.93 -58.05 -19.51
CA GLU F 205 -15.42 -58.84 -20.63
C GLU F 205 -14.30 -59.16 -21.62
N GLN F 206 -13.18 -58.44 -21.50
CA GLN F 206 -12.07 -58.59 -22.44
C GLN F 206 -10.83 -59.16 -21.81
N GLY F 207 -10.97 -59.75 -20.63
CA GLY F 207 -9.80 -60.34 -19.99
C GLY F 207 -8.80 -59.32 -19.45
N VAL F 208 -9.30 -58.13 -19.09
CA VAL F 208 -8.51 -57.05 -18.50
C VAL F 208 -9.04 -56.60 -17.12
N ALA F 209 -8.11 -56.44 -16.17
CA ALA F 209 -8.46 -56.01 -14.82
C ALA F 209 -9.13 -54.62 -14.83
N PRO F 210 -10.02 -54.38 -13.86
CA PRO F 210 -10.61 -53.06 -13.72
C PRO F 210 -9.53 -51.97 -13.56
N ALA F 211 -9.90 -50.72 -13.83
CA ALA F 211 -8.90 -49.64 -13.87
C ALA F 211 -8.22 -49.45 -12.51
N CYS F 212 -9.04 -49.53 -11.46
CA CYS F 212 -8.56 -49.31 -10.11
C CYS F 212 -7.71 -50.46 -9.63
N VAL F 213 -7.81 -51.60 -10.30
CA VAL F 213 -6.92 -52.72 -10.01
C VAL F 213 -5.69 -52.64 -10.88
N ALA F 214 -5.89 -52.51 -12.19
CA ALA F 214 -4.78 -52.54 -13.16
C ALA F 214 -3.75 -51.44 -12.95
N GLN F 215 -4.23 -50.29 -12.49
CA GLN F 215 -3.42 -49.09 -12.40
C GLN F 215 -3.02 -48.75 -10.96
N CYS F 216 -3.23 -49.69 -10.05
CA CYS F 216 -2.91 -49.43 -8.66
C CYS F 216 -1.42 -49.36 -8.48
N VAL F 217 -0.92 -48.16 -8.16
CA VAL F 217 0.52 -47.88 -8.08
C VAL F 217 1.19 -48.52 -6.86
N GLY F 218 0.42 -48.61 -5.77
CA GLY F 218 0.94 -49.22 -4.56
C GLY F 218 1.07 -50.73 -4.64
N ARG F 219 0.42 -51.32 -5.65
CA ARG F 219 0.41 -52.77 -5.93
C ARG F 219 -0.29 -53.47 -4.79
N ALA F 220 -1.50 -52.99 -4.51
CA ALA F 220 -2.21 -53.35 -3.30
C ALA F 220 -3.57 -53.94 -3.61
N MET F 221 -3.92 -53.94 -4.89
CA MET F 221 -5.21 -54.43 -5.31
C MET F 221 -5.11 -55.84 -5.95
N HIS F 222 -6.04 -56.72 -5.57
CA HIS F 222 -6.18 -58.05 -6.17
C HIS F 222 -7.58 -58.15 -6.74
N VAL F 223 -7.74 -58.94 -7.80
CA VAL F 223 -9.07 -59.16 -8.35
C VAL F 223 -9.10 -60.50 -9.06
N GLY F 224 -10.28 -61.09 -9.10
CA GLY F 224 -10.48 -62.42 -9.67
C GLY F 224 -11.86 -62.92 -9.32
N PHE F 225 -12.10 -64.21 -9.54
CA PHE F 225 -13.36 -64.82 -9.11
C PHE F 225 -13.10 -65.79 -7.97
N VAL F 226 -13.99 -65.76 -6.99
CA VAL F 226 -13.74 -66.46 -5.75
C VAL F 226 -13.82 -67.96 -5.99
N ASP F 227 -14.53 -68.37 -7.05
CA ASP F 227 -14.61 -69.78 -7.44
C ASP F 227 -13.25 -70.32 -7.96
N ASP F 228 -12.37 -69.42 -8.39
CA ASP F 228 -11.07 -69.82 -8.91
C ASP F 228 -10.14 -70.11 -7.74
N VAL F 229 -9.86 -71.39 -7.49
CA VAL F 229 -9.15 -71.76 -6.27
C VAL F 229 -7.69 -71.35 -6.32
N ASN F 230 -7.24 -70.76 -7.42
CA ASN F 230 -5.82 -70.41 -7.54
C ASN F 230 -5.61 -68.92 -7.77
N SER F 231 -6.71 -68.16 -7.66
CA SER F 231 -6.60 -66.70 -7.62
C SER F 231 -6.04 -66.25 -6.28
N SER F 232 -5.47 -65.06 -6.24
CA SER F 232 -4.93 -64.58 -4.98
C SER F 232 -6.08 -64.28 -4.02
N VAL F 233 -7.21 -63.81 -4.56
CA VAL F 233 -8.35 -63.46 -3.73
C VAL F 233 -8.87 -64.67 -2.93
N TYR F 234 -9.19 -65.77 -3.61
CA TYR F 234 -9.53 -67.02 -2.92
C TYR F 234 -8.53 -67.34 -1.81
N LYS F 235 -7.25 -67.39 -2.15
CA LYS F 235 -6.23 -67.71 -1.16
C LYS F 235 -6.20 -66.78 0.06
N LEU F 236 -6.64 -65.54 -0.10
CA LEU F 236 -6.53 -64.57 1.00
C LEU F 236 -7.86 -64.56 1.73
N ILE F 237 -8.94 -64.77 1.00
CA ILE F 237 -10.26 -64.83 1.61
C ILE F 237 -10.58 -66.22 2.22
N LYS F 238 -10.50 -67.28 1.42
CA LYS F 238 -11.00 -68.61 1.84
C LYS F 238 -9.92 -69.54 2.43
N GLN F 239 -8.67 -69.30 2.10
CA GLN F 239 -7.61 -70.19 2.54
C GLN F 239 -6.93 -69.65 3.79
N TYR F 240 -6.21 -68.53 3.63
CA TYR F 240 -5.48 -67.94 4.75
C TYR F 240 -6.39 -67.13 5.64
N LYS F 241 -7.62 -66.89 5.19
CA LYS F 241 -8.64 -66.23 6.00
C LYS F 241 -8.16 -64.88 6.57
N VAL F 242 -7.46 -64.07 5.77
CA VAL F 242 -6.96 -62.78 6.28
C VAL F 242 -7.53 -61.58 5.52
N ALA F 243 -8.66 -61.76 4.86
CA ALA F 243 -9.30 -60.67 4.14
C ALA F 243 -10.76 -60.50 4.52
N LEU F 244 -11.09 -59.30 5.02
CA LEU F 244 -12.37 -59.06 5.68
C LEU F 244 -13.22 -58.02 4.96
N PRO F 245 -14.51 -58.29 4.81
CA PRO F 245 -15.37 -57.28 4.20
C PRO F 245 -15.54 -56.09 5.14
N LEU F 246 -15.95 -54.96 4.58
CA LEU F 246 -16.03 -53.72 5.34
C LEU F 246 -17.45 -53.54 5.83
N HIS F 247 -17.58 -53.32 7.14
CA HIS F 247 -18.90 -53.24 7.80
C HIS F 247 -19.82 -54.44 7.48
N PRO F 248 -19.42 -55.67 7.89
CA PRO F 248 -20.24 -56.86 7.57
C PRO F 248 -21.65 -56.78 8.17
N GLU F 249 -21.72 -56.05 9.27
CA GLU F 249 -22.96 -55.89 10.00
C GLU F 249 -24.07 -55.19 9.21
N PHE F 250 -23.75 -54.57 8.07
CA PHE F 250 -24.82 -53.96 7.24
C PHE F 250 -25.65 -55.02 6.51
N GLY F 251 -25.18 -56.26 6.54
CA GLY F 251 -25.86 -57.37 5.91
C GLY F 251 -26.03 -57.35 4.40
N THR F 252 -25.04 -56.87 3.65
CA THR F 252 -25.14 -56.93 2.19
C THR F 252 -24.19 -57.98 1.64
N GLU F 253 -23.26 -58.44 2.48
CA GLU F 253 -22.23 -59.41 2.10
C GLU F 253 -21.37 -58.91 0.93
N PRO F 254 -20.50 -57.92 1.21
CA PRO F 254 -19.62 -57.30 0.20
C PRO F 254 -18.72 -58.29 -0.51
N ASN F 255 -18.42 -58.03 -1.77
CA ASN F 255 -17.44 -58.86 -2.46
C ASN F 255 -16.11 -58.13 -2.66
N VAL F 256 -15.98 -57.01 -1.94
CA VAL F 256 -14.72 -56.34 -1.77
C VAL F 256 -14.19 -56.59 -0.35
N PHE F 257 -12.98 -57.11 -0.23
CA PHE F 257 -12.45 -57.52 1.07
C PHE F 257 -11.13 -56.78 1.32
N TYR F 258 -10.71 -56.68 2.59
CA TYR F 258 -9.54 -55.90 2.97
C TYR F 258 -8.56 -56.69 3.83
N VAL F 259 -7.27 -56.54 3.59
CA VAL F 259 -6.28 -57.10 4.49
C VAL F 259 -5.88 -56.02 5.47
N PRO F 260 -6.28 -56.17 6.75
CA PRO F 260 -6.07 -55.11 7.73
C PRO F 260 -4.59 -54.80 7.94
N PRO F 261 -4.25 -53.54 8.21
CA PRO F 261 -2.85 -53.16 8.32
C PRO F 261 -2.19 -53.80 9.52
N VAL F 262 -1.08 -54.50 9.29
CA VAL F 262 -0.33 -55.11 10.36
C VAL F 262 1.02 -54.41 10.50
N LEU F 263 1.51 -53.81 9.41
CA LEU F 263 2.70 -52.95 9.44
C LEU F 263 2.46 -51.66 10.23
N GLY F 264 3.55 -51.01 10.63
CA GLY F 264 3.43 -49.75 11.33
C GLY F 264 4.10 -49.76 12.70
N PRO F 265 4.47 -48.58 13.19
CA PRO F 265 5.23 -48.41 14.43
C PRO F 265 4.36 -48.69 15.67
N ARG F 266 5.01 -48.80 16.82
CA ARG F 266 4.29 -49.06 18.08
C ARG F 266 3.92 -47.76 18.81
N ILE F 267 3.06 -47.89 19.81
CA ILE F 267 2.81 -46.79 20.73
C ILE F 267 4.11 -46.29 21.40
N GLU F 268 4.31 -44.98 21.41
CA GLU F 268 5.41 -44.38 22.17
C GLU F 268 4.95 -43.95 23.58
N MET F 269 5.74 -44.27 24.61
CA MET F 269 5.36 -43.96 25.99
C MET F 269 6.03 -42.69 26.45
N ALA F 270 5.67 -42.22 27.66
CA ALA F 270 6.17 -40.96 28.18
C ALA F 270 7.70 -40.85 28.21
N ASN F 271 8.38 -41.97 28.39
CA ASN F 271 9.84 -41.96 28.49
C ASN F 271 10.51 -42.17 27.14
N GLY F 272 9.70 -42.15 26.09
CA GLY F 272 10.19 -42.19 24.72
C GLY F 272 10.48 -43.60 24.23
N GLU F 273 10.03 -44.59 24.99
CA GLU F 273 10.29 -45.98 24.66
C GLU F 273 8.98 -46.63 24.21
N PRO F 274 9.07 -47.70 23.41
CA PRO F 274 7.91 -48.34 22.79
C PRO F 274 7.08 -49.26 23.69
N SER F 275 5.77 -49.19 23.51
CA SER F 275 4.83 -50.17 24.02
C SER F 275 4.82 -51.40 23.11
N THR F 276 3.86 -52.31 23.32
CA THR F 276 3.68 -53.46 22.47
C THR F 276 2.49 -53.23 21.56
N ASP F 277 1.69 -52.25 21.94
CA ASP F 277 0.53 -51.87 21.14
C ASP F 277 0.90 -51.12 19.85
N PRO F 278 0.06 -51.26 18.83
CA PRO F 278 0.27 -50.53 17.57
C PRO F 278 -0.27 -49.10 17.66
N LYS F 279 0.32 -48.16 16.92
CA LYS F 279 -0.26 -46.82 16.87
C LYS F 279 -1.65 -46.89 16.28
N ILE F 280 -1.92 -47.86 15.40
CA ILE F 280 -3.30 -48.06 14.90
C ILE F 280 -4.09 -48.89 15.90
N PRO F 281 -5.11 -48.29 16.51
CA PRO F 281 -5.91 -48.94 17.56
C PRO F 281 -6.66 -50.13 17.06
N LEU F 282 -6.52 -51.27 17.74
CA LEU F 282 -7.33 -52.45 17.40
C LEU F 282 -8.81 -52.11 17.35
N ALA F 283 -9.28 -51.22 18.21
CA ALA F 283 -10.69 -50.86 18.22
C ALA F 283 -11.12 -50.13 16.95
N GLN F 284 -10.16 -49.47 16.29
CA GLN F 284 -10.47 -48.74 15.07
C GLN F 284 -10.71 -49.73 13.95
N LEU F 285 -9.78 -50.68 13.82
CA LEU F 285 -9.89 -51.78 12.88
C LEU F 285 -11.16 -52.61 13.14
N GLU F 286 -11.46 -52.86 14.42
CA GLU F 286 -12.66 -53.62 14.78
C GLU F 286 -13.94 -52.89 14.34
N GLY F 287 -13.89 -51.56 14.30
CA GLY F 287 -15.05 -50.79 13.92
C GLY F 287 -15.39 -50.92 12.44
N LEU F 288 -14.36 -51.11 11.63
CA LEU F 288 -14.50 -51.23 10.19
C LEU F 288 -14.87 -52.66 9.78
N PHE F 289 -14.17 -53.63 10.37
CA PHE F 289 -14.17 -54.98 9.87
C PHE F 289 -14.71 -56.05 10.84
N GLY F 290 -15.19 -55.64 12.01
CA GLY F 290 -15.70 -56.57 13.00
C GLY F 290 -14.65 -57.21 13.90
N LYS F 291 -15.06 -58.24 14.65
CA LYS F 291 -14.20 -58.78 15.71
C LYS F 291 -13.16 -59.83 15.27
N GLN F 292 -13.16 -60.24 14.00
CA GLN F 292 -12.16 -61.20 13.52
C GLN F 292 -10.77 -60.58 13.34
N VAL F 293 -10.70 -59.25 13.45
CA VAL F 293 -9.48 -58.53 13.12
C VAL F 293 -8.29 -59.03 13.93
N ARG F 294 -8.55 -59.31 15.20
CA ARG F 294 -7.48 -59.68 16.11
C ARG F 294 -6.85 -60.99 15.60
N ASP F 295 -7.68 -61.98 15.30
CA ASP F 295 -7.21 -63.25 14.75
C ASP F 295 -6.41 -63.03 13.46
N VAL F 296 -6.99 -62.27 12.52
CA VAL F 296 -6.30 -61.95 11.28
C VAL F 296 -4.94 -61.30 11.53
N LEU F 297 -4.89 -60.26 12.37
CA LEU F 297 -3.61 -59.62 12.66
C LEU F 297 -2.58 -60.61 13.22
N ALA F 298 -3.04 -61.55 14.03
CA ALA F 298 -2.17 -62.60 14.57
C ALA F 298 -1.50 -63.39 13.44
N ILE F 299 -2.32 -63.91 12.54
CA ILE F 299 -1.84 -64.62 11.35
C ILE F 299 -0.79 -63.81 10.60
N LEU F 300 -1.19 -62.60 10.23
CA LEU F 300 -0.34 -61.71 9.47
C LEU F 300 1.01 -61.56 10.16
N GLN F 301 0.96 -61.32 11.47
CA GLN F 301 2.18 -61.07 12.25
C GLN F 301 3.06 -62.31 12.30
N SER F 302 2.44 -63.47 12.50
CA SER F 302 3.19 -64.72 12.56
C SER F 302 3.94 -65.01 11.26
N GLU F 303 3.19 -65.01 10.16
CA GLU F 303 3.77 -65.21 8.84
C GLU F 303 4.86 -64.18 8.51
N ARG F 304 4.67 -62.92 8.90
CA ARG F 304 5.71 -61.95 8.63
C ARG F 304 7.00 -62.29 9.39
N GLU F 305 6.87 -62.67 10.65
CA GLU F 305 8.04 -63.02 11.45
C GLU F 305 8.76 -64.26 10.89
N LYS F 306 8.01 -65.16 10.26
CA LYS F 306 8.63 -66.29 9.56
C LYS F 306 9.56 -65.78 8.48
N LYS F 307 9.06 -64.89 7.62
CA LYS F 307 9.90 -64.24 6.62
C LYS F 307 11.04 -63.48 7.29
N MET F 308 10.78 -62.95 8.49
CA MET F 308 11.76 -62.15 9.19
C MET F 308 12.89 -63.02 9.72
N LYS F 309 12.65 -64.33 9.79
CA LYS F 309 13.65 -65.27 10.28
C LYS F 309 14.30 -66.02 9.11
N GLY F 310 13.82 -65.78 7.90
CA GLY F 310 14.44 -66.36 6.72
C GLY F 310 13.73 -67.63 6.32
N LEU F 311 12.61 -67.90 6.97
CA LEU F 311 11.81 -69.05 6.63
C LEU F 311 10.81 -68.70 5.56
N ALA F 312 10.30 -69.72 4.90
CA ALA F 312 9.28 -69.53 3.91
C ALA F 312 7.99 -69.10 4.57
N SER F 313 7.29 -68.21 3.91
CA SER F 313 5.90 -67.94 4.26
C SER F 313 5.20 -67.70 2.96
N ASP F 314 4.21 -68.52 2.69
CA ASP F 314 3.62 -68.49 1.38
C ASP F 314 2.67 -67.30 1.33
N LEU F 315 1.98 -67.06 2.44
CA LEU F 315 1.04 -65.96 2.56
C LEU F 315 1.66 -64.62 2.23
N MET F 316 2.84 -64.38 2.79
CA MET F 316 3.54 -63.14 2.53
C MET F 316 3.85 -62.96 1.04
N ASP F 317 4.17 -64.05 0.36
CA ASP F 317 4.44 -64.00 -1.07
C ASP F 317 3.21 -63.62 -1.89
N VAL F 318 2.03 -64.08 -1.46
CA VAL F 318 0.80 -63.70 -2.14
C VAL F 318 0.57 -62.19 -2.00
N LEU F 319 0.97 -61.62 -0.85
CA LEU F 319 0.76 -60.19 -0.61
C LEU F 319 1.81 -59.35 -1.32
N ILE F 320 3.06 -59.82 -1.28
CA ILE F 320 4.15 -59.17 -2.00
C ILE F 320 3.82 -59.07 -3.48
N GLY F 321 3.29 -60.16 -4.04
CA GLY F 321 2.83 -60.18 -5.42
C GLY F 321 3.90 -59.81 -6.42
N ARG F 322 5.05 -60.47 -6.32
CA ARG F 322 6.20 -60.24 -7.19
C ARG F 322 5.85 -60.07 -8.67
N ARG F 323 4.79 -60.75 -9.11
CA ARG F 323 4.29 -60.60 -10.47
C ARG F 323 2.85 -60.14 -10.44
N SER F 324 2.52 -59.11 -11.20
CA SER F 324 1.18 -58.56 -11.16
C SER F 324 0.09 -59.58 -11.51
N THR F 325 0.37 -60.51 -12.43
CA THR F 325 -0.67 -61.44 -12.88
C THR F 325 -1.03 -62.50 -11.82
N ASP F 326 -0.16 -62.67 -10.83
CA ASP F 326 -0.47 -63.47 -9.65
C ASP F 326 -1.31 -62.71 -8.63
N MET F 327 -1.81 -61.54 -9.03
CA MET F 327 -2.65 -60.69 -8.17
C MET F 327 -3.98 -60.47 -8.84
N MET F 328 -3.98 -60.49 -10.17
CA MET F 328 -5.16 -60.02 -10.89
C MET F 328 -5.36 -60.62 -12.27
N ILE F 329 -6.60 -60.51 -12.76
CA ILE F 329 -6.87 -60.60 -14.17
C ILE F 329 -5.83 -59.74 -14.89
N SER F 330 -5.41 -60.15 -16.08
CA SER F 330 -4.32 -59.46 -16.77
C SER F 330 -4.54 -57.94 -16.86
N PRO F 331 -3.51 -57.15 -16.49
CA PRO F 331 -3.66 -55.70 -16.48
C PRO F 331 -3.16 -55.04 -17.77
N LEU F 332 -2.79 -55.85 -18.77
CA LEU F 332 -2.25 -55.36 -20.05
C LEU F 332 -3.35 -54.86 -20.98
N THR F 333 -3.10 -53.77 -21.69
CA THR F 333 -4.08 -53.19 -22.62
C THR F 333 -3.48 -52.05 -23.50
#